data_8DZI
#
_entry.id   8DZI
#
_cell.length_a   1.00
_cell.length_b   1.00
_cell.length_c   1.00
_cell.angle_alpha   90.00
_cell.angle_beta   90.00
_cell.angle_gamma   90.00
#
_symmetry.space_group_name_H-M   'P 1'
#
loop_
_entity.id
_entity.type
_entity.pdbx_description
1 polymer 'Spike glycoprotein'
2 polymer 'antibody MB.02 heavy chain'
3 polymer 'antibody MB.02 light chain'
4 branched 2-acetamido-2-deoxy-beta-D-glucopyranose-(1-4)-2-acetamido-2-deoxy-beta-D-glucopyranose
5 non-polymer 2-acetamido-2-deoxy-beta-D-glucopyranose
#
loop_
_entity_poly.entity_id
_entity_poly.type
_entity_poly.pdbx_seq_one_letter_code
_entity_poly.pdbx_strand_id
1 'polypeptide(L)'
;MFVFLVLLPLVSSQCVNLTTRTQLPPAYTNSFTRGVYYPDKVFRSSVLHSTQDLFLPFFSNVTWFHVISGTNGTKRFDNP
VLPFNDGVYFASIEKSNIIRGWIFGTTLDSKTQSLLIVNNATNVVIKVCEFQFCNDPFLDHKNNKSWMESEFRVYSSANN
CTFEYVSQPFLMDLEGKQGNFKNLREFVFKNIDGYFKIYSKHTPIIVREPEDLPQGFSALEPLVDLPIGINITRFQTLLA
LHRSYLTPGDSSSGWTAGAAAYYVGYLQPRTFLLKYNENGTITDAVDCALDPLSETKCTLKSFTVEKGIYQTSNFRVQPT
ESIVRFPNITNLCPFDEVFNATRFASVYAWNRKRISNCVADYSVLYNLAPFFTFKCYGVSPTKLNDLCFTNVYADSFVIR
GDEVRQIAPGQTGNIADYNYKLPDDFTGCVIAWNSNKLDSKVSGNYNYLYRLFRKSNLKPFERDISTEIYQAGNKPCNGV
AGFNCYFPLRSYSFRPTYGVGHQPYRVVVLSFELLHAPATVCGPKKSTNLVKNKCVNFNFNGLKGTGVLTESNKKFLPFQ
QFGRDIADTTDAVRDPQTLEILDITPCSFGGVSVITPGTNTSNQVAVLYQGVNCTEVPVAIHADQLTPTWRVYSTGSNVF
QTRAGCLIGAEYVNNSYECDIPIGAGICASYQTQTKSHGSASSVASQSIIAYTMSLGAENSVAYSNNSIAIPTNFTISVT
TEILPVSMTKTSVDCTMYICGDSTECSNLLLQYGSFCTQLKRALTGIAVEQDKNTQEVFAQVKQIYKTPPIKYFGGFNFS
QILPDPSKPSKRSPIEDLLFNKVTLADAGFIKQYGDCLGDIAARDLICAQKFKGLTVLPPLLTDEMIAQYTSALLAGTIT
SGWTFGAGPALQIPFPMQMAYRFNGIGVTQNVLYENQKLIANQFNSAIGKIQDSLSSTPSALGKLQDVVNHNAQALNTLV
KQLSSKFGAISSVLNDIFSRLDPPEAEVQIDRLITGRLQSLQTYVTQQLIRAAEIRASANLAATKMSECVLGQSKRVDFC
GKGYHLMSFPQSAPHGVVFLHVTYVPAQEKNFTTAPAICHDGKAHFPREGVFVSNGTHWFVTQRNFYEPQIITTDNTFVS
GNCDVVIGIVNNTVYDPLQPELDSFKEELDKYFKNHTSPDVDLGDISGINASVVNIQKEIDRLNEVAKNLNESLIDLQEL
GKYEQGSGYIPEAPRDGQAYVRKDGEWVLLSTFLGRSLEVLFQGPGHHHHHHHHSAWSHPQFEKGGGSGGGGSGGSAWSH
PQFEK
;
C,A,E
2 'polypeptide(L)'
;EVQLVQSGAEVKKPGESLKISCKGSGFSFTSYWIGWVRQMPGKGLEWMGIIYPGDSDTRYSPSFQGQVTISADKSISTAY
LQWSSLKASDTAMYYCARGGYEDVFDIWGQGTMVTVSS
;
H,B,G
3 'polypeptide(L)'
;EIVLTQSPGTLSLSPGGRATLSCRASQSVSSSYLAWYQQKPGQAPRLLIYGASSRATGIPDRFSGSGSGTDFTLTISRLE
PEDFAVYYCQQYGSSPPTFGQGTKVEIKR
;
L,D,F
#
# COMPACT_ATOMS: atom_id res chain seq x y z
N THR A 19 37.26 3.76 -48.57
CA THR A 19 38.58 3.81 -47.95
C THR A 19 38.60 3.06 -46.61
N THR A 20 39.49 2.08 -46.52
CA THR A 20 39.62 1.26 -45.31
C THR A 20 40.92 0.46 -45.42
N ARG A 21 41.16 -0.36 -44.40
CA ARG A 21 42.31 -1.25 -44.35
C ARG A 21 41.85 -2.67 -44.01
N THR A 22 42.83 -3.54 -43.80
CA THR A 22 42.52 -4.93 -43.43
C THR A 22 41.98 -4.98 -42.01
N GLN A 23 41.16 -5.99 -41.75
CA GLN A 23 40.50 -6.18 -40.46
C GLN A 23 41.05 -7.44 -39.80
N LEU A 24 41.36 -7.34 -38.51
CA LEU A 24 41.77 -8.49 -37.72
C LEU A 24 40.77 -8.74 -36.60
N PRO A 25 40.52 -10.00 -36.25
CA PRO A 25 39.58 -10.29 -35.16
C PRO A 25 40.03 -9.65 -33.87
N PRO A 26 39.12 -9.00 -33.15
CA PRO A 26 39.52 -8.32 -31.90
C PRO A 26 39.81 -9.32 -30.79
N ALA A 27 40.84 -9.00 -30.01
CA ALA A 27 41.15 -9.81 -28.84
C ALA A 27 40.25 -9.41 -27.67
N TYR A 28 40.41 -10.10 -26.56
CA TYR A 28 39.60 -9.87 -25.36
C TYR A 28 40.50 -9.80 -24.13
N THR A 29 40.18 -8.88 -23.23
CA THR A 29 40.94 -8.67 -22.01
C THR A 29 40.00 -8.68 -20.82
N ASN A 30 40.55 -8.99 -19.65
CA ASN A 30 39.77 -8.98 -18.43
C ASN A 30 39.61 -7.54 -17.91
N SER A 31 38.43 -7.24 -17.39
CA SER A 31 38.14 -5.88 -16.93
C SER A 31 38.94 -5.52 -15.67
N PHE A 32 39.30 -6.52 -14.87
CA PHE A 32 39.98 -6.31 -13.58
C PHE A 32 39.06 -5.43 -12.73
N THR A 33 39.56 -4.39 -12.08
CA THR A 33 38.74 -3.43 -11.35
C THR A 33 38.67 -2.15 -12.16
N ARG A 34 37.60 -1.99 -12.94
CA ARG A 34 37.49 -0.88 -13.86
C ARG A 34 36.02 -0.50 -14.03
N GLY A 35 35.80 0.67 -14.59
CA GLY A 35 34.44 1.10 -14.92
C GLY A 35 33.54 1.33 -13.72
N VAL A 36 34.05 2.01 -12.70
CA VAL A 36 33.25 2.40 -11.53
C VAL A 36 33.23 3.92 -11.48
N TYR A 37 32.02 4.49 -11.46
CA TYR A 37 31.83 5.94 -11.54
C TYR A 37 31.04 6.42 -10.33
N TYR A 38 31.16 7.71 -10.04
CA TYR A 38 30.37 8.29 -8.97
C TYR A 38 28.90 8.30 -9.40
N PRO A 39 28.01 7.63 -8.67
CA PRO A 39 26.63 7.51 -9.17
C PRO A 39 25.85 8.81 -9.10
N ASP A 40 26.29 9.77 -8.30
CA ASP A 40 25.51 10.98 -8.05
C ASP A 40 26.43 12.06 -7.49
N LYS A 41 25.81 13.14 -7.01
CA LYS A 41 26.51 14.25 -6.40
C LYS A 41 26.36 14.28 -4.88
N VAL A 42 26.05 13.15 -4.25
CA VAL A 42 25.96 13.10 -2.80
C VAL A 42 27.34 12.85 -2.20
N PHE A 43 27.71 13.68 -1.23
CA PHE A 43 28.96 13.52 -0.51
C PHE A 43 28.75 12.55 0.66
N ARG A 44 29.57 11.51 0.71
CA ARG A 44 29.49 10.51 1.75
C ARG A 44 30.88 10.31 2.35
N SER A 45 30.96 10.33 3.68
CA SER A 45 32.22 10.31 4.39
C SER A 45 32.32 9.08 5.28
N SER A 46 33.28 8.21 4.96
CA SER A 46 33.56 7.01 5.77
C SER A 46 32.32 6.13 5.91
N VAL A 47 31.65 5.87 4.78
CA VAL A 47 30.47 5.02 4.76
C VAL A 47 30.64 3.95 3.69
N LEU A 48 29.85 2.89 3.83
CA LEU A 48 29.73 1.83 2.83
C LEU A 48 28.31 1.87 2.29
N HIS A 49 28.16 2.24 1.02
CA HIS A 49 26.86 2.43 0.40
C HIS A 49 26.71 1.49 -0.78
N SER A 50 25.60 0.76 -0.83
CA SER A 50 25.33 -0.21 -1.88
C SER A 50 24.33 0.37 -2.87
N THR A 51 24.68 0.33 -4.15
CA THR A 51 23.85 0.91 -5.21
C THR A 51 23.71 -0.09 -6.35
N GLN A 52 22.51 -0.13 -6.91
CA GLN A 52 22.22 -0.89 -8.12
C GLN A 52 22.24 0.05 -9.31
N ASP A 53 23.15 -0.18 -10.25
CA ASP A 53 23.32 0.71 -11.38
C ASP A 53 24.03 -0.05 -12.50
N LEU A 54 23.95 0.51 -13.70
CA LEU A 54 24.71 -0.05 -14.82
C LEU A 54 26.20 0.10 -14.54
N PHE A 55 26.93 -1.01 -14.65
CA PHE A 55 28.32 -1.04 -14.21
C PHE A 55 29.12 -1.97 -15.12
N LEU A 56 30.43 -1.77 -15.13
CA LEU A 56 31.34 -2.69 -15.79
C LEU A 56 31.66 -3.86 -14.87
N PRO A 57 31.43 -5.10 -15.30
CA PRO A 57 31.69 -6.24 -14.42
C PRO A 57 33.17 -6.37 -14.10
N PHE A 58 33.46 -6.62 -12.83
CA PHE A 58 34.84 -6.87 -12.42
C PHE A 58 35.35 -8.16 -13.06
N PHE A 59 36.55 -8.09 -13.61
CA PHE A 59 37.19 -9.23 -14.27
C PHE A 59 36.30 -9.79 -15.38
N SER A 60 35.95 -8.93 -16.33
CA SER A 60 35.03 -9.29 -17.40
C SER A 60 35.68 -9.10 -18.76
N ASN A 61 35.20 -9.87 -19.72
CA ASN A 61 35.70 -9.78 -21.10
C ASN A 61 35.38 -8.42 -21.70
N VAL A 62 36.43 -7.73 -22.15
CA VAL A 62 36.30 -6.48 -22.91
C VAL A 62 37.08 -6.65 -24.21
N THR A 63 36.45 -6.26 -25.31
CA THR A 63 37.07 -6.45 -26.61
C THR A 63 38.29 -5.54 -26.78
N TRP A 64 39.35 -6.11 -27.35
CA TRP A 64 40.60 -5.39 -27.59
C TRP A 64 40.59 -4.86 -29.02
N PHE A 65 40.72 -3.54 -29.16
CA PHE A 65 40.70 -2.87 -30.45
C PHE A 65 42.02 -2.12 -30.63
N HIS A 66 42.84 -2.56 -31.57
CA HIS A 66 44.17 -2.02 -31.75
C HIS A 66 44.29 -1.36 -33.12
N VAL A 67 44.33 -0.03 -33.14
CA VAL A 67 44.67 0.73 -34.34
C VAL A 67 46.17 0.96 -34.31
N ILE A 68 46.91 0.19 -35.11
CA ILE A 68 48.36 0.18 -35.09
C ILE A 68 48.88 0.50 -36.48
N SER A 69 49.88 1.38 -36.56
CA SER A 69 50.52 1.73 -37.82
C SER A 69 51.15 0.50 -38.48
N THR A 74 51.20 1.58 -42.04
CA THR A 74 49.85 2.08 -42.25
C THR A 74 48.94 1.70 -41.09
N LYS A 75 48.14 2.66 -40.63
CA LYS A 75 47.20 2.41 -39.55
C LYS A 75 46.21 1.31 -39.94
N ARG A 76 46.04 0.34 -39.06
CA ARG A 76 45.02 -0.68 -39.26
C ARG A 76 43.66 -0.06 -38.94
N PHE A 77 42.69 -0.28 -39.84
CA PHE A 77 41.37 0.32 -39.65
C PHE A 77 40.59 -0.49 -38.63
N ASP A 78 40.55 0.00 -37.40
CA ASP A 78 39.63 -0.50 -36.38
C ASP A 78 38.79 0.69 -35.91
N ASN A 79 37.75 1.01 -36.69
CA ASN A 79 36.70 1.93 -36.29
C ASN A 79 35.34 1.34 -36.65
N PRO A 80 35.08 0.08 -36.27
CA PRO A 80 33.83 -0.54 -36.65
C PRO A 80 32.68 0.00 -35.82
N VAL A 81 31.50 0.02 -36.43
CA VAL A 81 30.31 0.45 -35.71
C VAL A 81 29.97 -0.58 -34.64
N LEU A 82 29.79 -0.11 -33.41
CA LEU A 82 29.52 -0.98 -32.28
C LEU A 82 28.23 -0.55 -31.60
N PRO A 83 27.40 -1.50 -31.18
CA PRO A 83 26.13 -1.12 -30.54
C PRO A 83 26.37 -0.38 -29.24
N PHE A 84 25.64 0.72 -29.06
CA PHE A 84 25.74 1.49 -27.82
C PHE A 84 25.17 0.70 -26.65
N ASN A 85 24.15 -0.12 -26.90
CA ASN A 85 23.51 -0.94 -25.88
C ASN A 85 22.96 -0.08 -24.75
N ASP A 86 22.79 -0.66 -23.57
CA ASP A 86 22.37 0.13 -22.42
C ASP A 86 23.43 1.14 -22.03
N GLY A 87 24.70 0.75 -22.07
CA GLY A 87 25.79 1.65 -21.73
C GLY A 87 27.11 1.08 -22.20
N VAL A 88 28.09 1.97 -22.36
CA VAL A 88 29.42 1.58 -22.83
C VAL A 88 30.48 2.20 -21.94
N TYR A 89 31.57 1.45 -21.77
CA TYR A 89 32.77 1.94 -21.09
C TYR A 89 33.90 2.00 -22.10
N PHE A 90 34.36 3.21 -22.41
CA PHE A 90 35.41 3.42 -23.39
C PHE A 90 36.70 3.76 -22.66
N ALA A 91 37.78 3.07 -23.01
CA ALA A 91 39.09 3.31 -22.43
C ALA A 91 40.13 3.40 -23.54
N SER A 92 41.01 4.39 -23.43
CA SER A 92 42.10 4.59 -24.38
C SER A 92 43.40 4.78 -23.62
N ILE A 93 44.46 4.13 -24.10
CA ILE A 93 45.74 4.10 -23.38
C ILE A 93 46.87 4.75 -24.19
N GLU A 94 46.59 5.18 -25.42
CA GLU A 94 47.63 5.68 -26.31
C GLU A 94 48.33 6.91 -25.73
N LYS A 95 49.55 7.17 -26.21
CA LYS A 95 50.34 8.26 -25.66
C LYS A 95 49.90 9.61 -26.20
N SER A 96 49.92 9.79 -27.52
CA SER A 96 49.53 11.03 -28.15
C SER A 96 48.05 10.99 -28.52
N ASN A 97 47.46 12.18 -28.68
CA ASN A 97 46.01 12.30 -28.84
C ASN A 97 45.57 11.86 -30.24
N ILE A 98 45.82 10.59 -30.54
CA ILE A 98 45.44 10.04 -31.84
C ILE A 98 43.92 9.94 -31.96
N ILE A 99 43.25 9.49 -30.91
CA ILE A 99 41.80 9.33 -30.92
C ILE A 99 41.16 10.60 -30.39
N ARG A 100 40.36 11.27 -31.22
CA ARG A 100 39.65 12.47 -30.82
C ARG A 100 38.17 12.29 -31.14
N GLY A 101 37.32 12.43 -30.13
CA GLY A 101 35.88 12.44 -30.33
C GLY A 101 35.28 11.07 -30.56
N TRP A 102 33.95 11.06 -30.65
CA TRP A 102 33.18 9.84 -30.84
C TRP A 102 31.90 10.18 -31.60
N ILE A 103 31.24 9.14 -32.10
CA ILE A 103 29.99 9.27 -32.84
C ILE A 103 28.93 8.41 -32.16
N PHE A 104 27.81 9.03 -31.80
CA PHE A 104 26.67 8.34 -31.19
C PHE A 104 25.41 8.66 -31.98
N GLY A 105 24.70 7.63 -32.40
CA GLY A 105 23.47 7.81 -33.14
C GLY A 105 22.73 6.52 -33.32
N THR A 106 21.44 6.63 -33.65
CA THR A 106 20.61 5.45 -33.86
C THR A 106 21.05 4.68 -35.09
N THR A 107 21.22 5.37 -36.21
CA THR A 107 21.65 4.76 -37.46
C THR A 107 22.89 5.41 -38.06
N LEU A 108 23.39 6.50 -37.48
CA LEU A 108 24.65 7.12 -37.88
C LEU A 108 24.64 7.57 -39.34
N ASP A 109 23.61 8.32 -39.73
CA ASP A 109 23.60 8.99 -41.02
C ASP A 109 22.67 10.20 -40.92
N SER A 110 22.50 10.89 -42.06
CA SER A 110 21.74 12.13 -42.07
C SER A 110 20.25 11.93 -41.84
N LYS A 111 19.77 10.68 -41.86
CA LYS A 111 18.34 10.45 -41.67
C LYS A 111 17.89 10.82 -40.27
N THR A 112 18.66 10.48 -39.25
CA THR A 112 18.30 10.71 -37.87
C THR A 112 19.36 11.54 -37.16
N GLN A 113 19.03 11.99 -35.95
CA GLN A 113 19.93 12.82 -35.18
C GLN A 113 21.11 12.01 -34.64
N SER A 114 22.26 12.65 -34.54
CA SER A 114 23.47 12.00 -34.06
C SER A 114 24.27 12.96 -33.19
N LEU A 115 25.19 12.40 -32.41
CA LEU A 115 26.03 13.15 -31.47
C LEU A 115 27.48 13.10 -31.94
N LEU A 116 28.16 14.23 -31.85
CA LEU A 116 29.55 14.34 -32.31
C LEU A 116 30.39 15.04 -31.25
N ILE A 117 31.62 14.55 -31.08
CA ILE A 117 32.58 15.10 -30.14
C ILE A 117 33.91 15.25 -30.88
N VAL A 118 34.77 16.13 -30.37
CA VAL A 118 36.08 16.37 -30.96
C VAL A 118 36.98 17.05 -29.93
N ASN A 119 38.28 16.77 -30.03
CA ASN A 119 39.30 17.36 -29.18
C ASN A 119 39.94 18.60 -29.81
N ASN A 120 39.38 19.08 -30.92
CA ASN A 120 39.96 20.20 -31.65
C ASN A 120 40.05 21.45 -30.78
N ALA A 121 41.18 22.15 -30.89
CA ALA A 121 41.40 23.48 -30.30
C ALA A 121 41.06 23.43 -28.81
N THR A 122 40.22 24.33 -28.29
CA THR A 122 39.84 24.35 -26.89
C THR A 122 38.33 24.24 -26.70
N ASN A 123 37.62 23.68 -27.67
CA ASN A 123 36.17 23.52 -27.60
C ASN A 123 35.81 22.04 -27.75
N VAL A 124 34.89 21.58 -26.91
CA VAL A 124 34.36 20.22 -27.05
C VAL A 124 33.64 20.07 -28.39
N VAL A 125 32.89 21.09 -28.79
CA VAL A 125 32.02 21.06 -29.96
C VAL A 125 31.09 19.86 -29.85
N ILE A 126 30.46 19.70 -28.69
CA ILE A 126 29.38 18.72 -28.58
C ILE A 126 28.24 19.15 -29.49
N LYS A 127 28.03 18.40 -30.57
CA LYS A 127 27.11 18.83 -31.61
C LYS A 127 26.10 17.72 -31.85
N VAL A 128 24.85 18.11 -32.02
CA VAL A 128 23.75 17.19 -32.25
C VAL A 128 23.03 17.64 -33.52
N CYS A 129 23.48 17.13 -34.66
CA CYS A 129 22.84 17.40 -35.94
C CYS A 129 22.76 16.09 -36.71
N GLU A 130 21.76 15.99 -37.59
CA GLU A 130 21.66 14.84 -38.46
C GLU A 130 22.77 14.88 -39.50
N PHE A 131 23.85 14.14 -39.25
CA PHE A 131 25.09 14.25 -39.99
C PHE A 131 25.16 13.17 -41.06
N GLN A 132 25.33 13.57 -42.31
CA GLN A 132 25.69 12.62 -43.35
C GLN A 132 27.12 12.15 -43.11
N PHE A 133 27.25 10.89 -42.70
CA PHE A 133 28.50 10.36 -42.18
C PHE A 133 29.22 9.58 -43.28
N CYS A 134 30.50 9.90 -43.47
CA CYS A 134 31.31 9.18 -44.45
C CYS A 134 31.49 7.73 -44.00
N ASN A 135 31.73 6.85 -44.98
CA ASN A 135 31.96 5.44 -44.66
C ASN A 135 33.14 5.28 -43.70
N ASP A 136 34.17 6.10 -43.86
CA ASP A 136 35.29 6.15 -42.94
C ASP A 136 35.48 7.59 -42.49
N PRO A 137 34.86 8.03 -41.40
CA PRO A 137 35.06 9.41 -40.95
C PRO A 137 36.35 9.55 -40.14
N PHE A 138 37.31 10.31 -40.65
CA PHE A 138 38.61 10.46 -40.00
C PHE A 138 38.95 11.93 -39.86
N LEU A 139 39.41 12.32 -38.68
CA LEU A 139 40.13 13.59 -38.54
C LEU A 139 41.54 13.42 -39.09
N ASP A 140 42.25 14.54 -39.19
CA ASP A 140 43.67 14.47 -39.51
C ASP A 140 44.46 14.13 -38.25
N HIS A 141 45.33 13.11 -38.35
CA HIS A 141 46.08 12.67 -37.17
C HIS A 141 46.95 13.78 -36.62
N LYS A 142 47.66 14.49 -37.49
CA LYS A 142 48.24 15.78 -37.17
C LYS A 142 47.28 16.85 -37.68
N ASN A 143 46.91 17.78 -36.79
CA ASN A 143 45.82 18.69 -37.09
C ASN A 143 46.07 19.46 -38.37
N ASN A 144 45.08 19.48 -39.25
CA ASN A 144 45.17 20.21 -40.50
C ASN A 144 45.02 21.71 -40.26
N LYS A 145 45.54 22.49 -41.20
CA LYS A 145 45.60 23.95 -41.03
C LYS A 145 44.39 24.63 -41.66
N GLU A 149 38.18 20.29 -44.92
CA GLU A 149 39.28 19.61 -44.25
C GLU A 149 38.85 18.25 -43.70
N SER A 150 39.82 17.49 -43.18
CA SER A 150 39.53 16.18 -42.62
C SER A 150 38.57 16.28 -41.45
N GLU A 151 38.69 17.35 -40.65
CA GLU A 151 37.73 17.56 -39.57
C GLU A 151 36.32 17.81 -40.10
N PHE A 152 36.19 18.60 -41.17
CA PHE A 152 34.87 18.80 -41.77
C PHE A 152 34.43 17.59 -42.57
N ARG A 153 35.38 16.77 -43.04
CA ARG A 153 35.02 15.69 -43.95
C ARG A 153 34.28 14.56 -43.24
N VAL A 154 34.39 14.47 -41.91
CA VAL A 154 33.76 13.36 -41.20
C VAL A 154 32.24 13.42 -41.31
N TYR A 155 31.68 14.63 -41.33
CA TYR A 155 30.25 14.83 -41.55
C TYR A 155 30.06 15.52 -42.90
N SER A 156 29.47 14.81 -43.85
CA SER A 156 29.29 15.36 -45.18
C SER A 156 28.33 16.55 -45.17
N SER A 157 27.25 16.45 -44.40
CA SER A 157 26.27 17.52 -44.31
C SER A 157 25.83 17.71 -42.86
N ALA A 158 25.41 18.93 -42.55
CA ALA A 158 24.88 19.27 -41.23
C ALA A 158 23.58 20.04 -41.41
N ASN A 159 22.57 19.67 -40.64
CA ASN A 159 21.25 20.29 -40.77
C ASN A 159 20.45 20.04 -39.51
N ASN A 160 19.54 20.97 -39.22
CA ASN A 160 18.63 20.90 -38.07
C ASN A 160 19.39 20.62 -36.78
N CYS A 161 20.45 21.40 -36.56
CA CYS A 161 21.27 21.25 -35.35
C CYS A 161 20.46 21.63 -34.12
N THR A 162 20.09 20.62 -33.33
CA THR A 162 19.24 20.86 -32.17
C THR A 162 19.98 21.56 -31.03
N PHE A 163 21.20 21.13 -30.73
CA PHE A 163 21.93 21.67 -29.60
C PHE A 163 23.41 21.74 -29.91
N GLU A 164 24.07 22.77 -29.36
CA GLU A 164 25.50 22.96 -29.47
C GLU A 164 26.05 23.24 -28.07
N TYR A 165 27.17 22.62 -27.72
CA TYR A 165 27.83 22.84 -26.45
C TYR A 165 29.31 23.11 -26.68
N VAL A 166 29.83 24.12 -25.99
CA VAL A 166 31.26 24.47 -26.04
C VAL A 166 31.81 24.44 -24.63
N SER A 167 33.03 23.92 -24.49
CA SER A 167 33.71 23.82 -23.21
C SER A 167 35.13 23.32 -23.50
N GLN A 168 35.94 23.23 -22.44
CA GLN A 168 37.27 22.69 -22.60
C GLN A 168 37.18 21.25 -23.13
N PRO A 169 37.90 20.93 -24.21
CA PRO A 169 37.68 19.65 -24.88
C PRO A 169 38.14 18.48 -24.04
N PHE A 170 37.29 17.45 -23.97
CA PHE A 170 37.37 16.43 -22.92
C PHE A 170 38.80 15.92 -22.72
N LEU A 171 39.64 16.04 -23.74
CA LEU A 171 41.05 15.65 -23.64
C LEU A 171 41.95 16.90 -23.54
N MET A 172 42.09 17.41 -22.32
CA MET A 172 43.22 18.27 -22.00
C MET A 172 44.52 17.48 -21.90
N ASP A 173 44.43 16.15 -21.90
CA ASP A 173 45.43 15.32 -21.24
C ASP A 173 46.73 15.30 -22.04
N LEU A 174 47.81 15.72 -21.39
CA LEU A 174 49.09 15.90 -22.04
C LEU A 174 50.19 15.12 -21.32
N GLN A 178 55.27 14.53 -18.65
CA GLN A 178 55.42 13.12 -18.31
C GLN A 178 56.33 12.43 -19.34
N GLY A 179 57.07 11.42 -18.88
CA GLY A 179 57.97 10.70 -19.74
C GLY A 179 57.61 9.23 -19.93
N ASN A 180 57.27 8.86 -21.16
CA ASN A 180 56.89 7.48 -21.49
C ASN A 180 55.65 7.03 -20.71
N PHE A 181 54.86 8.00 -20.25
CA PHE A 181 53.62 7.74 -19.54
C PHE A 181 52.50 7.62 -20.56
N LYS A 182 52.07 6.39 -20.83
CA LYS A 182 50.92 6.18 -21.68
C LYS A 182 49.69 6.89 -21.10
N ASN A 183 48.95 7.59 -21.95
CA ASN A 183 47.83 8.38 -21.48
C ASN A 183 46.58 7.51 -21.40
N LEU A 184 46.24 7.09 -20.17
CA LEU A 184 45.06 6.28 -19.93
C LEU A 184 43.84 7.19 -19.78
N ARG A 185 42.93 7.10 -20.74
CA ARG A 185 41.69 7.88 -20.71
C ARG A 185 40.52 6.91 -20.62
N GLU A 186 39.85 6.89 -19.47
CA GLU A 186 38.67 6.06 -19.26
C GLU A 186 37.43 6.94 -19.35
N PHE A 187 36.50 6.54 -20.22
CA PHE A 187 35.28 7.29 -20.48
C PHE A 187 34.08 6.36 -20.35
N VAL A 188 33.08 6.79 -19.59
CA VAL A 188 31.84 6.04 -19.43
C VAL A 188 30.72 6.84 -20.08
N PHE A 189 30.06 6.24 -21.08
CA PHE A 189 28.97 6.87 -21.79
C PHE A 189 27.68 6.13 -21.50
N LYS A 190 26.69 6.84 -20.99
CA LYS A 190 25.37 6.28 -20.75
C LYS A 190 24.32 7.34 -21.04
N ASN A 191 23.19 6.90 -21.59
CA ASN A 191 22.08 7.78 -21.94
C ASN A 191 20.80 7.23 -21.31
N ILE A 192 20.09 8.09 -20.59
CA ILE A 192 18.85 7.70 -19.91
C ILE A 192 18.05 8.95 -19.60
N ASP A 193 16.73 8.77 -19.42
CA ASP A 193 15.76 9.85 -19.24
C ASP A 193 16.03 11.04 -20.16
N GLY A 194 16.45 10.73 -21.39
CA GLY A 194 16.77 11.77 -22.35
C GLY A 194 17.99 12.59 -22.00
N TYR A 195 18.90 12.06 -21.19
CA TYR A 195 20.10 12.78 -20.78
C TYR A 195 21.32 11.90 -21.01
N PHE A 196 22.33 12.46 -21.68
CA PHE A 196 23.57 11.75 -21.96
C PHE A 196 24.60 12.11 -20.89
N LYS A 197 24.93 11.14 -20.05
CA LYS A 197 25.86 11.34 -18.94
C LYS A 197 27.25 10.88 -19.34
N ILE A 198 28.26 11.69 -19.02
CA ILE A 198 29.65 11.38 -19.31
C ILE A 198 30.42 11.31 -18.00
N TYR A 199 30.91 10.13 -17.67
CA TYR A 199 31.78 9.92 -16.51
C TYR A 199 33.17 9.56 -17.02
N SER A 200 34.18 10.30 -16.56
CA SER A 200 35.53 10.09 -17.07
C SER A 200 36.57 10.47 -16.03
N LYS A 201 37.77 9.95 -16.21
CA LYS A 201 38.94 10.29 -15.42
C LYS A 201 40.17 9.92 -16.24
N HIS A 202 41.31 10.52 -15.90
CA HIS A 202 42.54 10.28 -16.62
C HIS A 202 43.69 10.06 -15.64
N THR A 203 44.48 9.02 -15.89
CA THR A 203 45.73 8.77 -15.19
C THR A 203 46.82 8.49 -16.22
N PRO A 204 48.06 8.90 -15.94
CA PRO A 204 49.17 8.46 -16.79
C PRO A 204 49.74 7.14 -16.31
N ILE A 205 49.80 6.15 -17.18
CA ILE A 205 50.26 4.81 -16.83
C ILE A 205 51.65 4.63 -17.41
N ILE A 206 52.63 4.40 -16.54
CA ILE A 206 54.01 4.27 -17.00
C ILE A 206 54.26 2.89 -17.60
N VAL A 207 53.47 1.90 -17.20
CA VAL A 207 53.66 0.54 -17.69
C VAL A 207 53.39 0.50 -19.19
N ARG A 208 54.33 -0.05 -19.94
CA ARG A 208 54.26 0.03 -21.40
C ARG A 208 53.25 -0.96 -21.98
N GLU A 209 53.10 -2.12 -21.35
CA GLU A 209 52.26 -3.18 -21.90
C GLU A 209 50.83 -2.72 -22.10
N PRO A 210 50.35 -2.58 -23.34
CA PRO A 210 48.95 -2.18 -23.54
C PRO A 210 47.96 -3.24 -23.07
N GLU A 211 48.34 -4.51 -23.11
CA GLU A 211 47.43 -5.57 -22.68
C GLU A 211 47.09 -5.44 -21.20
N ASP A 212 48.07 -5.04 -20.40
CA ASP A 212 47.87 -4.91 -18.96
C ASP A 212 47.06 -3.64 -18.69
N LEU A 213 45.74 -3.77 -18.66
CA LEU A 213 44.91 -2.67 -18.20
C LEU A 213 45.25 -2.38 -16.74
N PRO A 214 45.40 -1.11 -16.37
CA PRO A 214 45.94 -0.78 -15.04
C PRO A 214 45.13 -1.42 -13.92
N GLN A 215 45.79 -2.31 -13.17
CA GLN A 215 45.18 -3.02 -12.06
C GLN A 215 45.08 -2.10 -10.85
N GLY A 216 44.20 -1.11 -10.99
CA GLY A 216 43.99 -0.14 -9.93
C GLY A 216 42.54 0.31 -9.92
N PHE A 217 42.15 0.88 -8.78
CA PHE A 217 40.78 1.34 -8.59
C PHE A 217 40.74 2.85 -8.85
N SER A 218 39.89 3.26 -9.78
CA SER A 218 39.70 4.66 -10.11
C SER A 218 38.21 4.92 -10.33
N ALA A 219 37.73 6.02 -9.76
CA ALA A 219 36.33 6.41 -9.85
C ALA A 219 36.18 7.48 -10.93
N LEU A 220 35.28 7.24 -11.88
CA LEU A 220 35.08 8.15 -12.99
C LEU A 220 34.16 9.29 -12.55
N GLU A 221 34.72 10.49 -12.43
CA GLU A 221 33.92 11.63 -12.02
C GLU A 221 32.93 12.01 -13.13
N PRO A 222 31.77 12.55 -12.75
CA PRO A 222 30.78 12.97 -13.76
C PRO A 222 31.26 14.22 -14.48
N LEU A 223 31.69 14.05 -15.73
CA LEU A 223 32.22 15.18 -16.49
C LEU A 223 31.13 16.18 -16.84
N VAL A 224 30.07 15.72 -17.50
CA VAL A 224 28.98 16.60 -17.91
C VAL A 224 27.78 15.74 -18.25
N ASP A 225 26.59 16.33 -18.20
CA ASP A 225 25.35 15.68 -18.60
C ASP A 225 24.70 16.53 -19.69
N LEU A 226 24.20 15.85 -20.73
CA LEU A 226 23.67 16.53 -21.90
C LEU A 226 22.16 16.34 -21.98
N PRO A 227 21.39 17.41 -22.18
CA PRO A 227 19.92 17.28 -22.14
C PRO A 227 19.31 16.68 -23.40
N ILE A 228 20.09 16.38 -24.43
CA ILE A 228 19.50 15.86 -25.67
C ILE A 228 18.99 14.44 -25.44
N GLY A 229 17.78 14.18 -25.92
CA GLY A 229 17.11 12.91 -25.73
C GLY A 229 17.06 12.01 -26.95
N ILE A 230 17.94 12.20 -27.93
CA ILE A 230 17.93 11.35 -29.12
C ILE A 230 18.39 9.95 -28.73
N ASN A 231 17.62 8.94 -29.14
CA ASN A 231 17.96 7.56 -28.84
C ASN A 231 19.23 7.14 -29.58
N ILE A 232 20.09 6.40 -28.90
CA ILE A 232 21.35 5.92 -29.46
C ILE A 232 21.34 4.39 -29.41
N THR A 233 21.56 3.77 -30.57
CA THR A 233 21.61 2.31 -30.65
C THR A 233 22.99 1.78 -31.05
N ARG A 234 23.77 2.55 -31.78
CA ARG A 234 25.09 2.12 -32.23
C ARG A 234 26.08 3.25 -32.02
N PHE A 235 27.34 2.88 -31.75
CA PHE A 235 28.39 3.85 -31.48
C PHE A 235 29.60 3.53 -32.35
N GLN A 236 30.12 4.55 -33.03
CA GLN A 236 31.33 4.44 -33.82
C GLN A 236 32.36 5.41 -33.29
N THR A 237 33.57 4.91 -33.02
CA THR A 237 34.63 5.78 -32.53
C THR A 237 35.12 6.71 -33.63
N LEU A 238 35.59 7.88 -33.22
CA LEU A 238 36.14 8.86 -34.15
C LEU A 238 37.66 8.87 -33.99
N LEU A 239 38.37 8.59 -35.08
CA LEU A 239 39.81 8.51 -35.08
C LEU A 239 40.38 9.56 -36.03
N ALA A 240 41.56 10.06 -35.69
CA ALA A 240 42.26 11.07 -36.50
C ALA A 240 43.29 10.37 -37.37
N LEU A 241 43.16 10.52 -38.68
CA LEU A 241 44.05 9.91 -39.65
C LEU A 241 44.57 10.97 -40.61
N HIS A 242 45.89 11.13 -40.66
CA HIS A 242 46.52 12.26 -41.34
C HIS A 242 46.68 12.00 -42.84
N ARG A 243 47.43 12.87 -43.51
CA ARG A 243 47.94 12.61 -44.85
C ARG A 243 49.40 12.17 -44.73
N SER A 244 49.96 11.68 -45.83
CA SER A 244 51.34 11.24 -45.83
C SER A 244 52.27 12.38 -45.45
N TYR A 245 52.90 12.27 -44.29
CA TYR A 245 53.75 13.33 -43.77
C TYR A 245 55.13 12.81 -43.41
N SER A 253 52.93 7.31 -47.09
CA SER A 253 52.36 6.64 -45.92
C SER A 253 50.84 6.61 -46.00
N GLY A 254 50.28 7.21 -47.05
CA GLY A 254 48.83 7.34 -47.12
C GLY A 254 48.36 8.22 -45.98
N TRP A 255 47.69 7.59 -45.01
CA TRP A 255 47.36 8.27 -43.77
C TRP A 255 48.51 8.08 -42.78
N THR A 256 49.16 9.18 -42.40
CA THR A 256 50.24 9.10 -41.43
C THR A 256 49.73 8.51 -40.13
N ALA A 257 50.45 7.54 -39.60
CA ALA A 257 49.89 6.64 -38.60
C ALA A 257 50.82 6.52 -37.40
N GLY A 258 50.20 6.35 -36.24
CA GLY A 258 50.93 6.05 -35.02
C GLY A 258 50.10 5.13 -34.15
N ALA A 259 50.74 4.07 -33.67
CA ALA A 259 50.03 2.98 -33.02
C ALA A 259 49.25 3.47 -31.79
N ALA A 260 48.06 2.92 -31.61
CA ALA A 260 47.18 3.27 -30.51
C ALA A 260 46.31 2.08 -30.15
N ALA A 261 45.81 2.09 -28.91
CA ALA A 261 44.98 1.01 -28.41
C ALA A 261 43.80 1.59 -27.63
N TYR A 262 42.60 1.10 -27.93
CA TYR A 262 41.40 1.49 -27.20
C TYR A 262 40.53 0.26 -26.96
N TYR A 263 39.81 0.27 -25.85
CA TYR A 263 38.99 -0.87 -25.44
C TYR A 263 37.62 -0.38 -25.00
N VAL A 264 36.59 -1.17 -25.33
CA VAL A 264 35.21 -0.80 -25.03
C VAL A 264 34.48 -2.00 -24.44
N GLY A 265 33.71 -1.74 -23.38
CA GLY A 265 32.88 -2.76 -22.77
C GLY A 265 31.47 -2.26 -22.61
N TYR A 266 30.57 -3.20 -22.31
CA TYR A 266 29.15 -2.90 -22.18
C TYR A 266 28.70 -3.06 -20.73
N LEU A 267 27.91 -2.10 -20.25
CA LEU A 267 27.44 -2.14 -18.87
C LEU A 267 26.18 -2.99 -18.75
N GLN A 268 25.94 -3.49 -17.55
CA GLN A 268 24.77 -4.30 -17.24
C GLN A 268 24.22 -3.87 -15.89
N PRO A 269 22.95 -4.13 -15.62
CA PRO A 269 22.38 -3.80 -14.30
C PRO A 269 22.98 -4.69 -13.22
N ARG A 270 23.83 -4.09 -12.38
CA ARG A 270 24.55 -4.81 -11.35
C ARG A 270 24.51 -4.00 -10.06
N THR A 271 24.63 -4.69 -8.92
CA THR A 271 24.63 -4.06 -7.61
C THR A 271 26.05 -4.05 -7.05
N PHE A 272 26.47 -2.89 -6.55
CA PHE A 272 27.84 -2.67 -6.09
C PHE A 272 27.81 -2.06 -4.69
N LEU A 273 28.74 -2.53 -3.85
CA LEU A 273 28.96 -1.95 -2.53
C LEU A 273 30.15 -1.01 -2.62
N LEU A 274 29.91 0.29 -2.53
CA LEU A 274 30.93 1.31 -2.71
C LEU A 274 31.37 1.82 -1.34
N LYS A 275 32.68 1.90 -1.12
CA LYS A 275 33.24 2.44 0.10
C LYS A 275 33.68 3.88 -0.13
N TYR A 276 33.05 4.80 0.58
CA TYR A 276 33.42 6.21 0.54
C TYR A 276 34.43 6.49 1.64
N ASN A 277 35.51 7.17 1.29
CA ASN A 277 36.52 7.54 2.29
C ASN A 277 36.05 8.77 3.07
N GLU A 278 36.87 9.16 4.05
CA GLU A 278 36.54 10.34 4.85
C GLU A 278 36.56 11.61 3.99
N ASN A 279 37.30 11.60 2.89
CA ASN A 279 37.33 12.76 2.01
C ASN A 279 36.17 12.75 1.02
N GLY A 280 35.46 11.63 0.91
CA GLY A 280 34.33 11.52 0.00
C GLY A 280 34.60 10.72 -1.26
N THR A 281 35.84 10.39 -1.57
CA THR A 281 36.15 9.60 -2.76
C THR A 281 35.76 8.14 -2.57
N ILE A 282 35.53 7.47 -3.69
CA ILE A 282 35.21 6.04 -3.68
C ILE A 282 36.53 5.29 -3.71
N THR A 283 36.97 4.82 -2.54
CA THR A 283 38.28 4.16 -2.46
C THR A 283 38.23 2.76 -3.05
N ASP A 284 37.16 2.02 -2.80
CA ASP A 284 37.07 0.65 -3.30
C ASP A 284 35.60 0.27 -3.43
N ALA A 285 35.35 -0.79 -4.20
CA ALA A 285 34.00 -1.27 -4.42
C ALA A 285 34.03 -2.80 -4.55
N VAL A 286 32.88 -3.40 -4.28
CA VAL A 286 32.71 -4.86 -4.34
C VAL A 286 31.44 -5.16 -5.11
N ASP A 287 31.54 -6.01 -6.12
CA ASP A 287 30.39 -6.50 -6.87
C ASP A 287 29.86 -7.75 -6.19
N CYS A 288 28.58 -7.72 -5.78
CA CYS A 288 28.02 -8.82 -5.01
C CYS A 288 28.00 -10.11 -5.82
N ALA A 289 27.68 -10.03 -7.11
CA ALA A 289 27.53 -11.22 -7.93
C ALA A 289 28.85 -11.72 -8.52
N LEU A 290 29.98 -11.09 -8.19
CA LEU A 290 31.26 -11.54 -8.73
C LEU A 290 31.59 -12.95 -8.30
N ASP A 291 31.42 -13.26 -7.01
CA ASP A 291 31.73 -14.58 -6.48
C ASP A 291 30.97 -14.75 -5.17
N PRO A 292 30.86 -15.99 -4.67
CA PRO A 292 30.13 -16.19 -3.40
C PRO A 292 30.67 -15.35 -2.25
N LEU A 293 31.99 -15.15 -2.17
CA LEU A 293 32.55 -14.33 -1.10
C LEU A 293 32.02 -12.91 -1.15
N SER A 294 31.98 -12.32 -2.35
CA SER A 294 31.53 -10.93 -2.49
C SER A 294 30.04 -10.81 -2.17
N GLU A 295 29.27 -11.87 -2.37
CA GLU A 295 27.86 -11.86 -1.98
C GLU A 295 27.72 -11.70 -0.47
N THR A 296 28.56 -12.40 0.30
CA THR A 296 28.53 -12.26 1.75
C THR A 296 28.91 -10.85 2.18
N LYS A 297 29.90 -10.25 1.51
CA LYS A 297 30.30 -8.88 1.85
C LYS A 297 29.16 -7.91 1.66
N CYS A 298 28.40 -8.06 0.57
CA CYS A 298 27.26 -7.18 0.33
C CYS A 298 26.17 -7.39 1.36
N THR A 299 25.85 -8.64 1.67
CA THR A 299 24.78 -8.93 2.62
C THR A 299 25.11 -8.40 4.02
N LEU A 300 26.36 -8.59 4.46
CA LEU A 300 26.80 -8.05 5.73
C LEU A 300 27.19 -6.59 5.65
N LYS A 301 27.24 -6.02 4.44
CA LYS A 301 27.55 -4.60 4.23
C LYS A 301 28.90 -4.23 4.84
N SER A 302 29.86 -5.14 4.72
CA SER A 302 31.20 -4.91 5.26
C SER A 302 32.24 -5.48 4.30
N PHE A 303 33.32 -4.73 4.10
CA PHE A 303 34.41 -5.22 3.27
C PHE A 303 35.10 -6.41 3.91
N THR A 304 35.11 -6.47 5.23
CA THR A 304 35.70 -7.59 5.97
C THR A 304 34.60 -8.50 6.48
N VAL A 305 34.88 -9.80 6.50
CA VAL A 305 33.93 -10.82 6.94
C VAL A 305 34.62 -11.73 7.94
N GLU A 306 33.95 -12.00 9.05
CA GLU A 306 34.50 -12.84 10.10
C GLU A 306 34.18 -14.31 9.84
N LYS A 307 34.83 -15.18 10.62
CA LYS A 307 34.64 -16.61 10.46
C LYS A 307 33.21 -17.01 10.81
N GLY A 308 32.61 -17.84 9.96
CA GLY A 308 31.27 -18.34 10.22
C GLY A 308 30.59 -18.74 8.93
N ILE A 309 29.35 -19.21 9.09
CA ILE A 309 28.50 -19.60 7.98
C ILE A 309 27.37 -18.58 7.86
N TYR A 310 27.19 -18.02 6.67
CA TYR A 310 26.22 -16.97 6.43
C TYR A 310 25.31 -17.36 5.28
N GLN A 311 24.01 -17.23 5.48
CA GLN A 311 23.02 -17.45 4.41
C GLN A 311 22.89 -16.17 3.61
N THR A 312 23.17 -16.25 2.30
CA THR A 312 23.26 -15.06 1.46
C THR A 312 22.24 -14.98 0.35
N SER A 313 21.94 -16.08 -0.33
CA SER A 313 21.06 -16.03 -1.50
C SER A 313 20.29 -17.34 -1.61
N ASN A 314 19.49 -17.44 -2.67
CA ASN A 314 18.69 -18.62 -2.95
C ASN A 314 18.87 -19.02 -4.40
N PHE A 315 18.69 -20.32 -4.68
CA PHE A 315 18.93 -20.87 -6.00
C PHE A 315 17.69 -21.60 -6.51
N ARG A 316 17.53 -21.57 -7.84
CA ARG A 316 16.46 -22.30 -8.51
C ARG A 316 17.05 -22.92 -9.76
N VAL A 317 16.24 -23.72 -10.44
CA VAL A 317 16.55 -24.20 -11.79
C VAL A 317 15.52 -23.59 -12.74
N GLN A 318 16.02 -22.90 -13.77
CA GLN A 318 15.10 -22.16 -14.64
C GLN A 318 14.41 -23.12 -15.60
N PRO A 319 13.13 -22.88 -15.88
CA PRO A 319 12.39 -23.75 -16.80
C PRO A 319 12.75 -23.47 -18.25
N THR A 320 13.14 -24.54 -18.97
CA THR A 320 13.75 -24.38 -20.29
C THR A 320 12.77 -23.75 -21.28
N GLU A 321 11.51 -24.20 -21.28
CA GLU A 321 10.55 -23.70 -22.25
C GLU A 321 9.14 -23.85 -21.71
N SER A 322 8.21 -23.16 -22.36
CA SER A 322 6.80 -23.23 -22.00
C SER A 322 6.08 -24.20 -22.91
N ILE A 323 5.35 -25.14 -22.31
CA ILE A 323 4.60 -26.15 -23.04
C ILE A 323 3.12 -25.89 -22.84
N VAL A 324 2.42 -25.57 -23.91
CA VAL A 324 0.98 -25.37 -23.88
C VAL A 324 0.33 -26.55 -24.60
N ARG A 325 -0.40 -27.37 -23.85
CA ARG A 325 -0.77 -28.71 -24.28
C ARG A 325 -2.08 -28.71 -25.05
N PHE A 326 -2.04 -29.25 -26.26
CA PHE A 326 -3.25 -29.38 -27.06
C PHE A 326 -4.18 -30.41 -26.44
N PRO A 327 -5.48 -30.12 -26.35
CA PRO A 327 -6.45 -31.11 -25.85
C PRO A 327 -7.01 -32.05 -26.92
N ASN A 328 -6.37 -32.12 -28.09
CA ASN A 328 -6.83 -32.97 -29.20
C ASN A 328 -8.27 -32.63 -29.59
N ILE A 329 -8.59 -31.33 -29.57
CA ILE A 329 -9.93 -30.88 -29.95
C ILE A 329 -10.13 -31.07 -31.44
N THR A 330 -11.29 -31.59 -31.81
CA THR A 330 -11.63 -31.86 -33.21
C THR A 330 -12.80 -31.03 -33.71
N ASN A 331 -13.33 -30.12 -32.89
CA ASN A 331 -14.50 -29.33 -33.27
C ASN A 331 -14.04 -28.12 -34.10
N LEU A 332 -13.56 -28.42 -35.30
CA LEU A 332 -13.11 -27.38 -36.22
C LEU A 332 -14.29 -26.80 -36.99
N CYS A 333 -14.05 -25.65 -37.63
CA CYS A 333 -15.13 -24.91 -38.25
C CYS A 333 -15.32 -25.35 -39.70
N PRO A 334 -16.56 -25.45 -40.16
CA PRO A 334 -16.84 -25.58 -41.61
C PRO A 334 -16.99 -24.25 -42.35
N PHE A 335 -16.56 -23.14 -41.75
CA PHE A 335 -16.80 -21.83 -42.37
C PHE A 335 -16.05 -21.70 -43.69
N ASP A 336 -14.93 -22.42 -43.84
CA ASP A 336 -14.21 -22.39 -45.10
C ASP A 336 -15.05 -22.98 -46.21
N GLU A 337 -15.76 -24.07 -45.93
CA GLU A 337 -16.72 -24.61 -46.90
C GLU A 337 -17.84 -23.60 -47.15
N VAL A 338 -18.29 -22.90 -46.11
CA VAL A 338 -19.22 -21.80 -46.30
C VAL A 338 -18.58 -20.71 -47.15
N PHE A 339 -17.30 -20.42 -46.89
CA PHE A 339 -16.58 -19.49 -47.77
C PHE A 339 -16.46 -20.05 -49.17
N ASN A 340 -16.18 -21.34 -49.30
CA ASN A 340 -16.12 -21.99 -50.61
C ASN A 340 -17.52 -22.38 -51.09
N ALA A 341 -18.41 -21.40 -51.09
CA ALA A 341 -19.76 -21.55 -51.62
C ALA A 341 -19.81 -20.88 -52.99
N THR A 342 -20.20 -21.66 -54.00
CA THR A 342 -20.19 -21.15 -55.37
C THR A 342 -21.19 -20.02 -55.56
N ARG A 343 -22.36 -20.12 -54.94
CA ARG A 343 -23.42 -19.13 -55.08
C ARG A 343 -23.64 -18.40 -53.76
N PHE A 344 -23.74 -17.07 -53.84
CA PHE A 344 -24.11 -16.24 -52.71
C PHE A 344 -25.43 -15.54 -53.03
N ALA A 345 -26.32 -15.51 -52.04
CA ALA A 345 -27.65 -14.93 -52.24
C ALA A 345 -27.54 -13.46 -52.65
N SER A 346 -28.60 -12.95 -53.26
CA SER A 346 -28.59 -11.58 -53.74
C SER A 346 -28.50 -10.60 -52.57
N VAL A 347 -28.05 -9.38 -52.87
CA VAL A 347 -27.76 -8.41 -51.82
C VAL A 347 -29.04 -7.99 -51.10
N TYR A 348 -30.16 -7.90 -51.81
CA TYR A 348 -31.41 -7.49 -51.18
C TYR A 348 -31.82 -8.47 -50.08
N ALA A 349 -31.73 -9.77 -50.35
CA ALA A 349 -31.94 -10.80 -49.36
C ALA A 349 -30.62 -11.51 -49.13
N TRP A 350 -29.79 -10.92 -48.26
CA TRP A 350 -28.48 -11.48 -48.01
C TRP A 350 -28.53 -12.50 -46.89
N ASN A 351 -27.66 -13.50 -46.97
CA ASN A 351 -27.77 -14.70 -46.14
C ASN A 351 -27.07 -14.46 -44.81
N ARG A 352 -27.85 -14.08 -43.79
CA ARG A 352 -27.36 -14.11 -42.42
C ARG A 352 -27.09 -15.55 -42.00
N LYS A 353 -25.91 -15.77 -41.45
CA LYS A 353 -25.51 -17.11 -41.01
C LYS A 353 -24.98 -17.03 -39.59
N ARG A 354 -25.14 -18.13 -38.86
CA ARG A 354 -24.67 -18.24 -37.49
C ARG A 354 -23.56 -19.29 -37.45
N ILE A 355 -22.44 -18.95 -36.81
CA ILE A 355 -21.27 -19.81 -36.71
C ILE A 355 -21.03 -20.12 -35.24
N SER A 356 -20.88 -21.41 -34.92
CA SER A 356 -20.78 -21.86 -33.55
C SER A 356 -19.90 -23.10 -33.47
N ASN A 357 -19.44 -23.40 -32.25
CA ASN A 357 -18.59 -24.56 -31.95
C ASN A 357 -17.53 -24.77 -33.03
N CYS A 358 -16.68 -23.76 -33.21
CA CYS A 358 -15.76 -23.70 -34.34
C CYS A 358 -14.33 -23.50 -33.88
N VAL A 359 -13.42 -24.30 -34.43
CA VAL A 359 -12.00 -24.01 -34.40
C VAL A 359 -11.64 -23.55 -35.81
N ALA A 360 -11.52 -22.23 -36.00
CA ALA A 360 -11.45 -21.63 -37.32
C ALA A 360 -10.14 -20.88 -37.50
N ASP A 361 -9.37 -21.27 -38.50
CA ASP A 361 -8.15 -20.57 -38.87
C ASP A 361 -8.44 -19.66 -40.07
N TYR A 362 -8.16 -18.37 -39.90
CA TYR A 362 -8.46 -17.38 -40.94
C TYR A 362 -7.29 -17.14 -41.87
N SER A 363 -6.17 -17.83 -41.68
CA SER A 363 -5.03 -17.65 -42.57
C SER A 363 -5.33 -18.16 -43.98
N VAL A 364 -6.11 -19.23 -44.08
CA VAL A 364 -6.43 -19.81 -45.39
C VAL A 364 -7.17 -18.80 -46.25
N LEU A 365 -8.11 -18.05 -45.64
CA LEU A 365 -8.83 -17.03 -46.39
C LEU A 365 -7.90 -15.94 -46.90
N TYR A 366 -6.90 -15.57 -46.09
CA TYR A 366 -5.94 -14.56 -46.51
C TYR A 366 -5.08 -15.06 -47.68
N ASN A 367 -4.92 -16.38 -47.79
CA ASN A 367 -3.94 -16.94 -48.73
C ASN A 367 -4.35 -16.71 -50.18
N LEU A 368 -5.63 -16.90 -50.50
CA LEU A 368 -6.05 -16.88 -51.90
C LEU A 368 -5.87 -15.50 -52.52
N ALA A 369 -5.24 -15.45 -53.68
CA ALA A 369 -5.06 -14.23 -54.46
C ALA A 369 -6.40 -13.60 -54.82
N PRO A 370 -7.42 -14.38 -55.26
CA PRO A 370 -8.74 -13.77 -55.43
C PRO A 370 -9.28 -13.13 -54.16
N PHE A 371 -8.96 -13.71 -53.00
CA PHE A 371 -9.36 -13.12 -51.71
C PHE A 371 -8.44 -11.95 -51.36
N PHE A 372 -8.37 -10.99 -52.29
CA PHE A 372 -7.47 -9.85 -52.10
C PHE A 372 -7.95 -8.95 -50.96
N THR A 373 -9.25 -8.90 -50.74
CA THR A 373 -9.82 -8.06 -49.69
C THR A 373 -10.23 -8.94 -48.51
N PHE A 374 -9.54 -8.76 -47.39
CA PHE A 374 -9.98 -9.29 -46.11
C PHE A 374 -9.85 -8.24 -45.01
N LYS A 375 -9.75 -6.96 -45.41
CA LYS A 375 -9.66 -5.85 -44.48
C LYS A 375 -10.83 -5.83 -43.50
N CYS A 376 -10.53 -5.58 -42.24
CA CYS A 376 -11.51 -5.61 -41.16
C CYS A 376 -11.64 -4.21 -40.54
N TYR A 377 -12.87 -3.69 -40.51
CA TYR A 377 -13.15 -2.48 -39.74
C TYR A 377 -13.09 -2.75 -38.25
N GLY A 378 -13.29 -4.00 -37.83
CA GLY A 378 -13.43 -4.29 -36.41
C GLY A 378 -12.12 -4.42 -35.68
N VAL A 379 -11.29 -5.40 -36.07
CA VAL A 379 -10.06 -5.71 -35.36
C VAL A 379 -8.99 -6.12 -36.37
N SER A 380 -7.74 -6.12 -35.92
CA SER A 380 -6.63 -6.52 -36.79
C SER A 380 -6.75 -8.00 -37.15
N PRO A 381 -6.52 -8.34 -38.42
CA PRO A 381 -6.60 -9.77 -38.81
C PRO A 381 -5.62 -10.66 -38.06
N THR A 382 -4.42 -10.17 -37.77
CA THR A 382 -3.46 -10.97 -37.01
C THR A 382 -3.96 -11.25 -35.60
N LYS A 383 -4.51 -10.23 -34.93
CA LYS A 383 -5.13 -10.44 -33.62
C LYS A 383 -6.36 -11.32 -33.74
N LEU A 384 -7.07 -11.23 -34.87
CA LEU A 384 -8.30 -11.99 -35.07
C LEU A 384 -8.04 -13.49 -35.00
N ASN A 385 -6.91 -13.94 -35.55
CA ASN A 385 -6.59 -15.36 -35.56
C ASN A 385 -6.47 -15.91 -34.13
N ASP A 386 -6.26 -15.03 -33.16
CA ASP A 386 -6.11 -15.47 -31.78
C ASP A 386 -7.37 -15.21 -30.96
N LEU A 387 -8.10 -14.14 -31.26
CA LEU A 387 -9.28 -13.79 -30.46
C LEU A 387 -10.39 -14.80 -30.65
N CYS A 388 -11.23 -14.94 -29.62
CA CYS A 388 -12.35 -15.85 -29.62
C CYS A 388 -13.67 -15.07 -29.59
N PHE A 389 -14.61 -15.47 -30.44
CA PHE A 389 -15.90 -14.81 -30.55
C PHE A 389 -17.00 -15.86 -30.52
N THR A 390 -18.24 -15.38 -30.39
CA THR A 390 -19.42 -16.24 -30.41
C THR A 390 -20.44 -15.70 -31.41
N ASN A 391 -21.33 -16.60 -31.85
CA ASN A 391 -22.47 -16.24 -32.69
C ASN A 391 -22.03 -15.44 -33.91
N VAL A 392 -20.99 -15.94 -34.58
CA VAL A 392 -20.40 -15.22 -35.70
C VAL A 392 -21.40 -15.10 -36.84
N TYR A 393 -21.53 -13.89 -37.38
CA TYR A 393 -22.42 -13.61 -38.51
C TYR A 393 -21.60 -13.57 -39.80
N ALA A 394 -21.99 -14.41 -40.76
CA ALA A 394 -21.42 -14.43 -42.09
C ALA A 394 -22.52 -14.09 -43.09
N ASP A 395 -22.13 -13.50 -44.22
CA ASP A 395 -23.09 -12.97 -45.18
C ASP A 395 -22.77 -13.49 -46.57
N SER A 396 -23.79 -13.54 -47.43
CA SER A 396 -23.65 -13.96 -48.82
C SER A 396 -24.31 -12.92 -49.72
N PHE A 397 -23.52 -12.34 -50.63
CA PHE A 397 -24.04 -11.31 -51.53
C PHE A 397 -23.11 -11.15 -52.71
N VAL A 398 -23.63 -10.53 -53.77
CA VAL A 398 -22.94 -10.37 -55.05
C VAL A 398 -22.62 -8.89 -55.24
N ILE A 399 -21.35 -8.58 -55.50
CA ILE A 399 -20.87 -7.21 -55.50
C ILE A 399 -20.20 -6.91 -56.84
N ARG A 400 -20.57 -5.76 -57.43
CA ARG A 400 -19.92 -5.31 -58.66
C ARG A 400 -18.54 -4.75 -58.43
N GLY A 401 -18.25 -4.34 -57.18
CA GLY A 401 -17.02 -3.64 -56.88
C GLY A 401 -17.03 -2.18 -57.24
N ASP A 402 -17.77 -1.79 -58.28
CA ASP A 402 -18.00 -0.37 -58.54
C ASP A 402 -18.88 0.24 -57.46
N GLU A 403 -19.79 -0.56 -56.88
CA GLU A 403 -20.71 -0.07 -55.88
C GLU A 403 -20.29 -0.41 -54.46
N VAL A 404 -19.26 -1.24 -54.28
CA VAL A 404 -18.90 -1.69 -52.92
C VAL A 404 -18.44 -0.51 -52.08
N ARG A 405 -17.83 0.50 -52.70
CA ARG A 405 -17.43 1.69 -51.97
C ARG A 405 -18.64 2.40 -51.39
N GLN A 406 -19.74 2.46 -52.16
CA GLN A 406 -20.98 3.04 -51.64
C GLN A 406 -21.53 2.23 -50.47
N ILE A 407 -21.51 0.89 -50.58
CA ILE A 407 -22.02 0.04 -49.51
C ILE A 407 -20.96 -0.28 -48.46
N ALA A 408 -19.74 0.21 -48.63
CA ALA A 408 -18.69 -0.08 -47.65
C ALA A 408 -19.08 0.52 -46.29
N PRO A 409 -18.75 -0.16 -45.20
CA PRO A 409 -19.05 0.40 -43.87
C PRO A 409 -18.42 1.77 -43.71
N GLY A 410 -19.18 2.69 -43.11
CA GLY A 410 -18.81 4.09 -43.07
C GLY A 410 -19.26 4.88 -44.27
N GLN A 411 -19.83 4.23 -45.29
CA GLN A 411 -20.33 4.90 -46.48
C GLN A 411 -21.73 4.38 -46.78
N THR A 412 -22.54 5.23 -47.43
CA THR A 412 -23.90 4.85 -47.80
C THR A 412 -24.12 5.13 -49.29
N GLY A 413 -24.75 4.17 -49.97
CA GLY A 413 -25.15 4.35 -51.35
C GLY A 413 -26.57 3.85 -51.54
N ASN A 414 -27.08 4.01 -52.77
CA ASN A 414 -28.43 3.56 -53.06
C ASN A 414 -28.55 2.05 -52.85
N ILE A 415 -27.48 1.31 -53.12
CA ILE A 415 -27.47 -0.10 -52.76
C ILE A 415 -27.46 -0.25 -51.24
N ALA A 416 -26.61 0.51 -50.55
CA ALA A 416 -26.60 0.47 -49.09
C ALA A 416 -27.92 0.97 -48.52
N ASP A 417 -28.49 2.02 -49.13
CA ASP A 417 -29.75 2.58 -48.64
C ASP A 417 -30.89 1.59 -48.80
N TYR A 418 -30.77 0.66 -49.75
CA TYR A 418 -31.87 -0.26 -50.02
C TYR A 418 -31.51 -1.73 -49.86
N ASN A 419 -30.41 -2.19 -50.46
CA ASN A 419 -30.08 -3.62 -50.36
C ASN A 419 -29.70 -4.01 -48.95
N TYR A 420 -28.78 -3.26 -48.32
CA TYR A 420 -28.26 -3.65 -47.02
C TYR A 420 -27.68 -2.38 -46.36
N LYS A 421 -28.37 -1.89 -45.33
CA LYS A 421 -27.82 -0.81 -44.53
C LYS A 421 -26.86 -1.35 -43.49
N LEU A 422 -25.75 -0.66 -43.31
CA LEU A 422 -24.66 -1.11 -42.47
C LEU A 422 -24.11 0.06 -41.66
N PRO A 423 -24.02 -0.08 -40.34
CA PRO A 423 -23.54 1.04 -39.51
C PRO A 423 -22.09 1.37 -39.84
N ASP A 424 -21.72 2.63 -39.58
CA ASP A 424 -20.38 3.09 -39.95
C ASP A 424 -19.30 2.26 -39.25
N ASP A 425 -19.51 1.95 -37.98
CA ASP A 425 -18.66 0.99 -37.28
C ASP A 425 -19.06 -0.42 -37.71
N PHE A 426 -18.08 -1.24 -38.07
CA PHE A 426 -18.33 -2.59 -38.55
C PHE A 426 -17.40 -3.56 -37.82
N THR A 427 -17.98 -4.52 -37.11
CA THR A 427 -17.19 -5.57 -36.49
C THR A 427 -16.78 -6.60 -37.53
N GLY A 428 -15.58 -7.15 -37.35
CA GLY A 428 -15.10 -8.16 -38.25
C GLY A 428 -14.63 -7.60 -39.58
N CYS A 429 -14.58 -8.48 -40.58
CA CYS A 429 -13.96 -8.16 -41.87
C CYS A 429 -14.97 -8.22 -43.00
N VAL A 430 -14.64 -7.49 -44.07
CA VAL A 430 -15.31 -7.61 -45.35
C VAL A 430 -14.37 -8.38 -46.27
N ILE A 431 -14.76 -9.59 -46.63
CA ILE A 431 -13.93 -10.48 -47.44
C ILE A 431 -14.53 -10.55 -48.83
N ALA A 432 -13.81 -10.03 -49.81
CA ALA A 432 -14.27 -9.95 -51.20
C ALA A 432 -13.30 -10.69 -52.10
N TRP A 433 -13.82 -11.62 -52.90
CA TRP A 433 -13.03 -12.28 -53.93
C TRP A 433 -13.81 -12.31 -55.23
N ASN A 434 -13.08 -12.28 -56.34
CA ASN A 434 -13.72 -12.13 -57.64
C ASN A 434 -14.46 -13.40 -58.04
N SER A 435 -15.77 -13.26 -58.23
CA SER A 435 -16.59 -14.27 -58.89
C SER A 435 -16.81 -13.90 -60.34
N ASN A 436 -15.77 -13.32 -60.96
CA ASN A 436 -15.90 -12.76 -62.30
C ASN A 436 -16.47 -13.78 -63.28
N LYS A 437 -15.98 -15.03 -63.21
CA LYS A 437 -16.42 -16.02 -64.20
C LYS A 437 -17.82 -16.54 -63.91
N LEU A 438 -18.07 -16.98 -62.66
CA LEU A 438 -19.34 -17.63 -62.35
C LEU A 438 -20.52 -16.71 -62.63
N ASP A 439 -20.32 -15.39 -62.48
CA ASP A 439 -21.41 -14.46 -62.74
C ASP A 439 -21.46 -14.05 -64.21
N SER A 440 -20.32 -14.05 -64.89
CA SER A 440 -20.31 -13.70 -66.31
C SER A 440 -21.02 -14.78 -67.12
N LYS A 441 -21.86 -14.33 -68.05
CA LYS A 441 -22.66 -15.23 -68.89
C LYS A 441 -23.44 -16.24 -68.06
N GLY A 444 -26.35 -12.26 -70.74
CA GLY A 444 -25.60 -13.18 -69.90
C GLY A 444 -26.40 -13.70 -68.72
N ASN A 445 -25.86 -13.47 -67.52
CA ASN A 445 -26.50 -13.92 -66.29
C ASN A 445 -27.05 -12.71 -65.54
N TYR A 446 -28.33 -12.77 -65.18
CA TYR A 446 -29.04 -11.65 -64.60
C TYR A 446 -29.89 -12.05 -63.39
N ASN A 447 -29.65 -13.25 -62.86
CA ASN A 447 -30.55 -13.81 -61.84
C ASN A 447 -30.51 -13.01 -60.54
N TYR A 448 -29.31 -12.61 -60.09
CA TYR A 448 -29.16 -12.02 -58.75
C TYR A 448 -29.59 -10.55 -58.76
N LEU A 449 -30.89 -10.36 -58.94
CA LEU A 449 -31.46 -9.02 -58.85
C LEU A 449 -31.29 -8.47 -57.45
N TYR A 450 -30.79 -7.24 -57.33
CA TYR A 450 -30.48 -6.64 -56.04
C TYR A 450 -31.17 -5.29 -55.93
N ARG A 451 -31.69 -4.99 -54.73
CA ARG A 451 -32.63 -3.89 -54.54
C ARG A 451 -31.95 -2.54 -54.69
N LEU A 452 -32.45 -1.71 -55.60
CA LEU A 452 -31.95 -0.36 -55.78
C LEU A 452 -33.03 0.71 -55.76
N PHE A 453 -34.32 0.33 -55.80
CA PHE A 453 -35.41 1.30 -55.84
C PHE A 453 -36.48 0.90 -54.81
N ARG A 454 -36.28 1.34 -53.56
CA ARG A 454 -37.24 1.06 -52.49
C ARG A 454 -37.74 2.36 -51.89
N LYS A 455 -38.92 2.28 -51.27
CA LYS A 455 -39.61 3.48 -50.80
C LYS A 455 -38.81 4.22 -49.73
N SER A 456 -38.24 3.49 -48.77
CA SER A 456 -37.55 4.12 -47.65
C SER A 456 -36.25 3.39 -47.36
N ASN A 457 -35.33 4.10 -46.71
CA ASN A 457 -34.06 3.51 -46.31
C ASN A 457 -34.28 2.50 -45.18
N LEU A 458 -33.49 1.43 -45.19
CA LEU A 458 -33.65 0.37 -44.21
C LEU A 458 -32.67 0.56 -43.05
N LYS A 459 -32.93 -0.17 -41.97
CA LYS A 459 -32.14 -0.02 -40.76
C LYS A 459 -30.86 -0.85 -40.84
N PRO A 460 -29.81 -0.45 -40.11
CA PRO A 460 -28.53 -1.15 -40.20
C PRO A 460 -28.60 -2.58 -39.68
N PHE A 461 -27.77 -3.46 -40.27
CA PHE A 461 -27.79 -4.90 -39.99
C PHE A 461 -29.18 -5.49 -40.23
N GLU A 462 -29.83 -5.10 -41.31
CA GLU A 462 -31.13 -5.65 -41.65
C GLU A 462 -31.12 -6.18 -43.09
N ARG A 463 -31.75 -7.33 -43.28
CA ARG A 463 -31.94 -7.93 -44.59
C ARG A 463 -33.40 -7.81 -44.99
N ASP A 464 -33.64 -7.32 -46.21
CA ASP A 464 -35.01 -7.13 -46.71
C ASP A 464 -35.36 -8.32 -47.60
N ILE A 465 -36.10 -9.29 -47.02
CA ILE A 465 -36.47 -10.48 -47.77
C ILE A 465 -37.46 -10.13 -48.88
N SER A 466 -38.49 -9.35 -48.56
CA SER A 466 -39.56 -9.03 -49.50
C SER A 466 -39.14 -7.84 -50.37
N THR A 467 -39.52 -7.89 -51.64
CA THR A 467 -39.18 -6.80 -52.56
C THR A 467 -40.25 -5.71 -52.48
N GLU A 468 -39.82 -4.47 -52.22
CA GLU A 468 -40.70 -3.33 -52.07
C GLU A 468 -40.45 -2.36 -53.22
N ILE A 469 -41.40 -2.29 -54.14
CA ILE A 469 -41.31 -1.38 -55.27
C ILE A 469 -41.41 0.08 -54.81
N TYR A 470 -40.54 0.93 -55.36
CA TYR A 470 -40.34 2.29 -54.86
C TYR A 470 -41.61 3.11 -54.93
N GLN A 471 -42.17 3.43 -53.76
CA GLN A 471 -43.32 4.34 -53.66
C GLN A 471 -42.86 5.79 -53.81
N ALA A 472 -42.61 6.18 -55.06
CA ALA A 472 -41.99 7.47 -55.33
C ALA A 472 -43.02 8.58 -55.49
N GLY A 473 -43.97 8.39 -56.41
CA GLY A 473 -44.93 9.44 -56.73
C GLY A 473 -46.28 9.23 -56.07
N ASN A 474 -47.07 10.31 -56.04
CA ASN A 474 -48.40 10.24 -55.43
C ASN A 474 -49.29 9.26 -56.17
N LYS A 475 -49.06 9.06 -57.47
CA LYS A 475 -49.84 8.11 -58.24
C LYS A 475 -49.59 6.69 -57.70
N PRO A 476 -50.64 5.89 -57.56
CA PRO A 476 -50.50 4.59 -56.87
C PRO A 476 -49.50 3.67 -57.56
N CYS A 477 -48.84 2.85 -56.75
CA CYS A 477 -47.84 1.90 -57.23
C CYS A 477 -48.45 0.64 -57.83
N ASN A 478 -49.72 0.68 -58.21
CA ASN A 478 -50.35 -0.45 -58.87
C ASN A 478 -49.60 -0.79 -60.16
N GLY A 479 -49.61 -2.08 -60.50
CA GLY A 479 -48.87 -2.55 -61.65
C GLY A 479 -47.37 -2.58 -61.49
N VAL A 480 -46.87 -2.99 -60.31
CA VAL A 480 -45.46 -3.13 -59.98
C VAL A 480 -44.69 -1.91 -60.48
N ALA A 481 -43.50 -2.10 -61.05
CA ALA A 481 -42.74 -0.99 -61.62
C ALA A 481 -43.53 -0.32 -62.74
N GLY A 482 -43.56 1.01 -62.72
CA GLY A 482 -44.25 1.74 -63.76
C GLY A 482 -43.94 3.22 -63.65
N PHE A 483 -44.96 4.02 -63.92
CA PHE A 483 -44.86 5.46 -63.70
C PHE A 483 -44.85 5.76 -62.21
N ASN A 484 -43.98 6.68 -61.79
CA ASN A 484 -43.86 7.13 -60.40
C ASN A 484 -43.59 5.99 -59.42
N CYS A 485 -43.19 4.82 -59.92
CA CYS A 485 -42.95 3.66 -59.09
C CYS A 485 -42.00 2.72 -59.82
N TYR A 486 -40.97 2.26 -59.12
CA TYR A 486 -39.85 1.57 -59.76
C TYR A 486 -39.54 0.28 -59.00
N PHE A 487 -39.24 -0.78 -59.75
CA PHE A 487 -38.93 -2.06 -59.12
C PHE A 487 -37.64 -1.95 -58.32
N PRO A 488 -37.60 -2.51 -57.11
CA PRO A 488 -36.40 -2.36 -56.27
C PRO A 488 -35.20 -3.11 -56.84
N LEU A 489 -35.39 -4.38 -57.14
CA LEU A 489 -34.28 -5.21 -57.61
C LEU A 489 -33.89 -4.85 -59.03
N ARG A 490 -32.59 -4.72 -59.26
CA ARG A 490 -32.02 -4.55 -60.59
C ARG A 490 -31.22 -5.80 -60.92
N SER A 491 -31.48 -6.38 -62.10
CA SER A 491 -30.76 -7.57 -62.50
C SER A 491 -29.27 -7.31 -62.52
N TYR A 492 -28.52 -8.15 -61.80
CA TYR A 492 -27.09 -7.91 -61.62
C TYR A 492 -26.34 -7.98 -62.95
N SER A 493 -26.92 -8.68 -63.93
CA SER A 493 -26.56 -8.54 -65.35
C SER A 493 -25.05 -8.65 -65.57
N PHE A 494 -24.44 -9.68 -65.01
CA PHE A 494 -23.02 -9.87 -65.20
C PHE A 494 -22.75 -10.71 -66.44
N ARG A 495 -21.96 -10.15 -67.34
CA ARG A 495 -21.61 -10.79 -68.60
C ARG A 495 -20.09 -10.85 -68.70
N PRO A 496 -19.53 -11.45 -69.76
CA PRO A 496 -18.11 -11.20 -70.04
C PRO A 496 -17.80 -9.72 -70.18
N THR A 497 -18.72 -8.94 -70.75
CA THR A 497 -18.56 -7.49 -70.79
C THR A 497 -18.62 -6.91 -69.39
N TYR A 498 -19.56 -7.36 -68.57
CA TYR A 498 -19.65 -6.91 -67.18
C TYR A 498 -18.64 -7.61 -66.28
N GLY A 499 -17.87 -8.56 -66.81
CA GLY A 499 -16.75 -9.09 -66.06
C GLY A 499 -15.67 -8.06 -65.82
N VAL A 500 -15.42 -7.21 -66.81
CA VAL A 500 -14.39 -6.17 -66.66
C VAL A 500 -14.93 -4.98 -65.88
N GLY A 501 -15.94 -4.30 -66.44
CA GLY A 501 -16.59 -3.21 -65.75
C GLY A 501 -17.67 -3.74 -64.84
N HIS A 502 -17.68 -3.23 -63.60
CA HIS A 502 -18.49 -3.82 -62.52
C HIS A 502 -18.10 -5.28 -62.32
N GLN A 503 -16.84 -5.48 -61.93
CA GLN A 503 -16.29 -6.83 -61.87
C GLN A 503 -17.02 -7.67 -60.83
N PRO A 504 -17.48 -8.87 -61.18
CA PRO A 504 -18.20 -9.70 -60.21
C PRO A 504 -17.29 -10.13 -59.06
N TYR A 505 -17.75 -9.86 -57.84
CA TYR A 505 -17.03 -10.22 -56.63
C TYR A 505 -17.92 -11.02 -55.71
N ARG A 506 -17.49 -12.24 -55.38
CA ARG A 506 -18.11 -13.08 -54.37
C ARG A 506 -17.65 -12.59 -53.00
N VAL A 507 -18.52 -11.91 -52.26
CA VAL A 507 -18.13 -11.17 -51.06
C VAL A 507 -18.93 -11.69 -49.87
N VAL A 508 -18.24 -11.94 -48.77
CA VAL A 508 -18.84 -12.34 -47.50
C VAL A 508 -18.52 -11.28 -46.45
N VAL A 509 -19.56 -10.80 -45.77
CA VAL A 509 -19.39 -9.92 -44.62
C VAL A 509 -19.29 -10.78 -43.38
N LEU A 510 -18.17 -10.67 -42.67
CA LEU A 510 -17.94 -11.37 -41.42
C LEU A 510 -18.00 -10.35 -40.29
N SER A 511 -19.08 -10.39 -39.52
CA SER A 511 -19.25 -9.51 -38.37
C SER A 511 -19.50 -10.37 -37.14
N PHE A 512 -18.43 -10.65 -36.39
CA PHE A 512 -18.51 -11.50 -35.23
C PHE A 512 -19.28 -10.80 -34.12
N GLU A 513 -20.25 -11.49 -33.53
CA GLU A 513 -20.83 -11.02 -32.30
C GLU A 513 -19.77 -11.11 -31.20
N LEU A 514 -19.47 -9.96 -30.60
CA LEU A 514 -18.24 -9.79 -29.82
C LEU A 514 -18.34 -10.51 -28.46
N LEU A 515 -18.37 -11.84 -28.56
CA LEU A 515 -18.39 -12.76 -27.41
C LEU A 515 -19.26 -12.24 -26.27
N HIS A 516 -20.48 -11.82 -26.60
CA HIS A 516 -21.46 -11.52 -25.56
C HIS A 516 -21.82 -12.78 -24.79
N ALA A 517 -22.17 -13.84 -25.51
CA ALA A 517 -22.23 -15.18 -24.97
C ALA A 517 -20.83 -15.76 -24.90
N PRO A 518 -20.63 -16.87 -24.18
CA PRO A 518 -19.32 -17.52 -24.18
C PRO A 518 -18.84 -17.77 -25.60
N ALA A 519 -17.58 -17.39 -25.86
CA ALA A 519 -17.04 -17.42 -27.22
C ALA A 519 -17.00 -18.83 -27.76
N THR A 520 -17.58 -19.04 -28.93
CA THR A 520 -17.71 -20.36 -29.52
C THR A 520 -16.92 -20.53 -30.82
N VAL A 521 -16.31 -19.48 -31.35
CA VAL A 521 -15.56 -19.54 -32.60
C VAL A 521 -14.22 -18.84 -32.42
N CYS A 522 -13.13 -19.57 -32.66
CA CYS A 522 -11.80 -18.99 -32.77
C CYS A 522 -10.80 -20.02 -33.29
N GLY A 523 -9.53 -19.63 -33.28
CA GLY A 523 -8.50 -20.33 -34.02
C GLY A 523 -7.68 -21.32 -33.22
N PRO A 524 -6.55 -21.73 -33.79
CA PRO A 524 -5.74 -22.78 -33.15
C PRO A 524 -5.07 -22.28 -31.89
N LYS A 525 -4.99 -23.17 -30.90
CA LYS A 525 -4.30 -22.90 -29.64
C LYS A 525 -3.45 -24.10 -29.29
N LYS A 526 -2.64 -23.94 -28.25
CA LYS A 526 -2.00 -25.06 -27.55
C LYS A 526 -1.08 -25.85 -28.47
N SER A 527 -0.09 -25.16 -29.06
CA SER A 527 0.74 -25.79 -30.09
C SER A 527 1.84 -26.67 -29.49
N THR A 528 2.44 -26.21 -28.40
CA THR A 528 3.68 -26.83 -27.92
C THR A 528 3.45 -28.26 -27.45
N ASN A 529 4.46 -29.11 -27.68
CA ASN A 529 4.44 -30.51 -27.28
C ASN A 529 5.14 -30.68 -25.93
N LEU A 530 4.83 -31.80 -25.26
CA LEU A 530 5.24 -31.99 -23.88
C LEU A 530 6.56 -32.76 -23.78
N VAL A 531 7.25 -32.57 -22.66
CA VAL A 531 8.46 -33.30 -22.33
C VAL A 531 8.38 -33.72 -20.86
N LYS A 532 9.19 -34.70 -20.49
CA LYS A 532 9.14 -35.30 -19.16
C LYS A 532 10.49 -35.20 -18.48
N ASN A 533 10.46 -35.25 -17.14
CA ASN A 533 11.66 -35.23 -16.30
C ASN A 533 12.52 -34.00 -16.55
N LYS A 534 11.89 -32.88 -16.89
CA LYS A 534 12.60 -31.64 -17.16
C LYS A 534 11.88 -30.48 -16.49
N CYS A 535 12.66 -29.57 -15.91
CA CYS A 535 12.13 -28.31 -15.40
C CYS A 535 11.73 -27.44 -16.57
N VAL A 536 10.42 -27.32 -16.81
CA VAL A 536 9.89 -26.59 -17.96
C VAL A 536 8.62 -25.85 -17.53
N ASN A 537 8.40 -24.68 -18.12
CA ASN A 537 7.11 -24.03 -17.98
C ASN A 537 6.05 -24.86 -18.71
N PHE A 538 4.83 -24.82 -18.20
CA PHE A 538 3.73 -25.53 -18.83
C PHE A 538 2.48 -24.66 -18.83
N ASN A 539 1.67 -24.84 -19.87
CA ASN A 539 0.38 -24.18 -20.01
C ASN A 539 -0.67 -25.22 -20.39
N PHE A 540 -0.66 -26.34 -19.65
CA PHE A 540 -1.53 -27.47 -19.94
C PHE A 540 -2.99 -27.03 -19.84
N ASN A 541 -3.68 -27.05 -20.98
CA ASN A 541 -5.08 -26.59 -21.06
C ASN A 541 -5.21 -25.15 -20.58
N GLY A 542 -4.18 -24.34 -20.83
CA GLY A 542 -4.18 -22.97 -20.40
C GLY A 542 -3.79 -22.75 -18.95
N LEU A 543 -3.41 -23.80 -18.23
CA LEU A 543 -3.00 -23.70 -16.83
C LEU A 543 -1.50 -23.43 -16.79
N LYS A 544 -1.14 -22.15 -16.60
CA LYS A 544 0.26 -21.77 -16.57
C LYS A 544 0.93 -22.32 -15.32
N GLY A 545 2.23 -22.58 -15.42
CA GLY A 545 2.99 -23.07 -14.28
C GLY A 545 4.39 -23.47 -14.69
N THR A 546 5.20 -23.79 -13.68
CA THR A 546 6.59 -24.19 -13.88
C THR A 546 6.89 -25.35 -12.94
N GLY A 547 7.51 -26.40 -13.46
CA GLY A 547 7.88 -27.53 -12.63
C GLY A 547 8.49 -28.64 -13.47
N VAL A 548 8.83 -29.73 -12.77
CA VAL A 548 9.36 -30.93 -13.40
C VAL A 548 8.23 -31.93 -13.52
N LEU A 549 8.01 -32.44 -14.73
CA LEU A 549 6.84 -33.26 -15.04
C LEU A 549 7.25 -34.73 -15.15
N THR A 550 6.48 -35.59 -14.49
CA THR A 550 6.66 -37.03 -14.58
C THR A 550 5.29 -37.71 -14.60
N GLU A 551 5.27 -38.92 -15.16
CA GLU A 551 4.04 -39.68 -15.23
C GLU A 551 3.54 -40.02 -13.82
N SER A 552 2.25 -39.82 -13.60
CA SER A 552 1.63 -40.02 -12.29
C SER A 552 1.06 -41.43 -12.20
N ASN A 553 1.54 -42.20 -11.23
CA ASN A 553 0.98 -43.52 -10.99
C ASN A 553 -0.38 -43.44 -10.32
N LYS A 554 -0.66 -42.34 -9.62
CA LYS A 554 -1.92 -42.20 -8.91
C LYS A 554 -3.08 -42.08 -9.90
N LYS A 555 -4.18 -42.75 -9.57
CA LYS A 555 -5.33 -42.80 -10.46
C LYS A 555 -6.12 -41.50 -10.40
N PHE A 556 -6.95 -41.29 -11.41
CA PHE A 556 -7.88 -40.16 -11.46
C PHE A 556 -9.27 -40.72 -11.73
N LEU A 557 -10.28 -40.15 -11.08
CA LEU A 557 -11.64 -40.46 -11.46
C LEU A 557 -11.92 -39.90 -12.85
N PRO A 558 -12.78 -40.56 -13.64
CA PRO A 558 -12.94 -40.14 -15.04
C PRO A 558 -13.32 -38.68 -15.21
N PHE A 559 -14.15 -38.14 -14.33
CA PHE A 559 -14.46 -36.71 -14.40
C PHE A 559 -13.28 -35.87 -13.95
N GLN A 560 -12.53 -36.34 -12.94
CA GLN A 560 -11.40 -35.58 -12.42
C GLN A 560 -10.33 -35.40 -13.50
N GLN A 561 -9.88 -34.16 -13.68
CA GLN A 561 -8.89 -33.82 -14.69
C GLN A 561 -7.61 -33.23 -14.13
N PHE A 562 -7.66 -32.59 -12.97
CA PHE A 562 -6.50 -31.97 -12.35
C PHE A 562 -6.46 -32.32 -10.88
N GLY A 563 -5.25 -32.46 -10.34
CA GLY A 563 -5.09 -32.87 -8.96
C GLY A 563 -4.54 -31.80 -8.03
N ARG A 564 -5.18 -31.63 -6.87
CA ARG A 564 -4.79 -30.65 -5.89
C ARG A 564 -4.44 -31.34 -4.57
N ASP A 565 -3.33 -30.95 -3.96
CA ASP A 565 -2.87 -31.57 -2.73
C ASP A 565 -3.49 -30.85 -1.53
N ILE A 566 -3.00 -31.16 -0.33
CA ILE A 566 -3.45 -30.46 0.88
C ILE A 566 -3.11 -28.99 0.79
N ALA A 567 -1.95 -28.66 0.20
CA ALA A 567 -1.55 -27.27 0.00
C ALA A 567 -2.32 -26.59 -1.11
N ASP A 568 -3.17 -27.32 -1.83
CA ASP A 568 -3.99 -26.86 -2.96
C ASP A 568 -3.15 -26.55 -4.19
N THR A 569 -1.86 -26.88 -4.19
CA THR A 569 -1.06 -26.75 -5.40
C THR A 569 -1.41 -27.87 -6.38
N THR A 570 -0.97 -27.72 -7.62
CA THR A 570 -1.18 -28.77 -8.61
C THR A 570 -0.09 -29.84 -8.48
N ASP A 571 -0.52 -31.09 -8.32
CA ASP A 571 0.39 -32.22 -8.23
C ASP A 571 0.17 -33.27 -9.30
N ALA A 572 -1.01 -33.30 -9.92
CA ALA A 572 -1.29 -34.25 -10.99
C ALA A 572 -2.35 -33.67 -11.90
N VAL A 573 -2.28 -34.03 -13.18
CA VAL A 573 -3.23 -33.55 -14.18
C VAL A 573 -3.30 -34.58 -15.31
N ARG A 574 -4.51 -34.88 -15.75
CA ARG A 574 -4.66 -35.70 -16.95
C ARG A 574 -4.25 -34.89 -18.17
N ASP A 575 -3.41 -35.47 -19.01
CA ASP A 575 -2.88 -34.73 -20.14
C ASP A 575 -4.02 -34.37 -21.10
N PRO A 576 -4.10 -33.11 -21.53
CA PRO A 576 -5.12 -32.77 -22.53
C PRO A 576 -5.01 -33.59 -23.81
N GLN A 577 -3.78 -33.88 -24.26
CA GLN A 577 -3.62 -34.70 -25.47
C GLN A 577 -4.03 -36.14 -25.24
N THR A 578 -3.55 -36.76 -24.16
CA THR A 578 -3.72 -38.19 -23.94
C THR A 578 -4.17 -38.46 -22.52
N LEU A 579 -4.79 -39.62 -22.32
CA LEU A 579 -5.29 -39.97 -21.00
C LEU A 579 -4.16 -40.24 -20.01
N GLU A 580 -2.90 -40.24 -20.47
CA GLU A 580 -1.76 -40.40 -19.58
C GLU A 580 -1.74 -39.27 -18.56
N ILE A 581 -1.38 -39.61 -17.32
CA ILE A 581 -1.53 -38.68 -16.21
C ILE A 581 -0.14 -38.26 -15.72
N LEU A 582 0.06 -36.96 -15.54
CA LEU A 582 1.38 -36.40 -15.24
C LEU A 582 1.41 -35.86 -13.82
N ASP A 583 2.30 -36.39 -13.00
CA ASP A 583 2.68 -35.70 -11.77
C ASP A 583 3.50 -34.46 -12.10
N ILE A 584 3.17 -33.35 -11.45
CA ILE A 584 3.93 -32.11 -11.57
C ILE A 584 4.57 -31.82 -10.23
N THR A 585 5.90 -31.75 -10.22
CA THR A 585 6.68 -31.39 -9.04
C THR A 585 7.38 -30.06 -9.29
N PRO A 586 7.36 -29.15 -8.31
CA PRO A 586 8.02 -27.85 -8.49
C PRO A 586 9.50 -28.02 -8.78
N CYS A 587 10.04 -27.13 -9.62
CA CYS A 587 11.46 -27.17 -9.92
C CYS A 587 12.29 -26.97 -8.68
N SER A 588 13.51 -27.53 -8.69
CA SER A 588 14.33 -27.60 -7.50
C SER A 588 14.64 -26.20 -6.96
N PHE A 589 14.50 -26.06 -5.65
CA PHE A 589 14.71 -24.80 -4.97
C PHE A 589 15.64 -25.03 -3.77
N GLY A 590 16.23 -23.95 -3.28
CA GLY A 590 17.06 -24.03 -2.10
C GLY A 590 17.74 -22.70 -1.84
N GLY A 591 18.22 -22.57 -0.62
CA GLY A 591 19.01 -21.41 -0.21
C GLY A 591 20.47 -21.79 -0.12
N VAL A 592 21.34 -20.80 -0.33
CA VAL A 592 22.78 -21.02 -0.34
C VAL A 592 23.38 -20.48 0.95
N SER A 593 24.45 -21.12 1.40
CA SER A 593 25.19 -20.71 2.58
C SER A 593 26.67 -20.75 2.27
N VAL A 594 27.40 -19.77 2.79
CA VAL A 594 28.83 -19.62 2.51
C VAL A 594 29.60 -19.81 3.80
N ILE A 595 30.61 -20.68 3.77
CA ILE A 595 31.48 -20.94 4.91
C ILE A 595 32.82 -20.27 4.64
N THR A 596 33.25 -19.43 5.58
CA THR A 596 34.50 -18.69 5.42
C THR A 596 35.32 -18.76 6.70
N PRO A 597 36.64 -18.92 6.58
CA PRO A 597 37.52 -18.85 7.76
C PRO A 597 37.86 -17.45 8.20
N GLY A 598 37.19 -16.44 7.69
CA GLY A 598 37.55 -15.06 7.90
C GLY A 598 38.33 -14.50 6.72
N THR A 599 38.06 -13.23 6.41
CA THR A 599 38.71 -12.60 5.27
C THR A 599 40.22 -12.52 5.45
N ASN A 600 40.67 -12.18 6.66
CA ASN A 600 42.11 -12.11 6.92
C ASN A 600 42.75 -13.49 6.86
N THR A 601 42.02 -14.52 7.29
CA THR A 601 42.51 -15.91 7.20
C THR A 601 42.13 -16.49 5.84
N SER A 602 42.85 -16.00 4.81
CA SER A 602 42.67 -16.42 3.42
C SER A 602 41.32 -15.98 2.87
N ASN A 603 41.12 -16.13 1.57
CA ASN A 603 39.88 -15.76 0.92
C ASN A 603 39.10 -16.94 0.37
N GLN A 604 39.57 -18.17 0.58
CA GLN A 604 38.84 -19.34 0.12
C GLN A 604 37.53 -19.48 0.88
N VAL A 605 36.47 -19.85 0.15
CA VAL A 605 35.14 -20.01 0.73
C VAL A 605 34.60 -21.38 0.34
N ALA A 606 33.67 -21.87 1.15
CA ALA A 606 32.96 -23.11 0.89
C ALA A 606 31.47 -22.82 0.86
N VAL A 607 30.80 -23.30 -0.18
CA VAL A 607 29.38 -23.04 -0.40
C VAL A 607 28.59 -24.29 -0.06
N LEU A 608 27.55 -24.14 0.76
CA LEU A 608 26.67 -25.22 1.14
C LEU A 608 25.29 -24.97 0.54
N TYR A 609 24.81 -25.92 -0.25
CA TYR A 609 23.48 -25.86 -0.82
C TYR A 609 22.52 -26.66 0.04
N GLN A 610 21.65 -25.95 0.77
CA GLN A 610 20.84 -26.53 1.83
C GLN A 610 19.66 -27.29 1.24
N GLY A 611 19.46 -28.52 1.71
CA GLY A 611 18.30 -29.32 1.39
C GLY A 611 18.10 -29.64 -0.08
N VAL A 612 19.19 -29.99 -0.77
CA VAL A 612 19.12 -30.34 -2.18
C VAL A 612 20.13 -31.45 -2.47
N ASN A 613 19.77 -32.33 -3.41
CA ASN A 613 20.64 -33.41 -3.82
C ASN A 613 21.86 -32.89 -4.56
N CYS A 614 23.00 -33.54 -4.32
CA CYS A 614 24.25 -33.15 -4.96
C CYS A 614 24.26 -33.44 -6.45
N THR A 615 23.64 -34.54 -6.87
CA THR A 615 23.52 -34.84 -8.30
C THR A 615 22.62 -33.83 -9.00
N GLU A 616 21.68 -33.24 -8.26
CA GLU A 616 20.70 -32.35 -8.87
C GLU A 616 21.33 -31.02 -9.28
N VAL A 617 22.35 -30.57 -8.57
CA VAL A 617 22.94 -29.25 -8.79
C VAL A 617 24.10 -29.38 -9.78
N PRO A 618 24.02 -28.78 -10.97
CA PRO A 618 25.23 -28.53 -11.75
C PRO A 618 25.83 -27.18 -11.41
N VAL A 619 26.87 -26.76 -12.13
CA VAL A 619 27.41 -25.42 -11.94
C VAL A 619 26.49 -24.37 -12.55
N ALA A 620 25.42 -24.81 -13.22
CA ALA A 620 24.54 -23.86 -13.90
C ALA A 620 23.61 -23.16 -12.92
N ILE A 621 23.50 -23.69 -11.69
CA ILE A 621 22.62 -23.09 -10.70
C ILE A 621 23.23 -21.81 -10.16
N GLN A 625 18.75 -20.20 -14.61
CA GLN A 625 18.69 -20.65 -13.23
C GLN A 625 18.80 -19.43 -12.32
N LEU A 626 18.68 -19.61 -11.01
CA LEU A 626 18.91 -18.53 -10.07
C LEU A 626 20.32 -18.63 -9.51
N THR A 627 20.86 -17.48 -9.10
CA THR A 627 22.27 -17.28 -8.81
C THR A 627 23.20 -18.15 -9.68
N PRO A 628 23.14 -18.01 -11.01
CA PRO A 628 24.12 -18.70 -11.86
C PRO A 628 25.37 -17.89 -12.11
N THR A 629 25.46 -16.68 -11.54
CA THR A 629 26.63 -15.83 -11.76
C THR A 629 27.89 -16.48 -11.23
N TRP A 630 27.81 -17.13 -10.06
CA TRP A 630 28.95 -17.82 -9.51
C TRP A 630 29.32 -19.00 -10.40
N ARG A 631 30.63 -19.26 -10.53
CA ARG A 631 31.08 -20.43 -11.27
C ARG A 631 30.70 -21.73 -10.57
N VAL A 632 30.35 -21.67 -9.28
CA VAL A 632 29.98 -22.84 -8.48
C VAL A 632 31.17 -23.81 -8.48
N TYR A 633 32.38 -23.24 -8.58
CA TYR A 633 33.64 -24.01 -8.63
C TYR A 633 33.50 -25.06 -9.72
N SER A 634 33.78 -26.34 -9.44
CA SER A 634 33.64 -27.39 -10.43
C SER A 634 33.49 -28.72 -9.70
N THR A 635 33.15 -29.75 -10.48
CA THR A 635 33.08 -31.09 -9.91
C THR A 635 34.43 -31.54 -9.38
N GLY A 636 35.52 -31.03 -9.95
CA GLY A 636 36.85 -31.33 -9.42
C GLY A 636 37.00 -30.90 -7.97
N SER A 637 36.43 -29.75 -7.62
CA SER A 637 36.36 -29.35 -6.23
C SER A 637 35.54 -30.36 -5.44
N ASN A 638 36.01 -30.71 -4.25
CA ASN A 638 35.39 -31.79 -3.48
C ASN A 638 33.93 -31.47 -3.17
N VAL A 639 33.05 -32.36 -3.60
CA VAL A 639 31.62 -32.21 -3.40
C VAL A 639 31.15 -33.34 -2.50
N PHE A 640 30.58 -32.99 -1.35
CA PHE A 640 30.14 -33.95 -0.36
C PHE A 640 28.65 -33.79 -0.13
N GLN A 641 27.92 -34.91 -0.22
CA GLN A 641 26.49 -34.90 0.03
C GLN A 641 26.22 -35.18 1.49
N THR A 642 25.65 -34.20 2.19
CA THR A 642 25.38 -34.29 3.61
C THR A 642 23.87 -34.27 3.84
N ARG A 643 23.47 -34.61 5.06
CA ARG A 643 22.06 -34.54 5.43
C ARG A 643 21.54 -33.12 5.35
N ALA A 644 22.39 -32.14 5.69
CA ALA A 644 21.99 -30.74 5.54
C ALA A 644 21.79 -30.38 4.08
N GLY A 645 22.64 -30.91 3.20
CA GLY A 645 22.52 -30.62 1.78
C GLY A 645 23.81 -30.93 1.06
N CYS A 646 23.98 -30.26 -0.08
CA CYS A 646 25.16 -30.41 -0.92
C CYS A 646 26.18 -29.34 -0.54
N LEU A 647 27.42 -29.77 -0.29
CA LEU A 647 28.51 -28.88 0.09
C LEU A 647 29.62 -28.96 -0.94
N ILE A 648 30.12 -27.80 -1.36
CA ILE A 648 31.17 -27.71 -2.37
C ILE A 648 32.28 -26.82 -1.82
N GLY A 649 33.53 -27.22 -2.08
CA GLY A 649 34.69 -26.49 -1.63
C GLY A 649 35.38 -27.06 -0.41
N ALA A 650 34.84 -28.13 0.17
CA ALA A 650 35.45 -28.77 1.34
C ALA A 650 35.49 -30.27 1.13
N GLU A 651 36.51 -30.89 1.72
CA GLU A 651 36.72 -32.34 1.61
C GLU A 651 36.44 -32.99 2.95
N TYR A 652 35.62 -34.02 2.95
CA TYR A 652 35.34 -34.75 4.18
C TYR A 652 36.58 -35.52 4.63
N VAL A 653 36.88 -35.45 5.92
CA VAL A 653 38.06 -36.08 6.49
C VAL A 653 37.63 -36.92 7.68
N ASN A 654 38.26 -38.09 7.82
CA ASN A 654 37.84 -39.03 8.87
C ASN A 654 38.34 -38.59 10.23
N ASN A 655 39.43 -37.81 10.27
CA ASN A 655 39.91 -37.27 11.54
C ASN A 655 38.84 -36.37 12.15
N SER A 656 38.54 -36.60 13.42
CA SER A 656 37.47 -35.91 14.10
C SER A 656 38.01 -34.76 14.93
N TYR A 657 37.31 -33.64 14.90
CA TYR A 657 37.77 -32.41 15.55
C TYR A 657 36.60 -31.76 16.28
N GLU A 658 36.92 -30.90 17.23
CA GLU A 658 35.92 -30.07 17.88
C GLU A 658 35.33 -29.10 16.86
N CYS A 659 34.00 -28.96 16.89
CA CYS A 659 33.31 -28.15 15.89
C CYS A 659 33.80 -26.71 15.89
N ASP A 660 34.01 -26.17 14.70
CA ASP A 660 34.40 -24.77 14.52
C ASP A 660 33.30 -23.97 13.86
N ILE A 661 32.80 -24.42 12.71
CA ILE A 661 31.66 -23.81 12.04
C ILE A 661 30.59 -24.88 11.90
N PRO A 662 29.40 -24.70 12.48
CA PRO A 662 28.40 -25.77 12.44
C PRO A 662 27.69 -25.86 11.09
N ILE A 663 28.05 -26.88 10.31
CA ILE A 663 27.32 -27.15 9.07
C ILE A 663 25.94 -27.71 9.37
N GLY A 664 25.83 -28.57 10.35
CA GLY A 664 24.58 -29.20 10.73
C GLY A 664 24.60 -30.71 10.49
N ALA A 665 23.68 -31.38 11.18
CA ALA A 665 23.53 -32.85 11.08
C ALA A 665 24.83 -33.57 11.40
N GLY A 666 25.54 -33.09 12.42
CA GLY A 666 26.77 -33.72 12.86
C GLY A 666 28.00 -33.37 12.06
N ILE A 667 27.89 -32.45 11.10
CA ILE A 667 29.00 -32.06 10.25
C ILE A 667 29.46 -30.66 10.66
N CYS A 668 30.77 -30.48 10.77
CA CYS A 668 31.36 -29.18 11.08
C CYS A 668 32.62 -29.00 10.24
N ALA A 669 32.91 -27.74 9.92
CA ALA A 669 34.00 -27.41 9.00
C ALA A 669 34.94 -26.41 9.65
N SER A 670 36.19 -26.41 9.18
CA SER A 670 37.21 -25.52 9.69
C SER A 670 38.33 -25.39 8.66
N TYR A 671 39.11 -24.32 8.79
CA TYR A 671 40.30 -24.13 7.98
C TYR A 671 41.46 -24.86 8.62
N GLN A 672 42.03 -25.82 7.89
CA GLN A 672 43.05 -26.69 8.47
C GLN A 672 44.11 -27.02 7.43
N THR A 673 45.30 -27.35 7.91
CA THR A 673 46.41 -27.73 7.04
C THR A 673 46.35 -29.22 6.71
N SER A 686 49.22 -24.85 2.70
CA SER A 686 48.49 -26.10 2.55
C SER A 686 47.19 -26.08 3.34
N GLN A 687 46.81 -24.89 3.81
CA GLN A 687 45.56 -24.73 4.53
C GLN A 687 44.38 -24.84 3.57
N SER A 688 43.39 -25.66 3.93
CA SER A 688 42.21 -25.85 3.10
C SER A 688 41.01 -26.07 3.99
N ILE A 689 39.82 -25.82 3.44
CA ILE A 689 38.58 -26.05 4.17
C ILE A 689 38.25 -27.53 4.14
N ILE A 690 38.04 -28.11 5.32
CA ILE A 690 37.74 -29.53 5.45
C ILE A 690 36.44 -29.68 6.24
N ALA A 691 35.77 -30.81 6.02
CA ALA A 691 34.53 -31.14 6.71
C ALA A 691 34.74 -32.41 7.52
N TYR A 692 34.29 -32.39 8.77
CA TYR A 692 34.49 -33.53 9.66
C TYR A 692 33.24 -33.74 10.51
N THR A 693 33.08 -34.99 10.94
CA THR A 693 32.08 -35.31 11.96
C THR A 693 32.64 -34.93 13.32
N MET A 694 31.98 -34.00 14.00
CA MET A 694 32.55 -33.41 15.21
C MET A 694 32.66 -34.46 16.31
N SER A 695 33.64 -34.25 17.19
CA SER A 695 33.81 -35.10 18.36
C SER A 695 32.99 -34.55 19.52
N LEU A 696 32.18 -35.41 20.14
CA LEU A 696 31.45 -35.00 21.33
C LEU A 696 32.40 -34.66 22.46
N GLY A 697 33.54 -35.35 22.51
CA GLY A 697 34.52 -35.09 23.54
C GLY A 697 35.48 -36.26 23.65
N ALA A 698 36.44 -36.12 24.56
CA ALA A 698 37.36 -37.21 24.84
C ALA A 698 36.62 -38.39 25.45
N GLU A 699 37.11 -39.58 25.15
CA GLU A 699 36.53 -40.82 25.67
C GLU A 699 37.36 -41.32 26.84
N ASN A 700 36.76 -41.39 28.02
CA ASN A 700 37.43 -41.83 29.22
C ASN A 700 36.64 -42.95 29.87
N SER A 701 37.36 -43.98 30.33
CA SER A 701 36.75 -45.12 30.98
C SER A 701 37.15 -45.12 32.46
N VAL A 702 36.15 -45.18 33.33
CA VAL A 702 36.36 -45.19 34.77
C VAL A 702 36.11 -46.61 35.27
N ALA A 703 37.12 -47.19 35.92
CA ALA A 703 37.05 -48.58 36.36
C ALA A 703 36.18 -48.71 37.59
N TYR A 704 35.07 -49.45 37.47
CA TYR A 704 34.15 -49.67 38.57
C TYR A 704 34.32 -51.10 39.09
N SER A 705 34.45 -51.23 40.41
CA SER A 705 34.50 -52.53 41.07
C SER A 705 33.81 -52.41 42.42
N ASN A 706 33.54 -53.57 43.03
CA ASN A 706 32.95 -53.56 44.37
C ASN A 706 33.85 -52.84 45.37
N ASN A 707 35.16 -52.92 45.18
CA ASN A 707 36.12 -52.61 46.23
C ASN A 707 36.86 -51.29 45.99
N SER A 708 36.95 -50.83 44.76
CA SER A 708 37.79 -49.69 44.39
C SER A 708 37.10 -48.39 44.76
N ILE A 709 37.83 -47.49 45.41
CA ILE A 709 37.36 -46.16 45.75
C ILE A 709 38.50 -45.17 45.52
N ALA A 710 38.16 -43.99 45.00
CA ALA A 710 39.14 -42.94 44.73
C ALA A 710 38.88 -41.77 45.67
N ILE A 711 39.93 -41.36 46.39
CA ILE A 711 39.86 -40.24 47.32
C ILE A 711 40.87 -39.19 46.86
N PRO A 712 40.45 -37.96 46.62
CA PRO A 712 41.41 -36.92 46.21
C PRO A 712 42.42 -36.65 47.31
N THR A 713 43.65 -36.32 46.88
CA THR A 713 44.72 -35.99 47.80
C THR A 713 45.16 -34.53 47.70
N ASN A 714 44.71 -33.80 46.68
CA ASN A 714 45.01 -32.38 46.57
C ASN A 714 43.82 -31.66 45.97
N PHE A 715 43.84 -30.34 46.07
CA PHE A 715 42.75 -29.49 45.61
C PHE A 715 43.31 -28.29 44.85
N THR A 716 42.54 -27.84 43.86
CA THR A 716 42.87 -26.64 43.09
C THR A 716 41.72 -25.65 43.24
N ILE A 717 42.05 -24.45 43.74
CA ILE A 717 41.08 -23.37 43.87
C ILE A 717 40.99 -22.66 42.52
N SER A 718 39.82 -22.73 41.88
CA SER A 718 39.63 -22.17 40.56
C SER A 718 38.64 -21.02 40.62
N VAL A 719 38.92 -19.98 39.83
CA VAL A 719 38.05 -18.82 39.73
C VAL A 719 37.54 -18.75 38.30
N THR A 720 36.21 -18.77 38.14
CA THR A 720 35.57 -18.75 36.84
C THR A 720 34.72 -17.50 36.72
N THR A 721 34.52 -17.05 35.49
CA THR A 721 33.80 -15.81 35.21
C THR A 721 32.46 -16.15 34.58
N GLU A 722 31.40 -15.56 35.12
CA GLU A 722 30.06 -15.66 34.55
C GLU A 722 29.57 -14.26 34.21
N ILE A 723 29.08 -14.08 32.99
CA ILE A 723 28.63 -12.79 32.49
C ILE A 723 27.15 -12.90 32.17
N LEU A 724 26.36 -11.99 32.74
CA LEU A 724 24.91 -11.99 32.59
C LEU A 724 24.44 -10.59 32.23
N PRO A 725 23.75 -10.42 31.09
CA PRO A 725 23.15 -9.11 30.80
C PRO A 725 22.11 -8.73 31.84
N VAL A 726 22.10 -7.46 32.21
CA VAL A 726 21.18 -6.96 33.23
C VAL A 726 20.21 -5.93 32.70
N SER A 727 20.59 -5.14 31.69
CA SER A 727 19.73 -4.08 31.19
C SER A 727 20.08 -3.77 29.75
N MET A 728 19.13 -3.13 29.06
CA MET A 728 19.31 -2.68 27.70
C MET A 728 19.06 -1.18 27.64
N THR A 729 19.47 -0.56 26.53
CA THR A 729 19.29 0.87 26.37
C THR A 729 17.81 1.24 26.36
N LYS A 730 17.44 2.22 27.18
CA LYS A 730 16.08 2.70 27.21
C LYS A 730 15.87 3.68 26.06
N THR A 731 14.99 3.31 25.13
CA THR A 731 14.78 4.06 23.90
C THR A 731 13.37 4.65 23.89
N SER A 732 13.28 5.92 23.51
CA SER A 732 12.00 6.60 23.30
C SER A 732 11.98 7.15 21.89
N VAL A 733 10.84 7.00 21.21
CA VAL A 733 10.70 7.39 19.81
C VAL A 733 9.58 8.41 19.69
N ASP A 734 9.89 9.54 19.05
CA ASP A 734 8.87 10.53 18.73
C ASP A 734 8.11 10.03 17.49
N CYS A 735 6.88 9.57 17.71
CA CYS A 735 6.14 8.89 16.65
C CYS A 735 5.89 9.78 15.45
N THR A 736 5.43 11.03 15.69
CA THR A 736 5.00 11.91 14.61
C THR A 736 6.11 12.19 13.61
N MET A 737 7.31 12.55 14.10
CA MET A 737 8.36 12.99 13.19
C MET A 737 9.20 11.80 12.75
N TYR A 738 8.97 10.61 13.32
CA TYR A 738 9.37 9.39 12.62
C TYR A 738 8.52 9.18 11.37
N ILE A 739 7.21 9.33 11.51
CA ILE A 739 6.31 9.13 10.38
C ILE A 739 6.59 10.15 9.28
N CYS A 740 6.80 11.41 9.68
CA CYS A 740 6.91 12.50 8.73
C CYS A 740 7.46 13.72 9.46
N GLY A 741 8.41 14.39 8.81
CA GLY A 741 9.09 15.52 9.40
C GLY A 741 8.74 16.82 8.72
N ASP A 742 8.31 17.82 9.51
CA ASP A 742 7.85 19.11 9.00
C ASP A 742 6.70 18.96 8.01
N SER A 743 5.91 17.90 8.14
CA SER A 743 4.82 17.60 7.22
C SER A 743 3.50 17.97 7.90
N THR A 744 3.08 19.23 7.71
CA THR A 744 1.84 19.69 8.32
C THR A 744 0.64 18.88 7.83
N GLU A 745 0.64 18.51 6.54
CA GLU A 745 -0.44 17.69 6.01
C GLU A 745 -0.49 16.33 6.70
N CYS A 746 0.69 15.73 6.92
CA CYS A 746 0.75 14.38 7.48
C CYS A 746 0.20 14.35 8.90
N SER A 747 0.37 15.44 9.66
CA SER A 747 -0.20 15.50 10.99
C SER A 747 -1.71 15.31 10.96
N ASN A 748 -2.37 15.78 9.89
CA ASN A 748 -3.81 15.60 9.76
C ASN A 748 -4.16 14.13 9.57
N LEU A 749 -3.51 13.44 8.64
CA LEU A 749 -3.81 12.03 8.43
C LEU A 749 -3.40 11.19 9.64
N LEU A 750 -2.25 11.51 10.25
CA LEU A 750 -1.81 10.75 11.42
C LEU A 750 -2.79 10.88 12.57
N LEU A 751 -3.29 12.09 12.81
CA LEU A 751 -4.36 12.27 13.80
C LEU A 751 -5.63 11.53 13.36
N GLN A 752 -5.95 11.59 12.07
CA GLN A 752 -7.12 10.89 11.55
C GLN A 752 -6.92 9.37 11.63
N TYR A 753 -5.69 8.90 11.40
CA TYR A 753 -5.44 7.46 11.36
C TYR A 753 -5.76 6.81 12.69
N GLY A 754 -5.40 7.46 13.79
CA GLY A 754 -5.73 6.94 15.11
C GLY A 754 -4.76 7.46 16.14
N SER A 755 -4.88 6.89 17.34
CA SER A 755 -4.01 7.21 18.46
C SER A 755 -2.92 6.17 18.65
N PHE A 756 -2.44 5.56 17.57
CA PHE A 756 -1.47 4.48 17.67
C PHE A 756 -0.21 4.92 18.40
N CYS A 757 0.09 6.23 18.35
CA CYS A 757 1.30 6.73 18.99
C CYS A 757 1.26 6.54 20.50
N THR A 758 0.07 6.66 21.10
CA THR A 758 -0.04 6.60 22.56
C THR A 758 0.39 5.23 23.09
N GLN A 759 -0.04 4.15 22.44
CA GLN A 759 0.33 2.82 22.92
C GLN A 759 1.82 2.54 22.72
N LEU A 760 2.36 2.94 21.56
CA LEU A 760 3.79 2.75 21.34
C LEU A 760 4.63 3.54 22.34
N LYS A 761 4.23 4.77 22.63
CA LYS A 761 4.92 5.54 23.67
C LYS A 761 4.75 4.88 25.03
N ARG A 762 3.54 4.39 25.33
CA ARG A 762 3.31 3.71 26.60
C ARG A 762 4.09 2.40 26.68
N ALA A 763 4.08 1.61 25.60
CA ALA A 763 4.80 0.34 25.60
C ALA A 763 6.29 0.55 25.75
N LEU A 764 6.86 1.54 25.05
CA LEU A 764 8.27 1.84 25.21
C LEU A 764 8.57 2.35 26.62
N THR A 765 7.66 3.15 27.18
CA THR A 765 7.85 3.65 28.54
C THR A 765 7.90 2.51 29.55
N GLY A 766 7.01 1.52 29.40
CA GLY A 766 7.04 0.36 30.29
C GLY A 766 8.36 -0.38 30.23
N ILE A 767 8.92 -0.51 29.02
CA ILE A 767 10.23 -1.15 28.87
C ILE A 767 11.31 -0.32 29.56
N ALA A 768 11.27 1.00 29.36
CA ALA A 768 12.29 1.87 29.96
C ALA A 768 12.23 1.84 31.49
N VAL A 769 11.02 1.90 32.05
CA VAL A 769 10.87 1.84 33.50
C VAL A 769 11.36 0.49 34.04
N GLU A 770 11.02 -0.59 33.33
CA GLU A 770 11.42 -1.92 33.77
C GLU A 770 12.94 -2.08 33.73
N GLN A 771 13.60 -1.45 32.75
CA GLN A 771 15.05 -1.57 32.64
C GLN A 771 15.76 -1.01 33.87
N ASP A 772 15.30 0.14 34.36
CA ASP A 772 15.89 0.72 35.56
C ASP A 772 15.59 -0.15 36.78
N LYS A 773 14.43 -0.81 36.79
CA LYS A 773 14.11 -1.72 37.88
C LYS A 773 15.07 -2.90 37.93
N ASN A 774 15.42 -3.45 36.77
CA ASN A 774 16.26 -4.65 36.73
C ASN A 774 17.60 -4.41 37.41
N THR A 775 18.27 -3.30 37.08
CA THR A 775 19.54 -3.00 37.74
C THR A 775 19.37 -2.78 39.23
N GLN A 776 18.23 -2.24 39.64
CA GLN A 776 17.98 -1.99 41.05
C GLN A 776 17.91 -3.28 41.85
N GLU A 777 17.17 -4.28 41.35
CA GLU A 777 17.04 -5.54 42.08
C GLU A 777 18.35 -6.30 42.14
N VAL A 778 19.12 -6.27 41.05
CA VAL A 778 20.37 -7.02 41.02
C VAL A 778 21.41 -6.41 41.94
N PHE A 779 21.52 -5.08 41.94
CA PHE A 779 22.64 -4.44 42.63
C PHE A 779 22.25 -3.96 44.02
N ALA A 780 21.08 -3.33 44.16
CA ALA A 780 20.68 -2.75 45.45
C ALA A 780 20.09 -3.80 46.38
N GLN A 781 20.82 -4.90 46.58
CA GLN A 781 20.38 -5.91 47.53
C GLN A 781 20.63 -5.48 48.97
N VAL A 782 21.77 -4.84 49.22
CA VAL A 782 22.17 -4.44 50.57
C VAL A 782 21.84 -2.96 50.75
N LYS A 783 21.12 -2.66 51.83
CA LYS A 783 20.70 -1.28 52.07
C LYS A 783 21.85 -0.42 52.59
N GLN A 784 22.77 -1.01 53.36
CA GLN A 784 23.82 -0.25 54.03
C GLN A 784 25.08 -0.26 53.17
N ILE A 785 25.57 0.93 52.81
CA ILE A 785 26.82 1.03 52.07
C ILE A 785 27.98 0.70 53.01
N TYR A 786 28.81 -0.25 52.58
CA TYR A 786 29.92 -0.74 53.39
C TYR A 786 31.24 -0.28 52.78
N LYS A 787 32.13 0.18 53.66
CA LYS A 787 33.43 0.71 53.25
C LYS A 787 34.51 -0.32 53.55
N THR A 788 35.45 -0.45 52.61
CA THR A 788 36.53 -1.42 52.78
C THR A 788 37.44 -1.00 53.92
N PRO A 789 37.97 -1.94 54.70
CA PRO A 789 38.87 -1.57 55.78
C PRO A 789 40.13 -0.92 55.25
N PRO A 790 40.69 0.06 55.97
CA PRO A 790 41.98 0.65 55.54
C PRO A 790 43.09 -0.38 55.45
N ILE A 791 43.07 -1.39 56.33
CA ILE A 791 44.05 -2.46 56.26
C ILE A 791 43.64 -3.45 55.18
N LYS A 792 44.58 -3.74 54.27
CA LYS A 792 44.32 -4.65 53.15
C LYS A 792 44.90 -6.03 53.36
N TYR A 793 45.39 -6.35 54.55
CA TYR A 793 45.85 -7.70 54.85
C TYR A 793 44.66 -8.56 55.25
N PHE A 794 44.50 -9.70 54.58
CA PHE A 794 43.37 -10.61 54.80
C PHE A 794 43.91 -12.03 54.90
N GLY A 795 44.97 -12.20 55.69
CA GLY A 795 45.60 -13.49 55.84
C GLY A 795 46.30 -14.01 54.61
N GLY A 796 46.94 -13.14 53.83
CA GLY A 796 47.61 -13.54 52.61
C GLY A 796 46.76 -13.45 51.37
N PHE A 797 45.43 -13.38 51.51
CA PHE A 797 44.56 -13.24 50.36
C PHE A 797 44.66 -11.83 49.80
N ASN A 798 44.88 -11.74 48.50
CA ASN A 798 45.10 -10.46 47.82
C ASN A 798 43.87 -10.14 46.99
N PHE A 799 43.22 -9.02 47.30
CA PHE A 799 41.98 -8.60 46.65
C PHE A 799 42.14 -7.31 45.86
N SER A 800 43.37 -6.92 45.54
CA SER A 800 43.60 -5.63 44.89
C SER A 800 42.91 -5.53 43.54
N GLN A 801 42.91 -6.63 42.77
CA GLN A 801 42.32 -6.59 41.44
C GLN A 801 40.81 -6.34 41.51
N ILE A 802 40.12 -6.96 42.47
CA ILE A 802 38.68 -6.85 42.53
C ILE A 802 38.25 -5.67 43.39
N LEU A 803 39.12 -5.18 44.25
CA LEU A 803 38.81 -4.03 45.08
C LEU A 803 38.88 -2.74 44.26
N PRO A 804 38.04 -1.75 44.57
CA PRO A 804 38.11 -0.47 43.86
C PRO A 804 39.45 0.21 44.07
N ASP A 805 39.91 0.91 43.02
CA ASP A 805 41.22 1.54 43.02
C ASP A 805 41.08 3.03 43.26
N PRO A 806 41.54 3.56 44.40
CA PRO A 806 41.45 5.01 44.63
C PRO A 806 42.24 5.84 43.62
N SER A 807 43.36 5.31 43.14
CA SER A 807 44.19 6.07 42.21
C SER A 807 43.47 6.33 40.89
N LYS A 808 42.74 5.32 40.39
CA LYS A 808 42.02 5.48 39.13
C LYS A 808 40.92 6.52 39.30
N PRO A 809 40.71 7.41 38.30
CA PRO A 809 39.69 8.46 38.45
C PRO A 809 38.32 7.93 38.82
N SER A 810 37.75 7.03 38.01
CA SER A 810 36.52 6.37 38.41
C SER A 810 36.81 5.33 39.48
N LYS A 811 35.99 5.32 40.54
CA LYS A 811 36.24 4.47 41.70
C LYS A 811 35.90 3.03 41.31
N ARG A 812 36.77 2.45 40.49
CA ARG A 812 36.53 1.15 39.89
C ARG A 812 37.72 0.24 40.13
N SER A 813 37.45 -1.07 40.15
CA SER A 813 38.52 -2.04 40.30
C SER A 813 39.30 -2.17 38.99
N PRO A 814 40.56 -2.62 39.07
CA PRO A 814 41.32 -2.88 37.84
C PRO A 814 40.62 -3.83 36.89
N ILE A 815 39.94 -4.85 37.40
CA ILE A 815 39.16 -5.74 36.55
C ILE A 815 37.99 -4.98 35.92
N GLU A 816 37.31 -4.16 36.72
CA GLU A 816 36.17 -3.41 36.20
C GLU A 816 36.60 -2.43 35.11
N ASP A 817 37.73 -1.75 35.31
CA ASP A 817 38.23 -0.85 34.29
C ASP A 817 38.58 -1.61 33.01
N LEU A 818 39.18 -2.79 33.13
CA LEU A 818 39.46 -3.61 31.97
C LEU A 818 38.16 -4.06 31.30
N LEU A 819 37.15 -4.43 32.08
CA LEU A 819 35.87 -4.85 31.52
C LEU A 819 35.21 -3.73 30.74
N PHE A 820 35.27 -2.51 31.27
CA PHE A 820 34.67 -1.37 30.58
C PHE A 820 35.33 -1.11 29.23
N ASN A 821 36.66 -1.16 29.18
CA ASN A 821 37.36 -0.86 27.94
C ASN A 821 37.11 -1.91 26.88
N LYS A 822 36.94 -3.16 27.28
CA LYS A 822 36.66 -4.23 26.31
C LYS A 822 35.31 -4.01 25.64
N VAL A 823 34.33 -3.49 26.39
CA VAL A 823 32.98 -3.30 25.88
C VAL A 823 32.74 -1.88 25.39
N THR A 824 33.65 -0.94 25.72
CA THR A 824 33.42 0.46 25.38
C THR A 824 33.39 0.71 23.87
N LEU A 825 33.79 -0.27 23.06
CA LEU A 825 33.69 -0.12 21.61
C LEU A 825 32.25 0.14 21.18
N ALA A 826 31.29 -0.33 21.97
CA ALA A 826 29.88 -0.07 21.73
C ALA A 826 29.35 0.81 22.85
N ASP A 827 28.90 2.01 22.51
CA ASP A 827 28.39 2.96 23.50
C ASP A 827 27.57 4.06 22.84
N ILE A 831 26.38 11.95 24.52
CA ILE A 831 26.67 13.17 23.76
C ILE A 831 25.65 14.26 24.15
N LYS A 832 25.72 14.67 25.41
CA LYS A 832 24.82 15.71 25.90
C LYS A 832 25.13 17.05 25.26
N GLN A 833 26.39 17.27 24.86
CA GLN A 833 26.75 18.49 24.15
C GLN A 833 26.05 18.58 22.80
N TYR A 834 25.94 17.43 22.11
CA TYR A 834 25.43 17.34 20.73
C TYR A 834 25.92 18.50 19.86
N GLY A 835 27.23 18.78 19.97
CA GLY A 835 27.81 19.88 19.22
C GLY A 835 27.65 19.72 17.72
N ASP A 836 27.80 18.49 17.22
CA ASP A 836 27.60 18.24 15.80
C ASP A 836 26.13 18.37 15.43
N CYS A 837 25.24 18.24 16.41
CA CYS A 837 23.84 17.90 16.17
C CYS A 837 22.93 18.79 16.99
N LEU A 838 22.56 19.94 16.43
CA LEU A 838 21.69 20.89 17.12
C LEU A 838 20.51 21.29 16.25
N ASP A 845 28.75 9.93 15.67
CA ASP A 845 27.67 10.60 14.96
C ASP A 845 26.50 9.65 14.72
N LEU A 846 26.71 8.38 15.05
CA LEU A 846 25.64 7.39 14.91
C LEU A 846 24.46 7.71 15.81
N ILE A 847 24.71 8.39 16.94
CA ILE A 847 23.62 8.76 17.84
C ILE A 847 22.68 9.74 17.16
N CYS A 848 23.24 10.72 16.44
CA CYS A 848 22.38 11.70 15.77
C CYS A 848 21.55 11.06 14.67
N ALA A 849 22.09 10.06 13.98
CA ALA A 849 21.30 9.36 12.97
C ALA A 849 20.02 8.79 13.59
N GLN A 850 20.01 8.64 14.92
CA GLN A 850 18.80 8.21 15.60
C GLN A 850 17.95 9.42 16.06
N LYS A 851 18.60 10.44 16.64
CA LYS A 851 17.81 11.58 17.13
C LYS A 851 17.35 12.47 15.97
N PHE A 852 18.11 12.50 14.86
CA PHE A 852 17.62 13.17 13.67
C PHE A 852 16.30 12.54 13.20
N LYS A 853 16.09 11.27 13.53
CA LYS A 853 14.82 10.63 13.24
C LYS A 853 13.94 10.52 14.49
N GLY A 854 14.50 10.80 15.66
CA GLY A 854 13.79 10.79 16.93
C GLY A 854 14.12 9.64 17.86
N LEU A 855 14.81 8.60 17.39
CA LEU A 855 15.15 7.48 18.25
C LEU A 855 16.16 7.93 19.30
N THR A 856 15.71 8.04 20.54
CA THR A 856 16.50 8.70 21.57
C THR A 856 16.82 7.71 22.68
N VAL A 857 18.03 7.85 23.22
CA VAL A 857 18.51 7.02 24.32
C VAL A 857 18.34 7.78 25.63
N LEU A 858 17.66 7.16 26.59
CA LEU A 858 17.44 7.77 27.89
C LEU A 858 18.52 7.33 28.85
N PRO A 859 19.22 8.24 29.51
CA PRO A 859 20.30 7.85 30.43
C PRO A 859 19.75 7.01 31.57
N PRO A 860 20.50 6.00 32.00
CA PRO A 860 20.04 5.18 33.13
C PRO A 860 19.89 6.01 34.39
N LEU A 861 18.92 5.62 35.22
CA LEU A 861 18.70 6.31 36.48
C LEU A 861 19.92 6.22 37.39
N LEU A 862 20.54 5.04 37.45
CA LEU A 862 21.74 4.81 38.23
C LEU A 862 22.96 4.91 37.32
N THR A 863 23.85 5.85 37.61
CA THR A 863 25.07 5.96 36.81
C THR A 863 26.07 4.89 37.22
N ASP A 864 27.14 4.78 36.42
CA ASP A 864 28.12 3.73 36.66
C ASP A 864 28.80 3.88 38.01
N GLU A 865 29.10 5.12 38.42
CA GLU A 865 29.73 5.34 39.73
C GLU A 865 28.84 4.83 40.85
N MET A 866 27.53 5.09 40.76
CA MET A 866 26.61 4.59 41.78
C MET A 866 26.57 3.06 41.78
N ILE A 867 26.58 2.46 40.59
CA ILE A 867 26.66 1.00 40.48
C ILE A 867 27.99 0.51 41.04
N ALA A 868 29.08 1.21 40.74
CA ALA A 868 30.39 0.84 41.28
C ALA A 868 30.41 0.93 42.79
N GLN A 869 29.72 1.93 43.36
CA GLN A 869 29.61 2.02 44.81
C GLN A 869 28.87 0.83 45.38
N TYR A 870 27.80 0.40 44.70
CA TYR A 870 27.06 -0.79 45.16
C TYR A 870 27.93 -2.03 45.13
N THR A 871 28.71 -2.22 44.05
CA THR A 871 29.57 -3.40 43.96
C THR A 871 30.65 -3.39 45.03
N SER A 872 31.25 -2.23 45.28
CA SER A 872 32.26 -2.13 46.35
C SER A 872 31.65 -2.44 47.70
N ALA A 873 30.43 -1.96 47.95
CA ALA A 873 29.75 -2.26 49.21
C ALA A 873 29.51 -3.76 49.35
N LEU A 874 29.09 -4.41 48.26
CA LEU A 874 28.92 -5.86 48.30
C LEU A 874 30.27 -6.56 48.53
N LEU A 875 31.33 -6.04 47.91
CA LEU A 875 32.67 -6.60 48.14
C LEU A 875 33.07 -6.47 49.60
N ALA A 876 32.82 -5.30 50.20
CA ALA A 876 33.22 -5.08 51.59
C ALA A 876 32.49 -6.02 52.53
N GLY A 877 31.19 -6.24 52.30
CA GLY A 877 30.44 -7.12 53.17
C GLY A 877 30.92 -8.55 53.14
N THR A 878 31.23 -9.07 51.96
CA THR A 878 31.66 -10.45 51.84
C THR A 878 33.01 -10.68 52.52
N ILE A 879 33.96 -9.77 52.32
CA ILE A 879 35.28 -9.92 52.93
C ILE A 879 35.20 -9.77 54.45
N THR A 880 34.42 -8.79 54.92
CA THR A 880 34.44 -8.48 56.35
C THR A 880 33.46 -9.36 57.13
N SER A 881 32.27 -9.60 56.57
CA SER A 881 31.22 -10.27 57.32
C SER A 881 30.75 -11.59 56.73
N GLY A 882 31.17 -11.93 55.51
CA GLY A 882 30.72 -13.18 54.92
C GLY A 882 29.23 -13.18 54.66
N TRP A 883 28.55 -14.25 55.09
CA TRP A 883 27.13 -14.39 54.81
C TRP A 883 26.28 -13.58 55.78
N THR A 884 26.86 -13.15 56.91
CA THR A 884 26.07 -12.54 57.97
C THR A 884 25.48 -11.20 57.53
N PHE A 885 26.22 -10.43 56.73
CA PHE A 885 25.74 -9.11 56.33
C PHE A 885 24.48 -9.21 55.48
N GLY A 886 24.36 -10.28 54.69
CA GLY A 886 23.19 -10.42 53.84
C GLY A 886 21.92 -10.69 54.63
N ALA A 887 21.98 -11.66 55.56
CA ALA A 887 20.79 -12.03 56.31
C ALA A 887 20.39 -10.95 57.30
N GLY A 888 21.34 -10.43 58.06
CA GLY A 888 21.06 -9.43 59.05
C GLY A 888 22.17 -8.41 59.18
N PRO A 889 22.34 -7.84 60.37
CA PRO A 889 23.43 -6.87 60.59
C PRO A 889 24.79 -7.51 60.35
N ALA A 890 25.69 -6.72 59.76
CA ALA A 890 27.02 -7.22 59.43
C ALA A 890 27.83 -7.47 60.69
N LEU A 891 28.42 -8.67 60.77
CA LEU A 891 29.24 -9.08 61.91
C LEU A 891 30.64 -9.37 61.41
N GLN A 892 31.63 -8.70 61.99
CA GLN A 892 33.01 -8.88 61.55
C GLN A 892 33.53 -10.26 61.96
N ILE A 893 34.29 -10.86 61.06
CA ILE A 893 34.89 -12.18 61.27
C ILE A 893 36.18 -12.24 60.46
N PRO A 894 37.29 -12.71 61.05
CA PRO A 894 38.54 -12.78 60.28
C PRO A 894 38.40 -13.69 59.07
N PHE A 895 39.03 -13.26 57.98
CA PHE A 895 38.85 -13.96 56.71
C PHE A 895 39.27 -15.43 56.73
N PRO A 896 40.41 -15.82 57.31
CA PRO A 896 40.72 -17.26 57.36
C PRO A 896 39.64 -18.09 58.04
N MET A 897 39.02 -17.58 59.10
CA MET A 897 37.90 -18.30 59.71
C MET A 897 36.72 -18.41 58.74
N GLN A 898 36.42 -17.32 58.02
CA GLN A 898 35.29 -17.33 57.10
C GLN A 898 35.50 -18.33 55.98
N MET A 899 36.71 -18.39 55.41
CA MET A 899 37.01 -19.39 54.39
C MET A 899 37.02 -20.79 55.01
N ALA A 900 37.47 -20.92 56.26
CA ALA A 900 37.38 -22.19 56.96
C ALA A 900 35.93 -22.61 57.16
N TYR A 901 35.06 -21.64 57.46
CA TYR A 901 33.63 -21.94 57.55
C TYR A 901 33.09 -22.45 56.23
N ARG A 902 33.48 -21.82 55.12
CA ARG A 902 33.02 -22.26 53.81
C ARG A 902 33.55 -23.63 53.46
N PHE A 903 34.74 -23.98 53.95
CA PHE A 903 35.27 -25.31 53.75
C PHE A 903 34.39 -26.36 54.41
N ASN A 904 33.85 -26.05 55.59
CA ASN A 904 32.92 -26.96 56.24
C ASN A 904 31.63 -27.10 55.43
N GLY A 905 31.23 -26.05 54.73
CA GLY A 905 30.03 -26.12 53.91
C GLY A 905 30.15 -27.13 52.79
N ILE A 906 31.32 -27.20 52.15
CA ILE A 906 31.54 -28.14 51.05
C ILE A 906 31.83 -29.55 51.53
N GLY A 907 31.92 -29.77 52.84
CA GLY A 907 32.16 -31.09 53.38
C GLY A 907 33.57 -31.38 53.84
N VAL A 908 34.46 -30.39 53.82
CA VAL A 908 35.84 -30.56 54.26
C VAL A 908 36.00 -29.94 55.63
N THR A 909 36.63 -30.67 56.55
CA THR A 909 36.82 -30.18 57.90
C THR A 909 37.66 -28.91 57.90
N GLN A 910 37.36 -28.02 58.85
CA GLN A 910 37.97 -26.69 58.88
C GLN A 910 39.48 -26.75 59.08
N ASN A 911 39.99 -27.86 59.62
CA ASN A 911 41.43 -27.96 59.87
C ASN A 911 42.22 -27.95 58.57
N VAL A 912 41.71 -28.62 57.53
CA VAL A 912 42.46 -28.81 56.29
C VAL A 912 42.90 -27.47 55.71
N LEU A 913 42.02 -26.47 55.76
CA LEU A 913 42.38 -25.14 55.29
C LEU A 913 43.49 -24.54 56.13
N TYR A 914 43.45 -24.75 57.45
CA TYR A 914 44.31 -24.00 58.36
C TYR A 914 45.79 -24.34 58.16
N GLU A 915 46.13 -25.63 58.01
CA GLU A 915 47.53 -25.96 57.78
C GLU A 915 47.97 -25.55 56.38
N ASN A 916 47.07 -25.63 55.40
CA ASN A 916 47.37 -25.28 54.02
C ASN A 916 46.93 -23.87 53.67
N GLN A 917 46.94 -22.96 54.66
CA GLN A 917 46.48 -21.60 54.42
C GLN A 917 47.35 -20.89 53.39
N LYS A 918 48.68 -21.02 53.51
CA LYS A 918 49.57 -20.34 52.58
C LYS A 918 49.39 -20.88 51.15
N LEU A 919 49.26 -22.20 51.01
CA LEU A 919 49.06 -22.78 49.69
C LEU A 919 47.75 -22.32 49.06
N ILE A 920 46.68 -22.26 49.85
CA ILE A 920 45.41 -21.76 49.35
C ILE A 920 45.52 -20.30 48.95
N ALA A 921 46.17 -19.49 49.79
CA ALA A 921 46.33 -18.07 49.48
C ALA A 921 47.11 -17.88 48.18
N ASN A 922 48.20 -18.63 48.00
CA ASN A 922 48.97 -18.54 46.75
C ASN A 922 48.13 -18.99 45.56
N GLN A 923 47.34 -20.06 45.73
CA GLN A 923 46.47 -20.52 44.66
C GLN A 923 45.42 -19.47 44.31
N PHE A 924 44.80 -18.87 45.34
CA PHE A 924 43.74 -17.89 45.08
C PHE A 924 44.31 -16.64 44.43
N ASN A 925 45.44 -16.14 44.93
CA ASN A 925 46.03 -14.92 44.37
C ASN A 925 46.45 -15.13 42.92
N SER A 926 47.05 -16.28 42.62
CA SER A 926 47.42 -16.58 41.23
C SER A 926 46.19 -16.69 40.35
N ALA A 927 45.12 -17.32 40.85
CA ALA A 927 43.93 -17.53 40.04
C ALA A 927 43.30 -16.21 39.62
N ILE A 928 43.31 -15.22 40.53
CA ILE A 928 42.78 -13.91 40.18
C ILE A 928 43.58 -13.28 39.04
N GLY A 929 44.90 -13.43 39.09
CA GLY A 929 45.74 -12.89 38.02
C GLY A 929 45.44 -13.48 36.66
N LYS A 930 45.18 -14.79 36.61
CA LYS A 930 44.89 -15.44 35.34
C LYS A 930 43.60 -14.91 34.72
N ILE A 931 42.67 -14.44 35.57
CA ILE A 931 41.42 -13.89 35.06
C ILE A 931 41.68 -12.63 34.23
N GLN A 932 42.64 -11.80 34.68
CA GLN A 932 42.92 -10.55 33.98
C GLN A 932 43.38 -10.80 32.55
N ASP A 933 44.35 -11.71 32.36
CA ASP A 933 44.82 -11.99 31.01
C ASP A 933 43.80 -12.77 30.21
N SER A 934 43.03 -13.66 30.87
CA SER A 934 41.95 -14.35 30.18
C SER A 934 40.90 -13.36 29.68
N LEU A 935 40.55 -12.38 30.50
CA LEU A 935 39.68 -11.31 30.03
C LEU A 935 40.38 -10.45 29.00
N SER A 936 41.70 -10.27 29.14
CA SER A 936 42.45 -9.49 28.16
C SER A 936 42.46 -10.17 26.80
N SER A 937 42.24 -11.48 26.75
CA SER A 937 42.12 -12.17 25.48
C SER A 937 40.89 -11.69 24.72
N THR A 938 41.08 -11.34 23.46
CA THR A 938 39.98 -10.80 22.66
C THR A 938 38.79 -11.75 22.53
N PRO A 939 38.96 -13.05 22.22
CA PRO A 939 37.81 -13.95 22.29
C PRO A 939 37.33 -14.09 23.73
N SER A 940 36.12 -13.59 23.99
CA SER A 940 35.61 -13.50 25.35
C SER A 940 34.11 -13.77 25.36
N ALA A 941 33.61 -14.11 26.54
CA ALA A 941 32.18 -14.22 26.80
C ALA A 941 31.50 -12.86 26.87
N LEU A 942 32.26 -11.76 26.79
CA LEU A 942 31.70 -10.43 26.74
C LEU A 942 30.85 -10.20 25.50
N GLY A 943 30.96 -11.07 24.49
CA GLY A 943 30.08 -10.97 23.33
C GLY A 943 28.62 -11.05 23.72
N LYS A 944 28.30 -11.85 24.75
CA LYS A 944 26.94 -11.90 25.25
C LYS A 944 26.45 -10.51 25.65
N LEU A 945 27.27 -9.77 26.40
CA LEU A 945 26.96 -8.37 26.66
C LEU A 945 26.99 -7.56 25.37
N GLN A 946 27.96 -7.86 24.49
CA GLN A 946 28.05 -7.15 23.22
C GLN A 946 26.85 -7.44 22.33
N ASP A 947 26.28 -8.64 22.45
CA ASP A 947 25.10 -8.99 21.65
C ASP A 947 23.93 -8.07 21.97
N VAL A 948 23.74 -7.73 23.25
CA VAL A 948 22.65 -6.86 23.64
C VAL A 948 22.76 -5.51 22.92
N VAL A 949 23.96 -4.91 22.95
CA VAL A 949 24.17 -3.64 22.27
C VAL A 949 24.09 -3.80 20.76
N ASN A 950 24.62 -4.91 20.23
CA ASN A 950 24.50 -5.19 18.81
C ASN A 950 23.04 -5.37 18.42
N HIS A 951 22.25 -6.05 19.26
CA HIS A 951 20.82 -6.19 18.99
C HIS A 951 20.13 -4.83 18.99
N ASN A 952 20.47 -3.97 19.94
CA ASN A 952 19.90 -2.62 19.96
C ASN A 952 20.33 -1.83 18.73
N ALA A 953 21.61 -1.91 18.36
CA ALA A 953 22.09 -1.19 17.18
C ALA A 953 21.40 -1.70 15.91
N GLN A 954 21.31 -3.02 15.76
CA GLN A 954 20.71 -3.59 14.55
C GLN A 954 19.25 -3.15 14.41
N ALA A 955 18.50 -3.17 15.51
CA ALA A 955 17.12 -2.70 15.47
C ALA A 955 17.04 -1.22 15.10
N LEU A 956 17.92 -0.39 15.69
CA LEU A 956 17.89 1.03 15.39
C LEU A 956 18.23 1.31 13.93
N ASN A 957 19.22 0.60 13.38
CA ASN A 957 19.52 0.75 11.95
C ASN A 957 18.35 0.29 11.09
N THR A 958 17.70 -0.80 11.48
CA THR A 958 16.59 -1.32 10.69
C THR A 958 15.47 -0.29 10.55
N LEU A 959 15.16 0.42 11.64
CA LEU A 959 14.15 1.47 11.58
C LEU A 959 14.58 2.58 10.63
N VAL A 960 15.87 2.90 10.59
CA VAL A 960 16.37 3.91 9.67
C VAL A 960 16.19 3.45 8.23
N LYS A 961 16.49 2.18 7.94
CA LYS A 961 16.29 1.66 6.59
C LYS A 961 14.83 1.67 6.19
N GLN A 962 13.93 1.38 7.13
CA GLN A 962 12.50 1.35 6.81
C GLN A 962 12.01 2.73 6.36
N LEU A 963 12.69 3.79 6.82
CA LEU A 963 12.39 5.12 6.29
C LEU A 963 12.66 5.19 4.80
N SER A 964 13.83 4.71 4.36
CA SER A 964 14.16 4.70 2.94
C SER A 964 13.38 3.62 2.21
N SER A 965 12.89 2.62 2.94
CA SER A 965 12.04 1.60 2.32
C SER A 965 10.74 2.24 1.85
N LYS A 966 10.39 1.96 0.59
CA LYS A 966 9.24 2.63 -0.02
C LYS A 966 7.93 2.04 0.48
N PHE A 967 7.93 0.77 0.88
CA PHE A 967 6.71 0.02 1.16
C PHE A 967 5.78 0.03 -0.05
N GLY A 968 6.37 0.01 -1.25
CA GLY A 968 5.62 0.10 -2.48
C GLY A 968 5.30 1.51 -2.93
N ALA A 969 5.77 2.54 -2.22
CA ALA A 969 5.45 3.91 -2.59
C ALA A 969 6.19 4.33 -3.85
N ILE A 970 5.67 5.37 -4.50
CA ILE A 970 6.32 5.92 -5.68
C ILE A 970 7.69 6.48 -5.34
N SER A 971 7.77 7.22 -4.23
CA SER A 971 9.03 7.79 -3.76
C SER A 971 9.14 7.60 -2.26
N SER A 972 10.35 7.26 -1.79
CA SER A 972 10.57 7.14 -0.36
C SER A 972 10.45 8.49 0.34
N VAL A 973 10.91 9.56 -0.32
CA VAL A 973 10.86 10.89 0.28
C VAL A 973 9.41 11.36 0.33
N LEU A 974 8.99 11.83 1.50
CA LEU A 974 7.63 12.33 1.65
C LEU A 974 7.41 13.61 0.85
N ASN A 975 8.46 14.43 0.69
CA ASN A 975 8.32 15.69 -0.01
C ASN A 975 7.94 15.47 -1.48
N ASP A 976 8.52 14.46 -2.11
CA ASP A 976 8.16 14.14 -3.49
C ASP A 976 6.70 13.74 -3.61
N ILE A 977 6.18 13.01 -2.61
CA ILE A 977 4.78 12.60 -2.64
C ILE A 977 3.85 13.81 -2.62
N PHE A 978 4.15 14.79 -1.75
CA PHE A 978 3.28 15.94 -1.60
C PHE A 978 3.43 16.91 -2.78
N SER A 979 4.60 16.92 -3.41
CA SER A 979 4.89 17.96 -4.40
C SER A 979 4.34 17.58 -5.78
N ARG A 980 4.79 16.46 -6.34
CA ARG A 980 4.47 16.14 -7.73
C ARG A 980 3.00 15.86 -7.92
N LEU A 981 2.37 15.14 -6.99
CA LEU A 981 1.02 14.65 -7.17
C LEU A 981 0.00 15.66 -6.63
N ASP A 982 -1.21 15.58 -7.19
CA ASP A 982 -2.32 16.39 -6.73
C ASP A 982 -2.80 15.90 -5.36
N PRO A 983 -3.51 16.74 -4.61
CA PRO A 983 -3.97 16.35 -3.27
C PRO A 983 -4.77 15.04 -3.28
N PRO A 984 -5.64 14.80 -4.28
CA PRO A 984 -6.28 13.48 -4.33
C PRO A 984 -5.30 12.33 -4.52
N GLU A 985 -4.36 12.46 -5.47
CA GLU A 985 -3.39 11.41 -5.69
C GLU A 985 -2.39 11.32 -4.55
N ALA A 986 -2.10 12.45 -3.90
CA ALA A 986 -1.14 12.45 -2.81
C ALA A 986 -1.62 11.59 -1.64
N GLU A 987 -2.91 11.64 -1.33
CA GLU A 987 -3.43 10.91 -0.18
C GLU A 987 -3.23 9.41 -0.33
N VAL A 988 -3.49 8.87 -1.52
CA VAL A 988 -3.33 7.43 -1.74
C VAL A 988 -1.88 7.02 -1.55
N GLN A 989 -0.95 7.78 -2.13
CA GLN A 989 0.46 7.48 -1.97
C GLN A 989 0.92 7.72 -0.53
N ILE A 990 0.45 8.80 0.09
CA ILE A 990 0.83 9.09 1.47
C ILE A 990 0.31 8.02 2.42
N ASP A 991 -0.94 7.60 2.25
CA ASP A 991 -1.53 6.62 3.15
C ASP A 991 -0.73 5.31 3.15
N ARG A 992 -0.30 4.86 1.98
CA ARG A 992 0.53 3.66 1.92
C ARG A 992 1.86 3.88 2.65
N LEU A 993 2.40 5.09 2.60
CA LEU A 993 3.63 5.38 3.34
C LEU A 993 3.43 5.31 4.84
N ILE A 994 2.34 5.90 5.34
CA ILE A 994 2.09 5.88 6.79
C ILE A 994 1.88 4.46 7.28
N THR A 995 1.13 3.64 6.54
CA THR A 995 0.90 2.27 6.96
C THR A 995 2.20 1.50 7.05
N GLY A 996 3.08 1.66 6.06
CA GLY A 996 4.38 1.01 6.12
C GLY A 996 5.22 1.48 7.29
N ARG A 997 5.26 2.80 7.52
CA ARG A 997 6.00 3.33 8.66
C ARG A 997 5.42 2.84 9.98
N LEU A 998 4.08 2.79 10.06
CA LEU A 998 3.44 2.32 11.29
C LEU A 998 3.77 0.86 11.56
N GLN A 999 3.76 0.03 10.52
CA GLN A 999 4.08 -1.39 10.70
C GLN A 999 5.50 -1.59 11.19
N SER A 1000 6.45 -0.82 10.66
CA SER A 1000 7.83 -0.93 11.12
C SER A 1000 7.96 -0.55 12.59
N LEU A 1001 7.26 0.50 13.02
CA LEU A 1001 7.28 0.88 14.42
C LEU A 1001 6.66 -0.20 15.30
N GLN A 1002 5.54 -0.78 14.86
CA GLN A 1002 4.90 -1.84 15.64
C GLN A 1002 5.80 -3.06 15.75
N THR A 1003 6.45 -3.45 14.64
CA THR A 1003 7.36 -4.59 14.70
C THR A 1003 8.54 -4.31 15.62
N TYR A 1004 9.07 -3.09 15.59
CA TYR A 1004 10.16 -2.73 16.48
C TYR A 1004 9.75 -2.83 17.94
N VAL A 1005 8.59 -2.28 18.28
CA VAL A 1005 8.10 -2.35 19.66
C VAL A 1005 7.81 -3.79 20.05
N THR A 1006 7.19 -4.56 19.16
CA THR A 1006 6.92 -5.96 19.45
C THR A 1006 8.21 -6.74 19.63
N GLN A 1007 9.20 -6.50 18.76
CA GLN A 1007 10.50 -7.15 18.91
C GLN A 1007 11.20 -6.68 20.17
N GLN A 1008 11.11 -5.39 20.48
CA GLN A 1008 11.73 -4.86 21.70
C GLN A 1008 11.11 -5.48 22.94
N LEU A 1009 9.79 -5.67 22.94
CA LEU A 1009 9.13 -6.29 24.08
C LEU A 1009 9.62 -7.71 24.31
N ILE A 1010 9.77 -8.48 23.23
CA ILE A 1010 10.28 -9.85 23.35
C ILE A 1010 11.71 -9.83 23.86
N ARG A 1011 12.55 -8.95 23.32
CA ARG A 1011 13.93 -8.86 23.80
C ARG A 1011 13.99 -8.39 25.24
N ALA A 1012 13.11 -7.45 25.62
CA ALA A 1012 13.09 -6.97 27.00
C ALA A 1012 12.73 -8.10 27.97
N ALA A 1013 11.84 -9.01 27.56
CA ALA A 1013 11.50 -10.14 28.41
C ALA A 1013 12.71 -11.03 28.66
N GLU A 1014 13.52 -11.26 27.62
CA GLU A 1014 14.72 -12.07 27.79
C GLU A 1014 15.69 -11.44 28.78
N ILE A 1015 15.86 -10.12 28.71
CA ILE A 1015 16.71 -9.42 29.67
C ILE A 1015 16.12 -9.54 31.08
N ARG A 1016 14.79 -9.47 31.18
CA ARG A 1016 14.15 -9.61 32.49
C ARG A 1016 14.41 -11.00 33.07
N ALA A 1017 14.33 -12.04 32.25
CA ALA A 1017 14.68 -13.38 32.72
C ALA A 1017 16.14 -13.45 33.13
N SER A 1018 17.04 -12.83 32.35
CA SER A 1018 18.44 -12.77 32.74
C SER A 1018 18.62 -11.96 34.02
N ALA A 1019 17.92 -10.84 34.14
CA ALA A 1019 18.03 -10.01 35.33
C ALA A 1019 17.57 -10.76 36.57
N ASN A 1020 16.45 -11.49 36.47
CA ASN A 1020 15.99 -12.29 37.60
C ASN A 1020 16.99 -13.39 37.93
N LEU A 1021 17.56 -14.03 36.92
CA LEU A 1021 18.61 -15.01 37.15
C LEU A 1021 19.84 -14.36 37.80
N ALA A 1022 20.23 -13.18 37.31
CA ALA A 1022 21.36 -12.47 37.90
C ALA A 1022 21.08 -12.08 39.35
N ALA A 1023 19.88 -11.58 39.62
CA ALA A 1023 19.52 -11.22 41.00
C ALA A 1023 19.54 -12.45 41.91
N THR A 1024 19.04 -13.59 41.42
CA THR A 1024 19.10 -14.82 42.19
C THR A 1024 20.54 -15.24 42.42
N LYS A 1025 21.39 -15.13 41.39
CA LYS A 1025 22.81 -15.44 41.56
C LYS A 1025 23.47 -14.48 42.54
N MET A 1026 23.03 -13.22 42.56
CA MET A 1026 23.54 -12.26 43.53
C MET A 1026 23.28 -12.73 44.96
N SER A 1027 22.03 -13.10 45.26
CA SER A 1027 21.69 -13.48 46.63
C SER A 1027 22.21 -14.86 46.98
N GLU A 1028 22.08 -15.82 46.08
CA GLU A 1028 22.35 -17.21 46.42
C GLU A 1028 23.84 -17.49 46.49
N CYS A 1029 24.64 -16.83 45.66
CA CYS A 1029 26.06 -17.15 45.52
C CYS A 1029 26.96 -16.10 46.18
N VAL A 1030 26.78 -14.82 45.85
CA VAL A 1030 27.64 -13.78 46.40
C VAL A 1030 27.38 -13.59 47.89
N LEU A 1031 26.11 -13.50 48.28
CA LEU A 1031 25.77 -13.20 49.67
C LEU A 1031 26.08 -14.37 50.59
N GLY A 1032 25.97 -15.61 50.10
CA GLY A 1032 26.23 -16.77 50.91
C GLY A 1032 26.62 -17.96 50.08
N GLN A 1033 27.14 -18.99 50.76
CA GLN A 1033 27.49 -20.22 50.09
C GLN A 1033 26.24 -20.96 49.63
N SER A 1034 26.29 -21.47 48.40
CA SER A 1034 25.15 -22.15 47.79
C SER A 1034 25.51 -23.60 47.52
N LYS A 1035 24.63 -24.51 47.94
CA LYS A 1035 24.82 -25.94 47.72
C LYS A 1035 24.29 -26.41 46.38
N ARG A 1036 23.60 -25.55 45.63
CA ARG A 1036 23.15 -25.92 44.30
C ARG A 1036 24.35 -26.10 43.38
N VAL A 1037 24.48 -27.30 42.82
CA VAL A 1037 25.62 -27.64 41.99
C VAL A 1037 25.53 -26.89 40.67
N ASP A 1038 26.64 -26.29 40.26
CA ASP A 1038 26.83 -25.59 39.00
C ASP A 1038 26.03 -24.30 38.89
N PHE A 1039 25.30 -23.92 39.96
CA PHE A 1039 24.63 -22.62 39.95
C PHE A 1039 25.65 -21.48 39.94
N CYS A 1040 26.72 -21.62 40.72
CA CYS A 1040 27.79 -20.62 40.77
C CYS A 1040 29.12 -21.32 40.49
N GLY A 1041 29.61 -21.17 39.26
CA GLY A 1041 30.85 -21.78 38.86
C GLY A 1041 30.71 -23.28 38.63
N LYS A 1042 31.87 -23.92 38.42
CA LYS A 1042 31.95 -25.36 38.24
C LYS A 1042 32.69 -25.97 39.42
N GLY A 1043 32.18 -27.07 39.94
CA GLY A 1043 32.69 -27.67 41.16
C GLY A 1043 32.01 -27.11 42.40
N TYR A 1044 32.50 -27.57 43.55
CA TYR A 1044 31.95 -27.11 44.82
C TYR A 1044 32.17 -25.60 44.97
N HIS A 1045 31.09 -24.89 45.26
CA HIS A 1045 31.14 -23.43 45.33
C HIS A 1045 31.58 -22.98 46.72
N LEU A 1046 32.64 -22.17 46.76
CA LEU A 1046 33.13 -21.59 48.01
C LEU A 1046 32.58 -20.19 48.25
N MET A 1047 32.75 -19.29 47.29
CA MET A 1047 32.20 -17.95 47.37
C MET A 1047 32.30 -17.30 45.99
N SER A 1048 31.61 -16.17 45.84
CA SER A 1048 31.55 -15.45 44.58
C SER A 1048 31.81 -13.97 44.81
N PHE A 1049 32.45 -13.34 43.81
CA PHE A 1049 32.71 -11.92 43.81
C PHE A 1049 32.02 -11.25 42.62
N PRO A 1050 31.21 -10.22 42.85
CA PRO A 1050 30.58 -9.51 41.74
C PRO A 1050 31.39 -8.32 41.26
N GLN A 1051 31.47 -8.13 39.95
CA GLN A 1051 32.13 -6.98 39.35
C GLN A 1051 31.21 -6.38 38.29
N SER A 1052 30.98 -5.07 38.39
CA SER A 1052 30.06 -4.41 37.47
C SER A 1052 30.65 -4.33 36.07
N ALA A 1053 29.77 -4.40 35.07
CA ALA A 1053 30.13 -4.33 33.67
C ALA A 1053 29.15 -3.42 32.96
N PRO A 1054 29.52 -2.86 31.81
CA PRO A 1054 28.56 -2.07 31.04
C PRO A 1054 27.33 -2.91 30.67
N HIS A 1055 26.19 -2.50 31.22
CA HIS A 1055 24.90 -3.14 30.97
C HIS A 1055 24.82 -4.58 31.49
N GLY A 1056 25.75 -4.96 32.37
CA GLY A 1056 25.75 -6.32 32.87
C GLY A 1056 26.57 -6.43 34.14
N VAL A 1057 26.65 -7.66 34.64
CA VAL A 1057 27.43 -7.98 35.83
C VAL A 1057 28.26 -9.22 35.54
N VAL A 1058 29.50 -9.21 36.03
CA VAL A 1058 30.43 -10.31 35.86
C VAL A 1058 30.65 -10.97 37.21
N PHE A 1059 30.45 -12.28 37.27
CA PHE A 1059 30.55 -13.05 38.50
C PHE A 1059 31.86 -13.82 38.51
N LEU A 1060 32.64 -13.65 39.59
CA LEU A 1060 33.87 -14.41 39.79
C LEU A 1060 33.62 -15.46 40.87
N HIS A 1061 33.44 -16.71 40.46
CA HIS A 1061 33.09 -17.79 41.37
C HIS A 1061 34.35 -18.50 41.84
N VAL A 1062 34.59 -18.50 43.14
CA VAL A 1062 35.68 -19.23 43.75
C VAL A 1062 35.19 -20.63 44.08
N THR A 1063 35.82 -21.63 43.48
CA THR A 1063 35.33 -23.01 43.55
C THR A 1063 36.46 -23.93 44.00
N TYR A 1064 36.05 -25.01 44.67
CA TYR A 1064 36.96 -26.04 45.15
C TYR A 1064 36.93 -27.21 44.17
N VAL A 1065 38.08 -27.51 43.57
CA VAL A 1065 38.20 -28.57 42.57
C VAL A 1065 39.15 -29.62 43.11
N PRO A 1066 38.70 -30.84 43.39
CA PRO A 1066 39.62 -31.88 43.85
C PRO A 1066 40.58 -32.30 42.75
N ALA A 1067 41.74 -32.83 43.16
CA ALA A 1067 42.77 -33.23 42.22
C ALA A 1067 43.64 -34.30 42.86
N GLN A 1068 44.45 -34.95 42.03
CA GLN A 1068 45.41 -35.96 42.46
C GLN A 1068 44.73 -37.09 43.22
N GLU A 1069 43.73 -37.71 42.57
CA GLU A 1069 43.01 -38.80 43.19
C GLU A 1069 43.87 -40.06 43.25
N LYS A 1070 43.63 -40.86 44.28
CA LYS A 1070 44.33 -42.12 44.48
C LYS A 1070 43.32 -43.25 44.70
N ASN A 1071 43.56 -44.38 44.05
CA ASN A 1071 42.69 -45.54 44.23
C ASN A 1071 42.84 -46.10 45.64
N PHE A 1072 41.76 -46.69 46.13
CA PHE A 1072 41.77 -47.35 47.44
C PHE A 1072 40.74 -48.47 47.42
N THR A 1073 40.94 -49.45 48.30
CA THR A 1073 40.01 -50.54 48.49
C THR A 1073 39.18 -50.28 49.74
N THR A 1074 37.87 -50.51 49.65
CA THR A 1074 36.95 -50.06 50.69
C THR A 1074 35.93 -51.15 51.01
N ALA A 1075 35.41 -51.07 52.23
CA ALA A 1075 34.39 -52.00 52.73
C ALA A 1075 33.24 -51.20 53.34
N PRO A 1076 32.00 -51.65 53.15
CA PRO A 1076 30.86 -50.91 53.71
C PRO A 1076 30.89 -50.77 55.22
N ALA A 1077 31.40 -51.79 55.93
CA ALA A 1077 31.43 -51.77 57.38
C ALA A 1077 32.54 -52.69 57.85
N ILE A 1078 32.91 -52.53 59.13
CA ILE A 1078 34.00 -53.29 59.74
C ILE A 1078 33.43 -54.08 60.90
N CYS A 1079 33.74 -55.38 60.94
CA CYS A 1079 33.35 -56.27 62.03
C CYS A 1079 34.52 -56.38 62.99
N HIS A 1080 34.31 -56.01 64.24
CA HIS A 1080 35.36 -56.03 65.26
C HIS A 1080 35.12 -57.07 66.35
N ASP A 1081 33.99 -56.97 67.05
CA ASP A 1081 33.64 -57.90 68.11
C ASP A 1081 32.23 -58.46 67.95
N GLY A 1082 31.83 -58.79 66.73
CA GLY A 1082 30.52 -59.35 66.48
C GLY A 1082 29.44 -58.35 66.15
N LYS A 1083 29.71 -57.06 66.25
CA LYS A 1083 28.76 -56.01 65.87
C LYS A 1083 29.37 -55.14 64.79
N ALA A 1084 28.63 -54.94 63.71
CA ALA A 1084 29.12 -54.13 62.60
C ALA A 1084 29.26 -52.66 63.00
N HIS A 1085 30.32 -52.03 62.51
CA HIS A 1085 30.59 -50.62 62.78
C HIS A 1085 30.55 -49.87 61.47
N PHE A 1086 29.83 -48.73 61.45
CA PHE A 1086 29.68 -47.92 60.26
C PHE A 1086 30.35 -46.56 60.46
N PRO A 1087 31.06 -46.05 59.46
CA PRO A 1087 31.71 -44.74 59.62
C PRO A 1087 30.69 -43.63 59.79
N ARG A 1088 30.94 -42.77 60.78
CA ARG A 1088 29.97 -41.72 61.12
C ARG A 1088 29.88 -40.67 60.02
N GLU A 1089 31.03 -40.17 59.57
CA GLU A 1089 31.05 -39.11 58.56
C GLU A 1089 32.12 -39.31 57.50
N GLY A 1090 32.64 -40.53 57.36
CA GLY A 1090 33.64 -40.79 56.35
C GLY A 1090 33.44 -42.10 55.61
N VAL A 1091 34.51 -42.67 55.08
CA VAL A 1091 34.47 -43.93 54.35
C VAL A 1091 35.60 -44.81 54.85
N PHE A 1092 35.31 -46.10 54.99
CA PHE A 1092 36.36 -47.05 55.35
C PHE A 1092 37.31 -47.26 54.18
N VAL A 1093 38.54 -46.82 54.33
CA VAL A 1093 39.54 -46.87 53.27
C VAL A 1093 40.67 -47.79 53.71
N SER A 1094 41.00 -48.75 52.86
CA SER A 1094 42.07 -49.70 53.13
C SER A 1094 43.34 -49.27 52.43
N ASN A 1095 44.38 -49.04 53.23
CA ASN A 1095 45.74 -48.76 52.81
C ASN A 1095 46.40 -49.96 52.13
N GLY A 1096 45.78 -51.13 52.21
CA GLY A 1096 46.34 -52.36 51.71
C GLY A 1096 46.89 -53.27 52.78
N THR A 1097 47.24 -52.70 53.94
CA THR A 1097 47.66 -53.46 55.12
C THR A 1097 46.79 -53.15 56.32
N HIS A 1098 46.48 -51.88 56.57
CA HIS A 1098 45.61 -51.47 57.67
C HIS A 1098 44.46 -50.63 57.12
N TRP A 1099 43.27 -50.79 57.71
CA TRP A 1099 42.12 -49.99 57.30
C TRP A 1099 42.15 -48.62 57.97
N PHE A 1100 41.50 -47.66 57.34
CA PHE A 1100 41.44 -46.29 57.83
C PHE A 1100 40.11 -45.65 57.44
N VAL A 1101 39.74 -44.60 58.16
CA VAL A 1101 38.54 -43.82 57.90
C VAL A 1101 38.96 -42.38 57.63
N THR A 1102 38.44 -41.81 56.54
CA THR A 1102 38.81 -40.47 56.12
C THR A 1102 37.60 -39.76 55.52
N GLN A 1103 37.68 -38.43 55.48
CA GLN A 1103 36.61 -37.63 54.91
C GLN A 1103 36.55 -37.86 53.40
N ARG A 1104 35.34 -37.68 52.84
CA ARG A 1104 35.05 -38.19 51.51
C ARG A 1104 35.51 -37.26 50.39
N ASN A 1105 36.04 -36.08 50.72
CA ASN A 1105 36.51 -35.15 49.70
C ASN A 1105 38.00 -34.89 49.77
N PHE A 1106 38.69 -35.41 50.78
CA PHE A 1106 40.13 -35.21 50.92
C PHE A 1106 40.69 -36.37 51.72
N TYR A 1107 41.91 -36.78 51.39
CA TYR A 1107 42.52 -37.95 52.00
C TYR A 1107 43.23 -37.54 53.29
N GLU A 1108 42.61 -37.85 54.42
CA GLU A 1108 43.22 -37.69 55.74
C GLU A 1108 42.97 -38.96 56.53
N PRO A 1109 43.83 -39.96 56.44
CA PRO A 1109 43.54 -41.24 57.11
C PRO A 1109 43.56 -41.12 58.62
N GLN A 1110 42.55 -41.72 59.26
CA GLN A 1110 42.44 -41.75 60.70
C GLN A 1110 42.27 -43.19 61.17
N ILE A 1111 42.82 -43.49 62.35
CA ILE A 1111 42.66 -44.81 62.95
C ILE A 1111 41.21 -44.97 63.41
N ILE A 1112 40.64 -46.15 63.14
CA ILE A 1112 39.25 -46.41 63.48
C ILE A 1112 39.09 -46.42 64.99
N THR A 1113 38.16 -45.60 65.51
CA THR A 1113 37.87 -45.54 66.92
C THR A 1113 36.37 -45.65 67.12
N THR A 1114 35.96 -45.87 68.37
CA THR A 1114 34.54 -45.90 68.70
C THR A 1114 33.89 -44.55 68.41
N ASP A 1115 34.61 -43.45 68.65
CA ASP A 1115 34.09 -42.13 68.31
C ASP A 1115 33.95 -41.97 66.80
N ASN A 1116 34.87 -42.54 66.02
CA ASN A 1116 34.83 -42.38 64.57
C ASN A 1116 33.64 -43.11 63.95
N THR A 1117 33.28 -44.26 64.50
CA THR A 1117 32.26 -45.12 63.90
C THR A 1117 31.18 -45.44 64.91
N PHE A 1118 29.92 -45.19 64.54
CA PHE A 1118 28.78 -45.61 65.33
C PHE A 1118 28.46 -47.07 65.05
N VAL A 1119 28.08 -47.80 66.09
CA VAL A 1119 27.79 -49.23 66.00
C VAL A 1119 26.29 -49.43 65.83
N SER A 1120 25.92 -50.45 65.06
CA SER A 1120 24.52 -50.77 64.82
C SER A 1120 24.42 -52.16 64.20
N GLY A 1121 23.34 -52.86 64.54
CA GLY A 1121 23.08 -54.17 63.97
C GLY A 1121 24.12 -55.22 64.33
N ASN A 1122 24.16 -56.25 63.51
CA ASN A 1122 25.13 -57.33 63.64
C ASN A 1122 26.03 -57.38 62.41
N CYS A 1123 26.93 -58.37 62.40
CA CYS A 1123 27.95 -58.42 61.35
C CYS A 1123 27.48 -59.19 60.12
N ASP A 1124 26.66 -60.22 60.32
CA ASP A 1124 26.37 -61.15 59.22
C ASP A 1124 25.41 -60.55 58.20
N VAL A 1125 24.56 -59.62 58.62
CA VAL A 1125 23.49 -59.13 57.74
C VAL A 1125 24.07 -58.35 56.56
N VAL A 1126 25.05 -57.48 56.83
CA VAL A 1126 25.56 -56.60 55.79
C VAL A 1126 26.53 -57.36 54.88
N ILE A 1127 26.53 -56.99 53.60
CA ILE A 1127 27.35 -57.65 52.60
C ILE A 1127 28.67 -56.90 52.45
N GLY A 1128 29.77 -57.64 52.30
CA GLY A 1128 31.07 -57.04 52.08
C GLY A 1128 31.77 -56.53 53.32
N ILE A 1129 31.25 -56.84 54.51
CA ILE A 1129 31.87 -56.36 55.74
C ILE A 1129 33.21 -57.07 55.94
N VAL A 1130 34.22 -56.29 56.33
CA VAL A 1130 35.60 -56.77 56.39
C VAL A 1130 36.03 -56.80 57.86
N ASN A 1131 36.63 -57.93 58.27
CA ASN A 1131 37.13 -58.06 59.62
C ASN A 1131 38.29 -57.11 59.88
N ASN A 1132 38.29 -56.50 61.06
CA ASN A 1132 39.37 -55.61 61.49
C ASN A 1132 39.21 -55.37 62.98
N THR A 1133 40.14 -54.60 63.54
CA THR A 1133 40.12 -54.23 64.95
C THR A 1133 39.75 -52.76 65.09
N VAL A 1134 38.75 -52.48 65.91
CA VAL A 1134 38.32 -51.11 66.17
C VAL A 1134 38.89 -50.70 67.52
N TYR A 1135 39.92 -49.86 67.49
CA TYR A 1135 40.56 -49.42 68.72
C TYR A 1135 39.61 -48.61 69.58
N ASP A 1136 39.56 -48.95 70.87
CA ASP A 1136 38.74 -48.24 71.83
C ASP A 1136 39.64 -47.34 72.68
N PRO A 1137 39.40 -46.02 72.68
CA PRO A 1137 40.30 -45.13 73.43
C PRO A 1137 40.33 -45.41 74.94
N LEU A 1138 39.21 -45.85 75.51
CA LEU A 1138 39.10 -45.90 76.97
C LEU A 1138 40.07 -46.91 77.59
N GLN A 1139 40.10 -48.14 77.08
CA GLN A 1139 40.81 -49.20 77.75
C GLN A 1139 42.32 -48.96 77.91
N PRO A 1140 43.06 -48.54 76.87
CA PRO A 1140 44.49 -48.24 77.10
C PRO A 1140 44.71 -47.13 78.12
N GLU A 1141 43.85 -46.11 78.13
CA GLU A 1141 43.95 -45.10 79.18
C GLU A 1141 43.60 -45.68 80.55
N LEU A 1142 42.82 -46.75 80.58
CA LEU A 1142 42.46 -47.41 81.83
C LEU A 1142 43.60 -48.35 82.23
N ASP A 1143 44.70 -47.73 82.67
CA ASP A 1143 45.82 -48.51 83.19
C ASP A 1143 45.54 -48.97 84.62
N SER A 1144 44.64 -48.28 85.32
CA SER A 1144 44.28 -48.64 86.68
C SER A 1144 43.15 -49.66 86.70
N GLU B 1 -11.93 -11.47 -83.06
CA GLU B 1 -13.29 -11.80 -82.64
C GLU B 1 -13.35 -13.21 -82.07
N VAL B 2 -14.47 -13.55 -81.42
CA VAL B 2 -14.62 -14.84 -80.76
C VAL B 2 -15.02 -15.88 -81.79
N GLN B 3 -14.03 -16.51 -82.42
CA GLN B 3 -14.25 -17.62 -83.34
C GLN B 3 -13.39 -18.80 -82.88
N LEU B 4 -13.91 -20.00 -83.04
CA LEU B 4 -13.23 -21.21 -82.59
C LEU B 4 -13.13 -22.20 -83.74
N VAL B 5 -11.91 -22.46 -84.18
CA VAL B 5 -11.63 -23.48 -85.19
C VAL B 5 -11.06 -24.69 -84.45
N GLN B 6 -11.71 -25.83 -84.61
CA GLN B 6 -11.25 -27.06 -83.99
C GLN B 6 -10.29 -27.80 -84.91
N SER B 7 -9.84 -28.97 -84.44
CA SER B 7 -9.02 -29.84 -85.26
C SER B 7 -9.86 -30.39 -86.41
N GLY B 8 -9.20 -30.62 -87.54
CA GLY B 8 -9.89 -31.20 -88.68
C GLY B 8 -10.16 -32.67 -88.47
N ALA B 9 -11.07 -33.21 -89.29
CA ALA B 9 -11.35 -34.64 -89.26
C ALA B 9 -10.09 -35.42 -89.63
N GLU B 10 -9.76 -36.42 -88.82
CA GLU B 10 -8.51 -37.15 -89.00
C GLU B 10 -8.76 -38.64 -88.86
N VAL B 11 -8.20 -39.41 -89.78
CA VAL B 11 -8.17 -40.86 -89.68
C VAL B 11 -7.08 -41.23 -88.69
N LYS B 12 -7.43 -42.03 -87.68
CA LYS B 12 -6.58 -42.24 -86.52
C LYS B 12 -6.53 -43.73 -86.19
N LYS B 13 -5.33 -44.28 -86.07
CA LYS B 13 -5.20 -45.68 -85.71
C LYS B 13 -5.56 -45.87 -84.24
N PRO B 14 -6.48 -46.79 -83.92
CA PRO B 14 -6.98 -46.88 -82.54
C PRO B 14 -5.90 -47.26 -81.55
N GLY B 15 -5.77 -46.44 -80.50
CA GLY B 15 -4.89 -46.76 -79.39
C GLY B 15 -3.73 -45.83 -79.15
N GLU B 16 -3.86 -44.53 -79.43
CA GLU B 16 -2.79 -43.57 -79.22
C GLU B 16 -3.36 -42.28 -78.65
N SER B 17 -2.59 -41.60 -77.82
CA SER B 17 -3.05 -40.36 -77.18
C SER B 17 -2.80 -39.17 -78.10
N LEU B 18 -3.88 -38.54 -78.55
CA LEU B 18 -3.81 -37.41 -79.47
C LEU B 18 -4.48 -36.20 -78.82
N LYS B 19 -3.82 -35.05 -78.89
CA LYS B 19 -4.34 -33.79 -78.36
C LYS B 19 -5.03 -33.05 -79.49
N ILE B 20 -6.37 -33.03 -79.48
CA ILE B 20 -7.09 -32.26 -80.49
C ILE B 20 -6.96 -30.78 -80.18
N SER B 21 -6.95 -29.96 -81.22
CA SER B 21 -6.67 -28.53 -81.10
C SER B 21 -7.90 -27.72 -81.44
N CYS B 22 -8.33 -26.87 -80.52
CA CYS B 22 -9.42 -25.91 -80.75
C CYS B 22 -8.88 -24.50 -80.55
N LYS B 23 -8.84 -23.72 -81.62
CA LYS B 23 -8.27 -22.39 -81.55
C LYS B 23 -9.24 -21.43 -80.86
N GLY B 24 -8.69 -20.58 -79.99
CA GLY B 24 -9.45 -19.50 -79.37
C GLY B 24 -8.94 -18.16 -79.84
N SER B 25 -9.82 -17.16 -79.91
CA SER B 25 -9.41 -15.84 -80.39
C SER B 25 -10.37 -14.78 -79.89
N GLY B 26 -9.83 -13.58 -79.69
CA GLY B 26 -10.64 -12.40 -79.44
C GLY B 26 -11.51 -12.47 -78.20
N PHE B 27 -11.02 -13.11 -77.15
CA PHE B 27 -11.78 -13.18 -75.91
C PHE B 27 -10.83 -13.41 -74.74
N SER B 28 -11.26 -12.94 -73.57
CA SER B 28 -10.53 -13.22 -72.34
C SER B 28 -11.02 -14.54 -71.76
N PHE B 29 -10.08 -15.46 -71.50
CA PHE B 29 -10.45 -16.82 -71.15
C PHE B 29 -11.17 -16.88 -69.82
N THR B 30 -10.73 -16.08 -68.84
CA THR B 30 -11.47 -15.98 -67.58
C THR B 30 -12.83 -15.33 -67.81
N SER B 31 -12.89 -14.31 -68.67
CA SER B 31 -14.14 -13.56 -68.85
C SER B 31 -15.16 -14.36 -69.63
N TYR B 32 -14.73 -15.22 -70.55
CA TYR B 32 -15.61 -16.00 -71.40
C TYR B 32 -15.44 -17.48 -71.05
N TRP B 33 -16.53 -18.11 -70.60
CA TRP B 33 -16.47 -19.52 -70.24
C TRP B 33 -16.44 -20.39 -71.49
N ILE B 34 -15.57 -21.40 -71.47
CA ILE B 34 -15.45 -22.37 -72.55
C ILE B 34 -15.97 -23.72 -72.04
N GLY B 35 -16.70 -24.43 -72.90
CA GLY B 35 -17.13 -25.77 -72.59
C GLY B 35 -16.58 -26.74 -73.61
N TRP B 36 -16.92 -28.01 -73.41
CA TRP B 36 -16.46 -29.08 -74.31
C TRP B 36 -17.60 -30.07 -74.53
N VAL B 37 -17.88 -30.37 -75.80
CA VAL B 37 -18.96 -31.26 -76.18
C VAL B 37 -18.53 -32.08 -77.40
N ARG B 38 -18.99 -33.34 -77.44
CA ARG B 38 -18.67 -34.24 -78.54
C ARG B 38 -19.94 -34.93 -79.01
N GLN B 39 -20.06 -35.13 -80.31
CA GLN B 39 -21.19 -35.86 -80.87
C GLN B 39 -20.71 -37.17 -81.47
N MET B 40 -21.21 -38.31 -80.96
CA MET B 40 -20.89 -39.55 -81.65
C MET B 40 -21.68 -39.60 -82.95
N PRO B 41 -21.19 -40.30 -83.97
CA PRO B 41 -21.81 -40.21 -85.29
C PRO B 41 -23.30 -40.57 -85.26
N GLY B 42 -24.14 -39.59 -85.58
CA GLY B 42 -25.53 -39.83 -85.90
C GLY B 42 -26.51 -39.87 -84.74
N LYS B 43 -26.31 -39.03 -83.73
CA LYS B 43 -27.26 -38.89 -82.63
C LYS B 43 -26.77 -37.73 -81.78
N GLY B 44 -27.63 -37.26 -80.86
CA GLY B 44 -27.35 -36.05 -80.12
C GLY B 44 -25.98 -36.05 -79.46
N LEU B 45 -25.45 -34.84 -79.23
CA LEU B 45 -24.09 -34.69 -78.72
C LEU B 45 -23.98 -35.17 -77.28
N GLU B 46 -22.74 -35.36 -76.83
CA GLU B 46 -22.42 -35.76 -75.47
C GLU B 46 -21.52 -34.71 -74.83
N TRP B 47 -21.76 -34.41 -73.56
CA TRP B 47 -20.98 -33.41 -72.84
C TRP B 47 -19.64 -33.99 -72.41
N MET B 48 -18.57 -33.23 -72.62
CA MET B 48 -17.24 -33.55 -72.08
C MET B 48 -16.90 -32.73 -70.85
N GLY B 49 -17.79 -31.85 -70.41
CA GLY B 49 -17.47 -30.96 -69.31
C GLY B 49 -17.19 -29.56 -69.78
N ILE B 50 -17.04 -28.67 -68.79
CA ILE B 50 -16.78 -27.26 -69.02
C ILE B 50 -15.44 -26.90 -68.39
N ILE B 51 -14.67 -26.06 -69.09
CA ILE B 51 -13.33 -25.67 -68.66
C ILE B 51 -13.36 -24.23 -68.19
N TYR B 52 -12.70 -23.98 -67.05
CA TYR B 52 -12.36 -22.63 -66.61
C TYR B 52 -11.07 -22.26 -67.31
N PRO B 53 -11.14 -21.53 -68.42
CA PRO B 53 -9.96 -21.42 -69.29
C PRO B 53 -8.95 -20.40 -68.82
N GLY B 54 -9.37 -19.39 -68.05
CA GLY B 54 -8.42 -18.49 -67.44
C GLY B 54 -7.42 -19.23 -66.57
N ASP B 55 -7.89 -20.22 -65.83
CA ASP B 55 -7.03 -21.17 -65.14
C ASP B 55 -6.81 -22.46 -65.93
N SER B 56 -7.42 -22.59 -67.11
CA SER B 56 -7.36 -23.82 -67.91
C SER B 56 -7.87 -25.01 -67.10
N ASP B 57 -8.88 -24.76 -66.27
CA ASP B 57 -9.40 -25.75 -65.33
C ASP B 57 -10.63 -26.42 -65.93
N THR B 58 -10.44 -27.62 -66.47
CA THR B 58 -11.53 -28.37 -67.09
C THR B 58 -12.10 -29.37 -66.09
N ARG B 59 -13.35 -29.16 -65.70
CA ARG B 59 -14.11 -30.15 -64.94
C ARG B 59 -14.85 -31.03 -65.95
N TYR B 60 -14.32 -32.23 -66.18
CA TYR B 60 -14.86 -33.08 -67.22
C TYR B 60 -16.28 -33.55 -66.87
N SER B 61 -16.98 -34.02 -67.89
CA SER B 61 -18.30 -34.59 -67.68
C SER B 61 -18.18 -35.86 -66.84
N PRO B 62 -19.14 -36.12 -65.95
CA PRO B 62 -19.08 -37.37 -65.17
C PRO B 62 -19.03 -38.62 -66.03
N SER B 63 -19.69 -38.60 -67.20
CA SER B 63 -19.57 -39.70 -68.13
C SER B 63 -18.18 -39.77 -68.75
N PHE B 64 -17.52 -38.62 -68.89
CA PHE B 64 -16.22 -38.54 -69.54
C PHE B 64 -15.11 -38.03 -68.63
N GLN B 65 -15.31 -38.08 -67.32
CA GLN B 65 -14.29 -37.67 -66.36
C GLN B 65 -13.33 -38.84 -66.16
N GLY B 66 -12.09 -38.68 -66.62
CA GLY B 66 -11.14 -39.76 -66.67
C GLY B 66 -11.23 -40.59 -67.94
N GLN B 67 -12.41 -40.66 -68.56
CA GLN B 67 -12.52 -41.31 -69.87
C GLN B 67 -11.68 -40.58 -70.91
N VAL B 68 -11.70 -39.25 -70.89
CA VAL B 68 -10.88 -38.43 -71.76
C VAL B 68 -10.12 -37.43 -70.89
N THR B 69 -8.96 -37.00 -71.39
CA THR B 69 -8.13 -36.01 -70.72
C THR B 69 -8.19 -34.71 -71.53
N ILE B 70 -8.76 -33.67 -70.93
CA ILE B 70 -8.97 -32.39 -71.59
C ILE B 70 -7.98 -31.38 -71.03
N SER B 71 -7.23 -30.75 -71.93
CA SER B 71 -6.33 -29.66 -71.56
C SER B 71 -6.44 -28.55 -72.58
N ALA B 72 -6.14 -27.33 -72.14
CA ALA B 72 -6.13 -26.17 -73.01
C ALA B 72 -5.19 -25.14 -72.39
N ASP B 73 -4.65 -24.27 -73.25
CA ASP B 73 -3.75 -23.22 -72.81
C ASP B 73 -4.36 -21.86 -73.15
N LYS B 74 -4.57 -21.04 -72.12
CA LYS B 74 -5.13 -19.71 -72.33
C LYS B 74 -4.19 -18.83 -73.14
N SER B 75 -2.89 -18.89 -72.84
CA SER B 75 -1.93 -18.04 -73.52
C SER B 75 -1.82 -18.39 -75.01
N ILE B 76 -1.68 -19.68 -75.33
CA ILE B 76 -1.60 -20.10 -76.71
C ILE B 76 -2.96 -20.03 -77.39
N SER B 77 -4.04 -19.95 -76.62
CA SER B 77 -5.41 -19.87 -77.15
C SER B 77 -5.74 -21.06 -78.06
N THR B 78 -5.27 -22.24 -77.69
CA THR B 78 -5.53 -23.46 -78.45
C THR B 78 -5.63 -24.63 -77.50
N ALA B 79 -6.74 -25.35 -77.57
CA ALA B 79 -6.94 -26.50 -76.71
C ALA B 79 -6.03 -27.66 -77.10
N TYR B 80 -5.65 -28.48 -76.11
CA TYR B 80 -4.89 -29.70 -76.33
C TYR B 80 -5.59 -30.82 -75.55
N LEU B 81 -6.58 -31.45 -76.17
CA LEU B 81 -7.41 -32.44 -75.50
C LEU B 81 -6.78 -33.82 -75.69
N GLN B 82 -6.05 -34.29 -74.67
CA GLN B 82 -5.37 -35.58 -74.76
C GLN B 82 -6.34 -36.71 -75.06
N TRP B 83 -7.59 -36.59 -74.58
CA TRP B 83 -8.62 -37.60 -74.81
C TRP B 83 -8.20 -38.96 -74.27
N SER B 84 -7.44 -38.95 -73.18
CA SER B 84 -6.77 -40.15 -72.66
C SER B 84 -6.00 -40.76 -73.83
N SER B 85 -6.30 -41.99 -74.24
CA SER B 85 -5.80 -42.55 -75.48
C SER B 85 -6.96 -42.74 -76.44
N LEU B 86 -6.83 -42.23 -77.66
CA LEU B 86 -7.90 -42.34 -78.63
C LEU B 86 -8.10 -43.80 -79.03
N LYS B 87 -9.34 -44.27 -78.94
CA LYS B 87 -9.69 -45.65 -79.23
C LYS B 87 -10.72 -45.69 -80.35
N ALA B 88 -10.89 -46.89 -80.91
CA ALA B 88 -11.83 -47.05 -82.04
C ALA B 88 -13.24 -46.62 -81.65
N SER B 89 -13.61 -46.80 -80.39
CA SER B 89 -14.92 -46.37 -79.93
C SER B 89 -15.01 -44.84 -79.83
N ASP B 90 -13.86 -44.17 -79.74
CA ASP B 90 -13.86 -42.72 -79.59
C ASP B 90 -14.18 -41.99 -80.89
N THR B 91 -14.32 -42.71 -82.01
CA THR B 91 -14.72 -42.10 -83.27
C THR B 91 -16.00 -41.32 -83.09
N ALA B 92 -15.93 -40.01 -83.28
CA ALA B 92 -17.08 -39.15 -83.03
C ALA B 92 -16.81 -37.75 -83.56
N MET B 93 -17.87 -36.94 -83.58
CA MET B 93 -17.76 -35.54 -83.93
C MET B 93 -17.53 -34.73 -82.65
N TYR B 94 -16.46 -33.95 -82.64
CA TYR B 94 -16.09 -33.16 -81.47
C TYR B 94 -16.31 -31.69 -81.77
N TYR B 95 -17.04 -31.02 -80.88
CA TYR B 95 -17.44 -29.62 -81.07
C TYR B 95 -16.89 -28.79 -79.90
N CYS B 96 -16.13 -27.75 -80.22
CA CYS B 96 -15.52 -26.90 -79.19
C CYS B 96 -16.46 -25.73 -78.88
N ALA B 97 -17.57 -26.08 -78.21
CA ALA B 97 -18.61 -25.11 -77.89
C ALA B 97 -18.32 -24.48 -76.52
N ARG B 98 -18.11 -23.17 -76.50
CA ARG B 98 -17.86 -22.48 -75.25
C ARG B 98 -19.13 -22.49 -74.40
N GLY B 99 -18.96 -22.59 -73.09
CA GLY B 99 -20.09 -22.62 -72.18
C GLY B 99 -19.67 -22.99 -70.79
N GLY B 100 -20.46 -22.54 -69.82
CA GLY B 100 -20.18 -22.83 -68.42
C GLY B 100 -21.23 -23.69 -67.76
N TYR B 101 -21.47 -23.47 -66.47
CA TYR B 101 -22.58 -24.16 -65.81
C TYR B 101 -23.90 -23.82 -66.48
N GLU B 102 -24.00 -22.61 -67.05
CA GLU B 102 -25.17 -22.22 -67.84
C GLU B 102 -25.28 -22.99 -69.16
N ASP B 103 -24.19 -23.62 -69.61
CA ASP B 103 -24.21 -24.51 -70.78
C ASP B 103 -24.73 -23.80 -72.03
N VAL B 104 -24.38 -22.52 -72.19
CA VAL B 104 -24.74 -21.80 -73.40
C VAL B 104 -23.89 -22.29 -74.56
N PHE B 105 -24.35 -22.00 -75.78
CA PHE B 105 -23.64 -22.49 -76.97
C PHE B 105 -22.38 -21.68 -77.24
N ASP B 106 -22.44 -20.37 -77.02
CA ASP B 106 -21.35 -19.42 -77.33
C ASP B 106 -20.87 -19.70 -78.75
N ILE B 107 -19.59 -19.99 -78.97
CA ILE B 107 -19.06 -20.27 -80.30
C ILE B 107 -18.51 -21.69 -80.32
N TRP B 108 -19.06 -22.52 -81.20
CA TRP B 108 -18.60 -23.89 -81.34
C TRP B 108 -17.34 -23.95 -82.19
N GLY B 109 -16.62 -25.06 -82.08
CA GLY B 109 -15.56 -25.34 -83.03
C GLY B 109 -16.11 -25.67 -84.40
N GLN B 110 -15.21 -25.67 -85.39
CA GLN B 110 -15.64 -25.97 -86.76
C GLN B 110 -16.12 -27.42 -86.87
N GLY B 111 -15.70 -28.27 -85.94
CA GLY B 111 -16.10 -29.66 -85.96
C GLY B 111 -14.93 -30.60 -86.15
N THR B 112 -14.88 -31.67 -85.35
CA THR B 112 -13.78 -32.63 -85.38
C THR B 112 -14.37 -34.02 -85.64
N MET B 113 -14.54 -34.35 -86.92
CA MET B 113 -15.07 -35.65 -87.36
C MET B 113 -13.96 -36.70 -87.37
N VAL B 114 -13.31 -36.85 -86.21
CA VAL B 114 -12.25 -37.85 -86.08
C VAL B 114 -12.84 -39.24 -86.16
N THR B 115 -12.43 -40.00 -87.17
CA THR B 115 -12.76 -41.40 -87.31
C THR B 115 -11.55 -42.20 -86.86
N VAL B 116 -11.62 -42.76 -85.66
CA VAL B 116 -10.47 -43.46 -85.10
C VAL B 116 -10.46 -44.87 -85.64
N SER B 117 -9.82 -45.04 -86.80
CA SER B 117 -9.68 -46.33 -87.46
C SER B 117 -8.39 -46.35 -88.26
N SER B 118 -7.86 -47.55 -88.48
CA SER B 118 -6.60 -47.70 -89.20
C SER B 118 -6.77 -47.31 -90.67
N GLU C 1 -27.64 -35.43 -66.74
CA GLU C 1 -28.56 -35.37 -65.61
C GLU C 1 -29.99 -35.65 -66.05
N ILE C 2 -30.79 -34.59 -66.16
CA ILE C 2 -32.20 -34.75 -66.52
C ILE C 2 -32.30 -35.15 -67.98
N VAL C 3 -33.03 -36.24 -68.25
CA VAL C 3 -33.21 -36.71 -69.62
C VAL C 3 -34.12 -35.74 -70.37
N LEU C 4 -33.67 -35.29 -71.53
CA LEU C 4 -34.40 -34.32 -72.34
C LEU C 4 -34.69 -34.93 -73.70
N THR C 5 -35.97 -35.01 -74.06
CA THR C 5 -36.41 -35.51 -75.35
C THR C 5 -37.56 -34.65 -75.84
N GLN C 6 -37.44 -34.09 -77.04
CA GLN C 6 -38.43 -33.17 -77.58
C GLN C 6 -39.29 -33.89 -78.63
N SER C 7 -40.58 -33.99 -78.37
CA SER C 7 -41.48 -34.60 -79.32
C SER C 7 -41.81 -33.63 -80.46
N PRO C 8 -41.78 -34.10 -81.71
CA PRO C 8 -41.41 -35.46 -82.14
C PRO C 8 -39.96 -35.54 -82.57
N GLY C 9 -39.52 -36.70 -83.08
CA GLY C 9 -38.18 -36.79 -83.62
C GLY C 9 -38.03 -36.00 -84.91
N THR C 10 -39.14 -35.77 -85.61
CA THR C 10 -39.16 -34.99 -86.84
C THR C 10 -40.59 -34.54 -87.10
N LEU C 11 -40.85 -33.24 -86.98
CA LEU C 11 -42.17 -32.70 -87.31
C LEU C 11 -42.19 -32.30 -88.80
N SER C 12 -42.49 -33.29 -89.63
CA SER C 12 -42.57 -33.05 -91.06
C SER C 12 -43.74 -32.14 -91.39
N LEU C 13 -43.43 -30.92 -91.82
CA LEU C 13 -44.46 -29.90 -92.03
C LEU C 13 -43.96 -28.92 -93.07
N SER C 14 -44.91 -28.20 -93.67
CA SER C 14 -44.60 -27.15 -94.63
C SER C 14 -43.98 -25.94 -93.93
N PRO C 15 -43.14 -25.18 -94.63
CA PRO C 15 -42.54 -24.00 -94.02
C PRO C 15 -43.56 -22.90 -93.81
N GLY C 16 -43.28 -22.04 -92.84
CA GLY C 16 -44.12 -20.89 -92.57
C GLY C 16 -45.26 -21.13 -91.60
N GLY C 17 -45.41 -22.33 -91.07
CA GLY C 17 -46.46 -22.65 -90.12
C GLY C 17 -45.93 -22.58 -88.69
N ARG C 18 -46.85 -22.46 -87.74
CA ARG C 18 -46.45 -22.42 -86.34
C ARG C 18 -46.29 -23.84 -85.80
N ALA C 19 -45.27 -24.04 -84.98
CA ALA C 19 -44.94 -25.36 -84.46
C ALA C 19 -44.38 -25.24 -83.06
N THR C 20 -44.42 -26.35 -82.32
CA THR C 20 -43.89 -26.42 -80.96
C THR C 20 -43.03 -27.66 -80.81
N LEU C 21 -42.01 -27.57 -79.97
CA LEU C 21 -41.10 -28.68 -79.68
C LEU C 21 -41.26 -29.04 -78.21
N SER C 22 -41.95 -30.15 -77.93
CA SER C 22 -42.30 -30.53 -76.57
C SER C 22 -41.18 -31.37 -75.98
N CYS C 23 -40.22 -30.70 -75.33
CA CYS C 23 -39.14 -31.42 -74.68
C CYS C 23 -39.62 -32.09 -73.39
N ARG C 24 -39.33 -33.38 -73.27
CA ARG C 24 -39.75 -34.19 -72.13
C ARG C 24 -38.60 -34.31 -71.15
N ALA C 25 -38.80 -33.82 -69.93
CA ALA C 25 -37.82 -33.90 -68.86
C ALA C 25 -38.24 -34.96 -67.86
N SER C 26 -37.31 -35.88 -67.55
CA SER C 26 -37.61 -36.91 -66.56
C SER C 26 -37.88 -36.29 -65.20
N GLN C 27 -37.09 -35.28 -64.81
CA GLN C 27 -37.35 -34.48 -63.62
C GLN C 27 -37.70 -33.05 -64.07
N SER C 28 -38.80 -32.54 -63.53
CA SER C 28 -39.25 -31.21 -63.90
C SER C 28 -38.22 -30.17 -63.49
N VAL C 29 -37.67 -29.46 -64.48
CA VAL C 29 -36.65 -28.45 -64.20
C VAL C 29 -37.03 -27.12 -64.83
N SER C 30 -37.78 -26.30 -64.08
CA SER C 30 -38.00 -24.92 -64.49
C SER C 30 -36.82 -24.05 -64.08
N SER C 31 -36.10 -24.45 -63.04
CA SER C 31 -34.92 -23.71 -62.60
C SER C 31 -33.77 -23.88 -63.59
N SER C 32 -33.86 -24.89 -64.46
CA SER C 32 -32.81 -25.08 -65.46
C SER C 32 -32.78 -23.93 -66.46
N TYR C 33 -33.95 -23.40 -66.82
CA TYR C 33 -34.07 -22.41 -67.90
C TYR C 33 -33.38 -22.92 -69.16
N LEU C 34 -33.70 -24.17 -69.52
CA LEU C 34 -32.82 -24.96 -70.38
C LEU C 34 -32.48 -24.23 -71.68
N ALA C 35 -31.25 -24.45 -72.14
CA ALA C 35 -30.71 -23.78 -73.33
C ALA C 35 -31.09 -24.61 -74.55
N TRP C 36 -32.19 -24.25 -75.20
CA TRP C 36 -32.57 -24.91 -76.44
C TRP C 36 -31.50 -24.71 -77.50
N TYR C 37 -31.16 -25.79 -78.19
CA TYR C 37 -30.12 -25.78 -79.21
C TYR C 37 -30.74 -26.14 -80.56
N GLN C 38 -30.49 -25.30 -81.57
CA GLN C 38 -30.99 -25.57 -82.91
C GLN C 38 -29.78 -25.95 -83.76
N GLN C 39 -29.65 -27.23 -84.07
CA GLN C 39 -28.50 -27.75 -84.79
C GLN C 39 -28.59 -27.28 -86.23
N LYS C 40 -27.65 -26.42 -86.65
CA LYS C 40 -27.58 -26.03 -88.05
C LYS C 40 -27.25 -27.26 -88.89
N PRO C 41 -27.96 -27.49 -89.99
CA PRO C 41 -27.81 -28.77 -90.71
C PRO C 41 -26.41 -28.94 -91.26
N GLY C 42 -25.69 -29.91 -90.71
CA GLY C 42 -24.31 -30.15 -91.11
C GLY C 42 -23.35 -29.06 -90.71
N GLN C 43 -23.72 -28.27 -89.69
CA GLN C 43 -22.88 -27.17 -89.23
C GLN C 43 -22.87 -27.16 -87.70
N ALA C 44 -22.07 -26.26 -87.15
CA ALA C 44 -22.00 -26.11 -85.71
C ALA C 44 -23.32 -25.59 -85.16
N PRO C 45 -23.96 -26.30 -84.23
CA PRO C 45 -25.30 -25.89 -83.78
C PRO C 45 -25.29 -24.50 -83.15
N ARG C 46 -26.39 -23.78 -83.36
CA ARG C 46 -26.63 -22.50 -82.71
C ARG C 46 -27.68 -22.72 -81.62
N LEU C 47 -27.43 -22.17 -80.43
CA LEU C 47 -28.40 -22.26 -79.35
C LEU C 47 -29.74 -21.71 -79.83
N LEU C 48 -30.74 -22.59 -79.89
CA LEU C 48 -32.06 -22.17 -80.33
C LEU C 48 -32.60 -21.06 -79.45
N ILE C 49 -32.66 -21.30 -78.14
CA ILE C 49 -33.25 -20.36 -77.19
C ILE C 49 -32.72 -20.72 -75.80
N TYR C 50 -32.33 -19.70 -75.04
CA TYR C 50 -31.82 -19.90 -73.68
C TYR C 50 -32.78 -19.25 -72.70
N GLY C 51 -32.94 -19.87 -71.54
CA GLY C 51 -33.89 -19.42 -70.56
C GLY C 51 -35.22 -20.16 -70.57
N ALA C 52 -35.31 -21.28 -71.29
CA ALA C 52 -36.53 -22.08 -71.39
C ALA C 52 -37.65 -21.29 -72.04
N SER C 53 -38.18 -20.30 -71.32
CA SER C 53 -39.20 -19.40 -71.86
C SER C 53 -38.62 -18.07 -72.31
N SER C 54 -37.50 -17.63 -71.73
CA SER C 54 -36.81 -16.45 -72.22
C SER C 54 -36.24 -16.73 -73.61
N ARG C 55 -36.19 -15.71 -74.46
CA ARG C 55 -35.71 -15.90 -75.82
C ARG C 55 -34.19 -15.88 -75.88
N ALA C 56 -33.65 -16.44 -76.97
CA ALA C 56 -32.22 -16.38 -77.20
C ALA C 56 -31.79 -14.97 -77.62
N THR C 57 -30.53 -14.65 -77.30
CA THR C 57 -29.97 -13.38 -77.73
C THR C 57 -29.84 -13.37 -79.24
N GLY C 58 -30.40 -12.34 -79.87
CA GLY C 58 -30.35 -12.22 -81.32
C GLY C 58 -31.09 -13.30 -82.06
N ILE C 59 -32.23 -13.74 -81.55
CA ILE C 59 -33.06 -14.74 -82.22
C ILE C 59 -34.23 -14.02 -82.88
N PRO C 60 -34.72 -14.48 -84.03
CA PRO C 60 -35.83 -13.79 -84.69
C PRO C 60 -37.10 -13.82 -83.85
N ASP C 61 -38.01 -12.89 -84.17
CA ASP C 61 -39.25 -12.77 -83.41
C ASP C 61 -40.11 -14.02 -83.53
N ARG C 62 -39.95 -14.77 -84.63
CA ARG C 62 -40.70 -16.02 -84.77
C ARG C 62 -40.28 -17.03 -83.70
N PHE C 63 -38.98 -17.13 -83.42
CA PHE C 63 -38.50 -18.02 -82.39
C PHE C 63 -38.84 -17.47 -81.00
N SER C 64 -39.75 -18.14 -80.29
CA SER C 64 -40.23 -17.69 -79.00
C SER C 64 -40.03 -18.79 -77.97
N GLY C 65 -39.31 -18.47 -76.90
CA GLY C 65 -39.12 -19.45 -75.84
C GLY C 65 -40.42 -19.70 -75.09
N SER C 66 -40.74 -20.98 -74.90
CA SER C 66 -41.94 -21.36 -74.19
C SER C 66 -41.74 -22.73 -73.56
N GLY C 67 -42.55 -23.01 -72.55
CA GLY C 67 -42.49 -24.29 -71.85
C GLY C 67 -41.59 -24.25 -70.63
N SER C 68 -42.00 -24.98 -69.60
CA SER C 68 -41.24 -25.03 -68.35
C SER C 68 -41.64 -26.30 -67.60
N GLY C 69 -40.81 -26.65 -66.62
CA GLY C 69 -41.09 -27.84 -65.84
C GLY C 69 -40.65 -29.09 -66.57
N THR C 70 -41.47 -30.14 -66.51
CA THR C 70 -41.12 -31.40 -67.17
C THR C 70 -41.29 -31.29 -68.67
N ASP C 71 -42.11 -30.34 -69.14
CA ASP C 71 -42.41 -30.18 -70.55
C ASP C 71 -42.07 -28.77 -70.99
N PHE C 72 -41.05 -28.64 -71.83
CA PHE C 72 -40.72 -27.39 -72.51
C PHE C 72 -41.26 -27.48 -73.92
N THR C 73 -42.09 -26.51 -74.30
CA THR C 73 -42.77 -26.50 -75.60
C THR C 73 -42.39 -25.22 -76.34
N LEU C 74 -41.26 -25.27 -77.06
CA LEU C 74 -40.75 -24.09 -77.73
C LEU C 74 -41.59 -23.76 -78.95
N THR C 75 -42.16 -22.56 -78.97
CA THR C 75 -43.09 -22.14 -80.01
C THR C 75 -42.33 -21.37 -81.10
N ILE C 76 -42.41 -21.85 -82.33
CA ILE C 76 -41.90 -21.16 -83.51
C ILE C 76 -43.08 -20.83 -84.41
N SER C 77 -43.31 -19.53 -84.64
CA SER C 77 -44.52 -19.11 -85.32
C SER C 77 -44.43 -19.33 -86.83
N ARG C 78 -43.22 -19.23 -87.40
CA ARG C 78 -43.04 -19.36 -88.84
C ARG C 78 -41.83 -20.25 -89.10
N LEU C 79 -42.03 -21.34 -89.85
CA LEU C 79 -40.95 -22.24 -90.17
C LEU C 79 -40.16 -21.73 -91.38
N GLU C 80 -38.84 -21.88 -91.30
CA GLU C 80 -37.94 -21.40 -92.34
C GLU C 80 -37.00 -22.54 -92.72
N PRO C 81 -36.17 -22.34 -93.75
CA PRO C 81 -35.12 -23.35 -94.02
C PRO C 81 -34.23 -23.61 -92.82
N GLU C 82 -33.94 -22.59 -92.00
CA GLU C 82 -33.22 -22.83 -90.76
C GLU C 82 -34.02 -23.71 -89.82
N ASP C 83 -35.36 -23.58 -89.84
CA ASP C 83 -36.20 -24.46 -89.03
C ASP C 83 -36.15 -25.89 -89.55
N PHE C 84 -35.94 -26.06 -90.85
CA PHE C 84 -35.85 -27.39 -91.46
C PHE C 84 -34.49 -28.01 -91.12
N ALA C 85 -34.27 -28.24 -89.84
CA ALA C 85 -33.01 -28.78 -89.36
C ALA C 85 -33.22 -29.37 -87.98
N VAL C 86 -32.18 -30.08 -87.50
CA VAL C 86 -32.26 -30.77 -86.21
C VAL C 86 -32.26 -29.76 -85.07
N TYR C 87 -33.09 -30.02 -84.06
CA TYR C 87 -33.14 -29.21 -82.86
C TYR C 87 -32.54 -29.99 -81.69
N TYR C 88 -32.36 -29.30 -80.57
CA TYR C 88 -31.92 -29.92 -79.32
C TYR C 88 -32.40 -29.08 -78.15
N CYS C 89 -32.96 -29.73 -77.13
CA CYS C 89 -33.26 -29.07 -75.87
C CYS C 89 -32.18 -29.49 -74.88
N GLN C 90 -31.38 -28.53 -74.42
CA GLN C 90 -30.20 -28.77 -73.61
C GLN C 90 -30.30 -28.02 -72.30
N GLN C 91 -29.93 -28.68 -71.21
CA GLN C 91 -30.05 -28.08 -69.88
C GLN C 91 -29.16 -26.86 -69.75
N TYR C 92 -29.74 -25.78 -69.22
CA TYR C 92 -29.01 -24.54 -69.02
C TYR C 92 -28.57 -24.41 -67.58
N GLY C 93 -29.53 -24.38 -66.64
CA GLY C 93 -29.19 -24.32 -65.24
C GLY C 93 -28.69 -25.65 -64.71
N SER C 94 -29.22 -26.74 -65.24
CA SER C 94 -28.80 -28.06 -64.81
C SER C 94 -27.46 -28.43 -65.43
N SER C 95 -26.55 -28.92 -64.60
CA SER C 95 -25.21 -29.33 -65.01
C SER C 95 -25.31 -30.73 -65.60
N PRO C 96 -24.18 -31.33 -66.04
CA PRO C 96 -24.23 -32.28 -67.17
C PRO C 96 -25.44 -32.07 -68.06
N PRO C 97 -25.41 -31.04 -68.91
CA PRO C 97 -26.54 -30.81 -69.83
C PRO C 97 -26.74 -32.00 -70.76
N THR C 98 -28.01 -32.32 -71.01
CA THR C 98 -28.39 -33.44 -71.85
C THR C 98 -29.08 -32.93 -73.11
N PHE C 99 -28.57 -33.34 -74.27
CA PHE C 99 -29.15 -32.93 -75.53
C PHE C 99 -30.40 -33.76 -75.83
N GLY C 100 -31.36 -33.14 -76.51
CA GLY C 100 -32.62 -33.79 -76.81
C GLY C 100 -32.51 -34.81 -77.91
N GLN C 101 -33.64 -35.48 -78.18
CA GLN C 101 -33.68 -36.45 -79.28
C GLN C 101 -33.47 -35.77 -80.62
N GLY C 102 -33.96 -34.55 -80.77
CA GLY C 102 -33.90 -33.82 -82.01
C GLY C 102 -35.26 -33.77 -82.71
N THR C 103 -35.43 -32.72 -83.50
CA THR C 103 -36.64 -32.54 -84.29
C THR C 103 -36.24 -32.01 -85.66
N LYS C 104 -37.02 -32.37 -86.69
CA LYS C 104 -36.70 -31.97 -88.05
C LYS C 104 -38.01 -31.68 -88.78
N VAL C 105 -37.91 -30.87 -89.83
CA VAL C 105 -39.06 -30.46 -90.64
C VAL C 105 -38.78 -30.84 -92.09
N GLU C 106 -39.78 -31.45 -92.73
CA GLU C 106 -39.63 -31.87 -94.12
C GLU C 106 -41.02 -32.09 -94.72
N ILE C 107 -41.07 -32.18 -96.04
CA ILE C 107 -42.33 -32.42 -96.74
C ILE C 107 -42.28 -33.62 -97.68
N LYS C 108 -41.14 -33.94 -98.28
CA LYS C 108 -41.10 -34.95 -99.32
C LYS C 108 -39.85 -35.80 -99.19
N ARG C 109 -39.95 -37.04 -99.66
CA ARG C 109 -38.82 -37.97 -99.63
C ARG C 109 -38.03 -37.90 -100.94
N THR D 19 -26.90 61.69 21.08
CA THR D 19 -26.21 61.91 22.35
C THR D 19 -24.87 61.20 22.38
N THR D 20 -23.90 61.82 23.07
CA THR D 20 -22.56 61.25 23.19
C THR D 20 -21.94 61.73 24.49
N ARG D 21 -21.15 60.86 25.10
CA ARG D 21 -20.41 61.17 26.32
C ARG D 21 -18.94 60.85 26.12
N THR D 22 -18.10 61.41 26.98
CA THR D 22 -16.66 61.19 26.88
C THR D 22 -16.32 59.73 27.14
N GLN D 23 -15.29 59.25 26.45
CA GLN D 23 -14.88 57.86 26.57
C GLN D 23 -14.06 57.64 27.84
N LEU D 24 -13.94 56.38 28.23
CA LEU D 24 -13.15 55.99 29.40
C LEU D 24 -12.23 54.84 29.03
N PRO D 25 -11.07 54.74 29.70
CA PRO D 25 -10.12 53.71 29.33
C PRO D 25 -10.68 52.33 29.63
N PRO D 26 -10.29 51.32 28.85
CA PRO D 26 -10.77 49.96 29.10
C PRO D 26 -10.24 49.41 30.42
N ALA D 27 -11.02 48.53 31.02
CA ALA D 27 -10.64 47.85 32.26
C ALA D 27 -10.63 46.34 32.02
N TYR D 28 -9.74 45.64 32.74
CA TYR D 28 -9.45 44.24 32.47
C TYR D 28 -9.74 43.39 33.70
N THR D 29 -10.19 42.16 33.44
CA THR D 29 -10.50 41.19 34.48
C THR D 29 -10.11 39.80 33.99
N ASN D 30 -9.71 38.95 34.91
CA ASN D 30 -9.33 37.57 34.60
C ASN D 30 -10.59 36.76 34.30
N SER D 31 -10.50 35.91 33.27
CA SER D 31 -11.67 35.14 32.85
C SER D 31 -11.97 33.98 33.79
N PHE D 32 -10.94 33.42 34.43
CA PHE D 32 -11.05 32.21 35.26
C PHE D 32 -11.54 31.09 34.34
N THR D 33 -12.62 30.38 34.68
CA THR D 33 -13.12 29.29 33.85
C THR D 33 -14.54 29.60 33.40
N ARG D 34 -14.67 30.38 32.33
CA ARG D 34 -15.97 30.72 31.77
C ARG D 34 -15.98 30.29 30.31
N GLY D 35 -17.09 30.60 29.64
CA GLY D 35 -17.18 30.39 28.20
C GLY D 35 -17.06 28.95 27.76
N VAL D 36 -17.75 28.03 28.44
CA VAL D 36 -17.79 26.64 28.06
C VAL D 36 -19.18 26.31 27.54
N TYR D 37 -19.26 25.88 26.28
CA TYR D 37 -20.51 25.57 25.63
C TYR D 37 -20.49 24.12 25.14
N TYR D 38 -21.68 23.54 25.00
CA TYR D 38 -21.78 22.20 24.43
C TYR D 38 -21.30 22.24 22.99
N PRO D 39 -20.26 21.48 22.62
CA PRO D 39 -19.69 21.64 21.28
C PRO D 39 -20.55 21.04 20.17
N ASP D 40 -21.24 19.94 20.45
CA ASP D 40 -21.98 19.25 19.41
C ASP D 40 -23.33 18.79 19.95
N LYS D 41 -24.14 18.25 19.04
CA LYS D 41 -25.50 17.86 19.37
C LYS D 41 -25.55 16.49 20.04
N VAL D 42 -24.42 15.78 20.07
CA VAL D 42 -24.39 14.42 20.59
C VAL D 42 -24.53 14.44 22.11
N PHE D 43 -25.36 13.53 22.63
CA PHE D 43 -25.54 13.35 24.07
C PHE D 43 -24.64 12.22 24.54
N ARG D 44 -23.75 12.53 25.49
CA ARG D 44 -22.90 11.55 26.13
C ARG D 44 -22.94 11.76 27.64
N SER D 45 -22.96 10.66 28.39
CA SER D 45 -23.17 10.71 29.83
C SER D 45 -22.08 9.94 30.56
N SER D 46 -21.64 10.49 31.70
CA SER D 46 -20.65 9.85 32.57
C SER D 46 -19.37 9.50 31.80
N VAL D 47 -18.93 10.42 30.95
CA VAL D 47 -17.76 10.20 30.11
C VAL D 47 -16.85 11.43 30.17
N LEU D 48 -15.57 11.21 29.91
CA LEU D 48 -14.58 12.28 29.77
C LEU D 48 -14.15 12.33 28.31
N HIS D 49 -14.55 13.39 27.62
CA HIS D 49 -14.36 13.51 26.18
C HIS D 49 -13.52 14.74 25.86
N SER D 50 -12.62 14.61 24.89
CA SER D 50 -11.71 15.68 24.49
C SER D 50 -12.10 16.19 23.12
N THR D 51 -12.16 17.52 22.97
CA THR D 51 -12.56 18.15 21.72
C THR D 51 -11.64 19.33 21.42
N GLN D 52 -11.37 19.52 20.13
CA GLN D 52 -10.68 20.70 19.63
C GLN D 52 -11.70 21.62 19.02
N ASP D 53 -11.86 22.82 19.59
CA ASP D 53 -12.88 23.75 19.13
C ASP D 53 -12.50 25.16 19.56
N LEU D 54 -13.15 26.13 18.94
CA LEU D 54 -12.96 27.52 19.32
C LEU D 54 -13.49 27.73 20.74
N PHE D 55 -12.69 28.37 21.59
CA PHE D 55 -13.03 28.48 23.00
C PHE D 55 -12.35 29.69 23.61
N LEU D 56 -12.90 30.16 24.71
CA LEU D 56 -12.24 31.19 25.50
C LEU D 56 -11.17 30.56 26.38
N PRO D 57 -9.91 30.96 26.25
CA PRO D 57 -8.87 30.40 27.12
C PRO D 57 -9.15 30.69 28.58
N PHE D 58 -8.86 29.70 29.42
CA PHE D 58 -9.10 29.85 30.86
C PHE D 58 -8.17 30.91 31.44
N PHE D 59 -8.68 31.64 32.44
CA PHE D 59 -7.90 32.63 33.17
C PHE D 59 -7.25 33.64 32.23
N SER D 60 -8.07 34.29 31.42
CA SER D 60 -7.58 35.15 30.36
C SER D 60 -8.03 36.59 30.58
N ASN D 61 -7.27 37.51 29.99
CA ASN D 61 -7.63 38.93 30.02
C ASN D 61 -8.98 39.14 29.36
N VAL D 62 -9.85 39.89 30.05
CA VAL D 62 -11.18 40.21 29.56
C VAL D 62 -11.37 41.71 29.60
N THR D 63 -11.61 42.31 28.44
CA THR D 63 -11.88 43.74 28.36
C THR D 63 -13.30 44.01 28.84
N TRP D 64 -13.43 44.55 30.05
CA TRP D 64 -14.72 44.77 30.67
C TRP D 64 -14.97 46.26 30.78
N PHE D 65 -16.18 46.69 30.41
CA PHE D 65 -16.54 48.10 30.35
C PHE D 65 -17.72 48.34 31.27
N HIS D 66 -17.70 49.47 31.99
CA HIS D 66 -18.74 49.79 32.97
C HIS D 66 -19.65 50.87 32.37
N VAL D 67 -20.80 50.45 31.87
CA VAL D 67 -21.83 51.35 31.38
C VAL D 67 -22.77 51.63 32.55
N ILE D 68 -22.41 52.61 33.37
CA ILE D 68 -23.06 52.84 34.65
C ILE D 68 -23.38 54.33 34.79
N SER D 69 -24.28 54.63 35.73
CA SER D 69 -24.65 56.02 36.01
C SER D 69 -23.45 56.78 36.56
N GLY D 70 -23.41 58.07 36.26
CA GLY D 70 -22.34 58.92 36.74
C GLY D 70 -22.84 60.18 37.43
N THR D 74 -25.43 60.49 34.85
CA THR D 74 -24.77 60.50 33.55
C THR D 74 -24.28 59.11 33.18
N LYS D 75 -25.01 58.44 32.29
CA LYS D 75 -24.61 57.11 31.83
C LYS D 75 -23.25 57.17 31.14
N ARG D 76 -22.37 56.24 31.52
CA ARG D 76 -21.07 56.15 30.88
C ARG D 76 -21.21 55.57 29.48
N PHE D 77 -20.65 56.26 28.49
CA PHE D 77 -20.76 55.85 27.10
C PHE D 77 -19.67 54.82 26.81
N ASP D 78 -20.00 53.54 27.01
CA ASP D 78 -19.14 52.44 26.61
C ASP D 78 -19.88 51.65 25.53
N ASN D 79 -19.76 52.11 24.29
CA ASN D 79 -20.31 51.43 23.12
C ASN D 79 -19.37 51.61 21.94
N PRO D 80 -18.15 51.06 22.01
CA PRO D 80 -17.27 51.06 20.85
C PRO D 80 -17.71 50.00 19.86
N VAL D 81 -17.20 50.13 18.63
CA VAL D 81 -17.41 49.10 17.63
C VAL D 81 -16.27 48.10 17.74
N LEU D 82 -16.40 47.15 18.65
CA LEU D 82 -15.30 46.24 18.96
C LEU D 82 -15.10 45.25 17.81
N PRO D 83 -13.86 44.83 17.54
CA PRO D 83 -13.65 43.80 16.52
C PRO D 83 -14.30 42.49 16.90
N PHE D 84 -14.85 41.81 15.90
CA PHE D 84 -15.51 40.53 16.14
C PHE D 84 -14.49 39.41 16.32
N ASN D 85 -13.37 39.50 15.62
CA ASN D 85 -12.34 38.45 15.59
C ASN D 85 -13.01 37.16 15.08
N ASP D 86 -12.53 36.00 15.53
CA ASP D 86 -13.18 34.74 15.19
C ASP D 86 -14.53 34.61 15.89
N GLY D 87 -14.57 34.92 17.19
CA GLY D 87 -15.80 34.82 17.97
C GLY D 87 -15.66 35.58 19.26
N VAL D 88 -16.80 35.89 19.86
CA VAL D 88 -16.83 36.73 21.04
C VAL D 88 -17.66 36.08 22.14
N TYR D 89 -17.14 36.11 23.36
CA TYR D 89 -17.86 35.75 24.57
C TYR D 89 -18.37 37.04 25.21
N PHE D 90 -19.69 37.19 25.28
CA PHE D 90 -20.31 38.38 25.84
C PHE D 90 -21.00 38.01 27.16
N ALA D 91 -20.84 38.86 28.16
CA ALA D 91 -21.44 38.65 29.46
C ALA D 91 -21.99 39.97 29.98
N SER D 92 -23.04 39.87 30.81
CA SER D 92 -23.67 41.04 31.41
C SER D 92 -24.13 40.70 32.82
N ILE D 93 -23.79 41.58 33.77
CA ILE D 93 -24.14 41.39 35.17
C ILE D 93 -25.30 42.30 35.59
N GLU D 94 -25.91 43.00 34.64
CA GLU D 94 -26.98 43.94 34.95
C GLU D 94 -28.13 43.26 35.67
N LYS D 95 -28.63 43.91 36.71
CA LYS D 95 -29.80 43.39 37.42
C LYS D 95 -31.04 43.44 36.56
N SER D 96 -31.25 44.53 35.84
CA SER D 96 -32.38 44.68 34.94
C SER D 96 -31.90 44.59 33.50
N ASN D 97 -32.85 44.71 32.56
CA ASN D 97 -32.56 44.54 31.14
C ASN D 97 -32.28 45.90 30.48
N ILE D 98 -31.08 46.42 30.73
CA ILE D 98 -30.66 47.66 30.09
C ILE D 98 -30.07 47.37 28.71
N ILE D 99 -29.25 46.33 28.61
CA ILE D 99 -28.60 45.96 27.36
C ILE D 99 -29.57 45.09 26.57
N ARG D 100 -30.01 45.58 25.41
CA ARG D 100 -30.96 44.87 24.56
C ARG D 100 -30.34 44.64 23.19
N GLY D 101 -29.88 43.41 22.94
CA GLY D 101 -29.43 43.02 21.63
C GLY D 101 -28.03 43.51 21.29
N TRP D 102 -27.58 43.11 20.10
CA TRP D 102 -26.27 43.51 19.59
C TRP D 102 -26.38 43.67 18.08
N ILE D 103 -25.39 44.36 17.51
CA ILE D 103 -25.30 44.53 16.06
C ILE D 103 -24.00 43.91 15.58
N PHE D 104 -24.11 43.00 14.61
CA PHE D 104 -22.98 42.35 13.98
C PHE D 104 -22.98 42.72 12.49
N GLY D 105 -21.82 43.05 11.96
CA GLY D 105 -21.73 43.45 10.57
C GLY D 105 -20.31 43.48 10.09
N THR D 106 -20.16 43.49 8.76
CA THR D 106 -18.84 43.59 8.16
C THR D 106 -18.16 44.91 8.55
N THR D 107 -18.91 46.02 8.48
CA THR D 107 -18.39 47.32 8.90
C THR D 107 -19.40 48.15 9.68
N LEU D 108 -20.57 47.60 10.01
CA LEU D 108 -21.62 48.33 10.74
C LEU D 108 -21.98 49.64 10.06
N ASP D 109 -22.19 49.58 8.74
CA ASP D 109 -22.56 50.75 7.96
C ASP D 109 -23.79 50.45 7.11
N SER D 110 -24.08 51.37 6.19
CA SER D 110 -25.31 51.27 5.41
C SER D 110 -25.15 50.30 4.23
N LYS D 111 -24.11 50.48 3.42
CA LYS D 111 -24.02 49.70 2.18
C LYS D 111 -23.71 48.24 2.46
N THR D 112 -22.97 47.95 3.52
CA THR D 112 -22.62 46.58 3.84
C THR D 112 -23.82 45.81 4.38
N GLN D 113 -23.74 44.49 4.29
CA GLN D 113 -24.77 43.63 4.85
C GLN D 113 -24.50 43.41 6.34
N SER D 114 -25.52 43.65 7.16
CA SER D 114 -25.35 43.63 8.62
C SER D 114 -26.42 42.77 9.26
N LEU D 115 -26.05 42.14 10.38
CA LEU D 115 -26.94 41.29 11.15
C LEU D 115 -27.31 42.00 12.45
N LEU D 116 -28.60 42.23 12.65
CA LEU D 116 -29.10 43.08 13.74
C LEU D 116 -29.96 42.25 14.67
N ILE D 117 -29.77 42.43 15.98
CA ILE D 117 -30.45 41.66 17.01
C ILE D 117 -31.05 42.64 18.02
N VAL D 118 -32.30 42.40 18.40
CA VAL D 118 -32.98 43.19 19.43
C VAL D 118 -33.63 42.27 20.44
N ASN D 119 -33.99 42.87 21.58
CA ASN D 119 -34.82 42.23 22.60
C ASN D 119 -36.18 42.92 22.73
N ASN D 120 -36.62 43.61 21.67
CA ASN D 120 -37.84 44.41 21.73
C ASN D 120 -39.06 43.52 21.99
N ALA D 121 -39.82 43.89 23.03
CA ALA D 121 -41.08 43.23 23.41
C ALA D 121 -40.81 41.73 23.53
N THR D 122 -41.61 40.87 22.90
CA THR D 122 -41.42 39.43 22.93
C THR D 122 -40.89 38.88 21.62
N ASN D 123 -40.21 39.70 20.83
CA ASN D 123 -39.75 39.32 19.50
C ASN D 123 -38.25 39.58 19.37
N VAL D 124 -37.51 38.54 18.95
CA VAL D 124 -36.06 38.67 18.80
C VAL D 124 -35.71 39.55 17.61
N VAL D 125 -36.49 39.43 16.51
CA VAL D 125 -36.31 40.22 15.29
C VAL D 125 -34.87 40.14 14.80
N ILE D 126 -34.33 38.93 14.67
CA ILE D 126 -33.02 38.76 14.06
C ILE D 126 -33.14 39.04 12.57
N LYS D 127 -32.68 40.21 12.14
CA LYS D 127 -32.81 40.65 10.76
C LYS D 127 -31.44 40.75 10.12
N VAL D 128 -31.30 40.16 8.94
CA VAL D 128 -30.08 40.26 8.15
C VAL D 128 -30.38 41.24 7.02
N CYS D 129 -30.08 42.52 7.24
CA CYS D 129 -30.39 43.56 6.29
C CYS D 129 -29.25 44.56 6.25
N GLU D 130 -29.00 45.13 5.08
CA GLU D 130 -28.21 46.35 5.01
C GLU D 130 -28.98 47.45 5.73
N PHE D 131 -28.29 48.16 6.62
CA PHE D 131 -28.94 49.07 7.55
C PHE D 131 -28.15 50.37 7.64
N GLN D 132 -28.79 51.48 7.27
CA GLN D 132 -28.20 52.78 7.55
C GLN D 132 -28.29 53.06 9.03
N PHE D 133 -27.12 53.18 9.67
CA PHE D 133 -27.01 53.12 11.13
C PHE D 133 -26.74 54.50 11.71
N CYS D 134 -27.36 54.77 12.85
CA CYS D 134 -26.93 55.89 13.67
C CYS D 134 -25.51 55.65 14.16
N ASN D 135 -24.67 56.69 14.12
CA ASN D 135 -23.29 56.56 14.56
C ASN D 135 -23.22 56.10 16.01
N ASP D 136 -24.17 56.54 16.82
CA ASP D 136 -24.35 56.01 18.18
C ASP D 136 -25.74 55.41 18.29
N PRO D 137 -25.91 54.11 18.11
CA PRO D 137 -27.26 53.52 18.20
C PRO D 137 -27.67 53.25 19.64
N PHE D 138 -28.69 53.98 20.12
CA PHE D 138 -29.19 53.80 21.47
C PHE D 138 -30.67 53.40 21.40
N LEU D 139 -31.03 52.35 22.13
CA LEU D 139 -32.43 51.96 22.22
C LEU D 139 -33.16 52.80 23.26
N ASP D 140 -34.47 52.68 23.26
CA ASP D 140 -35.31 53.35 24.25
C ASP D 140 -35.32 52.54 25.55
N HIS D 141 -34.79 53.14 26.62
CA HIS D 141 -34.89 52.51 27.94
C HIS D 141 -36.35 52.30 28.31
N LYS D 142 -37.18 53.31 28.10
CA LYS D 142 -38.63 53.18 28.18
C LYS D 142 -39.13 53.08 26.74
N ASN D 143 -39.39 51.86 26.28
CA ASN D 143 -39.70 51.62 24.87
C ASN D 143 -40.96 52.39 24.46
N ASN D 144 -40.88 53.04 23.31
CA ASN D 144 -42.01 53.78 22.77
C ASN D 144 -42.89 52.87 21.91
N LYS D 145 -44.08 53.36 21.60
CA LYS D 145 -45.04 52.58 20.84
C LYS D 145 -45.42 53.29 19.54
N GLU D 149 -39.87 54.33 18.28
CA GLU D 149 -38.99 54.33 19.44
C GLU D 149 -37.53 54.56 19.03
N SER D 150 -36.67 54.78 20.02
CA SER D 150 -35.24 54.89 19.74
C SER D 150 -34.66 53.54 19.34
N GLU D 151 -35.28 52.43 19.76
CA GLU D 151 -34.83 51.12 19.31
C GLU D 151 -35.03 50.97 17.81
N PHE D 152 -36.14 51.46 17.28
CA PHE D 152 -36.30 51.54 15.83
C PHE D 152 -35.30 52.53 15.23
N ARG D 153 -34.83 53.49 16.04
CA ARG D 153 -33.94 54.52 15.55
C ARG D 153 -32.47 54.11 15.62
N VAL D 154 -32.15 52.97 16.22
CA VAL D 154 -30.75 52.52 16.23
C VAL D 154 -30.24 52.33 14.80
N TYR D 155 -31.13 51.89 13.92
CA TYR D 155 -30.91 51.98 12.48
C TYR D 155 -31.74 53.14 11.95
N SER D 156 -31.08 54.14 11.40
CA SER D 156 -31.78 55.34 10.93
C SER D 156 -32.74 55.02 9.80
N SER D 157 -32.33 54.13 8.89
CA SER D 157 -33.19 53.68 7.82
C SER D 157 -32.74 52.30 7.37
N ALA D 158 -33.63 51.60 6.67
CA ALA D 158 -33.39 50.24 6.22
C ALA D 158 -33.38 50.21 4.69
N ASN D 159 -32.36 49.56 4.13
CA ASN D 159 -32.24 49.37 2.68
C ASN D 159 -32.00 47.88 2.39
N ASN D 160 -33.06 47.20 1.96
CA ASN D 160 -33.05 45.80 1.54
C ASN D 160 -32.89 44.86 2.73
N CYS D 161 -33.57 43.71 2.69
CA CYS D 161 -33.53 42.73 3.77
C CYS D 161 -33.41 41.33 3.18
N THR D 162 -32.29 40.65 3.50
CA THR D 162 -32.10 39.30 3.01
C THR D 162 -32.92 38.28 3.80
N PHE D 163 -32.96 38.42 5.13
CA PHE D 163 -33.58 37.39 5.95
C PHE D 163 -34.06 37.99 7.27
N GLU D 164 -35.08 37.36 7.84
CA GLU D 164 -35.64 37.77 9.12
C GLU D 164 -35.99 36.53 9.93
N TYR D 165 -35.70 36.54 11.22
CA TYR D 165 -36.13 35.49 12.14
C TYR D 165 -36.73 36.13 13.38
N VAL D 166 -37.85 35.58 13.85
CA VAL D 166 -38.56 36.08 15.01
C VAL D 166 -38.88 34.90 15.93
N SER D 167 -38.82 35.16 17.23
CA SER D 167 -39.05 34.12 18.24
C SER D 167 -39.36 34.81 19.57
N GLN D 168 -39.62 34.00 20.59
CA GLN D 168 -39.77 34.54 21.94
C GLN D 168 -38.44 35.18 22.36
N PRO D 169 -38.49 36.26 23.14
CA PRO D 169 -37.32 37.15 23.25
C PRO D 169 -36.05 36.43 23.64
N PHE D 170 -34.95 36.76 22.96
CA PHE D 170 -33.72 36.02 23.11
C PHE D 170 -33.05 36.32 24.44
N LEU D 171 -33.48 37.37 25.12
CA LEU D 171 -33.10 37.60 26.50
C LEU D 171 -34.28 37.17 27.37
N MET D 172 -34.39 35.85 27.58
CA MET D 172 -35.45 35.29 28.41
C MET D 172 -35.28 35.62 29.88
N ASP D 173 -34.28 36.43 30.23
CA ASP D 173 -33.92 36.67 31.61
C ASP D 173 -35.07 37.30 32.39
N LEU D 174 -35.31 36.77 33.58
CA LEU D 174 -36.28 37.32 34.52
C LEU D 174 -35.56 37.51 35.85
N GLU D 175 -35.93 38.57 36.57
CA GLU D 175 -35.26 38.91 37.82
C GLU D 175 -35.28 37.76 38.81
N ASN D 180 -32.37 40.52 45.01
CA ASN D 180 -30.98 40.81 45.38
C ASN D 180 -30.02 40.17 44.39
N PHE D 181 -30.51 39.20 43.62
CA PHE D 181 -29.71 38.49 42.62
C PHE D 181 -29.80 39.24 41.30
N LYS D 182 -28.73 39.96 40.95
CA LYS D 182 -28.63 40.52 39.61
C LYS D 182 -28.47 39.40 38.60
N ASN D 183 -29.18 39.49 37.48
CA ASN D 183 -29.13 38.45 36.47
C ASN D 183 -27.78 38.47 35.76
N LEU D 184 -27.14 37.30 35.69
CA LEU D 184 -25.90 37.13 34.95
C LEU D 184 -26.23 36.44 33.63
N ARG D 185 -25.98 37.15 32.53
CA ARG D 185 -26.29 36.66 31.19
C ARG D 185 -25.00 36.48 30.41
N GLU D 186 -24.75 35.26 29.95
CA GLU D 186 -23.58 34.95 29.14
C GLU D 186 -24.02 34.44 27.78
N PHE D 187 -23.45 35.03 26.73
CA PHE D 187 -23.78 34.66 25.35
C PHE D 187 -22.48 34.45 24.59
N VAL D 188 -22.40 33.38 23.82
CA VAL D 188 -21.25 33.07 22.99
C VAL D 188 -21.67 33.18 21.53
N PHE D 189 -21.00 34.06 20.79
CA PHE D 189 -21.29 34.30 19.38
C PHE D 189 -20.12 33.79 18.55
N LYS D 190 -20.42 32.89 17.61
CA LYS D 190 -19.42 32.34 16.69
C LYS D 190 -20.03 32.23 15.31
N ASN D 191 -19.23 32.53 14.29
CA ASN D 191 -19.69 32.59 12.91
C ASN D 191 -18.72 31.80 12.03
N ILE D 192 -19.05 30.53 11.78
CA ILE D 192 -18.24 29.66 10.93
C ILE D 192 -19.17 28.96 9.97
N ASP D 193 -18.60 28.42 8.88
CA ASP D 193 -19.28 27.60 7.87
C ASP D 193 -20.57 28.24 7.35
N GLY D 194 -20.67 29.56 7.39
CA GLY D 194 -21.86 30.23 6.92
C GLY D 194 -23.04 30.21 7.86
N TYR D 195 -22.85 29.75 9.10
CA TYR D 195 -23.88 29.72 10.11
C TYR D 195 -23.45 30.55 11.31
N PHE D 196 -24.38 31.33 11.85
CA PHE D 196 -24.15 32.07 13.09
C PHE D 196 -24.83 31.34 14.23
N LYS D 197 -24.03 30.68 15.08
CA LYS D 197 -24.54 29.92 16.21
C LYS D 197 -24.32 30.73 17.49
N ILE D 198 -25.36 30.84 18.31
CA ILE D 198 -25.30 31.57 19.56
C ILE D 198 -25.54 30.58 20.69
N TYR D 199 -24.55 30.44 21.58
CA TYR D 199 -24.67 29.63 22.78
C TYR D 199 -24.85 30.56 23.96
N SER D 200 -25.93 30.36 24.72
CA SER D 200 -26.32 31.32 25.75
C SER D 200 -26.67 30.60 27.04
N LYS D 201 -26.67 31.36 28.14
CA LYS D 201 -27.00 30.85 29.46
C LYS D 201 -27.24 32.05 30.38
N HIS D 202 -28.19 31.91 31.28
CA HIS D 202 -28.50 32.97 32.24
C HIS D 202 -28.64 32.35 33.63
N THR D 203 -28.03 33.01 34.63
CA THR D 203 -28.12 32.56 36.00
C THR D 203 -28.19 33.78 36.92
N PRO D 204 -28.91 33.68 38.05
CA PRO D 204 -28.86 34.75 39.04
C PRO D 204 -27.59 34.67 39.87
N ILE D 205 -27.01 35.83 40.16
CA ILE D 205 -25.77 35.92 40.92
C ILE D 205 -25.90 37.04 41.94
N ILE D 206 -25.36 36.80 43.14
CA ILE D 206 -25.44 37.75 44.25
C ILE D 206 -24.08 38.36 44.57
N VAL D 207 -23.11 38.26 43.65
CA VAL D 207 -21.78 38.79 43.90
C VAL D 207 -21.87 40.31 44.05
N ARG D 208 -21.21 40.83 45.10
CA ARG D 208 -21.25 42.27 45.35
C ARG D 208 -20.29 43.02 44.43
N GLU D 209 -19.25 42.35 43.95
CA GLU D 209 -18.29 42.99 43.08
C GLU D 209 -18.76 42.89 41.63
N PRO D 210 -19.03 44.01 40.96
CA PRO D 210 -19.52 43.91 39.57
C PRO D 210 -18.46 43.42 38.59
N GLU D 211 -17.23 43.94 38.69
CA GLU D 211 -16.18 43.51 37.77
C GLU D 211 -15.83 42.04 37.96
N ASP D 212 -16.02 41.52 39.17
CA ASP D 212 -15.72 40.11 39.43
C ASP D 212 -16.77 39.22 38.78
N LEU D 213 -16.31 38.21 38.04
CA LEU D 213 -17.17 37.19 37.48
C LEU D 213 -17.20 35.99 38.41
N PRO D 214 -18.37 35.42 38.68
CA PRO D 214 -18.44 34.32 39.66
C PRO D 214 -17.57 33.14 39.27
N GLN D 215 -16.95 32.52 40.27
CA GLN D 215 -15.99 31.43 40.07
C GLN D 215 -16.74 30.10 40.09
N GLY D 216 -17.69 29.97 39.18
CA GLY D 216 -18.48 28.75 39.07
C GLY D 216 -18.58 28.26 37.63
N PHE D 217 -18.29 26.97 37.43
CA PHE D 217 -18.37 26.40 36.09
C PHE D 217 -19.82 26.40 35.60
N SER D 218 -19.99 26.74 34.32
CA SER D 218 -21.33 26.83 33.75
C SER D 218 -21.27 26.41 32.29
N ALA D 219 -22.44 26.10 31.74
CA ALA D 219 -22.58 25.62 30.37
C ALA D 219 -23.45 26.57 29.58
N LEU D 220 -23.12 26.77 28.30
CA LEU D 220 -23.89 27.60 27.41
C LEU D 220 -24.51 26.72 26.32
N GLU D 221 -25.78 26.39 26.48
CA GLU D 221 -26.46 25.54 25.51
C GLU D 221 -26.65 26.29 24.20
N PRO D 222 -26.74 25.56 23.07
CA PRO D 222 -26.99 26.21 21.78
C PRO D 222 -28.41 26.74 21.72
N LEU D 223 -28.54 28.06 21.87
CA LEU D 223 -29.88 28.66 21.94
C LEU D 223 -30.51 28.78 20.57
N VAL D 224 -29.73 29.09 19.53
CA VAL D 224 -30.25 29.26 18.18
C VAL D 224 -29.08 29.16 17.21
N ASP D 225 -29.38 28.72 15.99
CA ASP D 225 -28.43 28.72 14.88
C ASP D 225 -29.04 29.46 13.70
N LEU D 226 -28.24 30.30 13.06
CA LEU D 226 -28.71 31.15 11.98
C LEU D 226 -28.18 30.64 10.64
N PRO D 227 -29.02 30.57 9.60
CA PRO D 227 -28.53 30.05 8.32
C PRO D 227 -27.68 31.04 7.53
N ILE D 228 -27.67 32.31 7.92
CA ILE D 228 -27.02 33.32 7.10
C ILE D 228 -25.52 33.37 7.40
N GLY D 229 -24.73 33.67 6.37
CA GLY D 229 -23.28 33.62 6.46
C GLY D 229 -22.56 34.89 6.10
N ILE D 230 -23.11 36.05 6.51
CA ILE D 230 -22.44 37.32 6.27
C ILE D 230 -21.16 37.39 7.09
N ASN D 231 -20.06 37.76 6.44
CA ASN D 231 -18.77 37.81 7.12
C ASN D 231 -18.70 39.05 8.00
N ILE D 232 -18.17 38.88 9.21
CA ILE D 232 -18.26 39.88 10.27
C ILE D 232 -16.85 40.25 10.70
N THR D 233 -16.58 41.55 10.75
CA THR D 233 -15.30 42.05 11.25
C THR D 233 -15.44 42.72 12.60
N ARG D 234 -16.53 43.46 12.83
CA ARG D 234 -16.70 44.23 14.05
C ARG D 234 -18.12 44.07 14.56
N PHE D 235 -18.28 44.25 15.88
CA PHE D 235 -19.58 44.18 16.52
C PHE D 235 -19.67 45.28 17.58
N GLN D 236 -20.89 45.68 17.90
CA GLN D 236 -21.14 46.74 18.87
C GLN D 236 -22.31 46.33 19.75
N THR D 237 -22.17 46.54 21.06
CA THR D 237 -23.28 46.27 21.97
C THR D 237 -24.34 47.36 21.85
N LEU D 238 -25.58 46.98 22.14
CA LEU D 238 -26.72 47.87 22.05
C LEU D 238 -27.30 48.10 23.43
N LEU D 239 -27.45 49.37 23.81
CA LEU D 239 -27.92 49.75 25.14
C LEU D 239 -29.16 50.63 25.00
N ALA D 240 -30.04 50.54 26.00
CA ALA D 240 -31.31 51.24 26.00
C ALA D 240 -31.25 52.42 26.98
N LEU D 241 -31.28 53.63 26.45
CA LEU D 241 -31.37 54.86 27.25
C LEU D 241 -32.43 55.76 26.61
N HIS D 242 -33.42 56.18 27.38
CA HIS D 242 -34.49 56.96 26.79
C HIS D 242 -34.59 58.40 27.30
N ARG D 243 -34.85 58.60 28.59
CA ARG D 243 -35.21 59.91 29.12
C ARG D 243 -34.98 59.97 30.62
N SER D 244 -34.12 60.91 31.05
CA SER D 244 -33.98 61.30 32.46
C SER D 244 -33.86 60.14 33.43
N GLY D 254 -31.82 64.03 30.82
CA GLY D 254 -31.52 63.69 29.44
C GLY D 254 -31.93 62.27 29.07
N TRP D 255 -31.11 61.31 29.48
CA TRP D 255 -31.36 59.89 29.24
C TRP D 255 -31.24 59.14 30.56
N THR D 256 -32.24 58.32 30.87
CA THR D 256 -32.23 57.58 32.13
C THR D 256 -31.09 56.58 32.15
N ALA D 257 -30.42 56.51 33.31
CA ALA D 257 -29.21 55.73 33.47
C ALA D 257 -29.38 54.72 34.60
N GLY D 258 -29.03 53.46 34.34
CA GLY D 258 -29.09 52.43 35.35
C GLY D 258 -27.81 51.62 35.35
N ALA D 259 -27.46 51.14 36.54
CA ALA D 259 -26.20 50.43 36.72
C ALA D 259 -26.18 49.15 35.87
N ALA D 260 -25.09 48.97 35.14
CA ALA D 260 -24.93 47.80 34.27
C ALA D 260 -23.45 47.66 33.92
N ALA D 261 -23.06 46.43 33.58
CA ALA D 261 -21.70 46.13 33.20
C ALA D 261 -21.70 44.99 32.19
N TYR D 262 -20.91 45.15 31.13
CA TYR D 262 -20.81 44.14 30.08
C TYR D 262 -19.35 43.77 29.88
N TYR D 263 -19.09 42.48 29.66
CA TYR D 263 -17.75 41.94 29.51
C TYR D 263 -17.63 41.26 28.15
N VAL D 264 -16.49 41.47 27.49
CA VAL D 264 -16.25 40.97 26.15
C VAL D 264 -14.95 40.18 26.15
N GLY D 265 -14.99 38.97 25.61
CA GLY D 265 -13.80 38.16 25.45
C GLY D 265 -13.80 37.46 24.11
N TYR D 266 -12.60 37.31 23.56
CA TYR D 266 -12.41 36.72 22.23
C TYR D 266 -11.98 35.27 22.36
N LEU D 267 -12.71 34.38 21.69
CA LEU D 267 -12.37 32.97 21.69
C LEU D 267 -11.16 32.72 20.80
N GLN D 268 -10.58 31.53 20.96
CA GLN D 268 -9.44 31.09 20.16
C GLN D 268 -9.46 29.58 20.08
N PRO D 269 -8.87 29.01 19.03
CA PRO D 269 -8.80 27.54 18.93
C PRO D 269 -8.07 26.95 20.12
N ARG D 270 -8.64 25.89 20.68
CA ARG D 270 -8.10 25.27 21.88
C ARG D 270 -8.52 23.80 21.94
N THR D 271 -7.76 23.03 22.72
CA THR D 271 -8.08 21.65 23.00
C THR D 271 -8.59 21.55 24.43
N PHE D 272 -9.75 20.93 24.60
CA PHE D 272 -10.42 20.89 25.90
C PHE D 272 -10.81 19.45 26.25
N LEU D 273 -10.59 19.09 27.50
CA LEU D 273 -11.05 17.83 28.05
C LEU D 273 -12.30 18.09 28.87
N LEU D 274 -13.40 17.43 28.51
CA LEU D 274 -14.71 17.72 29.07
C LEU D 274 -15.29 16.46 29.72
N LYS D 275 -15.78 16.61 30.94
CA LYS D 275 -16.42 15.52 31.66
C LYS D 275 -17.93 15.71 31.63
N TYR D 276 -18.65 14.67 31.23
CA TYR D 276 -20.09 14.65 31.27
C TYR D 276 -20.55 13.82 32.46
N ASN D 277 -21.66 14.22 33.07
CA ASN D 277 -22.15 13.54 34.26
C ASN D 277 -23.25 12.54 33.89
N GLU D 278 -23.90 11.98 34.91
CA GLU D 278 -25.03 11.08 34.68
C GLU D 278 -26.18 11.82 34.02
N ASN D 279 -26.29 13.12 34.25
CA ASN D 279 -27.26 13.93 33.49
C ASN D 279 -26.78 14.22 32.08
N GLY D 280 -25.49 14.04 31.79
CA GLY D 280 -24.91 14.46 30.55
C GLY D 280 -24.47 15.90 30.50
N THR D 281 -24.67 16.66 31.58
CA THR D 281 -24.21 18.03 31.64
C THR D 281 -22.70 18.11 31.84
N ILE D 282 -22.10 19.15 31.26
CA ILE D 282 -20.67 19.41 31.42
C ILE D 282 -20.47 20.02 32.80
N THR D 283 -19.89 19.25 33.72
CA THR D 283 -19.70 19.73 35.09
C THR D 283 -18.40 20.50 35.22
N ASP D 284 -17.36 20.10 34.49
CA ASP D 284 -16.06 20.76 34.57
C ASP D 284 -15.26 20.45 33.32
N ALA D 285 -14.34 21.34 32.99
CA ALA D 285 -13.49 21.18 31.82
C ALA D 285 -12.07 21.57 32.18
N VAL D 286 -11.12 21.03 31.42
CA VAL D 286 -9.70 21.31 31.58
C VAL D 286 -9.11 21.72 30.24
N ASP D 287 -8.44 22.87 30.21
CA ASP D 287 -7.73 23.34 29.03
C ASP D 287 -6.26 23.02 29.21
N CYS D 288 -5.79 21.98 28.49
CA CYS D 288 -4.44 21.48 28.71
C CYS D 288 -3.38 22.42 28.13
N ALA D 289 -3.80 23.38 27.32
CA ALA D 289 -2.83 24.31 26.74
C ALA D 289 -2.40 25.39 27.72
N LEU D 290 -3.18 25.59 28.80
CA LEU D 290 -2.94 26.75 29.67
C LEU D 290 -1.69 26.56 30.53
N ASP D 291 -1.53 25.41 31.16
CA ASP D 291 -0.41 25.16 32.06
C ASP D 291 0.10 23.74 31.87
N PRO D 292 1.38 23.48 32.18
CA PRO D 292 1.93 22.13 31.97
C PRO D 292 1.18 21.03 32.70
N LEU D 293 0.73 21.27 33.93
CA LEU D 293 0.00 20.24 34.66
C LEU D 293 -1.30 19.91 33.95
N SER D 294 -2.00 20.93 33.44
CA SER D 294 -3.20 20.68 32.65
C SER D 294 -2.89 19.84 31.42
N GLU D 295 -1.71 20.04 30.83
CA GLU D 295 -1.31 19.25 29.67
C GLU D 295 -1.22 17.76 30.01
N THR D 296 -0.72 17.44 31.21
CA THR D 296 -0.73 16.05 31.66
C THR D 296 -2.16 15.52 31.75
N LYS D 297 -3.10 16.36 32.18
CA LYS D 297 -4.48 15.92 32.32
C LYS D 297 -5.07 15.51 30.98
N CYS D 298 -4.77 16.26 29.91
CA CYS D 298 -5.20 15.84 28.58
C CYS D 298 -4.56 14.51 28.19
N THR D 299 -3.25 14.38 28.36
CA THR D 299 -2.57 13.15 27.97
C THR D 299 -3.03 11.96 28.80
N LEU D 300 -3.18 12.14 30.11
CA LEU D 300 -3.69 11.08 30.96
C LEU D 300 -5.19 10.88 30.78
N LYS D 301 -5.87 11.83 30.15
CA LYS D 301 -7.32 11.77 29.91
C LYS D 301 -8.09 11.62 31.22
N SER D 302 -7.58 12.20 32.30
CA SER D 302 -8.24 12.17 33.60
C SER D 302 -8.03 13.51 34.29
N PHE D 303 -9.00 13.88 35.12
CA PHE D 303 -8.90 15.15 35.84
C PHE D 303 -7.87 15.06 36.96
N THR D 304 -7.75 13.90 37.60
CA THR D 304 -6.77 13.70 38.66
C THR D 304 -5.51 13.06 38.09
N VAL D 305 -4.37 13.39 38.68
CA VAL D 305 -3.06 12.88 38.27
C VAL D 305 -2.30 12.47 39.51
N GLU D 306 -1.65 11.31 39.45
CA GLU D 306 -0.95 10.77 40.61
C GLU D 306 0.51 11.21 40.61
N LYS D 307 1.17 10.94 41.74
CA LYS D 307 2.59 11.24 41.87
C LYS D 307 3.42 10.49 40.83
N GLY D 308 4.34 11.20 40.21
CA GLY D 308 5.22 10.59 39.23
C GLY D 308 5.62 11.60 38.17
N ILE D 309 6.34 11.08 37.17
CA ILE D 309 6.79 11.86 36.03
C ILE D 309 6.17 11.27 34.76
N TYR D 310 5.59 12.13 33.93
CA TYR D 310 4.86 11.70 32.74
C TYR D 310 5.33 12.49 31.54
N GLN D 311 5.70 11.78 30.47
CA GLN D 311 5.99 12.43 29.20
C GLN D 311 4.68 12.89 28.56
N THR D 312 4.64 14.15 28.14
CA THR D 312 3.40 14.76 27.69
C THR D 312 3.42 15.20 26.23
N SER D 313 4.45 15.91 25.80
CA SER D 313 4.48 16.44 24.44
C SER D 313 5.94 16.61 24.00
N ASN D 314 6.11 17.23 22.84
CA ASN D 314 7.42 17.51 22.28
C ASN D 314 7.48 18.99 21.89
N PHE D 315 8.55 19.66 22.29
CA PHE D 315 8.75 21.07 21.96
C PHE D 315 9.70 21.18 20.78
N ARG D 316 9.31 21.96 19.78
CA ARG D 316 10.11 22.15 18.58
C ARG D 316 10.19 23.64 18.25
N VAL D 317 11.37 24.08 17.82
CA VAL D 317 11.54 25.45 17.36
C VAL D 317 11.01 25.58 15.94
N GLN D 318 10.23 26.63 15.69
CA GLN D 318 9.62 26.82 14.39
C GLN D 318 10.51 27.68 13.49
N PRO D 319 10.47 27.47 12.18
CA PRO D 319 11.34 28.24 11.28
C PRO D 319 11.01 29.73 11.33
N THR D 320 12.06 30.55 11.38
CA THR D 320 11.87 31.99 11.47
C THR D 320 11.44 32.60 10.13
N GLU D 321 12.09 32.20 9.04
CA GLU D 321 11.76 32.75 7.73
C GLU D 321 12.21 31.75 6.66
N SER D 322 11.84 32.06 5.42
CA SER D 322 12.09 31.19 4.27
C SER D 322 13.31 31.68 3.50
N ILE D 323 14.04 30.74 2.89
CA ILE D 323 15.24 31.03 2.11
C ILE D 323 15.15 30.26 0.80
N VAL D 324 15.45 30.93 -0.30
CA VAL D 324 15.59 30.30 -1.61
C VAL D 324 16.88 30.80 -2.25
N ARG D 325 17.55 29.93 -2.98
CA ARG D 325 18.95 30.13 -3.34
C ARG D 325 19.16 30.25 -4.84
N PHE D 326 19.81 31.33 -5.25
CA PHE D 326 20.11 31.57 -6.65
C PHE D 326 21.26 30.68 -7.12
N PRO D 327 21.11 30.03 -8.27
CA PRO D 327 22.24 29.31 -8.87
C PRO D 327 23.21 30.18 -9.65
N ASN D 328 23.12 31.50 -9.53
CA ASN D 328 24.00 32.43 -10.25
C ASN D 328 23.96 32.20 -11.75
N ILE D 329 22.75 32.00 -12.29
CA ILE D 329 22.59 31.71 -13.70
C ILE D 329 22.66 33.01 -14.51
N THR D 330 23.48 33.01 -15.57
CA THR D 330 23.65 34.17 -16.43
C THR D 330 23.39 33.86 -17.89
N ASN D 331 22.70 32.75 -18.18
CA ASN D 331 22.42 32.34 -19.55
C ASN D 331 21.21 33.11 -20.08
N LEU D 332 21.39 34.42 -20.20
CA LEU D 332 20.31 35.30 -20.63
C LEU D 332 19.97 35.08 -22.10
N CYS D 333 18.71 35.32 -22.43
CA CYS D 333 18.25 35.12 -23.79
C CYS D 333 18.69 36.26 -24.70
N PRO D 334 19.04 35.96 -25.96
CA PRO D 334 19.27 37.00 -26.96
C PRO D 334 18.01 37.57 -27.61
N PHE D 335 16.83 37.35 -27.02
CA PHE D 335 15.61 37.87 -27.61
C PHE D 335 15.60 39.39 -27.61
N ASP D 336 16.37 40.00 -26.70
CA ASP D 336 16.41 41.46 -26.61
C ASP D 336 16.94 42.07 -27.90
N GLU D 337 18.08 41.60 -28.39
CA GLU D 337 18.60 42.11 -29.66
C GLU D 337 17.72 41.68 -30.82
N VAL D 338 17.01 40.56 -30.68
CA VAL D 338 15.97 40.22 -31.64
C VAL D 338 14.84 41.24 -31.56
N PHE D 339 14.45 41.60 -30.33
CA PHE D 339 13.51 42.71 -30.16
C PHE D 339 14.14 44.03 -30.59
N ASN D 340 15.39 44.26 -30.21
CA ASN D 340 16.15 45.43 -30.62
C ASN D 340 16.79 45.22 -32.00
N ALA D 341 15.97 44.80 -32.95
CA ALA D 341 16.43 44.51 -34.30
C ALA D 341 16.22 45.73 -35.20
N THR D 342 17.24 46.04 -36.00
CA THR D 342 17.16 47.20 -36.88
C THR D 342 16.06 47.03 -37.92
N ARG D 343 15.94 45.84 -38.51
CA ARG D 343 14.89 45.55 -39.47
C ARG D 343 14.12 44.32 -39.04
N PHE D 344 12.85 44.27 -39.42
CA PHE D 344 12.00 43.10 -39.23
C PHE D 344 11.56 42.60 -40.60
N ALA D 345 11.27 41.31 -40.66
CA ALA D 345 10.85 40.70 -41.91
C ALA D 345 9.48 41.23 -42.33
N SER D 346 9.12 40.98 -43.59
CA SER D 346 7.77 41.30 -44.04
C SER D 346 6.80 40.20 -43.63
N VAL D 347 5.52 40.56 -43.53
CA VAL D 347 4.49 39.55 -43.27
C VAL D 347 4.40 38.58 -44.44
N TYR D 348 4.80 39.04 -45.64
CA TYR D 348 4.90 38.13 -46.77
C TYR D 348 5.97 37.07 -46.54
N ALA D 349 7.18 37.49 -46.19
CA ALA D 349 8.28 36.57 -45.91
C ALA D 349 8.69 36.76 -44.45
N TRP D 350 7.99 36.08 -43.56
CA TRP D 350 8.26 36.21 -42.13
C TRP D 350 9.44 35.34 -41.74
N ASN D 351 10.35 35.93 -40.98
CA ASN D 351 11.57 35.26 -40.54
C ASN D 351 11.31 34.56 -39.21
N ARG D 352 11.87 33.35 -39.08
CA ARG D 352 11.66 32.52 -37.90
C ARG D 352 12.98 32.30 -37.19
N LYS D 353 12.91 32.14 -35.87
CA LYS D 353 14.09 31.93 -35.05
C LYS D 353 13.68 31.14 -33.81
N ARG D 354 14.61 30.31 -33.33
CA ARG D 354 14.34 29.34 -32.28
C ARG D 354 15.13 29.69 -31.03
N ILE D 355 14.47 29.63 -29.88
CA ILE D 355 15.01 30.10 -28.61
C ILE D 355 15.38 28.88 -27.78
N SER D 356 16.58 28.91 -27.18
CA SER D 356 17.03 27.85 -26.29
C SER D 356 18.04 28.43 -25.31
N ASN D 357 18.28 27.67 -24.23
CA ASN D 357 19.17 28.06 -23.13
C ASN D 357 19.01 29.54 -22.78
N CYS D 358 17.77 29.94 -22.54
CA CYS D 358 17.41 31.34 -22.41
C CYS D 358 16.89 31.64 -21.01
N VAL D 359 17.45 32.67 -20.39
CA VAL D 359 16.87 33.30 -19.21
C VAL D 359 16.10 34.51 -19.70
N ALA D 360 14.77 34.42 -19.70
CA ALA D 360 13.91 35.41 -20.34
C ALA D 360 13.27 36.29 -19.27
N ASP D 361 13.65 37.57 -19.26
CA ASP D 361 13.04 38.57 -18.41
C ASP D 361 12.30 39.56 -19.30
N TYR D 362 11.01 39.75 -19.04
CA TYR D 362 10.14 40.56 -19.87
C TYR D 362 9.98 41.99 -19.36
N SER D 363 10.71 42.36 -18.30
CA SER D 363 10.69 43.73 -17.84
C SER D 363 11.26 44.67 -18.89
N VAL D 364 12.31 44.24 -19.60
CA VAL D 364 12.91 45.07 -20.65
C VAL D 364 11.89 45.39 -21.73
N LEU D 365 10.99 44.43 -22.03
CA LEU D 365 9.89 44.72 -22.95
C LEU D 365 8.96 45.77 -22.35
N TYR D 366 8.74 45.72 -21.03
CA TYR D 366 7.89 46.71 -20.38
C TYR D 366 8.53 48.09 -20.39
N ASN D 367 9.85 48.14 -20.56
CA ASN D 367 10.55 49.43 -20.63
C ASN D 367 10.09 50.27 -21.81
N LEU D 368 9.95 49.68 -22.99
CA LEU D 368 9.64 50.46 -24.19
C LEU D 368 8.18 50.91 -24.16
N ALA D 369 7.98 52.22 -24.10
CA ALA D 369 6.68 52.86 -24.17
C ALA D 369 5.92 52.49 -25.46
N PRO D 370 6.57 52.46 -26.63
CA PRO D 370 5.82 52.06 -27.83
C PRO D 370 5.18 50.69 -27.75
N PHE D 371 5.76 49.75 -27.00
CA PHE D 371 5.13 48.46 -26.80
C PHE D 371 3.71 48.63 -26.26
N PHE D 372 2.72 48.23 -27.04
CA PHE D 372 1.34 48.36 -26.61
C PHE D 372 0.58 47.03 -26.59
N THR D 373 1.13 45.95 -27.12
CA THR D 373 0.47 44.66 -27.15
C THR D 373 1.24 43.69 -26.25
N PHE D 374 0.66 43.39 -25.09
CA PHE D 374 1.19 42.38 -24.18
C PHE D 374 0.23 41.22 -23.98
N LYS D 375 -0.95 41.27 -24.60
CA LYS D 375 -1.93 40.20 -24.47
C LYS D 375 -1.36 38.91 -25.03
N CYS D 376 -1.50 37.83 -24.26
CA CYS D 376 -0.99 36.51 -24.64
C CYS D 376 -2.17 35.59 -24.94
N TYR D 377 -2.19 35.05 -26.16
CA TYR D 377 -3.20 34.05 -26.50
C TYR D 377 -2.95 32.75 -25.73
N GLY D 378 -1.73 32.56 -25.22
CA GLY D 378 -1.39 31.28 -24.61
C GLY D 378 -1.68 31.22 -23.13
N VAL D 379 -1.12 32.14 -22.35
CA VAL D 379 -1.19 32.05 -20.89
C VAL D 379 -1.24 33.45 -20.28
N SER D 380 -1.55 33.51 -18.99
CA SER D 380 -1.56 34.79 -18.29
C SER D 380 -0.15 35.38 -18.25
N PRO D 381 -0.01 36.70 -18.41
CA PRO D 381 1.33 37.32 -18.35
C PRO D 381 2.05 37.07 -17.04
N THR D 382 1.33 37.04 -15.92
CA THR D 382 1.96 36.73 -14.64
C THR D 382 2.49 35.30 -14.62
N LYS D 383 1.72 34.35 -15.16
CA LYS D 383 2.18 32.97 -15.23
C LYS D 383 3.36 32.83 -16.18
N LEU D 384 3.46 33.73 -17.18
CA LEU D 384 4.54 33.66 -18.14
C LEU D 384 5.90 33.81 -17.47
N ASN D 385 5.99 34.72 -16.48
CA ASN D 385 7.26 34.91 -15.77
C ASN D 385 7.66 33.64 -15.02
N ASP D 386 6.70 33.00 -14.35
CA ASP D 386 7.00 31.79 -13.59
C ASP D 386 7.18 30.58 -14.50
N LEU D 387 6.50 30.57 -15.65
CA LEU D 387 6.49 29.39 -16.50
C LEU D 387 7.85 29.17 -17.15
N CYS D 388 8.12 27.92 -17.50
CA CYS D 388 9.33 27.52 -18.21
C CYS D 388 8.96 26.65 -19.40
N PHE D 389 9.69 26.80 -20.49
CA PHE D 389 9.42 26.07 -21.72
C PHE D 389 10.71 25.64 -22.37
N THR D 390 10.59 24.77 -23.36
CA THR D 390 11.71 24.38 -24.22
C THR D 390 11.33 24.63 -25.67
N ASN D 391 12.36 24.68 -26.54
CA ASN D 391 12.17 24.74 -27.98
C ASN D 391 11.31 25.95 -28.36
N VAL D 392 11.49 27.05 -27.61
CA VAL D 392 10.66 28.23 -27.81
C VAL D 392 10.93 28.82 -29.19
N TYR D 393 9.85 29.16 -29.89
CA TYR D 393 9.90 29.52 -31.30
C TYR D 393 9.28 30.90 -31.46
N ALA D 394 10.00 31.80 -32.15
CA ALA D 394 9.55 33.17 -32.33
C ALA D 394 9.63 33.57 -33.79
N ASP D 395 8.72 34.45 -34.19
CA ASP D 395 8.65 34.96 -35.55
C ASP D 395 8.39 36.46 -35.51
N SER D 396 8.95 37.18 -36.48
CA SER D 396 8.88 38.63 -36.52
C SER D 396 8.42 39.10 -37.89
N PHE D 397 7.64 40.19 -37.91
CA PHE D 397 7.25 40.81 -39.17
C PHE D 397 6.78 42.23 -38.91
N VAL D 398 6.70 43.01 -39.99
CA VAL D 398 6.22 44.39 -39.95
C VAL D 398 4.77 44.40 -40.38
N ILE D 399 3.90 44.95 -39.53
CA ILE D 399 2.46 44.89 -39.73
C ILE D 399 1.95 46.30 -39.98
N ARG D 400 0.82 46.40 -40.69
CA ARG D 400 0.18 47.71 -40.85
C ARG D 400 -0.53 48.14 -39.58
N GLY D 401 -0.94 47.19 -38.74
CA GLY D 401 -1.60 47.51 -37.49
C GLY D 401 -3.04 47.92 -37.59
N ASP D 402 -3.51 48.38 -38.76
CA ASP D 402 -4.94 48.52 -38.96
C ASP D 402 -5.62 47.15 -39.02
N GLU D 403 -4.84 46.12 -39.27
CA GLU D 403 -5.34 44.75 -39.40
C GLU D 403 -4.68 43.81 -38.39
N VAL D 404 -3.97 44.36 -37.40
CA VAL D 404 -3.32 43.51 -36.40
C VAL D 404 -4.37 42.79 -35.55
N ARG D 405 -5.53 43.41 -35.35
CA ARG D 405 -6.62 42.70 -34.71
C ARG D 405 -7.08 41.51 -35.54
N GLN D 406 -7.09 41.67 -36.88
CA GLN D 406 -7.44 40.57 -37.74
C GLN D 406 -6.28 39.60 -37.91
N ILE D 407 -5.04 40.08 -37.77
CA ILE D 407 -3.88 39.19 -37.90
C ILE D 407 -3.79 38.23 -36.73
N ALA D 408 -4.50 38.51 -35.64
CA ALA D 408 -4.44 37.64 -34.48
C ALA D 408 -5.04 36.27 -34.82
N PRO D 409 -4.53 35.19 -34.23
CA PRO D 409 -5.09 33.86 -34.51
C PRO D 409 -6.56 33.80 -34.12
N GLY D 410 -7.37 33.25 -35.03
CA GLY D 410 -8.81 33.20 -34.86
C GLY D 410 -9.58 34.27 -35.58
N GLN D 411 -8.93 35.38 -35.97
CA GLN D 411 -9.54 36.41 -36.80
C GLN D 411 -8.93 36.35 -38.19
N THR D 412 -9.70 36.79 -39.17
CA THR D 412 -9.33 36.66 -40.57
C THR D 412 -9.24 38.02 -41.24
N GLY D 413 -8.16 38.22 -42.01
CA GLY D 413 -8.02 39.41 -42.82
C GLY D 413 -7.29 39.06 -44.10
N ASN D 414 -7.21 40.05 -45.00
CA ASN D 414 -6.61 39.80 -46.31
C ASN D 414 -5.15 39.37 -46.18
N ILE D 415 -4.38 40.05 -45.32
CA ILE D 415 -3.03 39.60 -45.02
C ILE D 415 -3.07 38.31 -44.20
N ALA D 416 -4.04 38.20 -43.29
CA ALA D 416 -4.16 36.98 -42.50
C ALA D 416 -4.51 35.78 -43.37
N ASP D 417 -5.36 35.98 -44.37
CA ASP D 417 -5.70 34.89 -45.28
C ASP D 417 -4.51 34.51 -46.16
N TYR D 418 -3.70 35.49 -46.56
CA TYR D 418 -2.66 35.26 -47.55
C TYR D 418 -1.24 35.42 -47.02
N ASN D 419 -0.95 36.54 -46.35
CA ASN D 419 0.43 36.82 -45.96
C ASN D 419 0.90 35.87 -44.85
N TYR D 420 0.06 35.62 -43.86
CA TYR D 420 0.43 34.71 -42.78
C TYR D 420 -0.81 34.28 -42.01
N LYS D 421 -0.87 32.98 -41.72
CA LYS D 421 -1.92 32.39 -40.92
C LYS D 421 -1.29 31.67 -39.74
N LEU D 422 -1.88 31.87 -38.56
CA LEU D 422 -1.40 31.26 -37.32
C LEU D 422 -2.50 30.42 -36.72
N PRO D 423 -2.17 29.32 -36.06
CA PRO D 423 -3.21 28.48 -35.45
C PRO D 423 -3.93 29.24 -34.35
N ASP D 424 -5.26 29.03 -34.28
CA ASP D 424 -6.05 29.70 -33.26
C ASP D 424 -5.58 29.31 -31.86
N ASP D 425 -5.31 28.03 -31.64
CA ASP D 425 -4.60 27.62 -30.43
C ASP D 425 -3.17 28.12 -30.48
N PHE D 426 -2.87 29.12 -29.64
CA PHE D 426 -1.60 29.80 -29.67
C PHE D 426 -0.98 29.76 -28.28
N THR D 427 0.35 29.82 -28.24
CA THR D 427 1.10 29.89 -27.01
C THR D 427 1.97 31.14 -27.03
N GLY D 428 2.01 31.85 -25.92
CA GLY D 428 2.84 33.04 -25.81
C GLY D 428 2.10 34.33 -26.07
N CYS D 429 2.85 35.42 -26.02
CA CYS D 429 2.32 36.77 -26.12
C CYS D 429 2.77 37.43 -27.42
N VAL D 430 1.81 37.95 -28.18
CA VAL D 430 2.12 38.81 -29.32
C VAL D 430 2.55 40.17 -28.82
N ILE D 431 3.68 40.67 -29.33
CA ILE D 431 4.25 41.94 -28.93
C ILE D 431 4.25 42.87 -30.12
N ALA D 432 3.65 44.05 -29.96
CA ALA D 432 3.59 45.07 -31.00
C ALA D 432 3.95 46.42 -30.42
N TRP D 433 4.60 47.25 -31.23
CA TRP D 433 4.98 48.60 -30.81
C TRP D 433 4.89 49.56 -31.99
N ASN D 434 4.68 50.83 -31.67
CA ASN D 434 4.59 51.86 -32.71
C ASN D 434 5.95 52.08 -33.35
N SER D 435 6.12 51.55 -34.56
CA SER D 435 7.33 51.76 -35.36
C SER D 435 7.08 52.73 -36.49
N ASN D 436 6.28 53.77 -36.24
CA ASN D 436 6.05 54.80 -37.25
C ASN D 436 7.37 55.37 -37.76
N LYS D 437 8.33 55.56 -36.86
CA LYS D 437 9.56 56.26 -37.25
C LYS D 437 10.47 55.37 -38.08
N LEU D 438 10.58 54.09 -37.71
CA LEU D 438 11.49 53.19 -38.42
C LEU D 438 10.95 52.84 -39.80
N ASP D 439 9.62 52.86 -39.96
CA ASP D 439 9.02 52.41 -41.22
C ASP D 439 8.76 53.57 -42.17
N SER D 440 8.29 54.70 -41.65
CA SER D 440 7.90 55.81 -42.52
C SER D 440 9.08 56.38 -43.27
N LYS D 441 8.88 56.64 -44.56
CA LYS D 441 9.89 57.24 -45.44
C LYS D 441 11.19 56.46 -45.41
N GLY D 444 7.03 58.16 -48.73
CA GLY D 444 7.18 57.11 -47.75
C GLY D 444 8.01 55.95 -48.23
N ASN D 445 8.25 54.97 -47.35
CA ASN D 445 9.04 53.80 -47.67
C ASN D 445 8.11 52.67 -48.09
N TYR D 446 8.44 52.00 -49.19
CA TYR D 446 7.57 51.01 -49.80
C TYR D 446 8.27 49.68 -50.07
N ASN D 447 9.37 49.40 -49.38
CA ASN D 447 10.20 48.24 -49.72
C ASN D 447 9.50 46.92 -49.37
N TYR D 448 8.78 46.88 -48.26
CA TYR D 448 8.24 45.62 -47.74
C TYR D 448 6.89 45.33 -48.39
N LEU D 449 6.92 44.60 -49.51
CA LEU D 449 5.69 44.20 -50.17
C LEU D 449 5.08 42.99 -49.47
N TYR D 450 3.76 43.00 -49.32
CA TYR D 450 3.05 41.91 -48.66
C TYR D 450 2.04 41.31 -49.63
N ARG D 451 1.88 39.99 -49.58
CA ARG D 451 1.03 39.30 -50.53
C ARG D 451 -0.45 39.51 -50.21
N LEU D 452 -1.23 39.84 -51.25
CA LEU D 452 -2.67 39.97 -51.14
C LEU D 452 -3.43 39.18 -52.21
N PHE D 453 -2.75 38.40 -53.04
CA PHE D 453 -3.36 37.72 -54.17
C PHE D 453 -2.83 36.30 -54.24
N ARG D 454 -3.69 35.32 -53.94
CA ARG D 454 -3.27 33.93 -53.96
C ARG D 454 -4.48 33.03 -54.15
N LYS D 455 -4.22 31.76 -54.49
CA LYS D 455 -5.29 30.80 -54.71
C LYS D 455 -6.10 30.55 -53.44
N SER D 456 -5.42 30.24 -52.34
CA SER D 456 -6.10 29.79 -51.13
C SER D 456 -5.38 30.31 -49.89
N ASN D 457 -6.07 30.24 -48.76
CA ASN D 457 -5.49 30.63 -47.48
C ASN D 457 -4.42 29.63 -47.06
N LEU D 458 -3.31 30.14 -46.53
CA LEU D 458 -2.20 29.29 -46.13
C LEU D 458 -2.52 28.57 -44.82
N LYS D 459 -1.90 27.41 -44.65
CA LYS D 459 -2.10 26.63 -43.44
C LYS D 459 -1.42 27.32 -42.26
N PRO D 460 -1.92 27.12 -41.04
CA PRO D 460 -1.37 27.84 -39.89
C PRO D 460 0.11 27.57 -39.68
N PHE D 461 0.87 28.65 -39.44
CA PHE D 461 2.32 28.57 -39.26
C PHE D 461 3.00 28.00 -40.51
N GLU D 462 2.79 28.66 -41.65
CA GLU D 462 3.34 28.23 -42.93
C GLU D 462 4.17 29.34 -43.55
N ARG D 463 5.36 28.99 -44.04
CA ARG D 463 6.16 29.94 -44.81
C ARG D 463 5.58 30.12 -46.21
N ASP D 464 5.32 31.37 -46.58
CA ASP D 464 4.85 31.71 -47.92
C ASP D 464 5.88 32.54 -48.67
N ILE D 465 7.15 32.16 -48.55
CA ILE D 465 8.23 32.91 -49.19
C ILE D 465 8.12 32.82 -50.71
N SER D 466 7.78 31.65 -51.22
CA SER D 466 7.68 31.45 -52.67
C SER D 466 6.65 32.40 -53.25
N THR D 467 7.04 33.12 -54.30
CA THR D 467 6.19 34.11 -54.94
C THR D 467 6.04 33.76 -56.42
N GLU D 468 4.80 33.56 -56.85
CA GLU D 468 4.48 33.37 -58.25
C GLU D 468 3.25 34.20 -58.58
N ILE D 469 3.26 34.77 -59.78
CA ILE D 469 2.14 35.57 -60.25
C ILE D 469 0.84 34.77 -60.14
N TYR D 470 -0.11 35.31 -59.39
CA TYR D 470 -1.36 34.62 -59.09
C TYR D 470 -2.38 34.86 -60.19
N GLN D 471 -2.95 33.76 -60.69
CA GLN D 471 -3.96 33.82 -61.74
C GLN D 471 -5.28 34.29 -61.15
N ALA D 472 -5.65 35.54 -61.42
CA ALA D 472 -6.90 36.07 -60.89
C ALA D 472 -8.11 35.46 -61.58
N GLY D 473 -7.93 34.90 -62.78
CA GLY D 473 -9.04 34.36 -63.52
C GLY D 473 -8.70 33.25 -64.49
N ASN D 474 -9.53 33.11 -65.53
CA ASN D 474 -9.37 31.99 -66.46
C ASN D 474 -8.14 32.18 -67.37
N LYS D 475 -7.83 33.43 -67.72
CA LYS D 475 -6.74 33.66 -68.66
C LYS D 475 -5.43 33.19 -68.02
N PRO D 476 -4.64 32.37 -68.74
CA PRO D 476 -3.43 31.79 -68.14
C PRO D 476 -2.46 32.87 -67.70
N CYS D 477 -2.01 32.76 -66.44
CA CYS D 477 -1.22 33.81 -65.82
C CYS D 477 0.11 34.04 -66.53
N ASN D 478 0.57 33.08 -67.33
CA ASN D 478 1.80 33.27 -68.09
C ASN D 478 1.71 34.54 -68.93
N GLY D 479 2.83 35.26 -69.01
CA GLY D 479 2.84 36.61 -69.53
C GLY D 479 2.67 37.69 -68.49
N VAL D 480 3.20 37.47 -67.27
CA VAL D 480 3.31 38.39 -66.12
C VAL D 480 1.91 38.84 -65.71
N ALA D 481 1.80 39.57 -64.61
CA ALA D 481 0.51 39.94 -64.04
C ALA D 481 -0.25 40.89 -64.96
N GLY D 482 -1.58 40.79 -64.93
CA GLY D 482 -2.41 41.63 -65.74
C GLY D 482 -3.88 41.40 -65.44
N PHE D 483 -4.66 41.28 -66.49
CA PHE D 483 -6.04 40.83 -66.35
C PHE D 483 -6.08 39.33 -66.12
N ASN D 484 -6.87 38.90 -65.13
CA ASN D 484 -6.98 37.50 -64.72
C ASN D 484 -5.66 36.92 -64.24
N CYS D 485 -4.71 37.76 -63.84
CA CYS D 485 -3.39 37.34 -63.41
C CYS D 485 -2.76 38.47 -62.62
N TYR D 486 -2.48 38.24 -61.34
CA TYR D 486 -2.05 39.30 -60.44
C TYR D 486 -0.81 38.87 -59.67
N PHE D 487 0.09 39.83 -59.43
CA PHE D 487 1.21 39.57 -58.54
C PHE D 487 0.73 39.56 -57.09
N PRO D 488 1.06 38.54 -56.30
CA PRO D 488 0.58 38.52 -54.91
C PRO D 488 1.02 39.73 -54.10
N LEU D 489 2.25 40.19 -54.29
CA LEU D 489 2.83 41.19 -53.40
C LEU D 489 2.17 42.55 -53.60
N ARG D 490 1.82 43.19 -52.48
CA ARG D 490 1.37 44.58 -52.47
C ARG D 490 2.24 45.33 -51.50
N SER D 491 2.79 46.46 -51.94
CA SER D 491 3.75 47.19 -51.14
C SER D 491 3.09 47.81 -49.91
N TYR D 492 3.83 47.83 -48.80
CA TYR D 492 3.28 48.36 -47.56
C TYR D 492 3.23 49.89 -47.58
N SER D 493 4.17 50.52 -48.29
CA SER D 493 4.09 51.92 -48.66
C SER D 493 3.80 52.82 -47.45
N PHE D 494 4.58 52.66 -46.40
CA PHE D 494 4.34 53.40 -45.16
C PHE D 494 4.86 54.82 -45.32
N ARG D 495 3.94 55.74 -45.59
CA ARG D 495 4.11 57.18 -45.65
C ARG D 495 4.04 57.78 -44.25
N PRO D 496 4.94 58.72 -43.93
CA PRO D 496 4.80 59.45 -42.66
C PRO D 496 3.49 60.20 -42.56
N THR D 497 2.94 60.63 -43.69
CA THR D 497 1.59 61.21 -43.69
C THR D 497 0.54 60.17 -43.31
N TYR D 498 0.82 58.90 -43.56
CA TYR D 498 -0.11 57.81 -43.27
C TYR D 498 0.09 57.22 -41.88
N GLY D 499 0.52 58.03 -40.91
CA GLY D 499 0.67 57.53 -39.56
C GLY D 499 -0.65 57.16 -38.91
N VAL D 500 -1.71 57.93 -39.21
CA VAL D 500 -2.99 57.70 -38.55
C VAL D 500 -3.62 56.38 -39.00
N GLY D 501 -3.61 56.11 -40.29
CA GLY D 501 -4.19 54.89 -40.85
C GLY D 501 -3.10 53.92 -41.24
N HIS D 502 -3.29 52.65 -40.88
CA HIS D 502 -2.26 51.63 -41.02
C HIS D 502 -0.96 52.09 -40.35
N GLN D 503 -1.06 52.34 -39.05
CA GLN D 503 0.07 52.89 -38.30
C GLN D 503 1.20 51.87 -38.24
N PRO D 504 2.41 52.23 -38.67
CA PRO D 504 3.51 51.26 -38.68
C PRO D 504 3.77 50.64 -37.32
N TYR D 505 3.53 49.34 -37.23
CA TYR D 505 3.79 48.56 -36.02
C TYR D 505 4.69 47.38 -36.36
N ARG D 506 5.61 47.08 -35.46
CA ARG D 506 6.46 45.89 -35.55
C ARG D 506 5.90 44.84 -34.62
N VAL D 507 5.56 43.67 -35.15
CA VAL D 507 5.01 42.57 -34.37
C VAL D 507 5.97 41.40 -34.40
N VAL D 508 6.34 40.93 -33.21
CA VAL D 508 7.06 39.67 -33.05
C VAL D 508 6.16 38.73 -32.25
N VAL D 509 5.88 37.56 -32.80
CA VAL D 509 5.04 36.58 -32.14
C VAL D 509 5.95 35.57 -31.43
N LEU D 510 5.67 35.36 -30.15
CA LEU D 510 6.44 34.44 -29.32
C LEU D 510 5.61 33.19 -29.07
N SER D 511 6.05 32.06 -29.60
CA SER D 511 5.36 30.79 -29.42
C SER D 511 6.19 29.91 -28.51
N PHE D 512 5.62 29.52 -27.38
CA PHE D 512 6.29 28.69 -26.39
C PHE D 512 5.92 27.24 -26.62
N GLU D 513 6.90 26.43 -27.04
CA GLU D 513 6.67 25.01 -27.21
C GLU D 513 6.54 24.34 -25.85
N LEU D 514 5.50 23.51 -25.71
CA LEU D 514 5.05 23.06 -24.38
C LEU D 514 5.87 21.89 -23.86
N LEU D 515 7.16 22.17 -23.61
CA LEU D 515 8.04 21.29 -22.84
C LEU D 515 8.04 19.86 -23.36
N HIS D 516 8.12 19.71 -24.68
CA HIS D 516 8.32 18.38 -25.25
C HIS D 516 9.67 17.81 -24.83
N ALA D 517 10.70 18.65 -24.83
CA ALA D 517 12.00 18.35 -24.26
C ALA D 517 12.11 18.98 -22.88
N PRO D 518 13.16 18.67 -22.12
CA PRO D 518 13.39 19.40 -20.86
C PRO D 518 13.44 20.91 -21.11
N ALA D 519 12.80 21.65 -20.22
CA ALA D 519 12.61 23.09 -20.42
C ALA D 519 13.95 23.81 -20.46
N THR D 520 14.32 24.31 -21.64
CA THR D 520 15.55 25.05 -21.82
C THR D 520 15.39 26.56 -21.62
N VAL D 521 14.18 27.04 -21.40
CA VAL D 521 13.91 28.46 -21.18
C VAL D 521 13.22 28.60 -19.83
N CYS D 522 13.70 29.55 -19.03
CA CYS D 522 13.15 29.80 -17.70
C CYS D 522 13.26 31.29 -17.38
N GLY D 523 12.37 31.76 -16.52
CA GLY D 523 12.39 33.13 -16.06
C GLY D 523 13.29 33.31 -14.86
N PRO D 524 13.43 34.56 -14.43
CA PRO D 524 14.23 34.83 -13.23
C PRO D 524 13.62 34.18 -12.00
N LYS D 525 14.48 33.58 -11.17
CA LYS D 525 14.04 32.85 -10.01
C LYS D 525 15.04 33.05 -8.88
N LYS D 526 14.65 32.61 -7.68
CA LYS D 526 15.58 32.43 -6.56
C LYS D 526 16.28 33.74 -6.18
N SER D 527 15.51 34.71 -5.68
CA SER D 527 16.06 36.02 -5.40
C SER D 527 16.55 36.15 -3.96
N THR D 528 16.05 35.31 -3.05
CA THR D 528 16.33 35.48 -1.63
C THR D 528 17.81 35.30 -1.31
N ASN D 529 18.32 36.14 -0.40
CA ASN D 529 19.68 36.00 0.10
C ASN D 529 19.74 34.97 1.22
N LEU D 530 20.94 34.50 1.53
CA LEU D 530 21.10 33.48 2.55
C LEU D 530 21.21 34.10 3.94
N VAL D 531 20.82 33.32 4.94
CA VAL D 531 20.88 33.72 6.34
C VAL D 531 21.40 32.55 7.16
N LYS D 532 22.38 32.84 8.02
CA LYS D 532 23.07 31.83 8.80
C LYS D 532 22.63 31.88 10.26
N ASN D 533 22.85 30.75 10.95
CA ASN D 533 22.64 30.64 12.39
C ASN D 533 21.20 30.95 12.79
N LYS D 534 20.24 30.63 11.93
CA LYS D 534 18.82 30.79 12.23
C LYS D 534 18.05 29.57 11.76
N CYS D 535 17.10 29.14 12.58
CA CYS D 535 16.22 28.04 12.19
C CYS D 535 15.30 28.52 11.07
N VAL D 536 15.58 28.06 9.85
CA VAL D 536 14.90 28.54 8.65
C VAL D 536 14.44 27.35 7.83
N ASN D 537 13.48 27.62 6.95
CA ASN D 537 13.01 26.65 5.95
C ASN D 537 13.53 27.11 4.60
N PHE D 538 14.46 26.35 4.02
CA PHE D 538 15.23 26.81 2.88
C PHE D 538 14.98 25.92 1.67
N ASN D 539 15.08 26.51 0.49
CA ASN D 539 15.05 25.78 -0.78
C ASN D 539 16.33 26.10 -1.54
N PHE D 540 17.32 25.21 -1.45
CA PHE D 540 18.63 25.42 -2.07
C PHE D 540 18.63 24.75 -3.44
N ASN D 541 18.32 25.53 -4.47
CA ASN D 541 18.36 25.05 -5.86
C ASN D 541 17.48 23.82 -6.06
N GLY D 542 16.29 23.85 -5.46
CA GLY D 542 15.31 22.80 -5.68
C GLY D 542 15.20 21.76 -4.59
N LEU D 543 16.04 21.81 -3.56
CA LEU D 543 15.96 20.89 -2.44
C LEU D 543 15.38 21.64 -1.24
N LYS D 544 14.35 21.05 -0.62
CA LYS D 544 13.61 21.70 0.44
C LYS D 544 14.07 21.15 1.79
N GLY D 545 14.47 22.04 2.69
CA GLY D 545 14.90 21.65 4.02
C GLY D 545 14.57 22.72 5.02
N THR D 546 14.47 22.31 6.28
CA THR D 546 14.15 23.19 7.39
C THR D 546 15.09 22.90 8.55
N GLY D 547 15.95 23.87 8.87
CA GLY D 547 16.88 23.71 9.97
C GLY D 547 17.81 24.90 10.06
N VAL D 548 18.53 24.96 11.18
CA VAL D 548 19.53 26.00 11.37
C VAL D 548 20.72 25.73 10.45
N LEU D 549 21.23 26.79 9.84
CA LEU D 549 22.28 26.69 8.83
C LEU D 549 23.57 27.31 9.33
N THR D 550 24.66 26.57 9.21
CA THR D 550 25.98 27.04 9.63
C THR D 550 27.00 26.66 8.57
N GLU D 551 28.19 27.24 8.69
CA GLU D 551 29.27 26.93 7.76
C GLU D 551 29.70 25.47 7.93
N SER D 552 30.21 24.88 6.85
CA SER D 552 30.62 23.49 6.84
C SER D 552 32.15 23.41 6.73
N ASN D 553 32.76 22.70 7.67
CA ASN D 553 34.20 22.51 7.64
C ASN D 553 34.59 21.41 6.64
N LYS D 554 33.74 20.40 6.48
CA LYS D 554 34.08 19.27 5.62
C LYS D 554 34.15 19.70 4.17
N LYS D 555 35.17 19.21 3.47
CA LYS D 555 35.38 19.56 2.07
C LYS D 555 34.41 18.80 1.17
N PHE D 556 34.14 19.39 0.01
CA PHE D 556 33.31 18.76 -1.02
C PHE D 556 34.08 18.69 -2.33
N LEU D 557 33.97 17.56 -3.02
CA LEU D 557 34.54 17.43 -4.34
C LEU D 557 33.78 18.32 -5.32
N PRO D 558 34.43 18.75 -6.41
CA PRO D 558 33.77 19.70 -7.32
C PRO D 558 32.44 19.22 -7.88
N PHE D 559 32.31 17.93 -8.19
CA PHE D 559 31.08 17.46 -8.81
C PHE D 559 29.93 17.37 -7.81
N GLN D 560 30.22 16.97 -6.57
CA GLN D 560 29.17 16.78 -5.58
C GLN D 560 28.76 18.11 -4.97
N GLN D 561 27.45 18.33 -4.85
CA GLN D 561 26.88 19.58 -4.37
C GLN D 561 26.37 19.50 -2.94
N PHE D 562 25.63 18.45 -2.60
CA PHE D 562 25.09 18.26 -1.27
C PHE D 562 25.52 16.90 -0.74
N GLY D 563 25.54 16.78 0.59
CA GLY D 563 25.98 15.55 1.22
C GLY D 563 25.02 15.00 2.26
N ARG D 564 24.69 13.72 2.15
CA ARG D 564 23.80 13.04 3.09
C ARG D 564 24.64 12.16 4.00
N ASP D 565 24.38 12.24 5.30
CA ASP D 565 25.18 11.54 6.31
C ASP D 565 24.66 10.11 6.46
N ILE D 566 25.08 9.42 7.52
CA ILE D 566 24.60 8.07 7.80
C ILE D 566 23.10 8.08 8.03
N ALA D 567 22.56 9.20 8.50
CA ALA D 567 21.11 9.34 8.65
C ALA D 567 20.40 9.44 7.30
N ASP D 568 21.17 9.56 6.21
CA ASP D 568 20.67 9.69 4.84
C ASP D 568 19.95 11.00 4.60
N THR D 569 19.98 11.93 5.56
CA THR D 569 19.48 13.28 5.36
C THR D 569 20.63 14.18 4.97
N THR D 570 20.32 15.19 4.15
CA THR D 570 21.34 16.11 3.68
C THR D 570 21.88 16.92 4.86
N ASP D 571 23.11 16.60 5.29
CA ASP D 571 23.73 17.27 6.41
C ASP D 571 24.68 18.39 5.98
N ALA D 572 24.96 18.54 4.69
CA ALA D 572 25.81 19.60 4.20
C ALA D 572 25.47 19.87 2.74
N VAL D 573 25.25 21.14 2.42
CA VAL D 573 24.91 21.57 1.07
C VAL D 573 25.81 22.75 0.72
N ARG D 574 26.25 22.79 -0.54
CA ARG D 574 27.03 23.93 -0.99
C ARG D 574 26.11 24.98 -1.60
N ASP D 575 26.39 26.24 -1.29
CA ASP D 575 25.51 27.33 -1.70
C ASP D 575 25.63 27.55 -3.20
N PRO D 576 24.52 27.48 -3.95
CA PRO D 576 24.59 27.68 -5.40
C PRO D 576 25.12 29.06 -5.78
N GLN D 577 24.76 30.08 -5.01
CA GLN D 577 25.28 31.43 -5.28
C GLN D 577 26.77 31.52 -4.99
N THR D 578 27.19 31.06 -3.82
CA THR D 578 28.59 31.06 -3.42
C THR D 578 29.00 29.64 -3.07
N LEU D 579 29.91 29.06 -3.87
CA LEU D 579 30.18 27.63 -3.84
C LEU D 579 30.63 27.12 -2.48
N GLU D 580 30.80 28.00 -1.49
CA GLU D 580 31.17 27.58 -0.15
C GLU D 580 30.17 26.58 0.43
N ILE D 581 30.70 25.53 1.08
CA ILE D 581 29.87 24.49 1.67
C ILE D 581 29.32 24.96 3.01
N LEU D 582 28.06 24.64 3.30
CA LEU D 582 27.41 25.00 4.55
C LEU D 582 26.85 23.75 5.21
N ASP D 583 26.99 23.68 6.54
CA ASP D 583 26.44 22.56 7.28
C ASP D 583 25.03 22.88 7.74
N ILE D 584 24.12 21.92 7.54
CA ILE D 584 22.72 22.06 7.93
C ILE D 584 22.41 21.02 9.00
N THR D 585 21.91 21.51 10.14
CA THR D 585 21.39 20.67 11.21
C THR D 585 19.95 21.10 11.45
N PRO D 586 19.04 20.19 11.76
CA PRO D 586 17.64 20.57 11.96
C PRO D 586 17.46 21.42 13.20
N CYS D 587 16.36 22.19 13.21
CA CYS D 587 16.04 23.00 14.37
C CYS D 587 15.86 22.11 15.59
N SER D 588 16.31 22.62 16.75
CA SER D 588 16.37 21.81 17.95
C SER D 588 14.99 21.26 18.32
N PHE D 589 14.93 19.96 18.59
CA PHE D 589 13.70 19.29 18.95
C PHE D 589 13.93 18.45 20.19
N GLY D 590 12.85 18.21 20.94
CA GLY D 590 12.93 17.37 22.13
C GLY D 590 11.55 17.15 22.71
N GLY D 591 11.47 16.13 23.56
CA GLY D 591 10.25 15.79 24.26
C GLY D 591 10.26 16.37 25.67
N VAL D 592 9.09 16.71 26.17
CA VAL D 592 8.93 17.30 27.49
C VAL D 592 8.28 16.29 28.42
N SER D 593 8.68 16.33 29.68
CA SER D 593 8.08 15.50 30.72
C SER D 593 7.80 16.37 31.94
N VAL D 594 6.69 16.07 32.61
CA VAL D 594 6.21 16.89 33.73
C VAL D 594 6.36 16.08 35.01
N ILE D 595 7.01 16.67 36.01
CA ILE D 595 7.17 16.08 37.32
C ILE D 595 6.14 16.71 38.24
N THR D 596 5.26 15.88 38.81
CA THR D 596 4.19 16.38 39.64
C THR D 596 4.12 15.61 40.95
N PRO D 597 4.02 16.32 42.08
CA PRO D 597 3.83 15.62 43.37
C PRO D 597 2.52 14.86 43.43
N GLY D 598 1.55 15.23 42.61
CA GLY D 598 0.22 14.63 42.63
C GLY D 598 -0.81 15.73 42.73
N THR D 599 -2.00 15.47 42.18
CA THR D 599 -3.06 16.46 42.21
C THR D 599 -3.53 16.73 43.63
N ASN D 600 -3.51 15.72 44.50
CA ASN D 600 -3.84 15.95 45.90
C ASN D 600 -2.85 16.89 46.56
N THR D 601 -1.55 16.69 46.31
CA THR D 601 -0.51 17.49 46.95
C THR D 601 -0.15 18.68 46.07
N SER D 602 -1.04 19.67 46.09
CA SER D 602 -0.84 20.96 45.42
C SER D 602 -0.81 20.83 43.91
N ASN D 603 -0.70 21.97 43.22
CA ASN D 603 -0.59 21.99 41.76
C ASN D 603 0.78 22.43 41.28
N GLN D 604 1.73 22.66 42.17
CA GLN D 604 3.08 23.00 41.76
C GLN D 604 3.70 21.86 40.97
N VAL D 605 4.28 22.18 39.82
CA VAL D 605 4.89 21.19 38.95
C VAL D 605 6.26 21.67 38.48
N ALA D 606 7.08 20.70 38.10
CA ALA D 606 8.39 20.96 37.50
C ALA D 606 8.49 20.16 36.21
N VAL D 607 9.08 20.78 35.19
CA VAL D 607 9.14 20.20 33.84
C VAL D 607 10.60 20.04 33.44
N LEU D 608 10.92 18.89 32.86
CA LEU D 608 12.26 18.57 32.40
C LEU D 608 12.25 18.44 30.89
N TYR D 609 13.20 19.10 30.22
CA TYR D 609 13.33 19.05 28.77
C TYR D 609 14.43 18.05 28.42
N GLN D 610 14.03 16.93 27.82
CA GLN D 610 14.93 15.80 27.65
C GLN D 610 16.00 16.09 26.60
N GLY D 611 17.25 15.81 26.97
CA GLY D 611 18.36 15.88 26.03
C GLY D 611 18.56 17.22 25.35
N VAL D 612 18.39 18.31 26.10
CA VAL D 612 18.52 19.66 25.54
C VAL D 612 19.29 20.54 26.51
N ASN D 613 20.28 21.25 25.99
CA ASN D 613 21.06 22.20 26.77
C ASN D 613 20.15 23.26 27.38
N CYS D 614 20.48 23.67 28.60
CA CYS D 614 19.68 24.69 29.28
C CYS D 614 19.72 26.00 28.52
N THR D 615 20.89 26.37 27.99
CA THR D 615 20.99 27.56 27.17
C THR D 615 20.31 27.36 25.81
N GLU D 616 20.21 26.10 25.37
CA GLU D 616 19.61 25.83 24.06
C GLU D 616 18.14 26.26 24.01
N VAL D 617 17.38 25.97 25.06
CA VAL D 617 15.96 26.29 25.10
C VAL D 617 15.80 27.72 25.61
N PRO D 618 15.06 28.58 24.91
CA PRO D 618 14.74 29.90 25.46
C PRO D 618 13.61 29.81 26.47
N VAL D 619 13.54 30.82 27.33
CA VAL D 619 12.44 30.91 28.28
C VAL D 619 11.13 31.19 27.56
N ALA D 620 11.21 31.87 26.41
CA ALA D 620 10.00 32.12 25.62
C ALA D 620 9.57 30.87 24.87
N ILE D 621 10.53 30.09 24.38
CA ILE D 621 10.22 28.87 23.65
C ILE D 621 11.37 27.86 23.79
N THR D 629 3.96 26.13 24.06
CA THR D 629 2.70 26.81 24.35
C THR D 629 2.71 27.40 25.76
N TRP D 630 3.30 26.67 26.69
CA TRP D 630 3.36 27.12 28.08
C TRP D 630 4.38 28.25 28.23
N ARG D 631 4.31 28.93 29.36
CA ARG D 631 5.22 30.04 29.63
C ARG D 631 6.66 29.57 29.87
N VAL D 632 6.87 28.27 30.03
CA VAL D 632 8.18 27.69 30.32
C VAL D 632 8.70 28.32 31.62
N TYR D 633 7.78 28.62 32.53
CA TYR D 633 8.08 29.23 33.84
C TYR D 633 8.89 30.50 33.59
N SER D 634 10.04 30.68 34.24
CA SER D 634 10.85 31.87 34.06
C SER D 634 12.30 31.55 34.40
N THR D 635 13.19 32.43 33.98
CA THR D 635 14.60 32.29 34.35
C THR D 635 14.78 32.44 35.85
N GLY D 636 13.91 33.21 36.50
CA GLY D 636 13.95 33.28 37.96
C GLY D 636 13.71 31.93 38.61
N SER D 637 12.85 31.12 38.01
CA SER D 637 12.68 29.75 38.47
C SER D 637 13.99 28.98 38.32
N ASN D 638 14.28 28.14 39.31
CA ASN D 638 15.56 27.44 39.37
C ASN D 638 15.75 26.56 38.14
N VAL D 639 16.93 26.66 37.53
CA VAL D 639 17.26 25.92 36.32
C VAL D 639 18.45 25.02 36.63
N PHE D 640 18.27 23.72 36.43
CA PHE D 640 19.30 22.73 36.68
C PHE D 640 19.58 21.94 35.41
N GLN D 641 20.85 21.82 35.05
CA GLN D 641 21.26 21.09 33.85
C GLN D 641 21.73 19.70 34.24
N THR D 642 21.08 18.69 33.68
CA THR D 642 21.39 17.29 34.00
C THR D 642 21.75 16.55 32.71
N ARG D 643 22.26 15.33 32.88
CA ARG D 643 22.55 14.48 31.74
C ARG D 643 21.27 14.15 30.98
N ALA D 644 20.17 13.94 31.70
CA ALA D 644 18.89 13.70 31.04
C ALA D 644 18.45 14.93 30.25
N GLY D 645 18.69 16.12 30.79
CA GLY D 645 18.32 17.34 30.09
C GLY D 645 18.26 18.50 31.06
N CYS D 646 17.51 19.52 30.66
CA CYS D 646 17.33 20.73 31.45
C CYS D 646 16.03 20.63 32.24
N LEU D 647 16.11 20.88 33.54
CA LEU D 647 14.97 20.80 34.44
C LEU D 647 14.64 22.19 34.96
N ILE D 648 13.36 22.57 34.88
CA ILE D 648 12.90 23.89 35.27
C ILE D 648 11.92 23.77 36.42
N GLY D 649 12.07 24.64 37.42
CA GLY D 649 11.12 24.73 38.51
C GLY D 649 11.44 23.93 39.76
N ALA D 650 12.65 23.39 39.87
CA ALA D 650 13.04 22.62 41.05
C ALA D 650 14.38 23.10 41.57
N GLU D 651 14.51 23.12 42.89
CA GLU D 651 15.72 23.54 43.58
C GLU D 651 16.64 22.33 43.74
N TYR D 652 17.85 22.42 43.22
CA TYR D 652 18.84 21.40 43.53
C TYR D 652 19.41 21.62 44.92
N VAL D 653 19.51 20.54 45.69
CA VAL D 653 19.98 20.61 47.07
C VAL D 653 21.14 19.65 47.24
N ASN D 654 21.96 19.91 48.26
CA ASN D 654 23.14 19.08 48.48
C ASN D 654 22.83 17.95 49.44
N ASN D 655 21.75 18.08 50.21
CA ASN D 655 21.26 16.97 51.02
C ASN D 655 20.75 15.85 50.11
N SER D 656 21.08 14.62 50.48
CA SER D 656 20.73 13.44 49.67
C SER D 656 19.58 12.71 50.33
N TYR D 657 18.54 12.42 49.54
CA TYR D 657 17.35 11.74 50.02
C TYR D 657 17.04 10.56 49.11
N GLU D 658 16.28 9.60 49.65
CA GLU D 658 15.84 8.47 48.86
C GLU D 658 14.92 8.94 47.74
N CYS D 659 15.04 8.32 46.57
CA CYS D 659 14.31 8.75 45.39
C CYS D 659 12.80 8.66 45.61
N ASP D 660 12.09 9.65 45.08
CA ASP D 660 10.63 9.65 45.03
C ASP D 660 10.11 9.69 43.60
N ILE D 661 10.66 10.56 42.77
CA ILE D 661 10.35 10.62 41.35
C ILE D 661 11.66 10.53 40.59
N PRO D 662 11.88 9.50 39.78
CA PRO D 662 13.19 9.36 39.11
C PRO D 662 13.35 10.28 37.91
N ILE D 663 14.14 11.35 38.08
CA ILE D 663 14.49 12.20 36.94
C ILE D 663 15.46 11.47 36.01
N GLY D 664 16.45 10.79 36.58
CA GLY D 664 17.45 10.07 35.80
C GLY D 664 18.87 10.53 36.06
N ALA D 665 19.84 9.67 35.75
CA ALA D 665 21.26 9.96 35.95
C ALA D 665 21.57 10.33 37.40
N GLY D 666 20.97 9.60 38.34
CA GLY D 666 21.19 9.83 39.74
C GLY D 666 20.45 11.00 40.34
N ILE D 667 19.51 11.59 39.61
CA ILE D 667 18.76 12.75 40.07
C ILE D 667 17.32 12.34 40.33
N CYS D 668 16.79 12.72 41.48
CA CYS D 668 15.40 12.46 41.83
C CYS D 668 14.83 13.69 42.52
N ALA D 669 13.51 13.85 42.42
CA ALA D 669 12.84 15.01 42.96
C ALA D 669 11.66 14.59 43.82
N SER D 670 11.30 15.44 44.78
CA SER D 670 10.20 15.17 45.69
C SER D 670 9.65 16.49 46.20
N TYR D 671 8.41 16.44 46.68
CA TYR D 671 7.75 17.60 47.25
C TYR D 671 8.05 17.65 48.75
N GLN D 672 8.86 18.63 49.16
CA GLN D 672 9.28 18.76 50.54
C GLN D 672 9.23 20.22 50.97
N THR D 673 9.10 20.42 52.28
CA THR D 673 9.05 21.77 52.84
C THR D 673 10.46 22.29 53.13
N SER D 686 6.13 25.94 53.25
CA SER D 686 7.27 26.18 52.36
C SER D 686 7.53 24.97 51.48
N GLN D 687 6.47 24.23 51.17
CA GLN D 687 6.59 23.05 50.33
C GLN D 687 6.94 23.45 48.90
N SER D 688 7.98 22.84 48.36
CA SER D 688 8.40 23.09 46.99
C SER D 688 9.07 21.84 46.44
N ILE D 689 9.11 21.75 45.11
CA ILE D 689 9.77 20.62 44.46
C ILE D 689 11.27 20.85 44.47
N ILE D 690 12.01 19.89 45.01
CA ILE D 690 13.46 19.96 45.13
C ILE D 690 14.07 18.75 44.43
N ALA D 691 15.14 18.98 43.68
CA ALA D 691 15.88 17.91 43.01
C ALA D 691 17.11 17.57 43.85
N TYR D 692 17.32 16.28 44.11
CA TYR D 692 18.39 15.86 44.99
C TYR D 692 19.17 14.71 44.37
N THR D 693 20.46 14.65 44.71
CA THR D 693 21.30 13.54 44.30
C THR D 693 20.90 12.28 45.07
N MET D 694 20.96 11.14 44.37
CA MET D 694 20.59 9.87 44.97
C MET D 694 21.39 9.60 46.24
N SER D 695 20.69 9.11 47.27
CA SER D 695 21.33 8.58 48.46
C SER D 695 21.34 7.06 48.33
N LEU D 696 22.53 6.49 48.13
CA LEU D 696 22.63 5.05 47.99
C LEU D 696 22.17 4.33 49.25
N GLY D 697 22.53 4.87 50.41
CA GLY D 697 22.15 4.27 51.66
C GLY D 697 23.06 4.77 52.77
N ALA D 698 22.81 4.25 53.97
CA ALA D 698 23.66 4.60 55.10
C ALA D 698 25.04 3.99 54.93
N GLU D 699 26.05 4.73 55.37
CA GLU D 699 27.44 4.30 55.28
C GLU D 699 27.86 3.67 56.61
N ASN D 700 28.16 2.38 56.56
CA ASN D 700 28.58 1.63 57.74
C ASN D 700 29.96 1.02 57.50
N SER D 701 30.86 1.23 58.45
CA SER D 701 32.19 0.65 58.42
C SER D 701 32.30 -0.41 59.50
N VAL D 702 32.64 -1.63 59.11
CA VAL D 702 32.75 -2.76 60.02
C VAL D 702 34.22 -3.08 60.23
N ALA D 703 34.63 -3.17 61.50
CA ALA D 703 36.04 -3.26 61.86
C ALA D 703 36.54 -4.69 61.67
N TYR D 704 37.12 -4.96 60.51
CA TYR D 704 37.81 -6.22 60.29
C TYR D 704 39.10 -6.27 61.12
N SER D 705 39.43 -7.44 61.64
CA SER D 705 40.61 -7.61 62.47
C SER D 705 41.08 -9.06 62.43
N ASN D 706 42.31 -9.28 62.91
CA ASN D 706 42.85 -10.62 63.00
C ASN D 706 42.02 -11.51 63.92
N ASN D 707 41.55 -10.96 65.03
CA ASN D 707 41.01 -11.75 66.13
C ASN D 707 39.67 -11.24 66.64
N SER D 708 39.00 -10.35 65.90
CA SER D 708 37.74 -9.78 66.34
C SER D 708 36.58 -10.48 65.64
N ILE D 709 35.67 -11.03 66.43
CA ILE D 709 34.47 -11.68 65.92
C ILE D 709 33.28 -11.17 66.71
N ALA D 710 32.11 -11.19 66.07
CA ALA D 710 30.86 -10.77 66.69
C ALA D 710 29.89 -11.93 66.67
N ILE D 711 29.22 -12.15 67.81
CA ILE D 711 28.24 -13.21 67.96
C ILE D 711 26.96 -12.58 68.49
N PRO D 712 25.81 -12.80 67.85
CA PRO D 712 24.57 -12.19 68.35
C PRO D 712 24.19 -12.77 69.71
N THR D 713 23.75 -11.89 70.60
CA THR D 713 23.28 -12.29 71.93
C THR D 713 21.76 -12.38 72.00
N ASN D 714 21.04 -12.02 70.93
CA ASN D 714 19.61 -12.15 70.90
C ASN D 714 19.13 -12.26 69.46
N PHE D 715 17.84 -12.55 69.30
CA PHE D 715 17.23 -12.72 68.00
C PHE D 715 15.86 -12.05 67.96
N THR D 716 15.40 -11.76 66.74
CA THR D 716 14.07 -11.24 66.51
C THR D 716 13.43 -12.02 65.37
N ILE D 717 12.17 -12.40 65.55
CA ILE D 717 11.40 -13.12 64.55
C ILE D 717 10.64 -12.10 63.72
N SER D 718 10.85 -12.12 62.40
CA SER D 718 10.26 -11.15 61.51
C SER D 718 9.40 -11.86 60.47
N VAL D 719 8.29 -11.22 60.11
CA VAL D 719 7.38 -11.71 59.08
C VAL D 719 7.36 -10.70 57.95
N THR D 720 7.71 -11.16 56.75
CA THR D 720 7.73 -10.32 55.56
C THR D 720 6.78 -10.90 54.52
N THR D 721 6.22 -10.01 53.71
CA THR D 721 5.19 -10.38 52.75
C THR D 721 5.75 -10.31 51.33
N GLU D 722 5.45 -11.33 50.54
CA GLU D 722 5.77 -11.35 49.12
C GLU D 722 4.47 -11.55 48.34
N ILE D 723 4.26 -10.69 47.34
CA ILE D 723 3.04 -10.71 46.52
C ILE D 723 3.46 -11.01 45.10
N LEU D 724 2.88 -12.06 44.51
CA LEU D 724 3.25 -12.52 43.19
C LEU D 724 1.99 -12.71 42.34
N PRO D 725 1.91 -12.11 41.16
CA PRO D 725 0.79 -12.41 40.26
C PRO D 725 0.79 -13.88 39.86
N VAL D 726 -0.41 -14.44 39.73
CA VAL D 726 -0.59 -15.85 39.41
C VAL D 726 -1.34 -16.04 38.09
N SER D 727 -2.47 -15.36 37.92
CA SER D 727 -3.27 -15.50 36.72
C SER D 727 -3.80 -14.13 36.30
N MET D 728 -4.05 -14.00 35.00
CA MET D 728 -4.66 -12.82 34.43
C MET D 728 -6.08 -13.14 33.99
N THR D 729 -6.89 -12.10 33.84
CA THR D 729 -8.29 -12.28 33.47
C THR D 729 -8.41 -12.97 32.12
N LYS D 730 -9.13 -14.08 32.09
CA LYS D 730 -9.37 -14.76 30.82
C LYS D 730 -10.27 -13.91 29.93
N THR D 731 -9.87 -13.75 28.67
CA THR D 731 -10.60 -12.90 27.75
C THR D 731 -10.86 -13.66 26.45
N SER D 732 -12.03 -13.39 25.87
CA SER D 732 -12.40 -13.95 24.58
C SER D 732 -12.91 -12.83 23.70
N VAL D 733 -12.74 -13.01 22.39
CA VAL D 733 -13.11 -12.01 21.40
C VAL D 733 -14.00 -12.65 20.36
N ASP D 734 -15.19 -12.07 20.14
CA ASP D 734 -16.01 -12.41 18.99
C ASP D 734 -15.52 -11.57 17.82
N CYS D 735 -14.68 -12.18 16.98
CA CYS D 735 -13.97 -11.42 15.95
C CYS D 735 -14.95 -10.76 14.97
N THR D 736 -16.00 -11.48 14.58
CA THR D 736 -16.83 -11.01 13.47
C THR D 736 -17.56 -9.71 13.82
N MET D 737 -18.01 -9.56 15.06
CA MET D 737 -18.78 -8.36 15.42
C MET D 737 -17.86 -7.19 15.71
N TYR D 738 -16.62 -7.46 16.12
CA TYR D 738 -15.64 -6.38 16.25
C TYR D 738 -15.25 -5.83 14.89
N ILE D 739 -14.95 -6.72 13.93
CA ILE D 739 -14.50 -6.27 12.62
C ILE D 739 -15.69 -5.82 11.77
N CYS D 740 -16.70 -6.68 11.63
CA CYS D 740 -17.88 -6.38 10.82
C CYS D 740 -19.13 -6.49 11.70
N GLY D 741 -19.44 -5.41 12.40
CA GLY D 741 -20.51 -5.46 13.39
C GLY D 741 -21.87 -5.15 12.77
N ASP D 742 -22.82 -6.06 12.97
CA ASP D 742 -24.21 -5.90 12.56
C ASP D 742 -24.36 -5.71 11.05
N SER D 743 -23.41 -6.22 10.27
CA SER D 743 -23.45 -6.11 8.82
C SER D 743 -23.27 -7.50 8.22
N THR D 744 -24.33 -8.03 7.62
CA THR D 744 -24.25 -9.34 6.97
C THR D 744 -23.29 -9.30 5.79
N GLU D 745 -23.34 -8.22 5.00
CA GLU D 745 -22.45 -8.12 3.83
C GLU D 745 -20.99 -8.09 4.25
N CYS D 746 -20.65 -7.32 5.29
CA CYS D 746 -19.26 -7.24 5.73
C CYS D 746 -18.75 -8.61 6.17
N SER D 747 -19.61 -9.41 6.81
CA SER D 747 -19.22 -10.76 7.21
C SER D 747 -18.82 -11.60 6.00
N ASN D 748 -19.55 -11.46 4.89
CA ASN D 748 -19.21 -12.20 3.68
C ASN D 748 -17.83 -11.81 3.15
N LEU D 749 -17.53 -10.51 3.13
CA LEU D 749 -16.20 -10.07 2.70
C LEU D 749 -15.13 -10.51 3.69
N LEU D 750 -15.47 -10.56 4.98
CA LEU D 750 -14.51 -11.01 5.98
C LEU D 750 -14.12 -12.47 5.76
N LEU D 751 -15.09 -13.32 5.41
CA LEU D 751 -14.78 -14.72 5.12
C LEU D 751 -13.85 -14.83 3.93
N GLN D 752 -14.06 -14.00 2.91
CA GLN D 752 -13.18 -14.01 1.75
C GLN D 752 -11.77 -13.57 2.11
N TYR D 753 -11.63 -12.80 3.20
CA TYR D 753 -10.34 -12.20 3.51
C TYR D 753 -9.33 -13.24 3.99
N GLY D 754 -9.77 -14.18 4.82
CA GLY D 754 -8.88 -15.22 5.29
C GLY D 754 -9.42 -15.87 6.56
N SER D 755 -8.57 -16.72 7.13
CA SER D 755 -8.89 -17.46 8.35
C SER D 755 -8.17 -16.91 9.58
N PHE D 756 -7.84 -15.61 9.57
CA PHE D 756 -7.18 -15.02 10.73
C PHE D 756 -8.04 -15.10 11.98
N CYS D 757 -9.37 -15.00 11.82
CA CYS D 757 -10.26 -15.11 12.96
C CYS D 757 -10.10 -16.43 13.69
N THR D 758 -9.91 -17.52 12.95
CA THR D 758 -9.67 -18.81 13.58
C THR D 758 -8.38 -18.81 14.39
N GLN D 759 -7.34 -18.18 13.87
CA GLN D 759 -6.06 -18.13 14.59
C GLN D 759 -6.19 -17.35 15.89
N LEU D 760 -6.89 -16.21 15.87
CA LEU D 760 -7.05 -15.42 17.09
C LEU D 760 -7.84 -16.17 18.15
N LYS D 761 -8.88 -16.91 17.73
CA LYS D 761 -9.64 -17.70 18.69
C LYS D 761 -8.77 -18.77 19.33
N ARG D 762 -7.92 -19.43 18.54
CA ARG D 762 -7.04 -20.46 19.08
C ARG D 762 -6.03 -19.86 20.05
N ALA D 763 -5.43 -18.73 19.68
CA ALA D 763 -4.39 -18.13 20.51
C ALA D 763 -4.96 -17.66 21.86
N LEU D 764 -6.12 -17.01 21.83
CA LEU D 764 -6.74 -16.55 23.07
C LEU D 764 -7.18 -17.72 23.94
N THR D 765 -7.70 -18.79 23.31
CA THR D 765 -8.14 -19.95 24.07
C THR D 765 -6.96 -20.61 24.78
N GLY D 766 -5.81 -20.71 24.10
CA GLY D 766 -4.63 -21.27 24.75
C GLY D 766 -4.20 -20.47 25.96
N ILE D 767 -4.30 -19.14 25.87
CA ILE D 767 -3.98 -18.28 27.01
C ILE D 767 -4.96 -18.54 28.16
N ALA D 768 -6.25 -18.64 27.84
CA ALA D 768 -7.25 -18.87 28.87
C ALA D 768 -7.05 -20.20 29.58
N VAL D 769 -6.78 -21.26 28.81
CA VAL D 769 -6.51 -22.57 29.40
C VAL D 769 -5.25 -22.52 30.25
N GLU D 770 -4.21 -21.85 29.74
CA GLU D 770 -2.96 -21.73 30.49
C GLU D 770 -3.18 -20.95 31.79
N GLN D 771 -4.10 -19.98 31.78
CA GLN D 771 -4.39 -19.23 32.99
C GLN D 771 -4.94 -20.13 34.09
N ASP D 772 -5.87 -21.02 33.73
CA ASP D 772 -6.39 -21.97 34.72
C ASP D 772 -5.32 -22.99 35.12
N LYS D 773 -4.47 -23.37 34.17
CA LYS D 773 -3.37 -24.28 34.49
C LYS D 773 -2.41 -23.64 35.49
N ASN D 774 -2.14 -22.33 35.32
CA ASN D 774 -1.23 -21.63 36.22
C ASN D 774 -1.75 -21.66 37.66
N THR D 775 -3.05 -21.44 37.84
CA THR D 775 -3.62 -21.52 39.19
C THR D 775 -3.50 -22.92 39.76
N GLN D 776 -3.62 -23.95 38.91
CA GLN D 776 -3.48 -25.32 39.38
C GLN D 776 -2.09 -25.59 39.93
N GLU D 777 -1.06 -25.09 39.24
CA GLU D 777 0.32 -25.34 39.68
C GLU D 777 0.59 -24.71 41.04
N VAL D 778 0.04 -23.52 41.29
CA VAL D 778 0.33 -22.81 42.52
C VAL D 778 -0.40 -23.42 43.71
N PHE D 779 -1.64 -23.85 43.51
CA PHE D 779 -2.51 -24.16 44.64
C PHE D 779 -2.91 -25.64 44.75
N ALA D 780 -2.62 -26.47 43.75
CA ALA D 780 -3.09 -27.85 43.75
C ALA D 780 -1.98 -28.87 43.91
N GLN D 781 -0.86 -28.50 44.53
CA GLN D 781 0.18 -29.49 44.80
C GLN D 781 -0.29 -30.50 45.84
N VAL D 782 -1.05 -30.04 46.84
CA VAL D 782 -1.52 -30.92 47.90
C VAL D 782 -2.60 -31.84 47.37
N LYS D 783 -2.40 -33.15 47.54
CA LYS D 783 -3.35 -34.12 47.01
C LYS D 783 -4.62 -34.18 47.85
N GLN D 784 -4.49 -34.15 49.17
CA GLN D 784 -5.58 -34.41 50.09
C GLN D 784 -5.83 -33.20 50.96
N ILE D 785 -7.07 -32.71 50.98
CA ILE D 785 -7.40 -31.55 51.79
C ILE D 785 -7.32 -31.90 53.27
N TYR D 786 -6.61 -31.05 54.02
CA TYR D 786 -6.47 -31.22 55.46
C TYR D 786 -7.33 -30.20 56.19
N LYS D 787 -7.93 -30.64 57.29
CA LYS D 787 -8.73 -29.78 58.16
C LYS D 787 -7.99 -29.56 59.47
N THR D 788 -7.97 -28.31 59.92
CA THR D 788 -7.30 -27.98 61.17
C THR D 788 -8.02 -28.64 62.34
N PRO D 789 -7.29 -29.06 63.37
CA PRO D 789 -7.95 -29.66 64.55
C PRO D 789 -8.84 -28.65 65.24
N PRO D 790 -9.95 -29.11 65.85
CA PRO D 790 -10.88 -28.16 66.50
C PRO D 790 -10.22 -27.31 67.57
N ILE D 791 -9.29 -27.87 68.34
CA ILE D 791 -8.55 -27.06 69.30
C ILE D 791 -7.51 -26.22 68.56
N LYS D 792 -7.32 -24.98 69.02
CA LYS D 792 -6.49 -24.02 68.31
C LYS D 792 -5.23 -23.62 69.07
N TYR D 793 -4.93 -24.27 70.18
CA TYR D 793 -3.68 -24.01 70.89
C TYR D 793 -2.53 -24.74 70.21
N PHE D 794 -1.51 -24.00 69.80
CA PHE D 794 -0.32 -24.57 69.17
C PHE D 794 0.92 -24.02 69.88
N GLY D 795 1.29 -24.65 70.98
CA GLY D 795 2.49 -24.26 71.72
C GLY D 795 2.52 -22.80 72.13
N GLY D 796 1.35 -22.19 72.33
CA GLY D 796 1.27 -20.77 72.61
C GLY D 796 1.38 -19.87 71.40
N PHE D 797 1.42 -20.43 70.20
CA PHE D 797 1.51 -19.67 68.95
C PHE D 797 0.10 -19.40 68.43
N ASN D 798 -0.17 -18.14 68.12
CA ASN D 798 -1.50 -17.71 67.70
C ASN D 798 -1.57 -17.68 66.18
N PHE D 799 -2.49 -18.47 65.61
CA PHE D 799 -2.70 -18.55 64.18
C PHE D 799 -4.08 -18.06 63.75
N SER D 800 -4.72 -17.23 64.57
CA SER D 800 -6.09 -16.79 64.27
C SER D 800 -6.15 -15.99 62.98
N GLN D 801 -5.16 -15.13 62.75
CA GLN D 801 -5.19 -14.26 61.58
C GLN D 801 -5.14 -15.05 60.27
N ILE D 802 -4.27 -16.05 60.19
CA ILE D 802 -4.06 -16.73 58.92
C ILE D 802 -5.11 -17.82 58.71
N LEU D 803 -5.62 -18.41 59.79
CA LEU D 803 -6.57 -19.50 59.67
C LEU D 803 -7.92 -18.97 59.17
N PRO D 804 -8.69 -19.80 58.47
CA PRO D 804 -10.01 -19.37 58.02
C PRO D 804 -10.95 -19.11 59.18
N ASP D 805 -11.86 -18.16 58.97
CA ASP D 805 -12.81 -17.73 60.00
C ASP D 805 -14.21 -18.23 59.68
N PRO D 806 -14.79 -19.08 60.53
CA PRO D 806 -16.16 -19.56 60.25
C PRO D 806 -17.19 -18.45 60.24
N SER D 807 -16.92 -17.33 60.92
CA SER D 807 -17.89 -16.23 60.95
C SER D 807 -18.10 -15.65 59.56
N LYS D 808 -17.03 -15.51 58.77
CA LYS D 808 -17.15 -15.01 57.42
C LYS D 808 -17.97 -15.99 56.57
N PRO D 809 -18.97 -15.53 55.83
CA PRO D 809 -19.76 -16.47 55.00
C PRO D 809 -18.90 -17.27 54.04
N SER D 810 -17.87 -16.67 53.46
CA SER D 810 -16.87 -17.41 52.70
C SER D 810 -15.67 -17.63 53.61
N LYS D 811 -15.40 -18.88 53.97
CA LYS D 811 -14.35 -19.18 54.95
C LYS D 811 -13.03 -18.62 54.46
N ARG D 812 -12.53 -17.61 55.17
CA ARG D 812 -11.37 -16.86 54.72
C ARG D 812 -10.59 -16.38 55.94
N SER D 813 -9.30 -16.15 55.73
CA SER D 813 -8.48 -15.54 56.76
C SER D 813 -8.86 -14.08 56.94
N PRO D 814 -8.81 -13.57 58.18
CA PRO D 814 -8.95 -12.11 58.36
C PRO D 814 -7.97 -11.31 57.52
N ILE D 815 -6.73 -11.79 57.39
CA ILE D 815 -5.79 -11.17 56.46
C ILE D 815 -6.29 -11.32 55.03
N GLU D 816 -6.75 -12.52 54.67
CA GLU D 816 -7.28 -12.73 53.32
C GLU D 816 -8.49 -11.84 53.07
N ASP D 817 -9.32 -11.61 54.09
CA ASP D 817 -10.43 -10.68 53.94
C ASP D 817 -9.94 -9.28 53.63
N LEU D 818 -8.87 -8.83 54.31
CA LEU D 818 -8.30 -7.53 53.99
C LEU D 818 -7.77 -7.47 52.57
N LEU D 819 -6.95 -8.45 52.18
CA LEU D 819 -6.35 -8.44 50.85
C LEU D 819 -7.42 -8.42 49.76
N PHE D 820 -8.54 -9.10 49.99
CA PHE D 820 -9.62 -9.11 49.00
C PHE D 820 -10.18 -7.71 48.79
N ASN D 821 -10.36 -6.95 49.87
CA ASN D 821 -11.03 -5.65 49.77
C ASN D 821 -10.18 -4.62 49.03
N LYS D 822 -8.87 -4.63 49.26
CA LYS D 822 -8.01 -3.59 48.70
C LYS D 822 -7.92 -3.70 47.17
N VAL D 823 -7.73 -4.92 46.66
CA VAL D 823 -7.32 -5.12 45.27
C VAL D 823 -8.49 -5.45 44.36
N THR D 824 -9.72 -5.50 44.89
CA THR D 824 -10.89 -5.81 44.06
C THR D 824 -11.35 -4.57 43.27
N LEU D 825 -10.41 -3.98 42.55
CA LEU D 825 -10.71 -2.79 41.76
C LEU D 825 -11.67 -3.12 40.62
N ALA D 826 -11.48 -4.26 39.96
CA ALA D 826 -12.31 -4.67 38.85
C ALA D 826 -12.62 -6.15 38.94
N ASP D 827 -13.73 -6.54 38.32
CA ASP D 827 -14.15 -7.93 38.26
C ASP D 827 -14.76 -8.21 36.89
N ALA D 828 -15.09 -9.48 36.66
CA ALA D 828 -15.77 -9.83 35.41
C ALA D 828 -17.17 -9.25 35.36
N GLY D 829 -17.68 -8.79 36.51
CA GLY D 829 -19.01 -8.24 36.61
C GLY D 829 -20.11 -9.27 36.73
N PHE D 830 -19.95 -10.43 36.11
CA PHE D 830 -20.91 -11.54 36.20
C PHE D 830 -22.30 -11.11 35.77
N ILE D 831 -22.35 -10.10 34.89
CA ILE D 831 -23.63 -9.57 34.43
C ILE D 831 -24.07 -10.33 33.17
N LYS D 832 -24.67 -11.50 33.38
CA LYS D 832 -25.22 -12.24 32.24
C LYS D 832 -26.65 -11.81 31.94
N GLN D 833 -27.33 -11.23 32.94
CA GLN D 833 -28.68 -10.75 32.75
C GLN D 833 -28.72 -9.56 31.80
N TYR D 834 -27.70 -8.69 31.90
CA TYR D 834 -27.58 -7.45 31.11
C TYR D 834 -28.85 -6.61 31.16
N GLY D 835 -29.68 -6.81 32.19
CA GLY D 835 -30.88 -6.01 32.34
C GLY D 835 -30.60 -4.58 32.75
N ASP D 836 -29.45 -4.35 33.39
CA ASP D 836 -29.05 -2.99 33.72
C ASP D 836 -28.86 -2.16 32.47
N CYS D 837 -28.27 -2.73 31.42
CA CYS D 837 -28.30 -2.12 30.11
C CYS D 837 -29.68 -2.29 29.50
N LEU D 838 -30.26 -1.17 29.04
CA LEU D 838 -31.64 -1.14 28.56
C LEU D 838 -32.62 -1.59 29.65
N ASP D 845 -21.06 0.06 33.52
CA ASP D 845 -21.60 -0.08 32.17
C ASP D 845 -20.49 -0.22 31.13
N LEU D 846 -19.26 0.08 31.56
CA LEU D 846 -18.12 -0.07 30.66
C LEU D 846 -17.93 -1.52 30.26
N ILE D 847 -18.06 -2.44 31.22
CA ILE D 847 -18.01 -3.87 30.89
C ILE D 847 -19.17 -4.25 29.99
N CYS D 848 -20.37 -3.73 30.28
CA CYS D 848 -21.54 -4.03 29.46
C CYS D 848 -21.34 -3.59 28.01
N ALA D 849 -20.76 -2.39 27.82
CA ALA D 849 -20.47 -1.92 26.48
C ALA D 849 -19.41 -2.79 25.80
N GLN D 850 -18.46 -3.31 26.58
CA GLN D 850 -17.41 -4.14 26.00
C GLN D 850 -17.97 -5.42 25.40
N LYS D 851 -18.98 -6.01 26.03
CA LYS D 851 -19.64 -7.17 25.42
C LYS D 851 -20.28 -6.79 24.09
N PHE D 852 -20.91 -5.61 24.02
CA PHE D 852 -21.59 -5.18 22.80
C PHE D 852 -20.62 -5.13 21.62
N LYS D 853 -19.34 -4.90 21.90
CA LYS D 853 -18.34 -4.88 20.84
C LYS D 853 -17.64 -6.22 20.67
N GLY D 854 -18.04 -7.25 21.41
CA GLY D 854 -17.46 -8.57 21.30
C GLY D 854 -16.45 -8.93 22.36
N LEU D 855 -15.94 -7.96 23.11
CA LEU D 855 -14.99 -8.25 24.18
C LEU D 855 -15.72 -8.80 25.39
N THR D 856 -15.28 -9.97 25.85
CA THR D 856 -15.93 -10.65 26.96
C THR D 856 -14.88 -11.29 27.86
N VAL D 857 -15.28 -11.55 29.10
CA VAL D 857 -14.41 -12.13 30.11
C VAL D 857 -15.01 -13.47 30.54
N LEU D 858 -14.19 -14.52 30.49
CA LEU D 858 -14.74 -15.79 30.94
C LEU D 858 -14.39 -16.03 32.41
N PRO D 859 -15.32 -16.58 33.18
CA PRO D 859 -15.08 -16.80 34.61
C PRO D 859 -13.95 -17.79 34.83
N PRO D 860 -13.19 -17.63 35.92
CA PRO D 860 -12.13 -18.59 36.22
C PRO D 860 -12.69 -19.98 36.46
N LEU D 861 -11.90 -20.99 36.12
CA LEU D 861 -12.30 -22.37 36.35
C LEU D 861 -12.53 -22.63 37.83
N LEU D 862 -11.64 -22.14 38.68
CA LEU D 862 -11.76 -22.25 40.12
C LEU D 862 -12.22 -20.93 40.71
N THR D 863 -13.34 -20.95 41.43
CA THR D 863 -13.78 -19.75 42.12
C THR D 863 -12.87 -19.47 43.31
N ASP D 864 -13.06 -18.28 43.91
CA ASP D 864 -12.20 -17.87 45.02
C ASP D 864 -12.38 -18.78 46.23
N GLU D 865 -13.55 -19.42 46.35
CA GLU D 865 -13.83 -20.23 47.53
C GLU D 865 -12.91 -21.45 47.60
N MET D 866 -12.84 -22.25 46.54
CA MET D 866 -12.00 -23.44 46.58
C MET D 866 -10.52 -23.10 46.48
N ILE D 867 -10.20 -21.91 45.98
CA ILE D 867 -8.83 -21.41 46.14
C ILE D 867 -8.53 -21.18 47.61
N ALA D 868 -9.48 -20.60 48.35
CA ALA D 868 -9.31 -20.45 49.79
C ALA D 868 -9.27 -21.81 50.49
N GLN D 869 -10.05 -22.77 50.00
CA GLN D 869 -10.01 -24.12 50.56
C GLN D 869 -8.63 -24.75 50.41
N TYR D 870 -8.01 -24.56 49.24
CA TYR D 870 -6.67 -25.10 49.04
C TYR D 870 -5.67 -24.46 50.00
N THR D 871 -5.76 -23.15 50.20
CA THR D 871 -4.83 -22.47 51.11
C THR D 871 -5.01 -22.94 52.55
N SER D 872 -6.25 -23.14 52.98
CA SER D 872 -6.48 -23.62 54.34
C SER D 872 -5.90 -25.01 54.55
N ALA D 873 -6.08 -25.90 53.57
CA ALA D 873 -5.48 -27.23 53.66
C ALA D 873 -3.95 -27.14 53.70
N LEU D 874 -3.37 -26.28 52.85
CA LEU D 874 -1.93 -26.08 52.88
C LEU D 874 -1.49 -25.49 54.21
N LEU D 875 -2.26 -24.54 54.74
CA LEU D 875 -1.97 -23.99 56.06
C LEU D 875 -2.11 -25.06 57.15
N ALA D 876 -3.16 -25.87 57.08
CA ALA D 876 -3.39 -26.89 58.11
C ALA D 876 -2.28 -27.93 58.11
N GLY D 877 -1.86 -28.38 56.93
CA GLY D 877 -0.81 -29.39 56.86
C GLY D 877 0.51 -28.91 57.42
N THR D 878 0.89 -27.66 57.11
CA THR D 878 2.16 -27.13 57.59
C THR D 878 2.18 -27.02 59.11
N ILE D 879 1.08 -26.54 59.71
CA ILE D 879 1.03 -26.40 61.16
C ILE D 879 1.09 -27.75 61.85
N THR D 880 0.37 -28.74 61.31
CA THR D 880 0.24 -30.01 62.00
C THR D 880 1.37 -30.98 61.64
N SER D 881 1.75 -31.04 60.36
CA SER D 881 2.68 -32.05 59.90
C SER D 881 4.01 -31.50 59.41
N GLY D 882 4.19 -30.18 59.39
CA GLY D 882 5.46 -29.63 58.94
C GLY D 882 5.72 -29.95 57.48
N TRP D 883 6.92 -30.48 57.20
CA TRP D 883 7.29 -30.77 55.82
C TRP D 883 6.85 -32.15 55.38
N THR D 884 6.39 -32.98 56.32
CA THR D 884 6.12 -34.39 56.01
C THR D 884 4.96 -34.54 55.03
N PHE D 885 3.95 -33.67 55.13
CA PHE D 885 2.79 -33.81 54.25
C PHE D 885 3.16 -33.60 52.79
N GLY D 886 4.10 -32.68 52.52
CA GLY D 886 4.54 -32.47 51.15
C GLY D 886 5.31 -33.65 50.60
N ALA D 887 6.19 -34.24 51.41
CA ALA D 887 7.01 -35.35 50.94
C ALA D 887 6.17 -36.59 50.68
N GLY D 888 5.19 -36.87 51.55
CA GLY D 888 4.37 -38.04 51.43
C GLY D 888 3.21 -38.02 52.39
N PRO D 889 2.94 -39.15 53.04
CA PRO D 889 1.86 -39.19 54.04
C PRO D 889 2.16 -38.24 55.19
N ALA D 890 1.12 -37.50 55.61
CA ALA D 890 1.28 -36.53 56.67
C ALA D 890 1.52 -37.23 58.01
N LEU D 891 2.48 -36.71 58.77
CA LEU D 891 2.81 -37.23 60.09
C LEU D 891 2.61 -36.12 61.11
N GLN D 892 1.73 -36.35 62.07
CA GLN D 892 1.47 -35.34 63.09
C GLN D 892 2.70 -35.15 63.99
N ILE D 893 2.92 -33.92 64.40
CA ILE D 893 4.06 -33.56 65.23
C ILE D 893 3.71 -32.31 66.03
N PRO D 894 4.00 -32.26 67.34
CA PRO D 894 3.72 -31.05 68.09
C PRO D 894 4.43 -29.84 67.50
N PHE D 895 3.71 -28.72 67.44
CA PHE D 895 4.25 -27.53 66.80
C PHE D 895 5.54 -27.02 67.44
N PRO D 896 5.69 -27.00 68.77
CA PRO D 896 7.02 -26.64 69.33
C PRO D 896 8.14 -27.51 68.82
N MET D 897 7.88 -28.80 68.59
CA MET D 897 8.91 -29.66 68.01
C MET D 897 9.25 -29.23 66.59
N GLN D 898 8.23 -28.85 65.80
CA GLN D 898 8.46 -28.49 64.40
C GLN D 898 9.32 -27.24 64.29
N MET D 899 9.05 -26.22 65.12
CA MET D 899 9.87 -25.01 65.09
C MET D 899 11.29 -25.31 65.57
N ALA D 900 11.43 -26.18 66.57
CA ALA D 900 12.76 -26.62 66.99
C ALA D 900 13.49 -27.34 65.87
N TYR D 901 12.77 -28.15 65.10
CA TYR D 901 13.34 -28.75 63.90
C TYR D 901 13.92 -27.69 62.97
N ARG D 902 13.13 -26.64 62.69
CA ARG D 902 13.57 -25.61 61.77
C ARG D 902 14.73 -24.80 62.35
N PHE D 903 14.78 -24.67 63.68
CA PHE D 903 15.91 -24.00 64.31
C PHE D 903 17.21 -24.73 64.03
N ASN D 904 17.18 -26.07 64.05
CA ASN D 904 18.36 -26.85 63.69
C ASN D 904 18.75 -26.61 62.25
N GLY D 905 17.77 -26.42 61.35
CA GLY D 905 18.09 -26.18 59.96
C GLY D 905 18.89 -24.93 59.73
N ILE D 906 18.54 -23.85 60.45
CA ILE D 906 19.24 -22.57 60.30
C ILE D 906 20.53 -22.52 61.09
N GLY D 907 20.89 -23.59 61.79
CA GLY D 907 22.14 -23.66 62.52
C GLY D 907 22.06 -23.33 64.01
N VAL D 908 20.86 -23.19 64.57
CA VAL D 908 20.68 -22.90 65.98
C VAL D 908 20.24 -24.16 66.69
N THR D 909 20.87 -24.46 67.83
CA THR D 909 20.58 -25.69 68.55
C THR D 909 19.15 -25.68 69.07
N GLN D 910 18.57 -26.88 69.19
CA GLN D 910 17.17 -27.00 69.60
C GLN D 910 16.92 -26.40 70.97
N ASN D 911 17.92 -26.43 71.86
CA ASN D 911 17.70 -25.96 73.22
C ASN D 911 17.33 -24.48 73.26
N VAL D 912 17.87 -23.69 72.34
CA VAL D 912 17.69 -22.24 72.37
C VAL D 912 16.20 -21.89 72.34
N LEU D 913 15.44 -22.55 71.47
CA LEU D 913 14.01 -22.31 71.37
C LEU D 913 13.30 -22.70 72.66
N TYR D 914 13.65 -23.86 73.22
CA TYR D 914 12.91 -24.37 74.36
C TYR D 914 13.06 -23.49 75.59
N GLU D 915 14.27 -22.93 75.82
CA GLU D 915 14.43 -22.02 76.95
C GLU D 915 13.65 -20.73 76.72
N ASN D 916 13.50 -20.31 75.47
CA ASN D 916 12.85 -19.04 75.14
C ASN D 916 11.57 -19.24 74.33
N GLN D 917 10.86 -20.34 74.60
CA GLN D 917 9.65 -20.62 73.83
C GLN D 917 8.60 -19.54 74.00
N LYS D 918 8.36 -19.09 75.23
CA LYS D 918 7.33 -18.10 75.47
C LYS D 918 7.67 -16.78 74.78
N LEU D 919 8.93 -16.37 74.83
CA LEU D 919 9.34 -15.14 74.16
C LEU D 919 9.18 -15.24 72.65
N ILE D 920 9.57 -16.38 72.06
CA ILE D 920 9.49 -16.55 70.62
C ILE D 920 8.05 -16.44 70.14
N ALA D 921 7.11 -17.06 70.86
CA ALA D 921 5.70 -16.97 70.50
C ALA D 921 5.20 -15.53 70.56
N ASN D 922 5.65 -14.78 71.59
CA ASN D 922 5.20 -13.40 71.73
C ASN D 922 5.62 -12.54 70.54
N GLN D 923 6.87 -12.68 70.08
CA GLN D 923 7.29 -11.96 68.89
C GLN D 923 6.49 -12.40 67.67
N PHE D 924 6.28 -13.71 67.51
CA PHE D 924 5.54 -14.20 66.34
C PHE D 924 4.11 -13.69 66.34
N ASN D 925 3.43 -13.75 67.49
CA ASN D 925 2.06 -13.24 67.57
C ASN D 925 2.01 -11.75 67.32
N SER D 926 2.96 -11.00 67.87
CA SER D 926 3.00 -9.56 67.65
C SER D 926 3.34 -9.23 66.19
N ALA D 927 4.24 -10.01 65.58
CA ALA D 927 4.64 -9.75 64.20
C ALA D 927 3.46 -9.91 63.25
N ILE D 928 2.65 -10.95 63.45
CA ILE D 928 1.50 -11.19 62.58
C ILE D 928 0.52 -10.02 62.67
N GLY D 929 0.29 -9.51 63.89
CA GLY D 929 -0.58 -8.37 64.04
C GLY D 929 -0.09 -7.15 63.27
N LYS D 930 1.23 -6.93 63.26
CA LYS D 930 1.79 -5.80 62.51
C LYS D 930 1.55 -5.95 61.01
N ILE D 931 1.47 -7.18 60.53
CA ILE D 931 1.23 -7.41 59.10
C ILE D 931 -0.14 -6.88 58.70
N GLN D 932 -1.15 -7.08 59.54
CA GLN D 932 -2.49 -6.65 59.20
C GLN D 932 -2.56 -5.14 59.00
N ASP D 933 -2.07 -4.37 59.98
CA ASP D 933 -2.12 -2.92 59.87
C ASP D 933 -1.20 -2.41 58.77
N SER D 934 -0.04 -3.05 58.59
CA SER D 934 0.85 -2.67 57.50
C SER D 934 0.17 -2.89 56.15
N LEU D 935 -0.53 -4.02 55.99
CA LEU D 935 -1.32 -4.24 54.78
C LEU D 935 -2.55 -3.35 54.75
N SER D 936 -3.09 -3.02 55.94
CA SER D 936 -4.23 -2.10 56.00
C SER D 936 -3.83 -0.70 55.55
N SER D 937 -2.54 -0.39 55.55
CA SER D 937 -2.08 0.91 55.06
C SER D 937 -2.41 1.06 53.57
N THR D 938 -2.90 2.24 53.22
CA THR D 938 -3.31 2.49 51.84
C THR D 938 -2.17 2.29 50.83
N PRO D 939 -0.93 2.72 51.07
CA PRO D 939 0.15 2.36 50.15
C PRO D 939 0.17 0.86 49.89
N SER D 940 -0.10 0.49 48.64
CA SER D 940 -0.42 -0.87 48.27
C SER D 940 0.81 -1.64 47.84
N ALA D 941 1.21 -2.62 48.65
CA ALA D 941 2.11 -3.68 48.20
C ALA D 941 1.40 -4.64 47.24
N LEU D 942 0.08 -4.55 47.14
CA LEU D 942 -0.71 -5.29 46.18
C LEU D 942 -0.77 -4.62 44.82
N GLY D 943 0.05 -3.58 44.60
CA GLY D 943 0.03 -2.90 43.33
C GLY D 943 0.39 -3.80 42.17
N LYS D 944 1.28 -4.77 42.42
CA LYS D 944 1.62 -5.73 41.37
C LYS D 944 0.39 -6.49 40.89
N LEU D 945 -0.46 -6.94 41.83
CA LEU D 945 -1.75 -7.51 41.44
C LEU D 945 -2.63 -6.46 40.77
N GLN D 946 -2.60 -5.24 41.29
CA GLN D 946 -3.40 -4.16 40.70
C GLN D 946 -2.94 -3.85 39.28
N ASP D 947 -1.63 -3.87 39.04
CA ASP D 947 -1.11 -3.57 37.70
C ASP D 947 -1.61 -4.57 36.66
N VAL D 948 -1.69 -5.86 37.04
CA VAL D 948 -2.19 -6.87 36.12
C VAL D 948 -3.62 -6.55 35.70
N VAL D 949 -4.46 -6.15 36.66
CA VAL D 949 -5.83 -5.76 36.32
C VAL D 949 -5.84 -4.52 35.43
N ASN D 950 -5.02 -3.53 35.76
CA ASN D 950 -4.99 -2.31 34.97
C ASN D 950 -4.53 -2.56 33.53
N HIS D 951 -3.49 -3.37 33.35
CA HIS D 951 -2.99 -3.63 32.01
C HIS D 951 -4.05 -4.33 31.14
N ASN D 952 -4.71 -5.34 31.69
CA ASN D 952 -5.76 -6.02 30.94
C ASN D 952 -6.93 -5.10 30.65
N ALA D 953 -7.34 -4.29 31.64
CA ALA D 953 -8.43 -3.35 31.43
C ALA D 953 -8.06 -2.29 30.40
N GLN D 954 -6.91 -1.64 30.58
CA GLN D 954 -6.53 -0.54 29.69
C GLN D 954 -6.40 -1.01 28.25
N ALA D 955 -5.79 -2.18 28.04
CA ALA D 955 -5.67 -2.72 26.69
C ALA D 955 -7.05 -3.02 26.10
N LEU D 956 -7.99 -3.47 26.93
CA LEU D 956 -9.33 -3.77 26.45
C LEU D 956 -10.05 -2.52 25.95
N ASN D 957 -9.96 -1.42 26.72
CA ASN D 957 -10.54 -0.16 26.25
C ASN D 957 -9.82 0.34 25.01
N THR D 958 -8.52 0.08 24.91
CA THR D 958 -7.75 0.52 23.76
C THR D 958 -8.32 -0.06 22.46
N LEU D 959 -8.67 -1.34 22.47
CA LEU D 959 -9.30 -1.96 21.31
C LEU D 959 -10.61 -1.25 20.96
N VAL D 960 -11.35 -0.81 21.98
CA VAL D 960 -12.62 -0.13 21.74
C VAL D 960 -12.39 1.22 21.07
N LYS D 961 -11.40 1.99 21.53
CA LYS D 961 -11.13 3.27 20.90
C LYS D 961 -10.63 3.10 19.46
N GLN D 962 -9.94 2.00 19.18
CA GLN D 962 -9.49 1.77 17.81
C GLN D 962 -10.64 1.54 16.84
N LEU D 963 -11.83 1.20 17.35
CA LEU D 963 -12.99 1.07 16.47
C LEU D 963 -13.35 2.40 15.83
N SER D 964 -13.24 3.49 16.57
CA SER D 964 -13.60 4.80 16.04
C SER D 964 -12.57 5.30 15.04
N SER D 965 -11.41 4.65 14.96
CA SER D 965 -10.36 5.09 14.05
C SER D 965 -10.83 4.97 12.60
N LYS D 966 -10.49 5.98 11.80
CA LYS D 966 -10.99 6.04 10.43
C LYS D 966 -10.27 5.04 9.53
N PHE D 967 -8.96 4.87 9.73
CA PHE D 967 -8.12 4.01 8.89
C PHE D 967 -8.19 4.43 7.42
N GLY D 968 -8.33 5.74 7.19
CA GLY D 968 -8.38 6.27 5.84
C GLY D 968 -9.68 6.10 5.10
N ALA D 969 -10.74 5.65 5.78
CA ALA D 969 -12.02 5.46 5.13
C ALA D 969 -12.81 6.76 5.07
N ILE D 970 -14.07 6.67 4.66
CA ILE D 970 -14.95 7.83 4.66
C ILE D 970 -15.64 7.98 6.01
N SER D 971 -16.08 6.86 6.60
CA SER D 971 -16.72 6.87 7.91
C SER D 971 -16.27 5.65 8.70
N SER D 972 -16.36 5.77 10.02
CA SER D 972 -16.09 4.65 10.91
C SER D 972 -17.30 3.75 11.10
N VAL D 973 -18.43 4.09 10.50
CA VAL D 973 -19.65 3.28 10.55
C VAL D 973 -19.73 2.46 9.28
N LEU D 974 -19.73 1.14 9.44
CA LEU D 974 -19.75 0.24 8.28
C LEU D 974 -21.05 0.38 7.50
N ASN D 975 -22.17 0.49 8.20
CA ASN D 975 -23.46 0.65 7.51
C ASN D 975 -23.50 1.97 6.73
N ASP D 976 -22.87 3.02 7.26
CA ASP D 976 -22.82 4.29 6.55
C ASP D 976 -22.07 4.14 5.23
N ILE D 977 -20.97 3.39 5.22
CA ILE D 977 -20.23 3.16 3.99
C ILE D 977 -21.09 2.41 2.98
N PHE D 978 -21.81 1.39 3.44
CA PHE D 978 -22.68 0.63 2.54
C PHE D 978 -23.76 1.51 1.92
N SER D 979 -24.38 2.37 2.73
CA SER D 979 -25.41 3.26 2.20
C SER D 979 -24.81 4.34 1.31
N ARG D 980 -23.67 4.92 1.72
CA ARG D 980 -23.10 6.04 0.99
C ARG D 980 -22.33 5.61 -0.25
N LEU D 981 -21.90 4.35 -0.34
CA LEU D 981 -21.05 3.90 -1.43
C LEU D 981 -21.68 2.73 -2.17
N ASP D 982 -21.58 2.76 -3.49
CA ASP D 982 -22.01 1.64 -4.32
C ASP D 982 -21.01 0.49 -4.20
N PRO D 983 -21.46 -0.75 -4.46
CA PRO D 983 -20.65 -1.93 -4.12
C PRO D 983 -19.23 -1.89 -4.69
N PRO D 984 -19.03 -1.49 -5.97
CA PRO D 984 -17.65 -1.52 -6.49
C PRO D 984 -16.67 -0.67 -5.70
N GLU D 985 -16.97 0.62 -5.53
CA GLU D 985 -16.09 1.51 -4.78
C GLU D 985 -16.15 1.22 -3.27
N ALA D 986 -17.27 0.67 -2.80
CA ALA D 986 -17.40 0.35 -1.38
C ALA D 986 -16.35 -0.66 -0.94
N GLU D 987 -15.99 -1.60 -1.83
CA GLU D 987 -14.98 -2.60 -1.48
C GLU D 987 -13.66 -1.95 -1.09
N VAL D 988 -13.24 -0.90 -1.81
CA VAL D 988 -11.99 -0.24 -1.50
C VAL D 988 -12.03 0.36 -0.10
N GLN D 989 -13.14 1.04 0.23
CA GLN D 989 -13.26 1.67 1.54
C GLN D 989 -13.38 0.63 2.66
N ILE D 990 -14.16 -0.42 2.44
CA ILE D 990 -14.35 -1.43 3.47
C ILE D 990 -13.03 -2.16 3.76
N ASP D 991 -12.26 -2.46 2.71
CA ASP D 991 -10.99 -3.16 2.90
C ASP D 991 -10.05 -2.36 3.79
N ARG D 992 -9.97 -1.04 3.58
CA ARG D 992 -9.12 -0.21 4.42
C ARG D 992 -9.57 -0.29 5.89
N LEU D 993 -10.88 -0.26 6.13
CA LEU D 993 -11.38 -0.42 7.49
C LEU D 993 -11.10 -1.81 8.03
N ILE D 994 -11.23 -2.84 7.18
CA ILE D 994 -11.09 -4.23 7.64
C ILE D 994 -9.68 -4.49 8.16
N THR D 995 -8.66 -4.10 7.39
CA THR D 995 -7.28 -4.29 7.85
C THR D 995 -7.00 -3.48 9.10
N GLY D 996 -7.54 -2.25 9.17
CA GLY D 996 -7.33 -1.44 10.36
C GLY D 996 -7.85 -2.11 11.62
N ARG D 997 -9.06 -2.67 11.57
CA ARG D 997 -9.57 -3.44 12.70
C ARG D 997 -8.77 -4.72 12.89
N LEU D 998 -8.41 -5.39 11.78
CA LEU D 998 -7.64 -6.64 11.88
C LEU D 998 -6.27 -6.40 12.50
N GLN D 999 -5.58 -5.33 12.09
CA GLN D 999 -4.27 -5.04 12.66
C GLN D 999 -4.37 -4.75 14.16
N SER D 1000 -5.40 -4.01 14.57
CA SER D 1000 -5.59 -3.75 15.99
C SER D 1000 -5.85 -5.04 16.75
N LEU D 1001 -6.65 -5.95 16.16
CA LEU D 1001 -6.89 -7.24 16.80
C LEU D 1001 -5.59 -8.05 16.90
N GLN D 1002 -4.77 -8.03 15.85
CA GLN D 1002 -3.51 -8.76 15.87
C GLN D 1002 -2.58 -8.22 16.94
N THR D 1003 -2.49 -6.90 17.08
CA THR D 1003 -1.63 -6.31 18.10
C THR D 1003 -2.08 -6.69 19.51
N TYR D 1004 -3.40 -6.66 19.76
CA TYR D 1004 -3.90 -6.99 21.09
C TYR D 1004 -3.56 -8.43 21.47
N VAL D 1005 -3.74 -9.36 20.54
CA VAL D 1005 -3.40 -10.76 20.81
C VAL D 1005 -1.90 -10.90 21.08
N THR D 1006 -1.07 -10.20 20.30
CA THR D 1006 0.37 -10.27 20.52
C THR D 1006 0.75 -9.68 21.88
N GLN D 1007 0.12 -8.56 22.26
CA GLN D 1007 0.38 -7.99 23.59
C GLN D 1007 -0.05 -8.95 24.69
N GLN D 1008 -1.20 -9.60 24.54
CA GLN D 1008 -1.66 -10.54 25.54
C GLN D 1008 -0.73 -11.74 25.66
N LEU D 1009 -0.26 -12.26 24.52
CA LEU D 1009 0.64 -13.42 24.55
C LEU D 1009 1.93 -13.10 25.28
N ILE D 1010 2.52 -11.93 25.02
CA ILE D 1010 3.72 -11.52 25.73
C ILE D 1010 3.41 -11.34 27.21
N ARG D 1011 2.26 -10.73 27.51
CA ARG D 1011 1.85 -10.57 28.91
C ARG D 1011 1.62 -11.93 29.58
N ALA D 1012 1.06 -12.88 28.83
CA ALA D 1012 0.81 -14.21 29.37
C ALA D 1012 2.11 -14.90 29.77
N ALA D 1013 3.16 -14.75 28.96
CA ALA D 1013 4.45 -15.34 29.30
C ALA D 1013 5.01 -14.75 30.59
N GLU D 1014 4.86 -13.43 30.76
CA GLU D 1014 5.35 -12.79 31.98
C GLU D 1014 4.64 -13.33 33.21
N ILE D 1015 3.31 -13.49 33.13
CA ILE D 1015 2.56 -14.06 34.24
C ILE D 1015 2.95 -15.51 34.46
N ARG D 1016 3.14 -16.27 33.38
CA ARG D 1016 3.52 -17.67 33.52
C ARG D 1016 4.88 -17.80 34.20
N ALA D 1017 5.82 -16.91 33.87
CA ALA D 1017 7.10 -16.90 34.57
C ALA D 1017 6.92 -16.61 36.05
N SER D 1018 6.06 -15.65 36.38
CA SER D 1018 5.75 -15.38 37.77
C SER D 1018 5.05 -16.58 38.42
N ALA D 1019 4.11 -17.20 37.70
CA ALA D 1019 3.40 -18.35 38.23
C ALA D 1019 4.34 -19.51 38.50
N ASN D 1020 5.26 -19.78 37.57
CA ASN D 1020 6.26 -20.83 37.80
C ASN D 1020 7.16 -20.51 38.98
N LEU D 1021 7.55 -19.24 39.11
CA LEU D 1021 8.28 -18.82 40.30
C LEU D 1021 7.43 -18.99 41.55
N ALA D 1022 6.17 -18.56 41.49
CA ALA D 1022 5.28 -18.69 42.64
C ALA D 1022 5.05 -20.16 43.00
N ALA D 1023 4.89 -21.01 41.99
CA ALA D 1023 4.77 -22.45 42.26
C ALA D 1023 6.02 -22.99 42.93
N THR D 1024 7.19 -22.54 42.47
CA THR D 1024 8.44 -22.94 43.12
C THR D 1024 8.50 -22.44 44.56
N LYS D 1025 8.09 -21.19 44.79
CA LYS D 1025 8.06 -20.66 46.15
C LYS D 1025 7.05 -21.41 47.01
N MET D 1026 5.94 -21.85 46.41
CA MET D 1026 5.00 -22.68 47.13
C MET D 1026 5.68 -23.94 47.68
N SER D 1027 6.38 -24.67 46.81
CA SER D 1027 7.03 -25.91 47.22
C SER D 1027 8.26 -25.62 48.08
N GLU D 1028 9.11 -24.69 47.66
CA GLU D 1028 10.41 -24.53 48.30
C GLU D 1028 10.29 -23.93 49.69
N CYS D 1029 9.36 -22.99 49.88
CA CYS D 1029 9.24 -22.25 51.12
C CYS D 1029 8.17 -22.80 52.05
N VAL D 1030 6.93 -22.92 51.56
CA VAL D 1030 5.83 -23.36 52.42
C VAL D 1030 5.98 -24.83 52.80
N LEU D 1031 6.28 -25.69 51.81
CA LEU D 1031 6.29 -27.12 52.06
C LEU D 1031 7.50 -27.56 52.88
N GLY D 1032 8.57 -26.76 52.88
CA GLY D 1032 9.76 -27.13 53.62
C GLY D 1032 10.68 -25.96 53.83
N GLN D 1033 11.63 -26.13 54.75
CA GLN D 1033 12.65 -25.12 54.98
C GLN D 1033 13.63 -25.07 53.82
N SER D 1034 13.92 -23.87 53.35
CA SER D 1034 14.80 -23.66 52.20
C SER D 1034 16.05 -22.90 52.64
N LYS D 1035 17.22 -23.44 52.28
CA LYS D 1035 18.50 -22.82 52.61
C LYS D 1035 18.95 -21.79 51.58
N ARG D 1036 18.19 -21.62 50.49
CA ARG D 1036 18.53 -20.60 49.51
C ARG D 1036 18.35 -19.21 50.10
N VAL D 1037 19.38 -18.39 49.98
CA VAL D 1037 19.41 -17.09 50.64
C VAL D 1037 18.46 -16.13 49.91
N ASP D 1038 17.58 -15.49 50.67
CA ASP D 1038 16.61 -14.47 50.25
C ASP D 1038 15.54 -15.00 49.31
N PHE D 1039 15.53 -16.30 48.99
CA PHE D 1039 14.44 -16.83 48.20
C PHE D 1039 13.12 -16.75 48.96
N CYS D 1040 13.12 -17.14 50.23
CA CYS D 1040 11.92 -17.15 51.07
C CYS D 1040 12.14 -16.19 52.23
N GLY D 1041 11.76 -14.93 52.03
CA GLY D 1041 11.96 -13.91 53.05
C GLY D 1041 13.38 -13.41 53.10
N LYS D 1042 13.62 -12.48 54.03
CA LYS D 1042 14.93 -11.89 54.25
C LYS D 1042 15.53 -12.47 55.52
N GLY D 1043 16.75 -12.98 55.42
CA GLY D 1043 17.38 -13.67 56.53
C GLY D 1043 17.16 -15.17 56.47
N TYR D 1044 17.43 -15.81 57.60
CA TYR D 1044 17.25 -17.25 57.69
C TYR D 1044 15.76 -17.58 57.73
N HIS D 1045 15.35 -18.48 56.84
CA HIS D 1045 13.93 -18.75 56.58
C HIS D 1045 13.46 -19.86 57.52
N LEU D 1046 12.64 -19.49 58.50
CA LEU D 1046 12.07 -20.50 59.39
C LEU D 1046 10.92 -21.24 58.72
N MET D 1047 9.94 -20.51 58.20
CA MET D 1047 8.81 -21.10 57.48
C MET D 1047 8.17 -20.01 56.64
N SER D 1048 7.18 -20.42 55.85
CA SER D 1048 6.38 -19.51 55.05
C SER D 1048 4.91 -19.93 55.16
N PHE D 1049 4.03 -18.94 55.15
CA PHE D 1049 2.60 -19.19 55.22
C PHE D 1049 1.91 -18.59 54.01
N PRO D 1050 1.12 -19.38 53.26
CA PRO D 1050 0.45 -18.84 52.08
C PRO D 1050 -0.92 -18.27 52.39
N GLN D 1051 -1.28 -17.16 51.74
CA GLN D 1051 -2.58 -16.54 51.86
C GLN D 1051 -3.10 -16.17 50.49
N SER D 1052 -4.33 -16.56 50.18
CA SER D 1052 -4.89 -16.34 48.86
C SER D 1052 -5.23 -14.87 48.66
N ALA D 1053 -5.11 -14.42 47.41
CA ALA D 1053 -5.43 -13.07 47.01
C ALA D 1053 -6.10 -13.13 45.64
N PRO D 1054 -6.91 -12.12 45.30
CA PRO D 1054 -7.49 -12.06 43.95
C PRO D 1054 -6.40 -11.98 42.91
N HIS D 1055 -6.35 -13.00 42.04
CA HIS D 1055 -5.41 -13.10 40.93
C HIS D 1055 -3.96 -13.13 41.39
N GLY D 1056 -3.69 -13.70 42.55
CA GLY D 1056 -2.33 -13.77 43.07
C GLY D 1056 -2.28 -14.51 44.38
N VAL D 1057 -1.06 -14.72 44.86
CA VAL D 1057 -0.81 -15.38 46.13
C VAL D 1057 0.08 -14.48 46.98
N VAL D 1058 -0.25 -14.36 48.26
CA VAL D 1058 0.51 -13.57 49.22
C VAL D 1058 1.26 -14.52 50.14
N PHE D 1059 2.57 -14.33 50.25
CA PHE D 1059 3.44 -15.19 51.05
C PHE D 1059 3.81 -14.47 52.33
N LEU D 1060 3.64 -15.14 53.47
CA LEU D 1060 4.08 -14.62 54.76
C LEU D 1060 5.27 -15.44 55.23
N HIS D 1061 6.46 -14.89 55.07
CA HIS D 1061 7.70 -15.59 55.38
C HIS D 1061 8.12 -15.30 56.81
N VAL D 1062 8.17 -16.34 57.64
CA VAL D 1062 8.67 -16.25 59.00
C VAL D 1062 10.18 -16.45 58.97
N THR D 1063 10.92 -15.44 59.41
CA THR D 1063 12.36 -15.44 59.26
C THR D 1063 13.03 -15.18 60.61
N TYR D 1064 14.23 -15.73 60.75
CA TYR D 1064 15.06 -15.55 61.94
C TYR D 1064 16.09 -14.48 61.65
N VAL D 1065 16.08 -13.41 62.43
CA VAL D 1065 16.97 -12.27 62.25
C VAL D 1065 17.81 -12.12 63.50
N PRO D 1066 19.13 -12.31 63.44
CA PRO D 1066 19.98 -12.08 64.61
C PRO D 1066 20.03 -10.61 65.00
N ALA D 1067 20.30 -10.36 66.27
CA ALA D 1067 20.36 -9.01 66.79
C ALA D 1067 21.23 -8.99 68.04
N GLN D 1068 21.46 -7.77 68.56
CA GLN D 1068 22.21 -7.56 69.78
C GLN D 1068 23.59 -8.22 69.71
N GLU D 1069 24.34 -7.87 68.67
CA GLU D 1069 25.67 -8.44 68.49
C GLU D 1069 26.62 -7.93 69.57
N LYS D 1070 27.58 -8.79 69.94
CA LYS D 1070 28.60 -8.45 70.91
C LYS D 1070 29.94 -8.93 70.37
N ASN D 1071 30.92 -8.03 70.34
CA ASN D 1071 32.23 -8.37 69.81
C ASN D 1071 32.98 -9.30 70.76
N PHE D 1072 33.95 -10.03 70.22
CA PHE D 1072 34.72 -11.00 71.00
C PHE D 1072 36.08 -11.20 70.36
N THR D 1073 37.00 -11.78 71.14
CA THR D 1073 38.31 -12.16 70.66
C THR D 1073 38.31 -13.65 70.35
N THR D 1074 38.79 -14.01 69.16
CA THR D 1074 38.71 -15.38 68.68
C THR D 1074 40.06 -15.86 68.19
N ALA D 1075 40.22 -17.18 68.15
CA ALA D 1075 41.42 -17.83 67.64
C ALA D 1075 41.03 -18.98 66.74
N PRO D 1076 41.81 -19.23 65.69
CA PRO D 1076 41.51 -20.38 64.81
C PRO D 1076 41.54 -21.71 65.53
N ALA D 1077 42.43 -21.88 66.49
CA ALA D 1077 42.57 -23.15 67.19
C ALA D 1077 43.22 -22.92 68.55
N ILE D 1078 43.13 -23.93 69.41
CA ILE D 1078 43.67 -23.87 70.76
C ILE D 1078 44.75 -24.93 70.91
N CYS D 1079 45.92 -24.52 71.40
CA CYS D 1079 47.03 -25.42 71.68
C CYS D 1079 47.04 -25.70 73.18
N HIS D 1080 46.87 -26.98 73.54
CA HIS D 1080 46.77 -27.38 74.94
C HIS D 1080 47.93 -28.26 75.39
N ASP D 1081 48.15 -29.40 74.73
CA ASP D 1081 49.19 -30.34 75.12
C ASP D 1081 50.14 -30.65 73.96
N GLY D 1082 50.41 -29.67 73.11
CA GLY D 1082 51.23 -29.90 71.94
C GLY D 1082 50.47 -30.33 70.70
N LYS D 1083 49.17 -30.58 70.81
CA LYS D 1083 48.33 -30.92 69.67
C LYS D 1083 47.29 -29.83 69.48
N ALA D 1084 47.16 -29.34 68.25
CA ALA D 1084 46.19 -28.30 67.96
C ALA D 1084 44.77 -28.85 68.06
N HIS D 1085 43.90 -28.05 68.69
CA HIS D 1085 42.50 -28.42 68.89
C HIS D 1085 41.62 -27.45 68.11
N PHE D 1086 40.73 -27.99 67.27
CA PHE D 1086 39.80 -27.19 66.49
C PHE D 1086 38.39 -27.36 67.02
N PRO D 1087 37.58 -26.31 67.02
CA PRO D 1087 36.18 -26.47 67.44
C PRO D 1087 35.40 -27.33 66.47
N ARG D 1088 34.70 -28.33 67.01
CA ARG D 1088 34.02 -29.31 66.17
C ARG D 1088 32.90 -28.67 65.37
N GLU D 1089 32.01 -27.93 66.04
CA GLU D 1089 30.90 -27.27 65.36
C GLU D 1089 30.70 -25.83 65.84
N GLY D 1090 31.64 -25.28 66.60
CA GLY D 1090 31.50 -23.94 67.15
C GLY D 1090 32.67 -23.06 66.76
N VAL D 1091 32.80 -21.95 67.50
CA VAL D 1091 33.88 -20.98 67.31
C VAL D 1091 34.50 -20.69 68.67
N PHE D 1092 35.84 -20.67 68.70
CA PHE D 1092 36.54 -20.37 69.94
C PHE D 1092 36.37 -18.89 70.29
N VAL D 1093 36.05 -18.61 71.55
CA VAL D 1093 35.70 -17.27 71.97
C VAL D 1093 36.07 -17.07 73.44
N SER D 1094 36.69 -15.93 73.73
CA SER D 1094 36.94 -15.48 75.08
C SER D 1094 36.51 -14.02 75.19
N ASN D 1095 35.95 -13.65 76.35
CA ASN D 1095 35.54 -12.28 76.54
C ASN D 1095 36.70 -11.42 77.01
N GLY D 1096 37.87 -12.03 77.20
CA GLY D 1096 39.04 -11.38 77.74
C GLY D 1096 39.86 -12.21 78.70
N THR D 1097 39.25 -13.16 79.41
CA THR D 1097 39.96 -13.98 80.39
C THR D 1097 39.93 -15.46 80.04
N HIS D 1098 38.74 -16.03 79.80
CA HIS D 1098 38.60 -17.48 79.64
C HIS D 1098 38.02 -17.78 78.26
N TRP D 1099 38.65 -18.73 77.56
CA TRP D 1099 38.19 -19.11 76.23
C TRP D 1099 36.98 -20.05 76.33
N PHE D 1100 36.10 -19.97 75.33
CA PHE D 1100 34.89 -20.76 75.29
C PHE D 1100 34.58 -21.13 73.84
N VAL D 1101 33.58 -22.00 73.67
CA VAL D 1101 33.07 -22.39 72.36
C VAL D 1101 31.58 -22.13 72.32
N THR D 1102 31.12 -21.49 71.25
CA THR D 1102 29.71 -21.16 71.07
C THR D 1102 29.29 -21.42 69.63
N GLN D 1103 28.00 -21.68 69.44
CA GLN D 1103 27.46 -21.79 68.10
C GLN D 1103 27.50 -20.43 67.41
N ARG D 1104 27.64 -20.47 66.08
CA ARG D 1104 27.93 -19.25 65.32
C ARG D 1104 26.77 -18.26 65.38
N ASN D 1105 25.54 -18.76 65.31
CA ASN D 1105 24.39 -17.86 65.17
C ASN D 1105 24.01 -17.21 66.49
N PHE D 1106 24.17 -17.92 67.61
CA PHE D 1106 23.75 -17.42 68.91
C PHE D 1106 24.87 -17.59 69.92
N TYR D 1107 25.00 -16.63 70.82
CA TYR D 1107 26.07 -16.64 71.82
C TYR D 1107 25.65 -17.50 73.00
N GLU D 1108 26.26 -18.68 73.10
CA GLU D 1108 26.09 -19.56 74.25
C GLU D 1108 27.46 -20.14 74.60
N PRO D 1109 28.11 -19.64 75.66
CA PRO D 1109 29.50 -20.05 75.92
C PRO D 1109 29.59 -21.37 76.68
N GLN D 1110 30.29 -22.34 76.08
CA GLN D 1110 30.57 -23.63 76.71
C GLN D 1110 32.06 -23.72 77.00
N ILE D 1111 32.39 -24.39 78.11
CA ILE D 1111 33.78 -24.63 78.46
C ILE D 1111 34.39 -25.58 77.42
N ILE D 1112 35.68 -25.37 77.11
CA ILE D 1112 36.35 -26.21 76.13
C ILE D 1112 36.49 -27.63 76.67
N THR D 1113 35.98 -28.60 75.93
CA THR D 1113 36.07 -30.01 76.31
C THR D 1113 36.59 -30.81 75.12
N THR D 1114 37.03 -32.03 75.41
CA THR D 1114 37.45 -32.94 74.35
C THR D 1114 36.29 -33.32 73.45
N ASP D 1115 35.10 -33.51 74.03
CA ASP D 1115 33.91 -33.75 73.20
C ASP D 1115 33.54 -32.52 72.38
N ASN D 1116 33.91 -31.33 72.86
CA ASN D 1116 33.55 -30.11 72.14
C ASN D 1116 34.45 -29.88 70.93
N THR D 1117 35.70 -30.36 70.99
CA THR D 1117 36.70 -30.02 69.99
C THR D 1117 37.36 -31.28 69.46
N PHE D 1118 37.46 -31.39 68.14
CA PHE D 1118 38.27 -32.45 67.54
C PHE D 1118 39.71 -31.99 67.38
N VAL D 1119 40.65 -32.91 67.53
CA VAL D 1119 42.07 -32.61 67.61
C VAL D 1119 42.78 -33.25 66.42
N SER D 1120 43.65 -32.48 65.78
CA SER D 1120 44.44 -32.97 64.66
C SER D 1120 45.70 -32.12 64.52
N GLY D 1121 46.75 -32.73 63.98
CA GLY D 1121 47.98 -32.00 63.72
C GLY D 1121 48.72 -31.58 64.98
N ASN D 1122 49.64 -30.63 64.80
CA ASN D 1122 50.41 -30.05 65.90
C ASN D 1122 50.16 -28.55 65.97
N CYS D 1123 50.75 -27.93 66.99
CA CYS D 1123 50.43 -26.54 67.29
C CYS D 1123 51.12 -25.58 66.34
N ASP D 1124 52.32 -25.92 65.88
CA ASP D 1124 53.16 -24.93 65.19
C ASP D 1124 52.61 -24.58 63.81
N VAL D 1125 51.97 -25.53 63.14
CA VAL D 1125 51.61 -25.34 61.74
C VAL D 1125 50.53 -24.26 61.59
N VAL D 1126 49.54 -24.27 62.47
CA VAL D 1126 48.41 -23.36 62.36
C VAL D 1126 48.82 -21.97 62.86
N ILE D 1127 48.60 -20.95 62.03
CA ILE D 1127 48.88 -19.59 62.46
C ILE D 1127 47.75 -19.09 63.36
N GLY D 1128 48.10 -18.15 64.24
CA GLY D 1128 47.12 -17.57 65.14
C GLY D 1128 46.66 -18.45 66.27
N ILE D 1129 47.33 -19.58 66.52
CA ILE D 1129 46.91 -20.48 67.58
C ILE D 1129 47.13 -19.80 68.93
N VAL D 1130 46.26 -20.13 69.90
CA VAL D 1130 46.27 -19.50 71.21
C VAL D 1130 46.28 -20.58 72.28
N ASN D 1131 47.13 -20.38 73.28
CA ASN D 1131 47.30 -21.32 74.38
C ASN D 1131 46.09 -21.30 75.30
N ASN D 1132 45.55 -22.47 75.60
CA ASN D 1132 44.49 -22.63 76.58
C ASN D 1132 44.42 -24.11 76.97
N THR D 1133 43.74 -24.38 78.08
CA THR D 1133 43.62 -25.73 78.60
C THR D 1133 42.31 -26.35 78.13
N VAL D 1134 42.40 -27.51 77.48
CA VAL D 1134 41.23 -28.25 77.02
C VAL D 1134 40.87 -29.27 78.10
N TYR D 1135 39.79 -28.99 78.83
CA TYR D 1135 39.39 -29.85 79.93
C TYR D 1135 38.89 -31.20 79.41
N ASP D 1136 39.25 -32.27 80.13
CA ASP D 1136 38.80 -33.61 79.80
C ASP D 1136 37.83 -34.10 80.85
N PRO D 1137 36.59 -34.44 80.48
CA PRO D 1137 35.63 -34.90 81.49
C PRO D 1137 36.03 -36.19 82.19
N LEU D 1138 36.77 -37.07 81.50
CA LEU D 1138 37.05 -38.39 82.04
C LEU D 1138 37.94 -38.34 83.29
N GLN D 1139 39.00 -37.54 83.25
CA GLN D 1139 40.01 -37.61 84.30
C GLN D 1139 39.48 -37.25 85.69
N PRO D 1140 38.77 -36.14 85.90
CA PRO D 1140 38.23 -35.89 87.26
C PRO D 1140 37.29 -36.97 87.75
N GLU D 1141 36.51 -37.57 86.85
CA GLU D 1141 35.69 -38.71 87.23
C GLU D 1141 36.57 -39.90 87.59
N LEU D 1142 37.71 -40.05 86.92
CA LEU D 1142 38.66 -41.13 87.20
C LEU D 1142 39.52 -40.79 88.41
N ASP D 1143 38.85 -40.57 89.54
CA ASP D 1143 39.56 -40.29 90.78
C ASP D 1143 40.32 -41.52 91.28
N SER D 1144 39.75 -42.70 91.07
CA SER D 1144 40.40 -43.95 91.47
C SER D 1144 39.89 -45.13 90.64
N GLU E 1 2.65 74.96 -46.15
CA GLU E 1 3.06 73.56 -46.14
C GLU E 1 4.22 73.34 -45.16
N VAL E 2 5.07 72.36 -45.45
CA VAL E 2 6.22 72.06 -44.61
C VAL E 2 7.37 72.97 -45.06
N GLN E 3 7.57 74.07 -44.34
CA GLN E 3 8.66 74.99 -44.59
C GLN E 3 9.65 74.93 -43.44
N LEU E 4 10.92 74.74 -43.76
CA LEU E 4 11.98 74.73 -42.75
C LEU E 4 12.76 76.03 -42.85
N VAL E 5 12.29 77.06 -42.15
CA VAL E 5 13.06 78.29 -42.00
C VAL E 5 14.27 78.02 -41.11
N GLN E 6 15.43 78.51 -41.52
CA GLN E 6 16.65 78.26 -40.78
C GLN E 6 17.15 79.57 -40.18
N SER E 7 18.09 79.44 -39.25
CA SER E 7 18.72 80.62 -38.65
C SER E 7 19.55 81.36 -39.68
N GLY E 8 19.62 82.68 -39.51
CA GLY E 8 20.34 83.51 -40.45
C GLY E 8 21.85 83.33 -40.33
N ALA E 9 22.54 83.65 -41.43
CA ALA E 9 24.00 83.62 -41.43
C ALA E 9 24.55 84.65 -40.45
N GLU E 10 25.59 84.26 -39.71
CA GLU E 10 26.13 85.09 -38.65
C GLU E 10 27.65 85.01 -38.66
N VAL E 11 28.29 86.07 -38.15
CA VAL E 11 29.74 86.12 -38.02
C VAL E 11 30.09 86.10 -36.53
N LYS E 12 30.86 85.10 -36.11
CA LYS E 12 31.23 84.94 -34.71
C LYS E 12 32.70 84.54 -34.60
N LYS E 13 33.26 84.78 -33.42
CA LYS E 13 34.62 84.33 -33.15
C LYS E 13 34.64 82.81 -32.92
N PRO E 14 35.80 82.18 -33.04
CA PRO E 14 35.90 80.78 -32.64
C PRO E 14 35.80 80.60 -31.13
N GLY E 15 35.23 79.47 -30.72
CA GLY E 15 35.24 79.07 -29.33
C GLY E 15 33.95 79.24 -28.55
N GLU E 16 32.87 79.66 -29.19
CA GLU E 16 31.58 79.85 -28.52
C GLU E 16 30.51 79.04 -29.25
N SER E 17 29.79 78.22 -28.49
CA SER E 17 28.72 77.42 -29.07
C SER E 17 27.53 78.29 -29.43
N LEU E 18 27.03 78.14 -30.67
CA LEU E 18 25.89 78.91 -31.16
C LEU E 18 24.74 77.94 -31.43
N LYS E 19 23.57 78.26 -30.90
CA LYS E 19 22.39 77.41 -31.07
C LYS E 19 21.81 77.68 -32.45
N ILE E 20 22.46 77.14 -33.49
CA ILE E 20 21.93 77.30 -34.83
C ILE E 20 20.59 76.58 -34.93
N SER E 21 19.62 77.23 -35.55
CA SER E 21 18.22 76.84 -35.45
C SER E 21 17.61 76.71 -36.84
N CYS E 22 16.91 75.61 -37.07
CA CYS E 22 16.03 75.47 -38.22
C CYS E 22 14.58 75.43 -37.72
N LYS E 23 13.80 76.43 -38.09
CA LYS E 23 12.41 76.48 -37.69
C LYS E 23 11.59 75.48 -38.50
N GLY E 24 10.84 74.63 -37.80
CA GLY E 24 10.02 73.63 -38.45
C GLY E 24 8.54 73.92 -38.38
N SER E 25 7.90 74.02 -39.54
CA SER E 25 6.48 74.35 -39.63
C SER E 25 5.81 73.43 -40.64
N GLY E 26 4.49 73.24 -40.44
CA GLY E 26 3.71 72.44 -41.35
C GLY E 26 3.83 70.94 -41.17
N PHE E 27 4.59 70.48 -40.18
CA PHE E 27 4.74 69.05 -39.95
C PHE E 27 5.03 68.78 -38.49
N SER E 28 4.61 67.61 -38.03
CA SER E 28 4.94 67.16 -36.69
C SER E 28 6.32 66.54 -36.66
N PHE E 29 7.15 66.99 -35.72
CA PHE E 29 8.50 66.46 -35.60
C PHE E 29 8.51 65.00 -35.15
N THR E 30 7.55 64.61 -34.30
CA THR E 30 7.37 63.20 -33.98
C THR E 30 7.11 62.41 -35.26
N SER E 31 6.47 63.02 -36.24
CA SER E 31 6.11 62.30 -37.46
C SER E 31 7.33 62.12 -38.36
N TYR E 32 8.22 63.11 -38.42
CA TYR E 32 9.29 63.16 -39.42
C TYR E 32 10.66 63.24 -38.74
N TRP E 33 11.59 62.43 -39.25
CA TRP E 33 12.99 62.50 -38.85
C TRP E 33 13.67 63.68 -39.54
N ILE E 34 14.09 64.66 -38.76
CA ILE E 34 14.79 65.82 -39.29
C ILE E 34 16.29 65.61 -39.14
N GLY E 35 17.02 65.77 -40.23
CA GLY E 35 18.46 65.60 -40.25
C GLY E 35 19.17 66.93 -40.44
N TRP E 36 20.44 66.95 -40.08
CA TRP E 36 21.26 68.15 -40.20
C TRP E 36 22.43 67.89 -41.14
N VAL E 37 22.62 68.80 -42.09
CA VAL E 37 23.63 68.65 -43.14
C VAL E 37 24.35 69.97 -43.34
N ARG E 38 25.67 69.90 -43.47
CA ARG E 38 26.53 71.07 -43.62
C ARG E 38 27.23 71.02 -44.97
N GLN E 39 27.36 72.17 -45.61
CA GLN E 39 28.08 72.29 -46.87
C GLN E 39 29.29 73.20 -46.68
N MET E 40 30.48 72.60 -46.73
CA MET E 40 31.70 73.38 -46.76
C MET E 40 31.77 74.11 -48.10
N PRO E 41 31.87 75.44 -48.09
CA PRO E 41 31.83 76.20 -49.35
C PRO E 41 32.87 75.70 -50.35
N GLY E 42 32.43 75.57 -51.60
CA GLY E 42 33.27 74.96 -52.63
C GLY E 42 33.46 73.48 -52.45
N LYS E 43 32.52 72.81 -51.78
CA LYS E 43 32.62 71.38 -51.54
C LYS E 43 31.20 70.80 -51.44
N GLY E 44 31.10 69.50 -51.66
CA GLY E 44 29.81 68.84 -51.49
C GLY E 44 29.39 68.81 -50.03
N LEU E 45 28.08 68.75 -49.81
CA LEU E 45 27.55 68.72 -48.46
C LEU E 45 27.92 67.42 -47.76
N GLU E 46 28.05 67.49 -46.43
CA GLU E 46 28.40 66.32 -45.63
C GLU E 46 27.34 66.12 -44.55
N TRP E 47 27.10 64.85 -44.19
CA TRP E 47 26.13 64.49 -43.17
C TRP E 47 26.66 64.79 -41.78
N MET E 48 25.84 65.44 -40.96
CA MET E 48 26.14 65.67 -39.54
C MET E 48 25.30 64.85 -38.59
N GLY E 49 24.48 63.93 -39.10
CA GLY E 49 23.67 63.12 -38.23
C GLY E 49 22.20 63.47 -38.33
N ILE E 50 21.37 62.64 -37.69
CA ILE E 50 19.92 62.75 -37.77
C ILE E 50 19.33 62.72 -36.37
N ILE E 51 18.29 63.53 -36.14
CA ILE E 51 17.56 63.54 -34.88
C ILE E 51 16.11 63.14 -35.17
N TYR E 52 15.65 62.08 -34.51
CA TYR E 52 14.22 61.82 -34.40
C TYR E 52 13.74 62.72 -33.28
N PRO E 53 13.06 63.83 -33.57
CA PRO E 53 12.73 64.78 -32.50
C PRO E 53 11.81 64.21 -31.45
N GLY E 54 10.93 63.26 -31.81
CA GLY E 54 10.05 62.68 -30.82
C GLY E 54 10.81 62.01 -29.69
N ASP E 55 11.90 61.32 -30.02
CA ASP E 55 12.76 60.71 -29.03
C ASP E 55 14.07 61.45 -28.83
N SER E 56 14.27 62.57 -29.52
CA SER E 56 15.55 63.29 -29.50
C SER E 56 16.70 62.36 -29.85
N ASP E 57 16.45 61.46 -30.80
CA ASP E 57 17.39 60.39 -31.16
C ASP E 57 18.41 60.93 -32.15
N THR E 58 19.40 61.64 -31.62
CA THR E 58 20.46 62.24 -32.44
C THR E 58 21.51 61.18 -32.73
N ARG E 59 21.50 60.64 -33.96
CA ARG E 59 22.52 59.71 -34.43
C ARG E 59 23.62 60.50 -35.12
N TYR E 60 24.55 61.04 -34.34
CA TYR E 60 25.54 61.94 -34.90
C TYR E 60 26.35 61.24 -35.99
N SER E 61 26.79 62.02 -36.96
CA SER E 61 27.76 61.52 -37.90
C SER E 61 29.08 61.23 -37.18
N PRO E 62 29.70 60.08 -37.45
CA PRO E 62 30.90 59.70 -36.68
C PRO E 62 32.03 60.72 -36.77
N SER E 63 32.21 61.35 -37.92
CA SER E 63 33.25 62.38 -38.03
C SER E 63 32.91 63.59 -37.18
N PHE E 64 31.62 63.90 -37.05
CA PHE E 64 31.15 65.02 -36.24
C PHE E 64 30.53 64.56 -34.92
N GLN E 65 30.66 63.28 -34.58
CA GLN E 65 30.13 62.74 -33.33
C GLN E 65 30.96 63.30 -32.17
N GLY E 66 30.40 64.27 -31.45
CA GLY E 66 31.12 64.94 -30.39
C GLY E 66 31.91 66.15 -30.83
N GLN E 67 32.23 66.26 -32.13
CA GLN E 67 32.85 67.48 -32.64
C GLN E 67 31.88 68.66 -32.51
N VAL E 68 30.61 68.43 -32.82
CA VAL E 68 29.55 69.39 -32.60
C VAL E 68 28.45 68.71 -31.80
N THR E 69 27.64 69.52 -31.12
CA THR E 69 26.53 69.01 -30.31
C THR E 69 25.22 69.46 -30.97
N ILE E 70 24.35 68.48 -31.26
CA ILE E 70 23.12 68.72 -31.99
C ILE E 70 21.95 68.60 -31.02
N SER E 71 21.02 69.55 -31.10
CA SER E 71 19.84 69.56 -30.24
C SER E 71 18.67 70.22 -30.96
N ALA E 72 17.47 69.96 -30.46
CA ALA E 72 16.25 70.54 -31.00
C ALA E 72 15.21 70.55 -29.91
N ASP E 73 14.21 71.42 -30.06
CA ASP E 73 13.13 71.55 -29.10
C ASP E 73 11.82 71.13 -29.76
N LYS E 74 11.08 70.28 -29.08
CA LYS E 74 9.80 69.80 -29.63
C LYS E 74 8.73 70.89 -29.59
N SER E 75 8.62 71.62 -28.46
CA SER E 75 7.53 72.55 -28.28
C SER E 75 7.61 73.73 -29.24
N ILE E 76 8.76 74.41 -29.28
CA ILE E 76 8.92 75.59 -30.15
C ILE E 76 9.05 75.18 -31.60
N SER E 77 9.19 73.87 -31.86
CA SER E 77 9.29 73.29 -33.20
C SER E 77 10.43 73.94 -33.99
N THR E 78 11.62 73.95 -33.41
CA THR E 78 12.78 74.55 -34.02
C THR E 78 14.01 73.84 -33.48
N ALA E 79 14.99 73.57 -34.34
CA ALA E 79 16.24 72.96 -33.89
C ALA E 79 17.07 73.95 -33.07
N TYR E 80 18.00 73.41 -32.26
CA TYR E 80 18.91 74.21 -31.43
C TYR E 80 20.30 73.58 -31.44
N LEU E 81 20.79 73.26 -32.64
CA LEU E 81 22.11 72.65 -32.82
C LEU E 81 23.14 73.61 -32.24
N GLN E 82 23.76 73.21 -31.13
CA GLN E 82 24.68 74.12 -30.44
C GLN E 82 26.02 74.20 -31.14
N TRP E 83 26.35 73.21 -31.96
CA TRP E 83 27.58 73.10 -32.75
C TRP E 83 28.84 73.03 -31.88
N SER E 84 28.72 72.93 -30.56
CA SER E 84 29.87 72.87 -29.65
C SER E 84 30.72 74.12 -29.78
N SER E 85 31.88 74.13 -29.12
CA SER E 85 32.78 75.27 -29.22
C SER E 85 33.17 75.52 -30.68
N LEU E 86 32.95 76.75 -31.13
CA LEU E 86 33.09 77.06 -32.55
C LEU E 86 34.56 77.12 -32.95
N LYS E 87 34.82 76.77 -34.21
CA LYS E 87 36.15 76.75 -34.78
C LYS E 87 36.15 77.53 -36.09
N ALA E 88 37.28 78.18 -36.39
CA ALA E 88 37.37 78.97 -37.62
C ALA E 88 37.17 78.11 -38.85
N SER E 89 37.69 76.87 -38.83
CA SER E 89 37.50 75.96 -39.96
C SER E 89 36.04 75.54 -40.11
N ASP E 90 35.25 75.65 -39.04
CA ASP E 90 33.84 75.25 -39.09
C ASP E 90 32.98 76.19 -39.91
N THR E 91 33.52 77.33 -40.36
CA THR E 91 32.77 78.22 -41.24
C THR E 91 32.29 77.45 -42.47
N ALA E 92 30.97 77.30 -42.58
CA ALA E 92 30.41 76.52 -43.68
C ALA E 92 28.91 76.74 -43.76
N MET E 93 28.33 76.30 -44.87
CA MET E 93 26.90 76.43 -45.08
C MET E 93 26.17 75.28 -44.39
N TYR E 94 25.18 75.63 -43.57
CA TYR E 94 24.41 74.64 -42.81
C TYR E 94 22.99 74.60 -43.32
N TYR E 95 22.53 73.39 -43.67
CA TYR E 95 21.16 73.17 -44.13
C TYR E 95 20.46 72.21 -43.17
N CYS E 96 19.20 72.47 -42.88
CA CYS E 96 18.37 71.60 -42.06
C CYS E 96 17.36 70.91 -42.97
N ALA E 97 17.70 69.72 -43.43
CA ALA E 97 16.82 68.92 -44.29
C ALA E 97 16.42 67.66 -43.54
N ARG E 98 15.10 67.46 -43.40
CA ARG E 98 14.62 66.31 -42.65
C ARG E 98 15.04 65.01 -43.33
N GLY E 99 15.47 64.05 -42.52
CA GLY E 99 15.90 62.76 -43.03
C GLY E 99 16.14 61.79 -41.91
N GLY E 100 16.04 60.50 -42.22
CA GLY E 100 16.29 59.45 -41.27
C GLY E 100 17.25 58.41 -41.80
N TYR E 101 16.90 57.13 -41.63
CA TYR E 101 17.68 56.08 -42.27
C TYR E 101 17.63 56.21 -43.79
N GLU E 102 16.48 56.62 -44.32
CA GLU E 102 16.33 56.85 -45.75
C GLU E 102 17.08 58.10 -46.19
N ASP E 103 17.25 59.06 -45.28
CA ASP E 103 17.97 60.31 -45.54
C ASP E 103 17.46 61.00 -46.81
N VAL E 104 16.14 61.11 -46.93
CA VAL E 104 15.58 61.94 -48.00
C VAL E 104 15.87 63.41 -47.72
N PHE E 105 15.62 64.23 -48.74
CA PHE E 105 15.81 65.67 -48.56
C PHE E 105 14.67 66.30 -47.77
N ASP E 106 13.45 65.77 -47.93
CA ASP E 106 12.23 66.35 -47.35
C ASP E 106 12.22 67.83 -47.69
N ILE E 107 12.25 68.73 -46.70
CA ILE E 107 12.35 70.16 -46.94
C ILE E 107 13.67 70.63 -46.34
N TRP E 108 14.50 71.24 -47.15
CA TRP E 108 15.75 71.81 -46.68
C TRP E 108 15.51 73.05 -45.83
N GLY E 109 16.46 73.32 -44.95
CA GLY E 109 16.45 74.57 -44.21
C GLY E 109 16.76 75.75 -45.11
N GLN E 110 16.51 76.95 -44.59
CA GLN E 110 16.78 78.15 -45.35
C GLN E 110 18.27 78.27 -45.67
N GLY E 111 19.13 77.80 -44.76
CA GLY E 111 20.56 77.82 -45.00
C GLY E 111 21.30 78.77 -44.08
N THR E 112 22.04 78.22 -43.12
CA THR E 112 22.75 79.01 -42.13
C THR E 112 24.22 79.08 -42.52
N MET E 113 24.62 80.19 -43.12
CA MET E 113 26.00 80.40 -43.57
C MET E 113 26.80 81.14 -42.49
N VAL E 114 26.95 80.46 -41.34
CA VAL E 114 27.74 81.05 -40.27
C VAL E 114 29.21 81.08 -40.67
N THR E 115 29.81 82.27 -40.58
CA THR E 115 31.24 82.44 -40.80
C THR E 115 31.88 82.67 -39.44
N VAL E 116 32.90 81.88 -39.12
CA VAL E 116 33.53 81.92 -37.82
C VAL E 116 34.90 82.58 -37.99
N SER E 117 35.05 83.76 -37.41
CA SER E 117 36.29 84.51 -37.51
C SER E 117 36.36 85.53 -36.39
N SER E 118 37.58 85.83 -35.95
CA SER E 118 37.80 86.79 -34.89
C SER E 118 37.79 88.22 -35.45
N GLU F 1 33.16 55.96 -45.23
CA GLU F 1 32.25 55.00 -45.81
C GLU F 1 32.46 54.88 -47.32
N ILE F 2 31.40 54.51 -48.04
CA ILE F 2 31.50 54.41 -49.49
C ILE F 2 31.65 55.81 -50.08
N VAL F 3 32.69 55.97 -50.91
CA VAL F 3 33.03 57.25 -51.52
C VAL F 3 32.40 57.31 -52.90
N LEU F 4 31.66 58.38 -53.17
CA LEU F 4 30.97 58.56 -54.44
C LEU F 4 31.61 59.69 -55.23
N THR F 5 32.07 59.36 -56.44
CA THR F 5 32.60 60.35 -57.38
C THR F 5 31.82 60.22 -58.68
N GLN F 6 31.08 61.27 -59.04
CA GLN F 6 30.30 61.30 -60.27
C GLN F 6 31.20 61.81 -61.39
N SER F 7 31.57 60.90 -62.29
CA SER F 7 32.51 61.25 -63.34
C SER F 7 31.77 61.49 -64.66
N PRO F 8 32.26 62.43 -65.49
CA PRO F 8 33.36 63.37 -65.22
C PRO F 8 32.98 64.43 -64.18
N GLY F 9 33.96 65.20 -63.70
CA GLY F 9 33.68 66.20 -62.68
C GLY F 9 32.65 67.22 -63.13
N THR F 10 32.69 67.60 -64.41
CA THR F 10 31.68 68.47 -65.01
C THR F 10 31.24 67.86 -66.33
N LEU F 11 29.91 67.78 -66.52
CA LEU F 11 29.34 67.27 -67.76
C LEU F 11 29.00 68.45 -68.68
N SER F 12 30.03 69.23 -68.98
CA SER F 12 29.87 70.44 -69.79
C SER F 12 29.52 70.06 -71.21
N LEU F 13 28.28 70.33 -71.62
CA LEU F 13 27.81 70.00 -72.96
C LEU F 13 26.55 70.79 -73.25
N SER F 14 26.16 70.81 -74.54
CA SER F 14 25.10 71.69 -75.01
C SER F 14 23.74 71.22 -74.51
N PRO F 15 22.78 72.14 -74.40
CA PRO F 15 21.43 71.75 -73.97
C PRO F 15 20.73 70.89 -75.02
N GLY F 16 19.82 70.06 -74.53
CA GLY F 16 18.96 69.26 -75.39
C GLY F 16 19.49 67.89 -75.77
N GLY F 17 20.73 67.57 -75.41
CA GLY F 17 21.32 66.28 -75.73
C GLY F 17 21.38 65.39 -74.51
N ARG F 18 20.99 64.13 -74.68
CA ARG F 18 20.94 63.20 -73.56
C ARG F 18 22.33 63.00 -72.96
N ALA F 19 22.39 62.94 -71.63
CA ALA F 19 23.65 62.82 -70.90
C ALA F 19 23.46 61.93 -69.69
N THR F 20 24.35 60.95 -69.54
CA THR F 20 24.34 60.05 -68.39
C THR F 20 25.44 60.47 -67.42
N LEU F 21 25.13 60.47 -66.13
CA LEU F 21 26.07 60.85 -65.09
C LEU F 21 26.40 59.62 -64.26
N SER F 22 27.56 59.03 -64.50
CA SER F 22 27.99 57.82 -63.81
C SER F 22 28.69 58.22 -62.52
N CYS F 23 28.25 57.65 -61.40
CA CYS F 23 28.84 57.91 -60.09
C CYS F 23 29.58 56.67 -59.63
N ARG F 24 30.87 56.81 -59.37
CA ARG F 24 31.70 55.69 -58.94
C ARG F 24 31.64 55.54 -57.43
N ALA F 25 31.31 54.35 -56.97
CA ALA F 25 31.17 54.06 -55.54
C ALA F 25 32.26 53.09 -55.11
N SER F 26 32.74 53.26 -53.87
CA SER F 26 33.74 52.36 -53.34
C SER F 26 33.21 50.93 -53.22
N GLN F 27 31.96 50.79 -52.81
CA GLN F 27 31.33 49.49 -52.67
C GLN F 27 30.03 49.44 -53.47
N SER F 28 29.67 48.24 -53.91
CA SER F 28 28.49 48.03 -54.73
C SER F 28 27.29 47.77 -53.82
N VAL F 29 26.46 48.79 -53.64
CA VAL F 29 25.26 48.65 -52.81
C VAL F 29 24.06 49.26 -53.52
N SER F 30 23.24 48.40 -54.14
CA SER F 30 21.98 48.85 -54.70
C SER F 30 20.85 48.72 -53.70
N SER F 31 21.04 47.90 -52.65
CA SER F 31 20.04 47.79 -51.60
C SER F 31 19.82 49.11 -50.90
N SER F 32 20.86 49.94 -50.79
CA SER F 32 20.70 51.28 -50.24
C SER F 32 19.75 52.11 -51.10
N TYR F 33 19.70 51.84 -52.41
CA TYR F 33 18.84 52.56 -53.35
C TYR F 33 19.27 54.03 -53.46
N LEU F 34 20.56 54.23 -53.76
CA LEU F 34 21.22 55.53 -53.71
C LEU F 34 20.38 56.65 -54.33
N ALA F 35 20.07 57.65 -53.52
CA ALA F 35 19.29 58.80 -53.97
C ALA F 35 20.17 59.81 -54.68
N TRP F 36 19.57 60.54 -55.61
CA TRP F 36 20.28 61.54 -56.40
C TRP F 36 19.73 62.92 -56.11
N TYR F 37 20.63 63.89 -55.98
CA TYR F 37 20.28 65.26 -55.59
C TYR F 37 20.69 66.24 -56.67
N GLN F 38 19.75 67.08 -57.09
CA GLN F 38 20.00 68.13 -58.06
C GLN F 38 20.12 69.47 -57.31
N GLN F 39 21.31 70.06 -57.34
CA GLN F 39 21.58 71.29 -56.60
C GLN F 39 21.44 72.47 -57.55
N LYS F 40 20.38 73.25 -57.38
CA LYS F 40 20.26 74.49 -58.11
C LYS F 40 21.27 75.50 -57.57
N PRO F 41 22.02 76.18 -58.44
CA PRO F 41 23.08 77.07 -57.95
C PRO F 41 22.53 78.13 -57.01
N GLY F 42 23.19 78.28 -55.85
CA GLY F 42 22.72 79.17 -54.82
C GLY F 42 21.53 78.65 -54.04
N GLN F 43 21.15 77.39 -54.23
CA GLN F 43 19.99 76.80 -53.57
C GLN F 43 20.35 75.42 -53.03
N ALA F 44 19.58 74.98 -52.04
CA ALA F 44 19.79 73.65 -51.48
C ALA F 44 19.47 72.59 -52.52
N PRO F 45 20.18 71.47 -52.54
CA PRO F 45 19.99 70.48 -53.60
C PRO F 45 18.66 69.75 -53.49
N ARG F 46 17.78 69.97 -54.46
CA ARG F 46 16.57 69.17 -54.57
C ARG F 46 16.93 67.72 -54.90
N LEU F 47 16.27 66.79 -54.21
CA LEU F 47 16.51 65.37 -54.45
C LEU F 47 16.03 65.02 -55.85
N LEU F 48 16.98 64.81 -56.77
CA LEU F 48 16.62 64.56 -58.16
C LEU F 48 15.86 63.26 -58.33
N ILE F 49 16.41 62.15 -57.81
CA ILE F 49 15.81 60.83 -57.96
C ILE F 49 16.19 59.98 -56.76
N TYR F 50 15.19 59.36 -56.15
CA TYR F 50 15.40 58.49 -55.00
C TYR F 50 15.16 57.05 -55.41
N GLY F 51 15.50 56.12 -54.52
CA GLY F 51 15.35 54.71 -54.82
C GLY F 51 16.31 54.22 -55.86
N ALA F 52 17.20 55.09 -56.34
CA ALA F 52 18.26 54.82 -57.31
C ALA F 52 17.70 54.61 -58.70
N SER F 53 16.39 54.44 -58.82
CA SER F 53 15.69 54.53 -60.09
C SER F 53 14.33 55.20 -59.99
N SER F 54 13.78 55.34 -58.78
CA SER F 54 12.41 55.81 -58.62
C SER F 54 12.30 57.30 -58.90
N ARG F 55 11.27 57.67 -59.64
CA ARG F 55 11.05 59.06 -60.01
C ARG F 55 10.63 59.87 -58.78
N ALA F 56 11.44 60.86 -58.42
CA ALA F 56 11.08 61.76 -57.33
C ALA F 56 9.89 62.63 -57.73
N THR F 57 9.03 62.92 -56.76
CA THR F 57 7.81 63.67 -57.04
C THR F 57 8.14 65.05 -57.60
N GLY F 58 7.44 65.42 -58.68
CA GLY F 58 7.68 66.70 -59.33
C GLY F 58 9.02 66.83 -59.99
N ILE F 59 9.49 65.78 -60.66
CA ILE F 59 10.78 65.81 -61.36
C ILE F 59 10.53 65.50 -62.83
N PRO F 60 11.15 66.21 -63.76
CA PRO F 60 10.88 65.97 -65.18
C PRO F 60 11.20 64.53 -65.60
N ASP F 61 10.37 64.01 -66.51
CA ASP F 61 10.57 62.64 -66.98
C ASP F 61 11.83 62.49 -67.83
N ARG F 62 12.39 63.59 -68.30
CA ARG F 62 13.65 63.51 -69.06
C ARG F 62 14.77 62.97 -68.17
N PHE F 63 14.81 63.38 -66.91
CA PHE F 63 15.69 62.74 -65.95
C PHE F 63 15.27 61.28 -65.75
N SER F 64 16.24 60.40 -65.60
CA SER F 64 15.98 58.97 -65.41
C SER F 64 17.01 58.39 -64.44
N GLY F 65 16.53 57.59 -63.49
CA GLY F 65 17.42 56.93 -62.55
C GLY F 65 17.82 55.56 -63.05
N SER F 66 19.11 55.31 -63.07
CA SER F 66 19.64 54.04 -63.58
C SER F 66 20.93 53.73 -62.86
N GLY F 67 21.59 52.66 -63.31
CA GLY F 67 22.81 52.19 -62.69
C GLY F 67 22.55 51.33 -61.46
N SER F 68 23.53 50.50 -61.13
CA SER F 68 23.42 49.61 -59.98
C SER F 68 24.81 49.23 -59.49
N GLY F 69 24.88 48.85 -58.22
CA GLY F 69 26.15 48.45 -57.64
C GLY F 69 27.10 49.62 -57.50
N THR F 70 28.33 49.44 -58.00
CA THR F 70 29.33 50.48 -57.87
C THR F 70 29.04 51.66 -58.78
N ASP F 71 28.25 51.44 -59.83
CA ASP F 71 27.98 52.45 -60.84
C ASP F 71 26.50 52.82 -60.83
N PHE F 72 26.20 54.10 -60.67
CA PHE F 72 24.84 54.61 -60.78
C PHE F 72 24.82 55.76 -61.78
N THR F 73 23.93 55.68 -62.76
CA THR F 73 23.89 56.60 -63.87
C THR F 73 22.53 57.30 -63.92
N LEU F 74 22.55 58.62 -64.12
CA LEU F 74 21.33 59.39 -64.36
C LEU F 74 21.37 59.91 -65.79
N THR F 75 20.48 59.38 -66.63
CA THR F 75 20.35 59.81 -68.01
C THR F 75 19.27 60.88 -68.08
N ILE F 76 19.68 62.12 -68.38
CA ILE F 76 18.76 63.23 -68.58
C ILE F 76 18.62 63.44 -70.08
N SER F 77 17.52 62.93 -70.64
CA SER F 77 17.42 62.76 -72.09
C SER F 77 17.43 64.09 -72.83
N ARG F 78 16.89 65.14 -72.22
CA ARG F 78 16.89 66.46 -72.83
C ARG F 78 17.36 67.47 -71.79
N LEU F 79 18.46 68.16 -72.08
CA LEU F 79 19.05 69.12 -71.15
C LEU F 79 18.30 70.44 -71.28
N GLU F 80 17.36 70.68 -70.37
CA GLU F 80 16.80 72.00 -70.23
C GLU F 80 17.89 72.93 -69.69
N PRO F 81 17.98 74.16 -70.22
CA PRO F 81 18.99 75.10 -69.71
C PRO F 81 18.84 75.35 -68.21
N GLU F 82 17.63 75.27 -67.68
CA GLU F 82 17.44 75.35 -66.25
C GLU F 82 18.03 74.14 -65.53
N ASP F 83 18.06 72.98 -66.20
CA ASP F 83 18.62 71.79 -65.59
C ASP F 83 20.13 71.88 -65.44
N PHE F 84 20.77 72.86 -66.09
CA PHE F 84 22.20 73.05 -65.94
C PHE F 84 22.50 73.49 -64.50
N ALA F 85 23.04 72.57 -63.70
CA ALA F 85 23.24 72.83 -62.28
C ALA F 85 24.11 71.74 -61.67
N VAL F 86 24.30 71.80 -60.34
CA VAL F 86 25.15 70.83 -59.67
C VAL F 86 24.34 69.60 -59.28
N TYR F 87 24.93 68.42 -59.49
CA TYR F 87 24.29 67.15 -59.17
C TYR F 87 25.04 66.49 -58.03
N TYR F 88 24.36 65.56 -57.34
CA TYR F 88 24.95 64.86 -56.22
C TYR F 88 24.46 63.41 -56.18
N CYS F 89 25.28 62.56 -55.56
CA CYS F 89 24.95 61.16 -55.34
C CYS F 89 24.88 60.90 -53.84
N GLN F 90 23.69 60.66 -53.33
CA GLN F 90 23.47 60.43 -51.91
C GLN F 90 23.00 59.00 -51.67
N GLN F 91 23.74 58.26 -50.85
CA GLN F 91 23.33 56.89 -50.54
C GLN F 91 22.08 56.92 -49.68
N TYR F 92 20.98 56.40 -50.23
CA TYR F 92 19.69 56.44 -49.55
C TYR F 92 19.71 55.65 -48.26
N GLY F 93 20.28 54.45 -48.28
CA GLY F 93 20.15 53.54 -47.15
C GLY F 93 21.41 53.19 -46.40
N SER F 94 22.55 53.75 -46.81
CA SER F 94 23.81 53.38 -46.19
C SER F 94 24.00 54.06 -44.84
N SER F 95 24.79 53.44 -43.98
CA SER F 95 25.19 54.04 -42.72
C SER F 95 26.14 55.20 -42.98
N PRO F 96 26.15 56.22 -42.10
CA PRO F 96 26.74 57.52 -42.44
C PRO F 96 26.75 57.79 -43.93
N PRO F 97 25.58 57.99 -44.53
CA PRO F 97 25.50 58.15 -45.99
C PRO F 97 26.28 59.37 -46.47
N THR F 98 26.86 59.25 -47.67
CA THR F 98 27.79 60.23 -48.20
C THR F 98 27.21 60.87 -49.46
N PHE F 99 27.41 62.18 -49.59
CA PHE F 99 26.97 62.90 -50.78
C PHE F 99 27.98 62.72 -51.91
N GLY F 100 27.52 63.01 -53.13
CA GLY F 100 28.40 62.95 -54.28
C GLY F 100 29.35 64.13 -54.35
N GLN F 101 30.35 64.01 -55.23
CA GLN F 101 31.36 65.07 -55.36
C GLN F 101 30.78 66.30 -56.05
N GLY F 102 29.96 66.10 -57.08
CA GLY F 102 29.38 67.21 -57.81
C GLY F 102 29.57 67.11 -59.32
N THR F 103 28.68 67.76 -60.07
CA THR F 103 28.71 67.73 -61.52
C THR F 103 27.88 68.88 -62.07
N LYS F 104 28.46 69.63 -63.00
CA LYS F 104 27.81 70.80 -63.58
C LYS F 104 27.91 70.72 -65.10
N VAL F 105 26.99 71.42 -65.76
CA VAL F 105 26.87 71.41 -67.22
C VAL F 105 27.05 72.82 -67.74
N GLU F 106 27.92 72.98 -68.75
CA GLU F 106 28.16 74.26 -69.41
C GLU F 106 28.26 74.02 -70.91
N ILE F 107 27.60 74.87 -71.70
CA ILE F 107 27.50 74.63 -73.13
C ILE F 107 28.83 74.93 -73.83
N LYS F 108 29.45 76.08 -73.54
CA LYS F 108 30.58 76.51 -74.34
C LYS F 108 31.50 77.39 -73.51
N ARG F 109 32.72 77.56 -74.02
CA ARG F 109 33.72 78.44 -73.42
C ARG F 109 34.75 78.73 -74.51
N PRO G 25 -51.33 -36.77 -1.37
CA PRO G 25 -50.56 -36.16 -0.28
C PRO G 25 -49.06 -36.46 -0.38
N PRO G 26 -48.23 -35.44 -0.22
CA PRO G 26 -46.78 -35.67 -0.30
C PRO G 26 -46.25 -36.40 0.93
N ALA G 27 -45.91 -37.67 0.78
CA ALA G 27 -45.29 -38.42 1.86
C ALA G 27 -43.91 -37.85 2.15
N TYR G 28 -43.69 -37.43 3.39
CA TYR G 28 -42.46 -36.76 3.77
C TYR G 28 -41.53 -37.77 4.46
N THR G 29 -40.35 -37.99 3.88
CA THR G 29 -39.37 -38.93 4.40
C THR G 29 -38.07 -38.22 4.67
N ASN G 30 -37.34 -38.69 5.69
CA ASN G 30 -36.05 -38.12 6.01
C ASN G 30 -35.01 -38.52 4.96
N SER G 31 -34.19 -37.56 4.54
CA SER G 31 -33.19 -37.81 3.52
C SER G 31 -32.05 -38.70 4.00
N PHE G 32 -31.87 -38.81 5.32
CA PHE G 32 -30.76 -39.57 5.93
C PHE G 32 -29.46 -38.98 5.38
N THR G 33 -28.56 -39.78 4.82
CA THR G 33 -27.34 -39.27 4.18
C THR G 33 -27.51 -39.46 2.68
N ARG G 34 -27.91 -38.39 1.99
CA ARG G 34 -28.23 -38.47 0.56
C ARG G 34 -27.94 -37.11 -0.07
N GLY G 35 -27.84 -37.12 -1.40
CA GLY G 35 -27.71 -35.89 -2.16
C GLY G 35 -26.32 -35.31 -2.27
N VAL G 36 -25.28 -36.05 -1.88
CA VAL G 36 -23.92 -35.56 -1.97
C VAL G 36 -23.40 -35.75 -3.39
N TYR G 37 -22.71 -34.74 -3.91
CA TYR G 37 -22.15 -34.80 -5.25
C TYR G 37 -20.73 -34.24 -5.25
N TYR G 38 -19.94 -34.66 -6.23
CA TYR G 38 -18.58 -34.19 -6.35
C TYR G 38 -18.58 -32.70 -6.72
N PRO G 39 -17.88 -31.85 -5.96
CA PRO G 39 -17.93 -30.41 -6.26
C PRO G 39 -17.30 -30.04 -7.59
N ASP G 40 -16.16 -30.63 -7.93
CA ASP G 40 -15.44 -30.28 -9.15
C ASP G 40 -14.52 -31.43 -9.54
N LYS G 41 -13.76 -31.20 -10.61
CA LYS G 41 -12.87 -32.22 -11.17
C LYS G 41 -11.47 -32.09 -10.57
N VAL G 42 -11.41 -32.18 -9.24
CA VAL G 42 -10.16 -32.13 -8.50
C VAL G 42 -9.96 -33.49 -7.83
N PHE G 43 -8.81 -34.12 -8.10
CA PHE G 43 -8.46 -35.37 -7.45
C PHE G 43 -7.82 -35.06 -6.11
N ARG G 44 -8.61 -35.17 -5.05
CA ARG G 44 -8.15 -34.93 -3.69
C ARG G 44 -8.06 -36.27 -2.97
N SER G 45 -6.92 -36.54 -2.35
CA SER G 45 -6.64 -37.84 -1.75
C SER G 45 -6.46 -37.68 -0.24
N SER G 46 -7.35 -38.30 0.53
CA SER G 46 -7.25 -38.38 1.99
C SER G 46 -7.12 -37.00 2.62
N VAL G 47 -7.88 -36.03 2.10
CA VAL G 47 -7.92 -34.67 2.63
C VAL G 47 -9.37 -34.28 2.84
N LEU G 48 -9.64 -33.64 3.98
CA LEU G 48 -11.01 -33.28 4.38
C LEU G 48 -11.32 -31.85 3.90
N HIS G 49 -11.60 -31.74 2.61
CA HIS G 49 -11.93 -30.45 2.02
C HIS G 49 -13.32 -30.00 2.46
N SER G 50 -13.45 -28.69 2.69
CA SER G 50 -14.71 -28.08 3.10
C SER G 50 -15.11 -27.03 2.09
N THR G 51 -16.35 -27.11 1.60
CA THR G 51 -16.90 -26.14 0.67
C THR G 51 -18.35 -25.84 1.02
N GLN G 52 -18.74 -24.59 0.78
CA GLN G 52 -20.12 -24.16 0.93
C GLN G 52 -20.80 -24.25 -0.44
N ASP G 53 -21.75 -25.17 -0.58
CA ASP G 53 -22.35 -25.44 -1.88
C ASP G 53 -23.83 -25.74 -1.69
N LEU G 54 -24.58 -25.60 -2.79
CA LEU G 54 -25.99 -25.95 -2.79
C LEU G 54 -26.13 -27.44 -2.50
N PHE G 55 -26.65 -27.76 -1.32
CA PHE G 55 -26.59 -29.12 -0.81
C PHE G 55 -27.93 -29.51 -0.21
N LEU G 56 -28.25 -30.81 -0.33
CA LEU G 56 -29.43 -31.37 0.31
C LEU G 56 -29.17 -31.50 1.82
N PRO G 57 -30.09 -31.05 2.67
CA PRO G 57 -29.88 -31.19 4.11
C PRO G 57 -29.85 -32.67 4.50
N PHE G 58 -29.00 -32.98 5.48
CA PHE G 58 -28.94 -34.35 5.97
C PHE G 58 -30.15 -34.63 6.86
N PHE G 59 -30.70 -35.84 6.71
CA PHE G 59 -31.89 -36.25 7.46
C PHE G 59 -33.03 -35.26 7.26
N SER G 60 -33.27 -34.89 6.00
CA SER G 60 -34.20 -33.82 5.65
C SER G 60 -35.50 -34.38 5.10
N ASN G 61 -36.60 -33.72 5.48
CA ASN G 61 -37.90 -34.01 4.88
C ASN G 61 -37.86 -33.81 3.36
N VAL G 62 -38.27 -34.85 2.63
CA VAL G 62 -38.42 -34.78 1.18
C VAL G 62 -39.75 -35.41 0.81
N THR G 63 -40.44 -34.79 -0.14
CA THR G 63 -41.76 -35.28 -0.53
C THR G 63 -41.63 -36.52 -1.39
N TRP G 64 -42.39 -37.56 -1.04
CA TRP G 64 -42.36 -38.84 -1.73
C TRP G 64 -43.62 -38.93 -2.59
N PHE G 65 -43.44 -39.13 -3.89
CA PHE G 65 -44.54 -39.29 -4.82
C PHE G 65 -44.54 -40.72 -5.35
N HIS G 66 -45.68 -41.40 -5.22
CA HIS G 66 -45.80 -42.80 -5.57
C HIS G 66 -46.64 -42.95 -6.83
N VAL G 67 -46.12 -43.72 -7.79
CA VAL G 67 -46.78 -43.93 -9.08
C VAL G 67 -46.92 -45.43 -9.29
N ILE G 68 -48.09 -45.98 -8.95
CA ILE G 68 -48.36 -47.40 -9.09
C ILE G 68 -49.57 -47.57 -10.00
N SER G 69 -49.42 -48.40 -11.02
CA SER G 69 -50.52 -48.68 -11.95
C SER G 69 -50.41 -50.09 -12.54
N THR G 74 -58.02 -46.07 -13.40
CA THR G 74 -57.45 -45.09 -12.50
C THR G 74 -55.94 -44.99 -12.67
N LYS G 75 -55.39 -43.81 -12.45
CA LYS G 75 -53.96 -43.55 -12.57
C LYS G 75 -53.46 -42.93 -11.28
N ARG G 76 -52.47 -43.58 -10.66
CA ARG G 76 -51.81 -43.05 -9.48
C ARG G 76 -50.65 -42.13 -9.82
N PHE G 77 -50.39 -41.92 -11.11
CA PHE G 77 -49.31 -41.03 -11.52
C PHE G 77 -49.65 -39.60 -11.13
N ASP G 78 -48.63 -38.85 -10.74
CA ASP G 78 -48.75 -37.43 -10.47
C ASP G 78 -47.68 -36.69 -11.24
N ASN G 79 -48.08 -35.67 -12.00
CA ASN G 79 -47.16 -34.83 -12.77
C ASN G 79 -47.41 -33.36 -12.46
N PRO G 80 -47.15 -32.94 -11.23
CA PRO G 80 -47.27 -31.51 -10.91
C PRO G 80 -46.05 -30.75 -11.39
N VAL G 81 -46.28 -29.50 -11.78
CA VAL G 81 -45.17 -28.67 -12.23
C VAL G 81 -44.55 -28.02 -10.99
N LEU G 82 -43.67 -28.76 -10.33
CA LEU G 82 -43.08 -28.28 -9.09
C LEU G 82 -42.10 -27.15 -9.39
N PRO G 83 -42.00 -26.14 -8.51
CA PRO G 83 -41.01 -25.09 -8.72
C PRO G 83 -39.60 -25.65 -8.66
N PHE G 84 -38.79 -25.28 -9.66
CA PHE G 84 -37.43 -25.78 -9.72
C PHE G 84 -36.59 -25.27 -8.55
N ASN G 85 -36.79 -24.01 -8.16
CA ASN G 85 -36.00 -23.36 -7.13
C ASN G 85 -34.52 -23.35 -7.51
N ASP G 86 -33.64 -23.31 -6.52
CA ASP G 86 -32.22 -23.33 -6.80
C ASP G 86 -31.78 -24.68 -7.37
N GLY G 87 -32.32 -25.78 -6.85
CA GLY G 87 -31.93 -27.11 -7.30
C GLY G 87 -32.92 -28.16 -6.84
N VAL G 88 -32.63 -29.40 -7.25
CA VAL G 88 -33.51 -30.53 -6.98
C VAL G 88 -32.69 -31.81 -6.92
N TYR G 89 -33.05 -32.68 -5.98
CA TYR G 89 -32.46 -34.01 -5.84
C TYR G 89 -33.51 -35.05 -6.22
N PHE G 90 -33.55 -35.40 -7.50
CA PHE G 90 -34.53 -36.37 -7.98
C PHE G 90 -33.95 -37.78 -7.91
N ALA G 91 -34.79 -38.73 -7.49
CA ALA G 91 -34.39 -40.13 -7.42
C ALA G 91 -35.57 -41.00 -7.81
N SER G 92 -35.30 -42.07 -8.57
CA SER G 92 -36.32 -42.99 -9.03
C SER G 92 -35.88 -44.42 -8.72
N ILE G 93 -36.76 -45.19 -8.09
CA ILE G 93 -36.46 -46.56 -7.68
C ILE G 93 -37.10 -47.58 -8.63
N GLU G 94 -37.71 -47.10 -9.73
CA GLU G 94 -38.48 -47.95 -10.61
C GLU G 94 -37.61 -49.07 -11.21
N LYS G 95 -38.22 -50.26 -11.33
CA LYS G 95 -37.55 -51.36 -12.03
C LYS G 95 -37.50 -51.11 -13.53
N SER G 96 -38.60 -50.62 -14.10
CA SER G 96 -38.67 -50.25 -15.51
C SER G 96 -38.89 -48.74 -15.61
N ASN G 97 -38.29 -48.12 -16.62
CA ASN G 97 -38.30 -46.66 -16.75
C ASN G 97 -39.67 -46.17 -17.22
N ILE G 98 -40.63 -46.20 -16.28
CA ILE G 98 -41.91 -45.55 -16.53
C ILE G 98 -41.73 -44.06 -16.73
N ILE G 99 -40.90 -43.43 -15.91
CA ILE G 99 -40.58 -42.01 -16.04
C ILE G 99 -39.23 -41.90 -16.73
N ARG G 100 -39.20 -41.20 -17.87
CA ARG G 100 -37.98 -40.98 -18.62
C ARG G 100 -37.83 -39.49 -18.88
N GLY G 101 -36.75 -38.90 -18.37
CA GLY G 101 -36.46 -37.50 -18.59
C GLY G 101 -37.35 -36.58 -17.78
N TRP G 102 -37.11 -35.28 -17.96
CA TRP G 102 -37.84 -34.25 -17.23
C TRP G 102 -37.97 -33.02 -18.10
N ILE G 103 -38.88 -32.12 -17.70
CA ILE G 103 -39.14 -30.87 -18.40
C ILE G 103 -38.81 -29.73 -17.46
N PHE G 104 -37.92 -28.83 -17.89
CA PHE G 104 -37.52 -27.66 -17.13
C PHE G 104 -37.81 -26.40 -17.93
N GLY G 105 -38.36 -25.39 -17.26
CA GLY G 105 -38.64 -24.12 -17.91
C GLY G 105 -39.09 -23.08 -16.92
N THR G 106 -39.08 -21.83 -17.38
CA THR G 106 -39.54 -20.73 -16.53
C THR G 106 -41.06 -20.76 -16.39
N THR G 107 -41.78 -20.93 -17.50
CA THR G 107 -43.23 -21.03 -17.49
C THR G 107 -43.76 -22.29 -18.15
N LEU G 108 -42.94 -23.01 -18.92
CA LEU G 108 -43.32 -24.25 -19.58
C LEU G 108 -44.52 -24.04 -20.51
N ASP G 109 -44.32 -23.19 -21.51
CA ASP G 109 -45.31 -22.96 -22.55
C ASP G 109 -44.59 -22.66 -23.87
N SER G 110 -45.39 -22.40 -24.90
CA SER G 110 -44.82 -22.21 -26.24
C SER G 110 -43.89 -21.01 -26.29
N LYS G 111 -44.26 -19.91 -25.63
CA LYS G 111 -43.40 -18.73 -25.63
C LYS G 111 -42.07 -19.01 -24.93
N THR G 112 -42.11 -19.74 -23.81
CA THR G 112 -40.88 -20.01 -23.07
C THR G 112 -40.03 -21.05 -23.77
N GLN G 113 -38.72 -20.81 -23.79
CA GLN G 113 -37.75 -21.77 -24.30
C GLN G 113 -37.40 -22.73 -23.16
N SER G 114 -37.90 -23.97 -23.26
CA SER G 114 -37.76 -24.95 -22.19
C SER G 114 -36.95 -26.14 -22.68
N LEU G 115 -36.07 -26.64 -21.80
CA LEU G 115 -35.21 -27.76 -22.17
C LEU G 115 -35.94 -29.08 -21.92
N LEU G 116 -35.63 -30.08 -22.74
CA LEU G 116 -36.28 -31.39 -22.68
C LEU G 116 -35.24 -32.48 -22.44
N ILE G 117 -35.60 -33.48 -21.64
CA ILE G 117 -34.79 -34.66 -21.41
C ILE G 117 -35.67 -35.88 -21.68
N VAL G 118 -35.11 -36.87 -22.38
CA VAL G 118 -35.81 -38.12 -22.66
C VAL G 118 -34.78 -39.21 -22.90
N ASN G 119 -35.06 -40.40 -22.37
CA ASN G 119 -34.16 -41.53 -22.48
C ASN G 119 -34.56 -42.49 -23.59
N ASN G 120 -35.09 -41.98 -24.70
CA ASN G 120 -35.46 -42.83 -25.82
C ASN G 120 -34.24 -43.51 -26.40
N ALA G 121 -34.23 -44.84 -26.37
CA ALA G 121 -33.17 -45.68 -26.95
C ALA G 121 -31.83 -45.22 -26.38
N THR G 122 -30.85 -44.87 -27.21
CA THR G 122 -29.53 -44.46 -26.75
C THR G 122 -29.25 -42.98 -27.02
N ASN G 123 -30.27 -42.12 -26.90
CA ASN G 123 -30.12 -40.70 -27.19
C ASN G 123 -30.86 -39.88 -26.15
N VAL G 124 -30.14 -38.95 -25.52
CA VAL G 124 -30.74 -38.09 -24.51
C VAL G 124 -31.71 -37.10 -25.14
N VAL G 125 -31.41 -36.65 -26.37
CA VAL G 125 -32.23 -35.69 -27.09
C VAL G 125 -32.37 -34.42 -26.25
N ILE G 126 -31.24 -33.88 -25.79
CA ILE G 126 -31.28 -32.65 -25.02
C ILE G 126 -31.63 -31.50 -25.97
N LYS G 127 -32.88 -31.05 -25.91
CA LYS G 127 -33.39 -30.03 -26.81
C LYS G 127 -33.85 -28.83 -26.00
N VAL G 128 -33.37 -27.65 -26.37
CA VAL G 128 -33.77 -26.39 -25.74
C VAL G 128 -34.42 -25.54 -26.83
N CYS G 129 -35.75 -25.53 -26.85
CA CYS G 129 -36.49 -24.76 -27.84
C CYS G 129 -37.76 -24.22 -27.19
N GLU G 130 -38.38 -23.26 -27.86
CA GLU G 130 -39.68 -22.75 -27.42
C GLU G 130 -40.72 -23.83 -27.68
N PHE G 131 -41.11 -24.56 -26.64
CA PHE G 131 -41.90 -25.77 -26.76
C PHE G 131 -43.28 -25.57 -26.16
N GLN G 132 -44.32 -25.76 -26.97
CA GLN G 132 -45.67 -25.81 -26.45
C GLN G 132 -45.92 -27.18 -25.81
N PHE G 133 -46.45 -27.17 -24.59
CA PHE G 133 -46.47 -28.36 -23.75
C PHE G 133 -47.89 -28.85 -23.55
N CYS G 134 -48.07 -30.17 -23.66
CA CYS G 134 -49.36 -30.80 -23.44
C CYS G 134 -49.77 -30.69 -21.98
N ASN G 135 -51.09 -30.65 -21.74
CA ASN G 135 -51.59 -30.59 -20.37
C ASN G 135 -51.22 -31.85 -19.60
N ASP G 136 -51.32 -33.01 -20.24
CA ASP G 136 -50.86 -34.27 -19.65
C ASP G 136 -49.80 -34.87 -20.57
N PRO G 137 -48.51 -34.60 -20.34
CA PRO G 137 -47.48 -35.09 -21.26
C PRO G 137 -47.09 -36.53 -20.97
N PHE G 138 -47.32 -37.42 -21.94
CA PHE G 138 -46.93 -38.81 -21.81
C PHE G 138 -46.21 -39.26 -23.09
N LEU G 139 -45.29 -40.20 -22.91
CA LEU G 139 -44.58 -40.83 -24.01
C LEU G 139 -44.93 -42.31 -24.08
N ASP G 140 -44.89 -42.86 -25.28
CA ASP G 140 -45.21 -44.27 -25.47
C ASP G 140 -43.99 -45.10 -25.10
N HIS G 141 -44.04 -45.73 -23.93
CA HIS G 141 -42.93 -46.56 -23.47
C HIS G 141 -42.79 -47.80 -24.33
N LYS G 142 -43.86 -48.21 -25.01
CA LYS G 142 -43.80 -49.35 -25.92
C LYS G 142 -43.68 -48.88 -27.37
N GLU G 149 -43.64 -42.03 -31.14
CA GLU G 149 -44.43 -42.26 -29.94
C GLU G 149 -45.48 -41.16 -29.77
N SER G 150 -45.68 -40.73 -28.52
CA SER G 150 -46.54 -39.59 -28.22
C SER G 150 -45.74 -38.33 -27.96
N GLU G 151 -44.53 -38.22 -28.52
CA GLU G 151 -43.65 -37.11 -28.19
C GLU G 151 -44.06 -35.82 -28.89
N PHE G 152 -44.64 -35.91 -30.08
CA PHE G 152 -45.03 -34.68 -30.78
C PHE G 152 -46.13 -33.94 -30.02
N ARG G 153 -46.91 -34.66 -29.22
CA ARG G 153 -47.94 -34.02 -28.41
C ARG G 153 -47.34 -33.31 -27.20
N VAL G 154 -46.34 -33.92 -26.56
CA VAL G 154 -45.81 -33.36 -25.32
C VAL G 154 -45.09 -32.05 -25.59
N TYR G 155 -44.40 -31.94 -26.73
CA TYR G 155 -43.88 -30.67 -27.22
C TYR G 155 -44.60 -30.36 -28.53
N SER G 156 -45.66 -29.55 -28.44
CA SER G 156 -46.50 -29.29 -29.61
C SER G 156 -45.78 -28.41 -30.63
N SER G 157 -45.10 -27.36 -30.17
CA SER G 157 -44.43 -26.42 -31.05
C SER G 157 -42.93 -26.57 -30.92
N ALA G 158 -42.26 -26.83 -32.04
CA ALA G 158 -40.81 -26.90 -32.10
C ALA G 158 -40.19 -25.58 -32.54
N ASN G 159 -40.91 -24.47 -32.36
CA ASN G 159 -40.46 -23.17 -32.84
C ASN G 159 -39.25 -22.67 -32.05
N ASN G 160 -38.37 -21.96 -32.77
CA ASN G 160 -37.19 -21.31 -32.18
C ASN G 160 -36.31 -22.31 -31.41
N CYS G 161 -35.72 -23.25 -32.15
CA CYS G 161 -34.76 -24.16 -31.54
C CYS G 161 -33.38 -23.53 -31.49
N THR G 162 -32.76 -23.57 -30.30
CA THR G 162 -31.50 -22.87 -30.10
C THR G 162 -30.34 -23.82 -29.84
N PHE G 163 -30.46 -24.68 -28.83
CA PHE G 163 -29.40 -25.60 -28.44
C PHE G 163 -29.91 -27.02 -28.47
N GLU G 164 -29.16 -27.90 -29.13
CA GLU G 164 -29.54 -29.31 -29.30
C GLU G 164 -28.31 -30.18 -29.10
N TYR G 165 -28.40 -31.11 -28.14
CA TYR G 165 -27.32 -32.05 -27.87
C TYR G 165 -27.87 -33.46 -27.80
N VAL G 166 -27.15 -34.42 -28.38
CA VAL G 166 -27.51 -35.83 -28.35
C VAL G 166 -26.27 -36.63 -27.99
N SER G 167 -26.41 -37.55 -27.04
CA SER G 167 -25.30 -38.39 -26.60
C SER G 167 -25.87 -39.74 -26.15
N GLN G 168 -25.06 -40.48 -25.41
CA GLN G 168 -25.53 -41.73 -24.83
C GLN G 168 -26.64 -41.43 -23.82
N PRO G 169 -27.58 -42.35 -23.61
CA PRO G 169 -28.73 -42.04 -22.75
C PRO G 169 -28.30 -41.79 -21.31
N PHE G 170 -28.98 -40.86 -20.65
CA PHE G 170 -28.65 -40.55 -19.27
C PHE G 170 -28.90 -41.75 -18.37
N LEU G 171 -29.84 -42.61 -18.75
CA LEU G 171 -30.07 -43.89 -18.07
C LEU G 171 -29.06 -44.91 -18.62
N MET G 172 -27.78 -44.62 -18.37
CA MET G 172 -26.72 -45.53 -18.78
C MET G 172 -26.65 -46.76 -17.90
N ASP G 173 -27.31 -46.74 -16.74
CA ASP G 173 -27.38 -47.91 -15.88
C ASP G 173 -28.19 -49.01 -16.54
N LEU G 174 -27.89 -50.26 -16.17
CA LEU G 174 -28.58 -51.40 -16.75
C LEU G 174 -30.08 -51.33 -16.45
N GLU G 175 -30.87 -51.78 -17.41
CA GLU G 175 -32.33 -51.70 -17.30
C GLU G 175 -32.96 -53.08 -17.36
N ASN G 180 -35.00 -59.41 -8.21
CA ASN G 180 -34.28 -59.49 -6.94
C ASN G 180 -33.92 -58.10 -6.43
N PHE G 181 -33.79 -57.16 -7.36
CA PHE G 181 -33.37 -55.80 -7.02
C PHE G 181 -34.17 -54.80 -7.87
N LYS G 182 -34.15 -53.55 -7.43
CA LYS G 182 -34.70 -52.45 -8.20
C LYS G 182 -33.66 -51.34 -8.28
N ASN G 183 -33.19 -51.07 -9.49
CA ASN G 183 -32.17 -50.06 -9.71
C ASN G 183 -32.68 -48.67 -9.36
N LEU G 184 -31.81 -47.87 -8.74
CA LEU G 184 -32.14 -46.52 -8.29
C LEU G 184 -31.27 -45.53 -9.05
N ARG G 185 -31.89 -44.46 -9.55
CA ARG G 185 -31.20 -43.42 -10.29
C ARG G 185 -31.42 -42.08 -9.60
N GLU G 186 -30.34 -41.50 -9.09
CA GLU G 186 -30.39 -40.24 -8.36
C GLU G 186 -29.79 -39.15 -9.23
N PHE G 187 -30.43 -37.97 -9.25
CA PHE G 187 -30.00 -36.85 -10.08
C PHE G 187 -30.05 -35.56 -9.28
N VAL G 188 -29.09 -34.68 -9.54
CA VAL G 188 -29.07 -33.32 -9.02
C VAL G 188 -29.00 -32.37 -10.20
N PHE G 189 -29.98 -31.47 -10.31
CA PHE G 189 -30.09 -30.56 -11.43
C PHE G 189 -29.83 -29.14 -10.97
N LYS G 190 -28.88 -28.47 -11.63
CA LYS G 190 -28.54 -27.08 -11.31
C LYS G 190 -28.31 -26.32 -12.61
N ASN G 191 -28.49 -25.01 -12.55
CA ASN G 191 -28.26 -24.11 -13.69
C ASN G 191 -27.61 -22.84 -13.18
N ILE G 192 -26.43 -22.52 -13.71
CA ILE G 192 -25.68 -21.35 -13.28
C ILE G 192 -24.61 -21.05 -14.32
N ASP G 193 -24.20 -19.78 -14.38
CA ASP G 193 -23.09 -19.34 -15.24
C ASP G 193 -23.34 -19.66 -16.71
N GLY G 194 -24.59 -19.51 -17.14
CA GLY G 194 -24.94 -19.89 -18.50
C GLY G 194 -24.71 -21.36 -18.78
N TYR G 195 -24.88 -22.19 -17.76
CA TYR G 195 -24.63 -23.62 -17.86
C TYR G 195 -25.64 -24.36 -16.99
N PHE G 196 -26.05 -25.53 -17.45
CA PHE G 196 -26.92 -26.41 -16.68
C PHE G 196 -26.08 -27.61 -16.23
N LYS G 197 -26.01 -27.83 -14.92
CA LYS G 197 -25.11 -28.81 -14.33
C LYS G 197 -25.94 -29.95 -13.75
N ILE G 198 -25.60 -31.18 -14.12
CA ILE G 198 -26.31 -32.36 -13.66
C ILE G 198 -25.29 -33.30 -13.00
N TYR G 199 -25.49 -33.58 -11.72
CA TYR G 199 -24.75 -34.63 -11.02
C TYR G 199 -25.70 -35.81 -10.80
N SER G 200 -25.22 -37.02 -11.10
CA SER G 200 -26.05 -38.20 -10.99
C SER G 200 -25.21 -39.41 -10.63
N LYS G 201 -25.85 -40.39 -9.99
CA LYS G 201 -25.24 -41.67 -9.68
C LYS G 201 -26.32 -42.74 -9.66
N HIS G 202 -26.01 -43.89 -10.28
CA HIS G 202 -26.98 -44.97 -10.42
C HIS G 202 -26.48 -46.19 -9.64
N THR G 203 -27.34 -46.70 -8.76
CA THR G 203 -26.99 -47.85 -7.95
C THR G 203 -28.17 -48.81 -7.83
N PRO G 204 -27.92 -50.11 -7.83
CA PRO G 204 -29.00 -51.07 -7.58
C PRO G 204 -29.39 -51.09 -6.11
N ILE G 205 -30.69 -51.23 -5.85
CA ILE G 205 -31.23 -51.36 -4.51
C ILE G 205 -31.89 -52.73 -4.41
N ILE G 206 -31.57 -53.48 -3.36
CA ILE G 206 -31.96 -54.88 -3.29
C ILE G 206 -33.40 -55.03 -2.79
N VAL G 207 -33.81 -54.18 -1.85
CA VAL G 207 -35.06 -54.36 -1.12
C VAL G 207 -35.96 -53.15 -1.35
N ARG G 208 -37.26 -53.42 -1.52
CA ARG G 208 -38.28 -52.38 -1.59
C ARG G 208 -39.04 -52.20 -0.28
N GLU G 209 -38.79 -53.06 0.70
CA GLU G 209 -39.54 -52.99 1.96
C GLU G 209 -39.45 -51.64 2.66
N PRO G 210 -38.30 -50.97 2.73
CA PRO G 210 -38.31 -49.61 3.33
C PRO G 210 -39.21 -48.63 2.61
N GLU G 211 -39.32 -48.74 1.28
CA GLU G 211 -40.00 -47.75 0.45
C GLU G 211 -39.48 -46.34 0.70
N ASP G 212 -38.20 -46.22 0.98
CA ASP G 212 -37.57 -44.92 1.20
C ASP G 212 -36.11 -45.00 0.76
N LEU G 213 -35.45 -43.85 0.79
CA LEU G 213 -34.05 -43.81 0.39
C LEU G 213 -33.20 -44.59 1.38
N PRO G 214 -32.44 -45.58 0.92
CA PRO G 214 -31.59 -46.35 1.84
C PRO G 214 -30.51 -45.48 2.46
N GLN G 215 -30.11 -45.85 3.68
CA GLN G 215 -29.09 -45.12 4.42
C GLN G 215 -27.71 -45.56 3.93
N GLY G 216 -27.13 -44.75 3.06
CA GLY G 216 -25.80 -45.03 2.53
C GLY G 216 -25.26 -43.80 1.83
N PHE G 217 -23.93 -43.74 1.73
CA PHE G 217 -23.25 -42.58 1.19
C PHE G 217 -22.77 -42.88 -0.22
N SER G 218 -23.15 -42.03 -1.17
CA SER G 218 -22.73 -42.17 -2.55
C SER G 218 -22.71 -40.78 -3.20
N ALA G 219 -21.60 -40.46 -3.85
CA ALA G 219 -21.38 -39.16 -4.46
C ALA G 219 -21.84 -39.20 -5.91
N LEU G 220 -22.65 -38.23 -6.30
CA LEU G 220 -23.20 -38.15 -7.65
C LEU G 220 -22.17 -37.51 -8.56
N GLU G 221 -21.65 -38.30 -9.50
CA GLU G 221 -20.58 -37.81 -10.36
C GLU G 221 -21.11 -36.77 -11.34
N PRO G 222 -20.24 -35.86 -11.80
CA PRO G 222 -20.64 -34.90 -12.84
C PRO G 222 -20.67 -35.56 -14.21
N LEU G 223 -21.89 -35.77 -14.74
CA LEU G 223 -22.00 -36.40 -16.05
C LEU G 223 -21.83 -35.39 -17.17
N VAL G 224 -22.73 -34.40 -17.26
CA VAL G 224 -22.69 -33.43 -18.34
C VAL G 224 -22.87 -32.03 -17.77
N ASP G 225 -22.31 -31.04 -18.47
CA ASP G 225 -22.57 -29.64 -18.21
C ASP G 225 -23.09 -29.02 -19.49
N LEU G 226 -24.28 -28.43 -19.43
CA LEU G 226 -25.02 -28.01 -20.62
C LEU G 226 -24.81 -26.54 -20.88
N PRO G 227 -24.22 -26.16 -22.03
CA PRO G 227 -23.90 -24.75 -22.27
C PRO G 227 -25.12 -23.84 -22.39
N ILE G 228 -26.34 -24.37 -22.26
CA ILE G 228 -27.52 -23.51 -22.33
C ILE G 228 -27.59 -22.61 -21.10
N GLY G 229 -28.20 -21.44 -21.26
CA GLY G 229 -28.29 -20.49 -20.17
C GLY G 229 -29.70 -19.97 -19.93
N ILE G 230 -30.70 -20.76 -20.33
CA ILE G 230 -32.08 -20.37 -20.10
C ILE G 230 -32.42 -20.54 -18.63
N ASN G 231 -33.19 -19.60 -18.09
CA ASN G 231 -33.57 -19.66 -16.68
C ASN G 231 -34.78 -20.58 -16.49
N ILE G 232 -34.74 -21.38 -15.44
CA ILE G 232 -35.81 -22.33 -15.14
C ILE G 232 -36.29 -22.07 -13.72
N THR G 233 -37.60 -21.81 -13.58
CA THR G 233 -38.22 -21.60 -12.29
C THR G 233 -39.15 -22.72 -11.86
N ARG G 234 -39.69 -23.49 -12.81
CA ARG G 234 -40.59 -24.59 -12.51
C ARG G 234 -40.08 -25.85 -13.17
N PHE G 235 -40.25 -26.98 -12.48
CA PHE G 235 -39.77 -28.27 -12.95
C PHE G 235 -40.94 -29.24 -13.06
N GLN G 236 -41.07 -29.87 -14.22
CA GLN G 236 -42.09 -30.87 -14.49
C GLN G 236 -41.43 -32.17 -14.92
N THR G 237 -41.76 -33.26 -14.24
CA THR G 237 -41.28 -34.57 -14.64
C THR G 237 -41.91 -34.97 -15.97
N LEU G 238 -41.09 -35.60 -16.82
CA LEU G 238 -41.58 -36.16 -18.08
C LEU G 238 -41.91 -37.63 -17.87
N LEU G 239 -43.20 -37.93 -17.84
CA LEU G 239 -43.69 -39.28 -17.60
C LEU G 239 -44.04 -39.93 -18.93
N ALA G 240 -43.75 -41.23 -19.04
CA ALA G 240 -43.99 -41.99 -20.25
C ALA G 240 -45.08 -43.03 -19.99
N LEU G 241 -46.23 -42.87 -20.65
CA LEU G 241 -47.33 -43.82 -20.55
C LEU G 241 -47.85 -44.10 -21.96
N HIS G 242 -47.55 -45.29 -22.48
CA HIS G 242 -47.99 -45.66 -23.81
C HIS G 242 -49.50 -45.85 -23.86
N ARG G 243 -50.00 -46.80 -23.08
CA ARG G 243 -51.41 -47.18 -23.08
C ARG G 243 -51.58 -48.10 -21.88
N SER G 244 -52.78 -48.66 -21.66
CA SER G 244 -52.95 -49.63 -20.59
C SER G 244 -51.94 -50.76 -20.74
N TYR G 245 -51.04 -50.88 -19.78
CA TYR G 245 -49.92 -51.81 -19.88
C TYR G 245 -49.61 -52.44 -18.52
N GLY G 254 -56.91 -45.84 -19.31
CA GLY G 254 -56.36 -45.62 -20.63
C GLY G 254 -54.86 -45.87 -20.70
N TRP G 255 -54.14 -45.40 -19.68
CA TRP G 255 -52.68 -45.56 -19.62
C TRP G 255 -52.31 -46.15 -18.27
N THR G 256 -51.72 -47.35 -18.29
CA THR G 256 -51.19 -47.99 -17.10
C THR G 256 -49.74 -48.40 -17.37
N ALA G 257 -48.98 -48.56 -16.28
CA ALA G 257 -47.57 -48.90 -16.39
C ALA G 257 -47.15 -49.67 -15.15
N GLY G 258 -45.84 -49.84 -15.01
CA GLY G 258 -45.29 -50.62 -13.91
C GLY G 258 -45.17 -49.82 -12.63
N ALA G 259 -44.54 -50.45 -11.64
CA ALA G 259 -44.38 -49.83 -10.33
C ALA G 259 -43.23 -48.82 -10.35
N ALA G 260 -43.46 -47.65 -9.76
CA ALA G 260 -42.45 -46.60 -9.72
C ALA G 260 -42.69 -45.73 -8.50
N ALA G 261 -41.61 -45.16 -7.98
CA ALA G 261 -41.65 -44.24 -6.86
C ALA G 261 -40.51 -43.25 -7.00
N TYR G 262 -40.84 -41.97 -7.17
CA TYR G 262 -39.86 -40.93 -7.38
C TYR G 262 -39.92 -39.91 -6.26
N TYR G 263 -38.76 -39.51 -5.75
CA TYR G 263 -38.63 -38.59 -4.64
C TYR G 263 -38.01 -37.29 -5.13
N VAL G 264 -38.51 -36.17 -4.65
CA VAL G 264 -37.99 -34.84 -5.00
C VAL G 264 -37.62 -34.10 -3.72
N GLY G 265 -36.41 -33.55 -3.69
CA GLY G 265 -35.96 -32.77 -2.57
C GLY G 265 -35.26 -31.51 -3.03
N TYR G 266 -35.34 -30.48 -2.20
CA TYR G 266 -34.82 -29.16 -2.54
C TYR G 266 -33.54 -28.88 -1.77
N LEU G 267 -32.52 -28.41 -2.48
CA LEU G 267 -31.22 -28.15 -1.87
C LEU G 267 -31.14 -26.69 -1.41
N GLN G 268 -30.24 -26.43 -0.48
CA GLN G 268 -29.99 -25.08 0.00
C GLN G 268 -28.50 -24.92 0.27
N PRO G 269 -28.00 -23.68 0.33
CA PRO G 269 -26.58 -23.50 0.64
C PRO G 269 -26.22 -24.09 1.99
N ARG G 270 -25.05 -24.74 2.04
CA ARG G 270 -24.58 -25.40 3.26
C ARG G 270 -23.13 -25.80 3.04
N THR G 271 -22.38 -25.86 4.14
CA THR G 271 -20.97 -26.23 4.10
C THR G 271 -20.82 -27.65 4.67
N PHE G 272 -20.00 -28.46 3.99
CA PHE G 272 -19.83 -29.88 4.32
C PHE G 272 -18.35 -30.19 4.42
N LEU G 273 -17.98 -31.04 5.37
CA LEU G 273 -16.67 -31.68 5.38
C LEU G 273 -16.75 -32.96 4.55
N LEU G 274 -16.16 -32.94 3.36
CA LEU G 274 -16.17 -34.08 2.47
C LEU G 274 -14.86 -34.84 2.62
N LYS G 275 -14.94 -36.08 3.09
CA LYS G 275 -13.76 -36.89 3.35
C LYS G 275 -13.37 -37.63 2.08
N TYR G 276 -12.46 -37.04 1.31
CA TYR G 276 -11.86 -37.76 0.20
C TYR G 276 -11.01 -38.90 0.72
N ASN G 277 -10.94 -39.98 -0.04
CA ASN G 277 -10.10 -41.11 0.32
C ASN G 277 -8.88 -41.15 -0.60
N GLU G 278 -8.03 -42.17 -0.40
CA GLU G 278 -6.81 -42.28 -1.18
C GLU G 278 -7.10 -42.41 -2.67
N ASN G 279 -8.27 -42.94 -3.01
CA ASN G 279 -8.70 -43.02 -4.41
C ASN G 279 -9.44 -41.77 -4.88
N GLY G 280 -9.68 -40.81 -4.00
CA GLY G 280 -10.41 -39.61 -4.35
C GLY G 280 -11.90 -39.69 -4.22
N THR G 281 -12.45 -40.88 -3.94
CA THR G 281 -13.89 -41.01 -3.74
C THR G 281 -14.29 -40.46 -2.38
N ILE G 282 -15.44 -39.79 -2.34
CA ILE G 282 -15.97 -39.25 -1.09
C ILE G 282 -16.71 -40.38 -0.38
N THR G 283 -16.00 -41.09 0.50
CA THR G 283 -16.62 -42.21 1.20
C THR G 283 -17.75 -41.75 2.12
N ASP G 284 -17.55 -40.63 2.81
CA ASP G 284 -18.57 -40.09 3.71
C ASP G 284 -18.30 -38.61 3.92
N ALA G 285 -19.31 -37.92 4.43
CA ALA G 285 -19.20 -36.49 4.70
C ALA G 285 -20.09 -36.16 5.90
N VAL G 286 -19.74 -35.06 6.58
CA VAL G 286 -20.49 -34.57 7.72
C VAL G 286 -20.91 -33.13 7.46
N ASP G 287 -22.20 -32.85 7.62
CA ASP G 287 -22.73 -31.51 7.47
C ASP G 287 -22.75 -30.84 8.84
N CYS G 288 -21.97 -29.76 8.98
CA CYS G 288 -21.85 -29.07 10.26
C CYS G 288 -23.21 -28.63 10.79
N ALA G 289 -24.11 -28.23 9.88
CA ALA G 289 -25.34 -27.57 10.30
C ALA G 289 -26.20 -28.47 11.18
N LEU G 290 -26.35 -29.74 10.80
CA LEU G 290 -27.41 -30.58 11.36
C LEU G 290 -27.43 -30.58 12.88
N ASP G 291 -26.29 -30.81 13.52
CA ASP G 291 -26.31 -30.96 14.97
C ASP G 291 -25.14 -30.23 15.62
N PRO G 292 -25.24 -29.91 16.92
CA PRO G 292 -24.11 -29.26 17.61
C PRO G 292 -22.81 -30.04 17.50
N LEU G 293 -22.88 -31.37 17.53
CA LEU G 293 -21.68 -32.18 17.32
C LEU G 293 -21.10 -31.94 15.94
N SER G 294 -21.96 -31.82 14.92
CA SER G 294 -21.48 -31.68 13.55
C SER G 294 -20.68 -30.40 13.34
N GLU G 295 -21.11 -29.30 13.95
CA GLU G 295 -20.29 -28.09 13.96
C GLU G 295 -18.89 -28.36 14.49
N THR G 296 -18.79 -29.09 15.61
CA THR G 296 -17.48 -29.31 16.21
C THR G 296 -16.55 -30.08 15.29
N LYS G 297 -17.07 -31.06 14.56
CA LYS G 297 -16.26 -31.76 13.57
C LYS G 297 -15.78 -30.81 12.48
N CYS G 298 -16.65 -29.90 12.04
CA CYS G 298 -16.25 -28.93 11.03
C CYS G 298 -15.23 -27.94 11.57
N THR G 299 -15.47 -27.41 12.78
CA THR G 299 -14.52 -26.46 13.36
C THR G 299 -13.18 -27.12 13.64
N LEU G 300 -13.20 -28.36 14.15
CA LEU G 300 -11.95 -29.07 14.41
C LEU G 300 -11.30 -29.58 13.13
N LYS G 301 -12.05 -29.69 12.04
CA LYS G 301 -11.57 -30.26 10.77
C LYS G 301 -11.11 -31.71 10.99
N SER G 302 -12.03 -32.55 11.48
CA SER G 302 -11.75 -33.95 11.72
C SER G 302 -13.07 -34.70 11.87
N PHE G 303 -13.09 -35.95 11.40
CA PHE G 303 -14.31 -36.75 11.52
C PHE G 303 -14.43 -37.39 12.90
N THR G 304 -13.39 -37.29 13.70
CA THR G 304 -13.40 -37.79 15.07
C THR G 304 -13.06 -36.66 16.03
N VAL G 305 -13.84 -36.55 17.10
CA VAL G 305 -13.65 -35.53 18.12
C VAL G 305 -13.43 -36.22 19.46
N GLU G 306 -12.34 -35.88 20.13
CA GLU G 306 -12.05 -36.47 21.42
C GLU G 306 -12.80 -35.74 22.53
N LYS G 307 -12.61 -36.23 23.76
CA LYS G 307 -13.29 -35.65 24.91
C LYS G 307 -12.79 -34.25 25.19
N GLY G 308 -13.72 -33.35 25.50
CA GLY G 308 -13.36 -31.99 25.84
C GLY G 308 -14.50 -31.04 25.57
N ILE G 309 -14.22 -29.75 25.75
CA ILE G 309 -15.17 -28.67 25.49
C ILE G 309 -14.58 -27.79 24.41
N TYR G 310 -15.38 -27.45 23.40
CA TYR G 310 -14.91 -26.73 22.22
C TYR G 310 -15.87 -25.60 21.90
N GLN G 311 -15.33 -24.39 21.77
CA GLN G 311 -16.10 -23.24 21.35
C GLN G 311 -16.35 -23.31 19.85
N THR G 312 -17.60 -23.16 19.44
CA THR G 312 -17.99 -23.34 18.04
C THR G 312 -18.40 -22.04 17.37
N SER G 313 -19.37 -21.32 17.93
CA SER G 313 -19.88 -20.10 17.32
C SER G 313 -20.54 -19.25 18.39
N ASN G 314 -20.89 -18.04 18.01
CA ASN G 314 -21.55 -17.08 18.88
C ASN G 314 -22.98 -16.89 18.41
N PHE G 315 -23.95 -17.44 19.13
CA PHE G 315 -25.34 -17.36 18.71
C PHE G 315 -25.80 -15.92 18.72
N ARG G 316 -26.63 -15.56 17.73
CA ARG G 316 -27.08 -14.19 17.53
C ARG G 316 -28.48 -14.20 16.94
N VAL G 317 -29.41 -13.52 17.60
CA VAL G 317 -30.78 -13.46 17.11
C VAL G 317 -30.83 -12.61 15.86
N GLN G 318 -31.40 -13.18 14.78
CA GLN G 318 -31.55 -12.47 13.53
C GLN G 318 -32.71 -11.48 13.60
N PRO G 319 -32.65 -10.39 12.83
CA PRO G 319 -33.72 -9.38 12.90
C PRO G 319 -35.07 -9.94 12.46
N THR G 320 -36.12 -9.56 13.20
CA THR G 320 -37.45 -10.03 12.88
C THR G 320 -37.95 -9.42 11.57
N GLU G 321 -37.74 -8.12 11.37
CA GLU G 321 -38.10 -7.46 10.13
C GLU G 321 -37.36 -6.13 10.06
N SER G 322 -37.56 -5.43 8.95
CA SER G 322 -36.94 -4.13 8.72
C SER G 322 -37.95 -3.03 8.99
N ILE G 323 -37.49 -1.93 9.58
CA ILE G 323 -38.32 -0.79 9.93
C ILE G 323 -37.65 0.47 9.40
N VAL G 324 -38.43 1.35 8.77
CA VAL G 324 -37.95 2.61 8.25
C VAL G 324 -38.67 3.73 8.99
N ARG G 325 -37.90 4.61 9.64
CA ARG G 325 -38.42 5.78 10.32
C ARG G 325 -37.75 7.01 9.76
N PHE G 326 -38.48 7.74 8.93
CA PHE G 326 -38.03 8.94 8.23
C PHE G 326 -39.02 10.05 8.49
N PRO G 327 -38.59 11.31 8.41
CA PRO G 327 -39.53 12.42 8.58
C PRO G 327 -40.64 12.39 7.54
N ASN G 328 -41.88 12.26 8.02
CA ASN G 328 -43.06 12.17 7.17
C ASN G 328 -43.28 13.42 6.33
N ILE G 329 -42.69 14.55 6.72
CA ILE G 329 -43.02 15.84 6.13
C ILE G 329 -42.74 15.82 4.63
N THR G 330 -43.72 16.29 3.85
CA THR G 330 -43.63 16.31 2.40
C THR G 330 -43.50 17.74 1.92
N ASN G 331 -42.43 18.01 1.18
CA ASN G 331 -42.21 19.30 0.52
C ASN G 331 -41.29 19.05 -0.66
N LEU G 332 -41.42 19.90 -1.68
CA LEU G 332 -40.68 19.72 -2.93
C LEU G 332 -39.64 20.82 -3.08
N CYS G 333 -38.38 20.41 -3.27
CA CYS G 333 -37.33 21.38 -3.52
C CYS G 333 -37.43 21.93 -4.94
N PRO G 334 -37.05 23.19 -5.15
CA PRO G 334 -37.05 23.76 -6.51
C PRO G 334 -35.86 23.28 -7.34
N PHE G 335 -35.79 21.96 -7.55
CA PHE G 335 -34.70 21.41 -8.36
C PHE G 335 -34.80 21.89 -9.81
N ASP G 336 -35.98 21.82 -10.41
CA ASP G 336 -36.13 22.26 -11.80
C ASP G 336 -35.90 23.75 -11.94
N GLU G 337 -36.23 24.55 -10.92
CA GLU G 337 -35.99 25.98 -11.00
C GLU G 337 -34.49 26.29 -11.14
N VAL G 338 -33.66 25.59 -10.38
CA VAL G 338 -32.22 25.72 -10.56
C VAL G 338 -31.78 25.05 -11.86
N PHE G 339 -32.31 23.85 -12.13
CA PHE G 339 -31.90 23.12 -13.32
C PHE G 339 -32.36 23.84 -14.59
N ASN G 340 -33.63 24.19 -14.67
CA ASN G 340 -34.15 25.03 -15.75
C ASN G 340 -34.09 26.47 -15.28
N ALA G 341 -32.94 27.11 -15.49
CA ALA G 341 -32.75 28.51 -15.11
C ALA G 341 -32.72 29.37 -16.37
N THR G 342 -33.47 30.48 -16.32
CA THR G 342 -33.48 31.39 -17.48
C THR G 342 -32.09 31.94 -17.74
N ARG G 343 -31.39 32.38 -16.71
CA ARG G 343 -30.01 32.82 -16.80
C ARG G 343 -29.17 32.04 -15.79
N PHE G 344 -27.88 31.94 -16.07
CA PHE G 344 -26.93 31.28 -15.20
C PHE G 344 -25.86 32.28 -14.76
N ALA G 345 -25.49 32.20 -13.49
CA ALA G 345 -24.56 33.17 -12.93
C ALA G 345 -23.17 33.02 -13.54
N SER G 346 -22.40 34.10 -13.47
CA SER G 346 -21.00 34.06 -13.87
C SER G 346 -20.16 33.48 -12.73
N VAL G 347 -18.85 33.39 -12.98
CA VAL G 347 -17.95 32.82 -11.98
C VAL G 347 -17.82 33.76 -10.78
N TYR G 348 -17.82 35.08 -11.02
CA TYR G 348 -17.73 36.00 -9.89
C TYR G 348 -18.95 35.87 -8.97
N ALA G 349 -20.14 35.74 -9.56
CA ALA G 349 -21.35 35.70 -8.76
C ALA G 349 -21.37 34.49 -7.83
N TRP G 350 -21.07 33.30 -8.37
CA TRP G 350 -21.21 32.04 -7.64
C TRP G 350 -22.56 31.99 -6.92
N ASN G 351 -23.63 32.18 -7.69
CA ASN G 351 -24.97 32.23 -7.12
C ASN G 351 -25.25 30.97 -6.32
N ARG G 352 -25.43 31.14 -5.01
CA ARG G 352 -25.49 30.04 -4.07
C ARG G 352 -26.88 29.94 -3.46
N LYS G 353 -27.40 28.73 -3.34
CA LYS G 353 -28.71 28.50 -2.76
C LYS G 353 -28.60 27.45 -1.66
N ARG G 354 -29.02 27.82 -0.46
CA ARG G 354 -29.12 26.89 0.65
C ARG G 354 -30.53 26.33 0.69
N ILE G 355 -30.71 25.13 0.15
CA ILE G 355 -32.02 24.50 0.05
C ILE G 355 -32.25 23.65 1.29
N SER G 356 -33.44 23.76 1.88
CA SER G 356 -33.76 23.09 3.12
C SER G 356 -35.26 22.84 3.22
N ASN G 357 -35.62 21.89 4.09
CA ASN G 357 -37.02 21.61 4.44
C ASN G 357 -37.84 21.21 3.22
N CYS G 358 -37.34 20.24 2.47
CA CYS G 358 -38.05 19.72 1.31
C CYS G 358 -37.52 18.34 0.94
N VAL G 359 -38.28 17.65 0.08
CA VAL G 359 -37.90 16.35 -0.45
C VAL G 359 -37.98 16.43 -1.98
N ALA G 360 -36.89 16.09 -2.64
CA ALA G 360 -36.83 16.13 -4.10
C ALA G 360 -36.19 14.85 -4.61
N ASP G 361 -36.54 14.50 -5.84
CA ASP G 361 -36.07 13.26 -6.47
C ASP G 361 -34.89 13.55 -7.37
N TYR G 362 -33.75 12.91 -7.06
CA TYR G 362 -32.57 13.05 -7.92
C TYR G 362 -32.77 12.35 -9.26
N SER G 363 -33.60 11.31 -9.30
CA SER G 363 -33.83 10.58 -10.54
C SER G 363 -34.46 11.47 -11.61
N VAL G 364 -35.18 12.51 -11.20
CA VAL G 364 -35.69 13.46 -12.16
C VAL G 364 -34.55 14.15 -12.90
N LEU G 365 -33.54 14.62 -12.15
CA LEU G 365 -32.41 15.31 -12.77
C LEU G 365 -31.61 14.37 -13.66
N TYR G 366 -31.64 13.07 -13.38
CA TYR G 366 -30.89 12.11 -14.19
C TYR G 366 -31.43 12.10 -15.63
N ASN G 367 -32.74 12.13 -15.80
CA ASN G 367 -33.30 12.15 -17.14
C ASN G 367 -33.37 13.56 -17.71
N LEU G 368 -33.09 14.58 -16.89
CA LEU G 368 -33.27 15.96 -17.32
C LEU G 368 -32.16 16.39 -18.27
N ALA G 369 -32.56 16.91 -19.43
CA ALA G 369 -31.71 17.58 -20.41
C ALA G 369 -30.43 16.82 -20.70
N PRO G 370 -30.51 15.51 -21.03
CA PRO G 370 -29.32 14.68 -21.25
C PRO G 370 -28.01 15.18 -20.65
N PHE G 371 -27.94 15.22 -19.32
CA PHE G 371 -26.77 15.73 -18.60
C PHE G 371 -25.49 15.09 -19.13
N PHE G 372 -24.46 15.92 -19.30
CA PHE G 372 -23.22 15.44 -19.90
C PHE G 372 -22.39 14.64 -18.89
N THR G 373 -22.51 14.93 -17.60
CA THR G 373 -21.72 14.23 -16.61
C THR G 373 -22.39 14.33 -15.24
N PHE G 374 -22.16 13.29 -14.43
CA PHE G 374 -22.59 13.26 -13.03
C PHE G 374 -21.45 12.69 -12.21
N LYS G 375 -20.93 13.47 -11.28
CA LYS G 375 -19.77 13.09 -10.48
C LYS G 375 -20.01 13.57 -9.05
N CYS G 376 -20.05 12.63 -8.10
CA CYS G 376 -20.57 12.94 -6.78
C CYS G 376 -19.45 13.25 -5.78
N TYR G 377 -18.42 12.39 -5.75
CA TYR G 377 -17.33 12.37 -4.78
C TYR G 377 -17.80 11.86 -3.42
N GLY G 378 -19.09 11.64 -3.22
CA GLY G 378 -19.61 10.91 -2.08
C GLY G 378 -20.26 9.66 -2.63
N VAL G 379 -20.45 9.66 -3.95
CA VAL G 379 -20.84 8.52 -4.79
C VAL G 379 -22.20 7.98 -4.36
N SER G 380 -22.56 6.80 -4.87
CA SER G 380 -23.91 6.27 -4.81
C SER G 380 -24.92 7.20 -5.49
N PRO G 381 -24.76 7.48 -6.78
CA PRO G 381 -25.78 8.29 -7.47
C PRO G 381 -27.15 7.64 -7.45
N THR G 382 -27.22 6.32 -7.51
CA THR G 382 -28.50 5.63 -7.41
C THR G 382 -29.11 5.79 -6.03
N LYS G 383 -28.28 5.80 -4.99
CA LYS G 383 -28.75 5.80 -3.61
C LYS G 383 -28.96 7.19 -3.04
N LEU G 384 -28.72 8.25 -3.81
CA LEU G 384 -28.95 9.61 -3.31
C LEU G 384 -30.40 9.81 -2.89
N ASN G 385 -31.34 9.14 -3.56
CA ASN G 385 -32.74 9.30 -3.21
C ASN G 385 -33.07 8.62 -1.89
N ASP G 386 -32.14 7.83 -1.34
CA ASP G 386 -32.41 7.12 -0.11
C ASP G 386 -31.90 7.87 1.12
N LEU G 387 -30.74 8.51 1.00
CA LEU G 387 -30.10 9.12 2.16
C LEU G 387 -30.71 10.48 2.48
N CYS G 388 -30.51 10.89 3.72
CA CYS G 388 -30.94 12.20 4.21
C CYS G 388 -29.72 13.09 4.39
N PHE G 389 -29.78 14.30 3.84
CA PHE G 389 -28.65 15.21 3.81
C PHE G 389 -28.98 16.49 4.57
N THR G 390 -28.06 16.91 5.44
CA THR G 390 -28.18 18.18 6.13
C THR G 390 -27.46 19.27 5.35
N ASN G 391 -27.96 20.50 5.49
CA ASN G 391 -27.32 21.69 4.92
C ASN G 391 -27.06 21.53 3.43
N VAL G 392 -28.06 21.02 2.71
CA VAL G 392 -27.93 20.85 1.27
C VAL G 392 -27.74 22.21 0.62
N TYR G 393 -26.64 22.38 -0.09
CA TYR G 393 -26.15 23.67 -0.51
C TYR G 393 -25.78 23.62 -1.99
N ALA G 394 -26.40 24.49 -2.77
CA ALA G 394 -26.25 24.47 -4.22
C ALA G 394 -25.56 25.75 -4.69
N ASP G 395 -24.74 25.60 -5.72
CA ASP G 395 -24.07 26.72 -6.38
C ASP G 395 -24.33 26.63 -7.88
N SER G 396 -24.60 27.77 -8.50
CA SER G 396 -24.96 27.83 -9.90
C SER G 396 -24.01 28.77 -10.63
N PHE G 397 -23.57 28.36 -11.82
CA PHE G 397 -22.67 29.17 -12.62
C PHE G 397 -22.63 28.60 -14.04
N VAL G 398 -21.99 29.37 -14.93
CA VAL G 398 -21.68 28.92 -16.28
C VAL G 398 -20.18 28.79 -16.39
N ILE G 399 -19.73 27.93 -17.31
CA ILE G 399 -18.30 27.65 -17.47
C ILE G 399 -17.94 27.77 -18.95
N ARG G 400 -16.64 27.91 -19.20
CA ARG G 400 -16.15 28.06 -20.57
C ARG G 400 -16.51 26.84 -21.42
N GLY G 401 -16.39 25.65 -20.84
CA GLY G 401 -16.78 24.43 -21.53
C GLY G 401 -15.77 23.31 -21.44
N ASP G 402 -14.47 23.65 -21.51
CA ASP G 402 -13.40 22.69 -21.36
C ASP G 402 -12.73 22.79 -19.99
N GLU G 403 -13.39 23.41 -19.02
CA GLU G 403 -12.86 23.59 -17.68
C GLU G 403 -13.47 22.65 -16.66
N VAL G 404 -14.24 21.64 -17.09
CA VAL G 404 -14.84 20.70 -16.14
C VAL G 404 -13.76 19.92 -15.39
N ARG G 405 -12.59 19.76 -16.01
CA ARG G 405 -11.46 19.16 -15.29
C ARG G 405 -11.00 20.07 -14.15
N GLN G 406 -11.02 21.38 -14.37
CA GLN G 406 -10.65 22.31 -13.31
C GLN G 406 -11.73 22.36 -12.23
N ILE G 407 -12.97 22.00 -12.58
CA ILE G 407 -14.07 22.05 -11.62
C ILE G 407 -13.87 21.02 -10.51
N ALA G 408 -13.31 19.87 -10.83
CA ALA G 408 -13.21 18.79 -9.86
C ALA G 408 -12.39 19.23 -8.66
N PRO G 409 -12.93 19.06 -7.45
CA PRO G 409 -12.15 19.42 -6.25
C PRO G 409 -10.88 18.60 -6.15
N GLY G 410 -9.82 19.23 -5.67
CA GLY G 410 -8.51 18.62 -5.63
C GLY G 410 -7.73 18.74 -6.92
N GLN G 411 -8.35 19.22 -7.99
CA GLN G 411 -7.69 19.42 -9.27
C GLN G 411 -7.38 20.90 -9.42
N THR G 412 -6.11 21.22 -9.67
CA THR G 412 -5.67 22.61 -9.72
C THR G 412 -5.96 23.21 -11.09
N GLY G 413 -6.84 24.19 -11.13
CA GLY G 413 -7.14 24.93 -12.35
C GLY G 413 -6.98 26.42 -12.11
N ASN G 414 -6.41 27.11 -13.10
CA ASN G 414 -6.18 28.54 -12.95
C ASN G 414 -7.50 29.29 -12.75
N ILE G 415 -8.50 28.99 -13.58
CA ILE G 415 -9.83 29.58 -13.39
C ILE G 415 -10.37 29.22 -12.02
N ALA G 416 -10.14 27.98 -11.58
CA ALA G 416 -10.45 27.60 -10.21
C ALA G 416 -9.61 28.39 -9.22
N ASP G 417 -8.31 28.53 -9.49
CA ASP G 417 -7.45 29.33 -8.63
C ASP G 417 -7.84 30.80 -8.68
N TYR G 418 -8.49 31.22 -9.76
CA TYR G 418 -8.94 32.61 -9.84
C TYR G 418 -10.33 32.79 -9.23
N ASN G 419 -11.21 31.81 -9.37
CA ASN G 419 -12.59 31.95 -8.92
C ASN G 419 -13.02 30.94 -7.88
N TYR G 420 -12.87 29.63 -8.15
CA TYR G 420 -13.47 28.60 -7.32
C TYR G 420 -12.40 27.69 -6.73
N LYS G 421 -12.15 27.81 -5.44
CA LYS G 421 -11.42 26.81 -4.68
C LYS G 421 -12.45 25.99 -3.92
N LEU G 422 -12.43 24.68 -4.13
CA LEU G 422 -13.50 23.84 -3.59
C LEU G 422 -12.98 22.95 -2.47
N PRO G 423 -13.81 22.67 -1.47
CA PRO G 423 -13.38 21.76 -0.40
C PRO G 423 -12.97 20.40 -0.97
N ASP G 424 -11.91 19.84 -0.38
CA ASP G 424 -11.37 18.58 -0.89
C ASP G 424 -12.36 17.43 -0.71
N ASP G 425 -13.07 17.40 0.42
CA ASP G 425 -14.03 16.31 0.66
C ASP G 425 -15.17 16.36 -0.35
N PHE G 426 -15.83 17.52 -0.47
CA PHE G 426 -16.90 17.75 -1.45
C PHE G 426 -17.85 16.57 -1.58
N THR G 427 -18.56 16.29 -0.48
CA THR G 427 -19.50 15.18 -0.48
C THR G 427 -20.60 15.37 -1.52
N GLY G 428 -21.01 16.61 -1.75
CA GLY G 428 -22.10 16.85 -2.68
C GLY G 428 -21.69 16.59 -4.12
N CYS G 429 -22.68 16.28 -4.96
CA CYS G 429 -22.43 15.89 -6.34
C CYS G 429 -22.33 17.10 -7.27
N VAL G 430 -21.93 16.83 -8.50
CA VAL G 430 -21.72 17.84 -9.54
C VAL G 430 -22.53 17.43 -10.77
N ILE G 431 -23.27 18.37 -11.33
CA ILE G 431 -24.04 18.16 -12.55
C ILE G 431 -23.61 19.20 -13.58
N ALA G 432 -23.23 18.74 -14.77
CA ALA G 432 -22.81 19.63 -15.83
C ALA G 432 -23.31 19.11 -17.17
N TRP G 433 -23.76 20.04 -18.01
CA TRP G 433 -24.14 19.71 -19.38
C TRP G 433 -23.90 20.92 -20.26
N ASN G 434 -23.74 20.66 -21.55
CA ASN G 434 -23.49 21.74 -22.50
C ASN G 434 -24.70 22.65 -22.63
N SER G 435 -24.46 23.95 -22.54
CA SER G 435 -25.50 24.97 -22.72
C SER G 435 -25.11 25.88 -23.87
N ASN G 436 -24.68 25.26 -24.97
CA ASN G 436 -24.16 26.03 -26.10
C ASN G 436 -25.22 26.97 -26.67
N LYS G 437 -26.46 26.49 -26.80
CA LYS G 437 -27.49 27.34 -27.38
C LYS G 437 -28.02 28.34 -26.36
N LEU G 438 -27.90 28.01 -25.08
CA LEU G 438 -28.32 28.95 -24.04
C LEU G 438 -27.43 30.18 -23.99
N ASP G 439 -26.13 30.02 -24.24
CA ASP G 439 -25.16 31.07 -24.01
C ASP G 439 -24.16 31.25 -25.15
N SER G 440 -24.58 31.10 -26.40
CA SER G 440 -23.73 31.42 -27.55
C SER G 440 -24.50 32.32 -28.51
N LYS G 441 -23.78 33.20 -29.18
CA LYS G 441 -24.38 34.16 -30.08
C LYS G 441 -23.90 33.94 -31.52
N GLY G 444 -20.84 34.69 -30.01
CA GLY G 444 -20.49 36.08 -29.77
C GLY G 444 -21.06 36.63 -28.50
N ASN G 445 -21.36 35.75 -27.54
CA ASN G 445 -21.89 36.15 -26.24
C ASN G 445 -20.74 36.52 -25.32
N TYR G 446 -20.45 37.82 -25.25
CA TYR G 446 -19.40 38.34 -24.38
C TYR G 446 -19.95 38.82 -23.04
N ASN G 447 -21.25 38.61 -22.78
CA ASN G 447 -21.81 39.00 -21.49
C ASN G 447 -21.19 38.20 -20.36
N TYR G 448 -20.97 36.91 -20.56
CA TYR G 448 -20.31 36.10 -19.55
C TYR G 448 -18.82 36.42 -19.47
N LEU G 449 -18.30 36.38 -18.25
CA LEU G 449 -16.93 36.80 -17.98
C LEU G 449 -16.29 35.83 -17.00
N TYR G 450 -14.96 35.74 -17.05
CA TYR G 450 -14.21 34.96 -16.06
C TYR G 450 -13.00 35.75 -15.60
N ARG G 451 -12.64 35.57 -14.34
CA ARG G 451 -11.57 36.35 -13.71
C ARG G 451 -10.22 35.81 -14.18
N LEU G 452 -9.50 36.62 -14.95
CA LEU G 452 -8.19 36.19 -15.45
C LEU G 452 -7.10 36.37 -14.40
N PHE G 453 -7.25 37.37 -13.53
CA PHE G 453 -6.21 37.73 -12.58
C PHE G 453 -6.74 37.60 -11.16
N ARG G 454 -6.01 36.87 -10.31
CA ARG G 454 -6.36 36.70 -8.91
C ARG G 454 -5.16 37.08 -8.06
N LYS G 455 -5.37 37.97 -7.10
CA LYS G 455 -4.27 38.40 -6.24
C LYS G 455 -3.78 37.25 -5.35
N SER G 456 -4.69 36.59 -4.66
CA SER G 456 -4.37 35.46 -3.79
C SER G 456 -5.38 34.36 -4.00
N ASN G 457 -4.89 33.12 -4.14
CA ASN G 457 -5.76 31.98 -4.39
C ASN G 457 -6.79 31.86 -3.28
N LEU G 458 -8.05 31.67 -3.67
CA LEU G 458 -9.16 31.76 -2.74
C LEU G 458 -9.21 30.56 -1.81
N LYS G 459 -9.97 30.72 -0.73
CA LYS G 459 -10.23 29.66 0.23
C LYS G 459 -11.30 28.72 -0.32
N PRO G 460 -11.45 27.53 0.26
CA PRO G 460 -12.58 26.67 -0.12
C PRO G 460 -13.91 27.37 0.11
N PHE G 461 -14.78 27.29 -0.90
CA PHE G 461 -16.10 27.93 -0.88
C PHE G 461 -15.98 29.44 -0.61
N GLU G 462 -15.00 30.07 -1.27
CA GLU G 462 -14.78 31.50 -1.13
C GLU G 462 -15.20 32.22 -2.42
N ARG G 463 -15.62 33.47 -2.29
CA ARG G 463 -16.12 34.25 -3.40
C ARG G 463 -15.43 35.60 -3.45
N ASP G 464 -15.11 36.06 -4.67
CA ASP G 464 -14.48 37.34 -4.89
C ASP G 464 -15.28 38.13 -5.93
N ILE G 465 -15.66 39.36 -5.58
CA ILE G 465 -16.41 40.24 -6.46
C ILE G 465 -15.62 41.49 -6.80
N SER G 466 -14.42 41.64 -6.25
CA SER G 466 -13.62 42.83 -6.47
C SER G 466 -13.26 42.99 -7.95
N THR G 467 -13.34 44.23 -8.43
CA THR G 467 -13.02 44.58 -9.81
C THR G 467 -12.02 45.73 -9.79
N GLU G 468 -10.74 45.41 -9.68
CA GLU G 468 -9.68 46.40 -9.57
C GLU G 468 -8.54 46.02 -10.51
N ILE G 469 -8.04 47.02 -11.24
CA ILE G 469 -6.95 46.79 -12.17
C ILE G 469 -5.73 46.27 -11.42
N TYR G 470 -5.07 45.26 -11.99
CA TYR G 470 -3.99 44.58 -11.30
C TYR G 470 -2.87 45.53 -10.92
N GLN G 471 -2.32 45.35 -9.72
CA GLN G 471 -1.29 46.21 -9.17
C GLN G 471 0.08 45.55 -9.17
N ALA G 472 0.35 44.65 -10.12
CA ALA G 472 1.64 43.97 -10.15
C ALA G 472 2.77 44.95 -10.38
N GLY G 473 2.52 46.01 -11.16
CA GLY G 473 3.49 47.07 -11.30
C GLY G 473 3.77 47.76 -9.98
N ASN G 474 5.04 48.06 -9.71
CA ASN G 474 5.39 48.72 -8.45
C ASN G 474 4.71 50.08 -8.33
N LYS G 475 4.67 50.84 -9.43
CA LYS G 475 3.86 52.05 -9.46
C LYS G 475 2.38 51.67 -9.40
N PRO G 476 1.56 52.40 -8.65
CA PRO G 476 0.14 52.03 -8.55
C PRO G 476 -0.57 52.20 -9.88
N CYS G 477 -1.27 51.14 -10.30
CA CYS G 477 -2.05 51.18 -11.54
C CYS G 477 -3.45 51.70 -11.20
N ASN G 478 -3.49 52.94 -10.72
CA ASN G 478 -4.74 53.58 -10.31
C ASN G 478 -5.54 53.96 -11.57
N GLY G 479 -6.54 53.15 -11.89
CA GLY G 479 -7.33 53.40 -13.09
C GLY G 479 -6.54 53.30 -14.37
N VAL G 480 -5.39 52.62 -14.34
CA VAL G 480 -4.51 52.51 -15.49
C VAL G 480 -4.28 51.03 -15.76
N ALA G 481 -4.57 50.59 -16.99
CA ALA G 481 -4.35 49.22 -17.42
C ALA G 481 -3.22 49.20 -18.45
N GLY G 482 -2.13 48.53 -18.12
CA GLY G 482 -0.99 48.48 -18.99
C GLY G 482 -0.07 47.32 -18.62
N PHE G 483 1.23 47.60 -18.68
CA PHE G 483 2.21 46.61 -18.25
C PHE G 483 2.03 46.29 -16.78
N ASN G 484 1.79 45.01 -16.48
CA ASN G 484 1.51 44.50 -15.14
C ASN G 484 0.27 45.12 -14.52
N CYS G 485 -0.63 45.69 -15.32
CA CYS G 485 -1.87 46.26 -14.83
C CYS G 485 -3.01 45.82 -15.74
N TYR G 486 -4.00 45.13 -15.16
CA TYR G 486 -5.14 44.66 -15.92
C TYR G 486 -6.26 44.34 -14.94
N PHE G 487 -7.47 44.77 -15.27
CA PHE G 487 -8.62 44.44 -14.43
C PHE G 487 -8.85 42.93 -14.46
N PRO G 488 -9.22 42.32 -13.33
CA PRO G 488 -9.20 40.85 -13.26
C PRO G 488 -10.21 40.19 -14.20
N LEU G 489 -11.23 40.93 -14.61
CA LEU G 489 -12.29 40.34 -15.42
C LEU G 489 -11.81 40.09 -16.85
N ARG G 490 -12.16 38.93 -17.38
CA ARG G 490 -11.90 38.58 -18.77
C ARG G 490 -13.19 37.98 -19.33
N SER G 491 -13.62 38.49 -20.48
CA SER G 491 -14.90 38.07 -21.04
C SER G 491 -14.83 36.64 -21.55
N TYR G 492 -15.83 35.83 -21.17
CA TYR G 492 -15.92 34.47 -21.69
C TYR G 492 -16.00 34.47 -23.21
N SER G 493 -16.76 35.42 -23.77
CA SER G 493 -16.83 35.65 -25.22
C SER G 493 -17.20 34.36 -25.96
N PHE G 494 -18.30 33.75 -25.52
CA PHE G 494 -18.72 32.48 -26.11
C PHE G 494 -19.05 32.66 -27.59
N ARG G 495 -18.45 31.79 -28.42
CA ARG G 495 -18.70 31.77 -29.85
C ARG G 495 -19.18 30.39 -30.25
N PRO G 496 -20.25 30.30 -31.05
CA PRO G 496 -20.72 28.98 -31.48
C PRO G 496 -19.70 28.19 -32.29
N THR G 497 -18.70 28.86 -32.86
CA THR G 497 -17.74 28.18 -33.73
C THR G 497 -16.91 27.16 -32.94
N TYR G 498 -16.35 27.57 -31.81
CA TYR G 498 -15.47 26.71 -31.01
C TYR G 498 -16.32 25.69 -30.26
N GLY G 499 -16.72 24.64 -30.99
CA GLY G 499 -17.67 23.69 -30.44
C GLY G 499 -17.08 22.80 -29.36
N VAL G 500 -15.87 22.28 -29.59
CA VAL G 500 -15.37 21.17 -28.78
C VAL G 500 -15.07 21.60 -27.35
N GLY G 501 -14.51 22.79 -27.17
CA GLY G 501 -14.08 23.20 -25.85
C GLY G 501 -14.67 24.49 -25.33
N HIS G 502 -15.01 25.42 -26.21
CA HIS G 502 -15.45 26.75 -25.80
C HIS G 502 -16.95 26.94 -25.94
N GLN G 503 -17.71 25.90 -26.24
CA GLN G 503 -19.16 26.00 -26.11
C GLN G 503 -19.51 26.10 -24.63
N PRO G 504 -20.36 27.05 -24.23
CA PRO G 504 -20.72 27.16 -22.81
C PRO G 504 -21.36 25.88 -22.29
N TYR G 505 -20.85 25.41 -21.15
CA TYR G 505 -21.40 24.26 -20.46
C TYR G 505 -22.02 24.72 -19.16
N ARG G 506 -23.31 24.44 -18.97
CA ARG G 506 -24.00 24.84 -17.77
C ARG G 506 -23.72 23.83 -16.66
N VAL G 507 -23.08 24.30 -15.59
CA VAL G 507 -22.67 23.44 -14.49
C VAL G 507 -23.41 23.86 -13.24
N VAL G 508 -24.11 22.92 -12.61
CA VAL G 508 -24.73 23.14 -11.32
C VAL G 508 -24.08 22.18 -10.33
N VAL G 509 -23.72 22.70 -9.16
CA VAL G 509 -23.09 21.90 -8.12
C VAL G 509 -23.95 21.99 -6.87
N LEU G 510 -24.08 20.87 -6.18
CA LEU G 510 -24.79 20.79 -4.91
C LEU G 510 -23.86 20.18 -3.88
N SER G 511 -23.93 20.67 -2.65
CA SER G 511 -23.12 20.17 -1.55
C SER G 511 -24.02 19.98 -0.34
N PHE G 512 -23.71 18.97 0.47
CA PHE G 512 -24.53 18.67 1.64
C PHE G 512 -23.65 18.17 2.77
N GLU G 513 -24.19 18.25 3.98
CA GLU G 513 -23.53 17.78 5.19
C GLU G 513 -24.21 16.48 5.64
N LEU G 514 -23.39 15.51 6.05
CA LEU G 514 -23.87 14.15 6.28
C LEU G 514 -24.26 13.98 7.75
N LEU G 515 -25.53 14.25 8.05
CA LEU G 515 -26.17 13.85 9.29
C LEU G 515 -25.41 14.35 10.52
N HIS G 516 -25.00 15.62 10.51
CA HIS G 516 -24.49 16.23 11.72
C HIS G 516 -25.64 16.68 12.62
N ALA G 517 -26.85 16.76 12.06
CA ALA G 517 -28.06 17.23 12.71
C ALA G 517 -29.25 16.55 12.04
N PRO G 518 -30.49 16.78 12.48
CA PRO G 518 -31.63 16.29 11.71
C PRO G 518 -31.62 16.87 10.30
N ALA G 519 -31.96 16.01 9.33
CA ALA G 519 -31.87 16.42 7.94
C ALA G 519 -33.00 17.36 7.57
N THR G 520 -32.62 18.56 7.12
CA THR G 520 -33.60 19.47 6.54
C THR G 520 -34.17 18.90 5.25
N VAL G 521 -33.32 18.27 4.43
CA VAL G 521 -33.72 17.65 3.19
C VAL G 521 -33.48 16.15 3.29
N CYS G 522 -34.51 15.38 2.96
CA CYS G 522 -34.41 13.93 2.90
C CYS G 522 -34.83 13.46 1.52
N GLY G 523 -34.27 12.32 1.11
CA GLY G 523 -34.61 11.74 -0.16
C GLY G 523 -35.99 11.12 -0.14
N PRO G 524 -36.55 10.84 -1.31
CA PRO G 524 -37.88 10.23 -1.37
C PRO G 524 -37.87 8.81 -0.80
N LYS G 525 -38.64 8.62 0.27
CA LYS G 525 -38.75 7.33 0.92
C LYS G 525 -40.05 7.28 1.70
N LYS G 526 -40.48 6.06 2.02
CA LYS G 526 -41.65 5.81 2.84
C LYS G 526 -41.20 5.31 4.21
N SER G 527 -41.76 5.90 5.26
CA SER G 527 -41.39 5.55 6.64
C SER G 527 -42.39 4.55 7.19
N THR G 528 -41.91 3.36 7.52
CA THR G 528 -42.77 2.33 8.09
C THR G 528 -43.11 2.66 9.54
N ASN G 529 -44.27 2.17 9.99
CA ASN G 529 -44.69 2.37 11.36
C ASN G 529 -43.73 1.68 12.32
N LEU G 530 -43.39 2.37 13.40
CA LEU G 530 -42.40 1.84 14.34
C LEU G 530 -42.98 0.71 15.16
N VAL G 531 -42.10 -0.17 15.63
CA VAL G 531 -42.43 -1.23 16.56
C VAL G 531 -41.45 -1.14 17.73
N LYS G 532 -41.76 -1.90 18.78
CA LYS G 532 -41.00 -1.80 20.03
C LYS G 532 -40.61 -3.18 20.52
N ASN G 533 -39.44 -3.24 21.17
CA ASN G 533 -38.96 -4.45 21.85
C ASN G 533 -38.87 -5.64 20.91
N LYS G 534 -38.37 -5.39 19.69
CA LYS G 534 -38.12 -6.46 18.73
C LYS G 534 -36.78 -6.25 18.07
N CYS G 535 -36.13 -7.36 17.70
CA CYS G 535 -34.90 -7.30 16.91
C CYS G 535 -35.26 -6.88 15.51
N VAL G 536 -35.03 -5.62 15.18
CA VAL G 536 -35.53 -5.02 13.94
C VAL G 536 -34.40 -4.26 13.25
N ASN G 537 -34.37 -4.35 11.92
CA ASN G 537 -33.52 -3.46 11.14
C ASN G 537 -34.17 -2.08 11.05
N PHE G 538 -33.43 -1.05 11.41
CA PHE G 538 -33.98 0.29 11.49
C PHE G 538 -33.18 1.25 10.62
N ASN G 539 -33.89 2.22 10.04
CA ASN G 539 -33.28 3.29 9.26
C ASN G 539 -33.84 4.62 9.78
N PHE G 540 -33.21 5.14 10.82
CA PHE G 540 -33.65 6.37 11.47
C PHE G 540 -32.91 7.54 10.84
N ASN G 541 -33.56 8.23 9.91
CA ASN G 541 -33.00 9.39 9.22
C ASN G 541 -31.66 9.04 8.57
N GLY G 542 -31.60 7.85 7.98
CA GLY G 542 -30.39 7.36 7.33
C GLY G 542 -29.52 6.46 8.17
N LEU G 543 -29.77 6.36 9.48
CA LEU G 543 -28.99 5.50 10.36
C LEU G 543 -29.48 4.06 10.20
N LYS G 544 -28.75 3.27 9.41
CA LYS G 544 -29.10 1.88 9.15
C LYS G 544 -28.44 0.99 10.21
N GLY G 545 -29.26 0.22 10.91
CA GLY G 545 -28.76 -0.68 11.93
C GLY G 545 -29.82 -1.68 12.33
N THR G 546 -29.40 -2.69 13.09
CA THR G 546 -30.27 -3.74 13.59
C THR G 546 -30.13 -3.84 15.10
N GLY G 547 -31.25 -3.85 15.80
CA GLY G 547 -31.22 -3.98 17.25
C GLY G 547 -32.62 -4.00 17.81
N VAL G 548 -32.69 -4.06 19.14
CA VAL G 548 -33.95 -4.00 19.87
C VAL G 548 -34.12 -2.58 20.40
N LEU G 549 -35.36 -2.08 20.32
CA LEU G 549 -35.66 -0.69 20.63
C LEU G 549 -36.61 -0.61 21.81
N THR G 550 -36.22 0.16 22.83
CA THR G 550 -37.07 0.45 23.98
C THR G 550 -37.03 1.95 24.24
N GLU G 551 -38.00 2.42 25.03
CA GLU G 551 -38.03 3.82 25.41
C GLU G 551 -36.80 4.15 26.25
N SER G 552 -36.14 5.25 25.92
CA SER G 552 -34.91 5.66 26.57
C SER G 552 -35.22 6.55 27.77
N ASN G 553 -34.74 6.16 28.94
CA ASN G 553 -34.95 6.95 30.14
C ASN G 553 -33.97 8.11 30.27
N LYS G 554 -32.93 8.14 29.44
CA LYS G 554 -31.93 9.20 29.50
C LYS G 554 -32.56 10.54 29.15
N LYS G 555 -32.34 11.54 30.00
CA LYS G 555 -32.84 12.88 29.74
C LYS G 555 -32.07 13.50 28.58
N PHE G 556 -32.81 14.04 27.59
CA PHE G 556 -32.23 14.34 26.30
C PHE G 556 -32.57 15.79 25.93
N LEU G 557 -31.53 16.62 25.79
CA LEU G 557 -31.73 18.07 25.64
C LEU G 557 -32.39 18.41 24.29
N PRO G 558 -33.14 19.53 24.25
CA PRO G 558 -33.90 19.85 23.03
C PRO G 558 -33.04 20.01 21.79
N PHE G 559 -31.84 20.59 21.92
CA PHE G 559 -30.95 20.68 20.76
C PHE G 559 -30.31 19.34 20.45
N GLN G 560 -30.30 18.43 21.42
CA GLN G 560 -29.67 17.13 21.23
C GLN G 560 -30.59 16.16 20.52
N GLN G 561 -30.04 15.48 19.54
CA GLN G 561 -30.76 14.46 18.78
C GLN G 561 -30.14 13.08 18.90
N PHE G 562 -28.82 12.97 18.96
CA PHE G 562 -28.15 11.67 18.97
C PHE G 562 -27.39 11.46 20.27
N GLY G 563 -27.41 10.22 20.76
CA GLY G 563 -26.62 9.82 21.89
C GLY G 563 -25.59 8.78 21.50
N ARG G 564 -24.39 8.87 22.07
CA ARG G 564 -23.29 7.98 21.72
C ARG G 564 -22.68 7.40 22.99
N ASP G 565 -22.21 6.15 22.89
CA ASP G 565 -21.61 5.46 24.02
C ASP G 565 -20.13 5.80 24.13
N ILE G 566 -19.40 5.03 24.95
CA ILE G 566 -17.95 5.22 25.07
C ILE G 566 -17.28 4.97 23.72
N ALA G 567 -17.71 3.93 23.01
CA ALA G 567 -17.20 3.65 21.68
C ALA G 567 -17.70 4.63 20.62
N ASP G 568 -18.54 5.59 21.02
CA ASP G 568 -19.15 6.62 20.17
C ASP G 568 -20.19 6.04 19.22
N THR G 569 -20.53 4.75 19.34
CA THR G 569 -21.64 4.21 18.57
C THR G 569 -22.96 4.78 19.07
N THR G 570 -23.90 4.98 18.15
CA THR G 570 -25.18 5.56 18.50
C THR G 570 -26.00 4.59 19.33
N ASP G 571 -26.29 4.97 20.59
CA ASP G 571 -27.09 4.15 21.47
C ASP G 571 -28.48 4.72 21.75
N ALA G 572 -28.68 6.02 21.56
CA ALA G 572 -29.99 6.63 21.75
C ALA G 572 -30.30 7.54 20.57
N VAL G 573 -31.59 7.66 20.25
CA VAL G 573 -32.03 8.47 19.12
C VAL G 573 -33.49 8.85 19.33
N ARG G 574 -33.89 9.95 18.71
CA ARG G 574 -35.26 10.45 18.78
C ARG G 574 -35.98 10.12 17.49
N ASP G 575 -37.20 9.60 17.60
CA ASP G 575 -37.95 9.20 16.42
C ASP G 575 -38.28 10.43 15.58
N PRO G 576 -38.17 10.33 14.25
CA PRO G 576 -38.43 11.51 13.40
C PRO G 576 -39.86 12.03 13.47
N GLN G 577 -40.85 11.13 13.39
CA GLN G 577 -42.24 11.59 13.36
C GLN G 577 -42.61 12.32 14.64
N THR G 578 -42.37 11.71 15.80
CA THR G 578 -42.51 12.37 17.09
C THR G 578 -41.20 12.18 17.85
N LEU G 579 -40.67 13.27 18.39
CA LEU G 579 -39.39 13.20 19.08
C LEU G 579 -39.53 12.31 20.31
N GLU G 580 -39.04 11.08 20.19
CA GLU G 580 -39.16 10.07 21.23
C GLU G 580 -37.81 9.41 21.41
N ILE G 581 -37.11 9.75 22.50
CA ILE G 581 -35.79 9.20 22.73
C ILE G 581 -35.89 7.70 22.98
N LEU G 582 -35.18 6.93 22.16
CA LEU G 582 -35.24 5.47 22.16
C LEU G 582 -33.82 4.94 22.26
N ASP G 583 -33.56 4.11 23.25
CA ASP G 583 -32.25 3.48 23.37
C ASP G 583 -32.15 2.30 22.41
N ILE G 584 -31.02 2.22 21.71
CA ILE G 584 -30.73 1.12 20.81
C ILE G 584 -29.65 0.26 21.43
N THR G 585 -29.94 -1.03 21.60
CA THR G 585 -28.98 -2.01 22.07
C THR G 585 -28.93 -3.18 21.09
N PRO G 586 -27.77 -3.82 20.94
CA PRO G 586 -27.67 -4.93 19.99
C PRO G 586 -28.56 -6.09 20.38
N CYS G 587 -29.02 -6.83 19.36
CA CYS G 587 -29.79 -8.04 19.61
C CYS G 587 -28.93 -9.06 20.34
N SER G 588 -29.60 -9.94 21.08
CA SER G 588 -28.90 -10.82 22.02
C SER G 588 -27.86 -11.68 21.32
N PHE G 589 -26.67 -11.71 21.90
CA PHE G 589 -25.54 -12.48 21.38
C PHE G 589 -24.93 -13.28 22.52
N GLY G 590 -24.19 -14.32 22.16
CA GLY G 590 -23.51 -15.13 23.16
C GLY G 590 -22.73 -16.25 22.50
N GLY G 591 -21.52 -16.47 23.00
CA GLY G 591 -20.73 -17.59 22.51
C GLY G 591 -21.35 -18.91 22.91
N VAL G 592 -21.10 -19.92 22.08
CA VAL G 592 -21.61 -21.27 22.31
C VAL G 592 -20.44 -22.23 22.34
N SER G 593 -20.42 -23.10 23.35
CA SER G 593 -19.41 -24.15 23.48
C SER G 593 -20.11 -25.50 23.61
N VAL G 594 -19.51 -26.51 22.99
CA VAL G 594 -20.08 -27.85 22.95
C VAL G 594 -19.23 -28.77 23.82
N ILE G 595 -19.88 -29.48 24.73
CA ILE G 595 -19.22 -30.44 25.62
C ILE G 595 -19.57 -31.84 25.12
N THR G 596 -18.53 -32.63 24.84
CA THR G 596 -18.73 -33.96 24.30
C THR G 596 -17.86 -34.97 25.04
N PRO G 597 -18.42 -36.12 25.41
CA PRO G 597 -17.59 -37.19 26.00
C PRO G 597 -16.55 -37.73 25.04
N GLY G 598 -16.72 -37.52 23.74
CA GLY G 598 -15.85 -38.10 22.74
C GLY G 598 -16.61 -38.95 21.75
N THR G 599 -16.34 -38.74 20.46
CA THR G 599 -17.09 -39.45 19.42
C THR G 599 -16.92 -40.95 19.54
N ASN G 600 -15.73 -41.41 19.94
CA ASN G 600 -15.51 -42.84 20.13
C ASN G 600 -16.39 -43.38 21.25
N THR G 601 -16.51 -42.64 22.35
CA THR G 601 -17.30 -43.12 23.48
C THR G 601 -18.80 -43.02 23.19
N SER G 602 -19.26 -41.91 22.64
CA SER G 602 -20.68 -41.70 22.42
C SER G 602 -20.88 -40.54 21.45
N ASN G 603 -22.14 -40.29 21.12
CA ASN G 603 -22.53 -39.17 20.27
C ASN G 603 -23.33 -38.11 21.00
N GLN G 604 -23.64 -38.33 22.28
CA GLN G 604 -24.34 -37.33 23.06
C GLN G 604 -23.49 -36.09 23.25
N VAL G 605 -24.14 -34.93 23.27
CA VAL G 605 -23.46 -33.65 23.40
C VAL G 605 -24.12 -32.83 24.49
N ALA G 606 -23.36 -31.88 25.04
CA ALA G 606 -23.85 -30.92 26.00
C ALA G 606 -23.47 -29.53 25.54
N VAL G 607 -24.44 -28.62 25.50
CA VAL G 607 -24.27 -27.28 24.95
C VAL G 607 -24.30 -26.28 26.10
N LEU G 608 -23.25 -25.45 26.18
CA LEU G 608 -23.15 -24.39 27.17
C LEU G 608 -23.26 -23.05 26.46
N TYR G 609 -24.18 -22.20 26.94
CA TYR G 609 -24.35 -20.87 26.39
C TYR G 609 -23.59 -19.88 27.26
N GLN G 610 -22.51 -19.33 26.71
CA GLN G 610 -21.59 -18.52 27.50
C GLN G 610 -22.22 -17.21 27.94
N GLY G 611 -22.29 -17.00 29.25
CA GLY G 611 -22.72 -15.73 29.81
C GLY G 611 -24.14 -15.32 29.48
N VAL G 612 -25.08 -16.26 29.52
CA VAL G 612 -26.48 -15.97 29.24
C VAL G 612 -27.34 -16.56 30.35
N ASN G 613 -28.27 -15.75 30.86
CA ASN G 613 -29.28 -16.24 31.79
C ASN G 613 -30.14 -17.29 31.11
N CYS G 614 -30.49 -18.33 31.86
CA CYS G 614 -31.17 -19.49 31.26
C CYS G 614 -32.54 -19.12 30.72
N THR G 615 -33.30 -18.30 31.45
CA THR G 615 -34.63 -17.91 30.98
C THR G 615 -34.56 -17.06 29.72
N GLU G 616 -33.59 -16.14 29.66
CA GLU G 616 -33.45 -15.29 28.48
C GLU G 616 -32.84 -16.04 27.30
N VAL G 617 -32.43 -17.29 27.50
CA VAL G 617 -31.84 -18.06 26.40
C VAL G 617 -32.88 -18.26 25.31
N PRO G 618 -32.59 -17.92 24.04
CA PRO G 618 -33.55 -18.18 22.97
C PRO G 618 -33.46 -19.61 22.46
N VAL G 619 -34.50 -20.39 22.68
CA VAL G 619 -34.57 -21.75 22.17
C VAL G 619 -35.75 -21.94 21.20
N ALA G 620 -36.84 -21.20 21.39
CA ALA G 620 -37.99 -21.32 20.50
C ALA G 620 -37.71 -20.70 19.14
N ILE G 621 -36.74 -19.77 19.08
CA ILE G 621 -36.44 -19.08 17.82
C ILE G 621 -35.45 -19.88 17.01
N HIS G 622 -35.95 -20.85 16.24
CA HIS G 622 -35.09 -21.61 15.33
C HIS G 622 -34.85 -20.84 14.04
N ALA G 623 -35.85 -20.10 13.57
CA ALA G 623 -35.75 -19.44 12.28
C ALA G 623 -34.77 -18.26 12.32
N ASP G 624 -34.82 -17.47 13.41
CA ASP G 624 -34.04 -16.24 13.52
C ASP G 624 -33.06 -16.37 14.69
N GLN G 625 -31.90 -16.98 14.40
CA GLN G 625 -30.87 -17.20 15.40
C GLN G 625 -29.63 -17.72 14.68
N LEU G 626 -28.47 -17.24 15.08
CA LEU G 626 -27.26 -17.80 14.49
C LEU G 626 -27.01 -19.19 15.08
N THR G 627 -26.39 -20.05 14.26
CA THR G 627 -26.48 -21.49 14.41
C THR G 627 -27.95 -21.91 14.47
N PRO G 628 -28.75 -21.54 13.45
CA PRO G 628 -30.19 -21.79 13.54
C PRO G 628 -30.55 -23.25 13.53
N THR G 629 -29.73 -24.07 12.86
CA THR G 629 -30.06 -25.47 12.66
C THR G 629 -30.17 -26.22 13.98
N TRP G 630 -29.45 -25.76 15.00
CA TRP G 630 -29.67 -26.32 16.33
C TRP G 630 -30.96 -25.76 16.91
N ARG G 631 -31.89 -26.65 17.23
CA ARG G 631 -32.94 -26.30 18.18
C ARG G 631 -32.50 -26.51 19.62
N VAL G 632 -31.29 -27.05 19.81
CA VAL G 632 -30.70 -27.43 21.11
C VAL G 632 -31.77 -28.10 21.97
N TYR G 633 -32.59 -28.94 21.33
CA TYR G 633 -33.72 -29.64 21.96
C TYR G 633 -34.61 -28.59 22.61
N SER G 634 -34.94 -28.71 23.88
CA SER G 634 -35.77 -27.71 24.57
C SER G 634 -35.50 -27.84 26.07
N THR G 635 -36.38 -27.22 26.87
CA THR G 635 -36.31 -27.35 28.31
C THR G 635 -36.56 -28.80 28.77
N GLY G 636 -37.11 -29.64 27.89
CA GLY G 636 -37.34 -31.03 28.26
C GLY G 636 -36.09 -31.72 28.75
N SER G 637 -34.97 -31.52 28.06
CA SER G 637 -33.68 -31.85 28.64
C SER G 637 -33.38 -30.85 29.75
N ASN G 638 -33.13 -31.36 30.95
CA ASN G 638 -33.00 -30.49 32.12
C ASN G 638 -31.88 -29.49 31.91
N VAL G 639 -32.16 -28.23 32.27
CA VAL G 639 -31.24 -27.12 32.04
C VAL G 639 -30.77 -26.60 33.38
N PHE G 640 -29.45 -26.49 33.53
CA PHE G 640 -28.82 -25.97 34.73
C PHE G 640 -28.19 -24.62 34.45
N GLN G 641 -28.59 -23.62 35.22
CA GLN G 641 -27.97 -22.30 35.11
C GLN G 641 -26.69 -22.28 35.93
N THR G 642 -25.55 -22.23 35.24
CA THR G 642 -24.25 -22.23 35.89
C THR G 642 -23.76 -20.80 36.01
N ARG G 643 -22.70 -20.64 36.80
CA ARG G 643 -22.09 -19.31 36.93
C ARG G 643 -21.52 -18.83 35.61
N ALA G 644 -20.92 -19.74 34.84
CA ALA G 644 -20.44 -19.39 33.51
C ALA G 644 -21.60 -19.00 32.58
N GLY G 645 -22.69 -19.74 32.66
CA GLY G 645 -23.84 -19.43 31.84
C GLY G 645 -24.82 -20.60 31.82
N CYS G 646 -25.83 -20.47 30.97
CA CYS G 646 -26.82 -21.53 30.82
C CYS G 646 -26.19 -22.75 30.17
N LEU G 647 -26.53 -23.93 30.70
CA LEU G 647 -26.03 -25.20 30.20
C LEU G 647 -27.21 -26.11 29.89
N ILE G 648 -27.19 -26.71 28.70
CA ILE G 648 -28.28 -27.54 28.22
C ILE G 648 -27.72 -28.92 27.86
N GLY G 649 -28.44 -29.97 28.24
CA GLY G 649 -28.07 -31.32 27.91
C GLY G 649 -27.36 -32.09 29.00
N ALA G 650 -27.28 -31.55 30.22
CA ALA G 650 -26.64 -32.25 31.33
C ALA G 650 -27.48 -32.10 32.59
N GLU G 651 -27.37 -33.08 33.47
CA GLU G 651 -28.07 -33.07 34.75
C GLU G 651 -27.10 -32.74 35.86
N TYR G 652 -27.44 -31.71 36.64
CA TYR G 652 -26.60 -31.34 37.77
C TYR G 652 -26.86 -32.27 38.95
N VAL G 653 -25.80 -32.75 39.57
CA VAL G 653 -25.89 -33.71 40.67
C VAL G 653 -25.15 -33.16 41.88
N ASN G 654 -25.56 -33.63 43.06
CA ASN G 654 -24.92 -33.20 44.30
C ASN G 654 -23.57 -33.88 44.49
N ASN G 655 -23.43 -35.10 43.98
CA ASN G 655 -22.18 -35.84 44.13
C ASN G 655 -21.05 -35.10 43.41
N SER G 656 -19.87 -35.12 44.02
CA SER G 656 -18.73 -34.38 43.52
C SER G 656 -17.65 -35.34 43.04
N TYR G 657 -17.21 -35.15 41.81
CA TYR G 657 -16.17 -35.99 41.21
C TYR G 657 -15.01 -35.11 40.76
N GLU G 658 -13.88 -35.77 40.50
CA GLU G 658 -12.72 -35.11 39.93
C GLU G 658 -13.04 -34.69 38.49
N CYS G 659 -12.47 -33.55 38.06
CA CYS G 659 -12.87 -32.91 36.82
C CYS G 659 -12.52 -33.75 35.60
N ASP G 660 -13.45 -33.79 34.65
CA ASP G 660 -13.20 -34.46 33.38
C ASP G 660 -13.27 -33.48 32.21
N ILE G 661 -14.32 -32.67 32.12
CA ILE G 661 -14.41 -31.59 31.14
C ILE G 661 -14.76 -30.32 31.91
N PRO G 662 -13.86 -29.35 31.99
CA PRO G 662 -14.13 -28.15 32.79
C PRO G 662 -15.00 -27.13 32.08
N ILE G 663 -16.25 -26.98 32.52
CA ILE G 663 -17.06 -25.86 32.06
C ILE G 663 -16.57 -24.55 32.66
N GLY G 664 -16.24 -24.56 33.95
CA GLY G 664 -15.75 -23.37 34.62
C GLY G 664 -16.52 -23.04 35.88
N ALA G 665 -15.93 -22.15 36.71
CA ALA G 665 -16.55 -21.71 37.96
C ALA G 665 -16.91 -22.90 38.86
N GLY G 666 -16.00 -23.86 38.96
CA GLY G 666 -16.18 -25.01 39.83
C GLY G 666 -17.12 -26.07 39.30
N ILE G 667 -17.48 -26.01 38.02
CA ILE G 667 -18.39 -26.97 37.41
C ILE G 667 -17.63 -27.77 36.37
N CYS G 668 -17.69 -29.09 36.50
CA CYS G 668 -17.05 -30.04 35.58
C CYS G 668 -18.06 -31.11 35.21
N ALA G 669 -17.95 -31.60 33.97
CA ALA G 669 -18.89 -32.58 33.45
C ALA G 669 -18.16 -33.84 33.02
N SER G 670 -18.91 -34.94 32.95
CA SER G 670 -18.35 -36.24 32.59
C SER G 670 -19.47 -37.13 32.07
N TYR G 671 -19.07 -38.21 31.41
CA TYR G 671 -20.00 -39.20 30.87
C TYR G 671 -20.12 -40.35 31.86
N GLN G 672 -21.33 -40.59 32.37
CA GLN G 672 -21.53 -41.60 33.39
C GLN G 672 -22.98 -42.05 33.36
N THR G 673 -23.22 -43.24 33.92
CA THR G 673 -24.56 -43.82 33.96
C THR G 673 -25.53 -42.92 34.72
N SER G 686 -29.25 -44.64 30.34
CA SER G 686 -28.08 -45.13 31.07
C SER G 686 -27.00 -44.05 31.15
N GLN G 687 -25.97 -44.20 30.33
CA GLN G 687 -24.87 -43.25 30.32
C GLN G 687 -25.36 -41.90 29.80
N SER G 688 -24.95 -40.82 30.47
CA SER G 688 -25.36 -39.49 30.09
C SER G 688 -24.33 -38.49 30.62
N ILE G 689 -24.40 -37.27 30.11
CA ILE G 689 -23.51 -36.21 30.56
C ILE G 689 -24.07 -35.59 31.84
N ILE G 690 -23.27 -35.63 32.91
CA ILE G 690 -23.68 -35.14 34.22
C ILE G 690 -22.79 -33.98 34.61
N ALA G 691 -23.38 -32.96 35.22
CA ALA G 691 -22.64 -31.81 35.72
C ALA G 691 -22.51 -31.93 37.23
N TYR G 692 -21.29 -31.75 37.73
CA TYR G 692 -21.03 -31.87 39.16
C TYR G 692 -20.15 -30.73 39.63
N THR G 693 -20.38 -30.31 40.86
CA THR G 693 -19.58 -29.27 41.48
C THR G 693 -18.17 -29.80 41.74
N MET G 694 -17.17 -28.91 41.67
CA MET G 694 -15.81 -29.35 41.92
C MET G 694 -15.65 -29.92 43.33
N SER G 695 -14.98 -31.06 43.40
CA SER G 695 -14.42 -31.60 44.63
C SER G 695 -12.92 -31.37 44.60
N LEU G 696 -12.39 -30.73 45.65
CA LEU G 696 -10.96 -30.48 45.69
C LEU G 696 -10.17 -31.79 45.78
N GLY G 697 -10.82 -32.86 46.25
CA GLY G 697 -10.16 -34.13 46.42
C GLY G 697 -10.62 -34.79 47.69
N ALA G 698 -9.84 -35.77 48.14
CA ALA G 698 -10.13 -36.45 49.39
C ALA G 698 -9.88 -35.53 50.58
N GLU G 699 -10.68 -35.72 51.63
CA GLU G 699 -10.58 -34.96 52.86
C GLU G 699 -10.09 -35.86 53.98
N ASN G 700 -9.05 -35.42 54.70
CA ASN G 700 -8.51 -36.19 55.81
C ASN G 700 -8.07 -35.22 56.90
N SER G 701 -7.93 -35.76 58.11
CA SER G 701 -7.52 -34.99 59.27
C SER G 701 -6.36 -35.69 59.98
N VAL G 702 -5.57 -34.90 60.68
CA VAL G 702 -4.41 -35.38 61.42
C VAL G 702 -4.56 -34.96 62.88
N ALA G 703 -4.25 -35.88 63.79
CA ALA G 703 -4.49 -35.68 65.22
C ALA G 703 -3.29 -34.95 65.84
N TYR G 704 -3.37 -33.63 65.87
CA TYR G 704 -2.37 -32.84 66.57
C TYR G 704 -2.56 -32.98 68.08
N SER G 705 -1.46 -32.99 68.82
CA SER G 705 -1.52 -33.11 70.27
C SER G 705 -0.24 -32.57 70.88
N ASN G 706 -0.21 -32.56 72.22
CA ASN G 706 0.99 -32.12 72.94
C ASN G 706 2.17 -33.04 72.66
N ASN G 707 1.91 -34.34 72.55
CA ASN G 707 2.95 -35.36 72.59
C ASN G 707 2.85 -36.38 71.46
N SER G 708 1.88 -36.22 70.56
CA SER G 708 1.64 -37.20 69.51
C SER G 708 2.56 -36.94 68.33
N ILE G 709 3.41 -37.91 68.02
CA ILE G 709 4.29 -37.86 66.87
C ILE G 709 4.22 -39.21 66.15
N ALA G 710 4.53 -39.18 64.86
CA ALA G 710 4.50 -40.39 64.02
C ALA G 710 5.84 -40.54 63.32
N ILE G 711 6.44 -41.71 63.45
CA ILE G 711 7.72 -42.04 62.83
C ILE G 711 7.46 -43.14 61.81
N PRO G 712 7.75 -42.94 60.53
CA PRO G 712 7.57 -44.02 59.56
C PRO G 712 8.44 -45.22 59.87
N THR G 713 7.89 -46.40 59.67
CA THR G 713 8.60 -47.65 59.93
C THR G 713 9.06 -48.34 58.65
N ASN G 714 8.76 -47.78 57.48
CA ASN G 714 9.22 -48.35 56.22
C ASN G 714 9.25 -47.26 55.15
N PHE G 715 9.83 -47.61 54.00
CA PHE G 715 9.98 -46.70 52.89
C PHE G 715 9.65 -47.41 51.59
N THR G 716 9.27 -46.62 50.59
CA THR G 716 9.07 -47.09 49.23
C THR G 716 9.85 -46.20 48.26
N ILE G 717 10.66 -46.83 47.41
CA ILE G 717 11.44 -46.11 46.42
C ILE G 717 10.58 -45.89 45.19
N SER G 718 10.30 -44.63 44.88
CA SER G 718 9.40 -44.28 43.79
C SER G 718 10.19 -43.64 42.65
N VAL G 719 9.90 -44.09 41.44
CA VAL G 719 10.50 -43.53 40.23
C VAL G 719 9.42 -42.78 39.48
N THR G 720 9.61 -41.46 39.34
CA THR G 720 8.66 -40.60 38.65
C THR G 720 9.33 -40.01 37.42
N THR G 721 8.52 -39.79 36.39
CA THR G 721 9.00 -39.31 35.10
C THR G 721 8.64 -37.84 34.93
N GLU G 722 9.62 -37.05 34.51
CA GLU G 722 9.41 -35.65 34.15
C GLU G 722 9.90 -35.42 32.73
N ILE G 723 9.06 -34.81 31.92
CA ILE G 723 9.36 -34.55 30.52
C ILE G 723 9.36 -33.05 30.29
N LEU G 724 10.40 -32.54 29.64
CA LEU G 724 10.54 -31.11 29.41
C LEU G 724 10.94 -30.88 27.96
N PRO G 725 10.21 -30.03 27.22
CA PRO G 725 10.66 -29.66 25.88
C PRO G 725 12.00 -28.93 25.93
N VAL G 726 12.85 -29.20 24.94
CA VAL G 726 14.18 -28.60 24.91
C VAL G 726 14.46 -27.82 23.63
N SER G 727 13.77 -28.13 22.53
CA SER G 727 13.99 -27.43 21.27
C SER G 727 12.79 -27.63 20.37
N MET G 728 12.68 -26.77 19.36
CA MET G 728 11.69 -26.91 18.31
C MET G 728 12.40 -26.99 16.97
N THR G 729 11.64 -27.40 15.95
CA THR G 729 12.21 -27.53 14.61
C THR G 729 12.70 -26.18 14.11
N LYS G 730 13.95 -26.15 13.63
CA LYS G 730 14.51 -24.97 13.02
C LYS G 730 13.95 -24.84 11.61
N THR G 731 13.32 -23.70 11.32
CA THR G 731 12.67 -23.49 10.04
C THR G 731 13.18 -22.21 9.39
N SER G 732 13.24 -22.24 8.05
CA SER G 732 13.64 -21.08 7.27
C SER G 732 12.69 -20.95 6.09
N VAL G 733 12.32 -19.71 5.77
CA VAL G 733 11.39 -19.41 4.69
C VAL G 733 12.04 -18.39 3.76
N ASP G 734 12.05 -18.70 2.47
CA ASP G 734 12.50 -17.74 1.46
C ASP G 734 11.32 -16.84 1.11
N CYS G 735 11.50 -15.54 1.32
CA CYS G 735 10.39 -14.59 1.18
C CYS G 735 9.85 -14.58 -0.24
N THR G 736 10.73 -14.66 -1.25
CA THR G 736 10.32 -14.40 -2.62
C THR G 736 9.25 -15.38 -3.10
N MET G 737 9.53 -16.69 -3.02
CA MET G 737 8.64 -17.68 -3.61
C MET G 737 7.35 -17.80 -2.83
N TYR G 738 7.39 -17.52 -1.53
CA TYR G 738 6.16 -17.47 -0.75
C TYR G 738 5.25 -16.35 -1.22
N ILE G 739 5.79 -15.14 -1.34
CA ILE G 739 5.00 -14.00 -1.77
C ILE G 739 4.68 -14.08 -3.27
N CYS G 740 5.70 -14.37 -4.08
CA CYS G 740 5.55 -14.37 -5.53
C CYS G 740 6.07 -15.68 -6.11
N GLY G 741 5.21 -16.40 -6.81
CA GLY G 741 5.57 -17.70 -7.34
C GLY G 741 5.78 -17.73 -8.85
N ASP G 742 7.05 -17.86 -9.26
CA ASP G 742 7.42 -17.99 -10.67
C ASP G 742 6.86 -16.84 -11.51
N SER G 743 6.96 -15.61 -11.00
CA SER G 743 6.53 -14.43 -11.71
C SER G 743 7.58 -13.35 -11.56
N THR G 744 8.23 -12.97 -12.66
CA THR G 744 9.25 -11.92 -12.61
C THR G 744 8.65 -10.58 -12.21
N GLU G 745 7.47 -10.26 -12.74
CA GLU G 745 6.85 -8.96 -12.43
C GLU G 745 6.54 -8.85 -10.95
N CYS G 746 6.04 -9.92 -10.34
CA CYS G 746 5.79 -9.89 -8.90
C CYS G 746 7.09 -9.70 -8.13
N SER G 747 8.17 -10.33 -8.59
CA SER G 747 9.47 -10.14 -7.95
C SER G 747 9.92 -8.68 -8.06
N ASN G 748 9.70 -8.06 -9.23
CA ASN G 748 10.07 -6.65 -9.38
C ASN G 748 9.29 -5.76 -8.42
N LEU G 749 7.96 -5.98 -8.31
CA LEU G 749 7.17 -5.20 -7.38
C LEU G 749 7.57 -5.48 -5.94
N LEU G 750 7.93 -6.73 -5.64
CA LEU G 750 8.38 -7.07 -4.29
C LEU G 750 9.66 -6.33 -3.92
N LEU G 751 10.54 -6.10 -4.90
CA LEU G 751 11.76 -5.34 -4.64
C LEU G 751 11.44 -3.91 -4.22
N GLN G 752 10.43 -3.30 -4.83
CA GLN G 752 10.07 -1.93 -4.48
C GLN G 752 9.56 -1.84 -3.04
N TYR G 753 9.01 -2.92 -2.51
CA TYR G 753 8.46 -2.89 -1.16
C TYR G 753 9.54 -2.64 -0.11
N GLY G 754 10.71 -3.27 -0.28
CA GLY G 754 11.81 -3.03 0.64
C GLY G 754 12.57 -4.27 1.05
N SER G 755 13.21 -4.20 2.22
CA SER G 755 14.04 -5.29 2.74
C SER G 755 13.32 -6.12 3.80
N PHE G 756 12.01 -6.35 3.61
CA PHE G 756 11.26 -7.13 4.59
C PHE G 756 11.80 -8.54 4.71
N CYS G 757 12.36 -9.08 3.62
CA CYS G 757 12.93 -10.43 3.67
C CYS G 757 14.15 -10.48 4.59
N THR G 758 14.98 -9.44 4.56
CA THR G 758 16.20 -9.44 5.37
C THR G 758 15.88 -9.48 6.86
N GLN G 759 14.94 -8.65 7.31
CA GLN G 759 14.58 -8.64 8.72
C GLN G 759 13.92 -9.95 9.13
N LEU G 760 13.05 -10.49 8.29
CA LEU G 760 12.42 -11.78 8.59
C LEU G 760 13.45 -12.89 8.64
N LYS G 761 14.38 -12.92 7.67
CA LYS G 761 15.41 -13.95 7.65
C LYS G 761 16.32 -13.86 8.86
N ARG G 762 16.66 -12.63 9.28
CA ARG G 762 17.53 -12.45 10.43
C ARG G 762 16.90 -13.01 11.70
N ALA G 763 15.61 -12.75 11.91
CA ALA G 763 14.93 -13.26 13.10
C ALA G 763 14.88 -14.78 13.12
N LEU G 764 14.59 -15.40 11.96
CA LEU G 764 14.51 -16.86 11.91
C LEU G 764 15.86 -17.50 12.20
N THR G 765 16.95 -16.92 11.67
CA THR G 765 18.27 -17.46 11.93
C THR G 765 18.61 -17.39 13.41
N GLY G 766 18.21 -16.30 14.09
CA GLY G 766 18.43 -16.21 15.51
C GLY G 766 17.74 -17.32 16.28
N ILE G 767 16.52 -17.68 15.87
CA ILE G 767 15.82 -18.80 16.50
C ILE G 767 16.54 -20.10 16.25
N ALA G 768 16.97 -20.33 15.00
CA ALA G 768 17.62 -21.59 14.64
C ALA G 768 18.92 -21.78 15.41
N VAL G 769 19.73 -20.71 15.52
CA VAL G 769 20.96 -20.79 16.29
C VAL G 769 20.64 -21.02 17.77
N GLU G 770 19.61 -20.36 18.28
CA GLU G 770 19.23 -20.52 19.67
C GLU G 770 18.75 -21.93 19.96
N GLN G 771 18.04 -22.55 19.01
CA GLN G 771 17.56 -23.92 19.20
C GLN G 771 18.72 -24.89 19.42
N ASP G 772 19.76 -24.79 18.59
CA ASP G 772 20.93 -25.64 18.77
C ASP G 772 21.65 -25.31 20.07
N LYS G 773 21.65 -24.03 20.47
CA LYS G 773 22.25 -23.64 21.73
C LYS G 773 21.53 -24.29 22.91
N ASN G 774 20.20 -24.40 22.82
CA ASN G 774 19.43 -25.03 23.89
C ASN G 774 19.83 -26.49 24.08
N THR G 775 19.98 -27.23 22.98
CA THR G 775 20.42 -28.62 23.08
C THR G 775 21.84 -28.71 23.64
N GLN G 776 22.72 -27.81 23.21
CA GLN G 776 24.10 -27.82 23.69
C GLN G 776 24.17 -27.56 25.19
N GLU G 777 23.40 -26.60 25.69
CA GLU G 777 23.47 -26.26 27.11
C GLU G 777 22.95 -27.41 27.98
N VAL G 778 21.89 -28.08 27.53
CA VAL G 778 21.28 -29.12 28.37
C VAL G 778 22.05 -30.43 28.26
N PHE G 779 22.31 -30.89 27.03
CA PHE G 779 22.85 -32.22 26.82
C PHE G 779 24.37 -32.28 26.81
N ALA G 780 25.06 -31.13 26.89
CA ALA G 780 26.52 -31.09 26.91
C ALA G 780 26.96 -30.37 28.19
N GLN G 781 27.09 -31.12 29.28
CA GLN G 781 27.63 -30.61 30.52
C GLN G 781 28.81 -31.45 31.02
N VAL G 782 29.26 -32.41 30.22
CA VAL G 782 30.30 -33.35 30.61
C VAL G 782 31.45 -33.24 29.62
N LYS G 783 32.67 -33.08 30.14
CA LYS G 783 33.82 -32.88 29.27
C LYS G 783 34.18 -34.15 28.51
N GLN G 784 34.24 -35.29 29.20
CA GLN G 784 34.74 -36.53 28.62
C GLN G 784 33.64 -37.58 28.61
N ILE G 785 33.42 -38.17 27.42
CA ILE G 785 32.43 -39.24 27.30
C ILE G 785 32.85 -40.42 28.16
N TYR G 786 31.95 -40.85 29.05
CA TYR G 786 32.21 -41.96 29.95
C TYR G 786 31.46 -43.20 29.48
N LYS G 787 32.19 -44.29 29.28
CA LYS G 787 31.60 -45.56 28.86
C LYS G 787 31.24 -46.39 30.08
N THR G 788 30.16 -47.15 29.97
CA THR G 788 29.77 -48.03 31.05
C THR G 788 30.77 -49.18 31.16
N PRO G 789 31.03 -49.69 32.36
CA PRO G 789 31.91 -50.86 32.51
C PRO G 789 31.34 -52.07 31.80
N PRO G 790 32.19 -52.96 31.28
CA PRO G 790 31.67 -54.13 30.55
C PRO G 790 30.74 -55.01 31.38
N ILE G 791 31.03 -55.14 32.68
CA ILE G 791 30.14 -55.91 33.55
C ILE G 791 29.08 -54.99 34.15
N LYS G 792 27.82 -55.41 34.07
CA LYS G 792 26.69 -54.59 34.47
C LYS G 792 26.23 -54.86 35.89
N TYR G 793 26.98 -55.63 36.67
CA TYR G 793 26.64 -55.83 38.08
C TYR G 793 26.87 -54.55 38.85
N PHE G 794 25.83 -54.08 39.56
CA PHE G 794 25.87 -52.82 40.29
C PHE G 794 25.27 -53.05 41.68
N GLY G 795 25.68 -54.15 42.32
CA GLY G 795 25.16 -54.48 43.64
C GLY G 795 23.70 -54.89 43.65
N GLY G 796 23.27 -55.65 42.65
CA GLY G 796 21.88 -56.10 42.60
C GLY G 796 20.92 -55.08 42.03
N PHE G 797 21.40 -53.94 41.57
CA PHE G 797 20.57 -52.91 40.97
C PHE G 797 20.57 -53.11 39.47
N ASN G 798 19.38 -53.37 38.91
CA ASN G 798 19.24 -53.68 37.49
C ASN G 798 19.14 -52.38 36.70
N PHE G 799 20.12 -52.14 35.83
CA PHE G 799 20.17 -50.93 35.00
C PHE G 799 20.08 -51.25 33.51
N SER G 800 19.62 -52.45 33.17
CA SER G 800 19.57 -52.82 31.75
C SER G 800 18.61 -51.93 30.98
N GLN G 801 17.54 -51.45 31.63
CA GLN G 801 16.54 -50.67 30.91
C GLN G 801 17.10 -49.30 30.48
N ILE G 802 17.72 -48.57 31.40
CA ILE G 802 18.11 -47.20 31.08
C ILE G 802 19.45 -47.18 30.33
N LEU G 803 20.26 -48.22 30.49
CA LEU G 803 21.52 -48.28 29.79
C LEU G 803 21.28 -48.49 28.29
N PRO G 804 22.17 -47.98 27.44
CA PRO G 804 22.03 -48.19 26.00
C PRO G 804 22.08 -49.68 25.66
N ASP G 805 21.26 -50.08 24.70
CA ASP G 805 21.12 -51.48 24.34
C ASP G 805 21.96 -51.80 23.12
N PRO G 806 22.95 -52.69 23.21
CA PRO G 806 23.77 -53.00 22.03
C PRO G 806 22.97 -53.59 20.88
N SER G 807 21.91 -54.37 21.17
CA SER G 807 21.18 -55.04 20.11
C SER G 807 20.39 -54.07 19.24
N LYS G 808 19.94 -52.97 19.83
CA LYS G 808 19.17 -52.00 19.07
C LYS G 808 20.03 -51.37 17.97
N PRO G 809 19.47 -51.06 16.81
CA PRO G 809 20.27 -50.40 15.77
C PRO G 809 20.85 -49.07 16.22
N SER G 810 20.00 -48.14 16.65
CA SER G 810 20.48 -46.96 17.34
C SER G 810 20.88 -47.33 18.77
N LYS G 811 22.00 -46.78 19.22
CA LYS G 811 22.54 -47.10 20.54
C LYS G 811 21.68 -46.40 21.59
N ARG G 812 20.45 -46.91 21.74
CA ARG G 812 19.44 -46.26 22.56
C ARG G 812 18.89 -47.25 23.57
N SER G 813 18.44 -46.74 24.70
CA SER G 813 17.87 -47.57 25.75
C SER G 813 16.47 -48.05 25.35
N PRO G 814 16.01 -49.16 25.95
CA PRO G 814 14.64 -49.60 25.71
C PRO G 814 13.58 -48.52 25.92
N ILE G 815 13.64 -47.78 27.03
CA ILE G 815 12.69 -46.68 27.22
C ILE G 815 12.92 -45.60 26.17
N GLU G 816 14.19 -45.29 25.87
CA GLU G 816 14.48 -44.35 24.80
C GLU G 816 13.90 -44.82 23.48
N ASP G 817 13.98 -46.13 23.20
CA ASP G 817 13.32 -46.67 22.02
C ASP G 817 11.81 -46.52 22.12
N LEU G 818 11.26 -46.76 23.31
CA LEU G 818 9.81 -46.57 23.50
C LEU G 818 9.40 -45.12 23.29
N LEU G 819 10.19 -44.18 23.83
CA LEU G 819 9.86 -42.76 23.67
C LEU G 819 9.92 -42.34 22.21
N PHE G 820 10.93 -42.82 21.47
CA PHE G 820 11.04 -42.47 20.06
C PHE G 820 9.83 -42.96 19.26
N ASN G 821 9.43 -44.21 19.48
CA ASN G 821 8.33 -44.78 18.68
C ASN G 821 6.99 -44.17 19.07
N LYS G 822 6.82 -43.82 20.35
CA LYS G 822 5.53 -43.31 20.80
C LYS G 822 5.24 -41.92 20.25
N VAL G 823 6.30 -41.11 20.05
CA VAL G 823 6.11 -39.71 19.68
C VAL G 823 6.45 -39.42 18.22
N THR G 824 7.04 -40.39 17.50
CA THR G 824 7.41 -40.16 16.10
C THR G 824 6.21 -40.03 15.18
N LEU G 825 5.00 -40.33 15.66
CA LEU G 825 3.81 -40.27 14.82
C LEU G 825 3.61 -38.87 14.24
N ALA G 826 4.02 -37.84 14.97
CA ALA G 826 3.92 -36.48 14.47
C ALA G 826 5.31 -35.92 14.14
N ILE G 831 13.97 -38.33 5.86
CA ILE G 831 14.71 -38.57 4.63
C ILE G 831 15.16 -37.22 4.05
N LYS G 832 14.62 -36.15 4.62
CA LYS G 832 15.00 -34.77 4.32
C LYS G 832 14.65 -34.35 2.90
N GLN G 833 14.15 -35.29 2.09
CA GLN G 833 13.72 -35.02 0.71
C GLN G 833 14.78 -34.29 -0.09
N TYR G 834 16.05 -34.71 0.09
CA TYR G 834 17.13 -34.09 -0.68
C TYR G 834 16.97 -34.35 -2.17
N GLY G 835 16.60 -35.59 -2.54
CA GLY G 835 16.30 -35.92 -3.91
C GLY G 835 14.90 -36.47 -4.06
N ASP G 836 14.30 -36.86 -2.93
CA ASP G 836 12.95 -37.41 -2.97
C ASP G 836 11.92 -36.33 -3.27
N CYS G 837 12.03 -35.19 -2.61
CA CYS G 837 11.06 -34.11 -2.78
C CYS G 837 11.72 -32.75 -2.56
N ARG G 844 7.37 -37.54 2.72
CA ARG G 844 6.42 -36.77 1.92
C ARG G 844 5.26 -36.27 2.79
N ASP G 845 4.05 -36.46 2.28
CA ASP G 845 2.80 -36.08 2.98
C ASP G 845 2.87 -34.57 3.24
N LEU G 846 2.64 -34.11 4.47
CA LEU G 846 2.66 -32.68 4.75
C LEU G 846 4.05 -32.08 4.51
N ILE G 847 5.10 -32.82 4.86
CA ILE G 847 6.46 -32.29 4.79
C ILE G 847 6.82 -31.90 3.36
N CYS G 848 6.50 -32.77 2.39
CA CYS G 848 6.80 -32.45 0.99
C CYS G 848 6.02 -31.23 0.52
N ALA G 849 4.72 -31.19 0.83
CA ALA G 849 3.92 -30.01 0.49
C ALA G 849 4.40 -28.78 1.26
N GLN G 850 4.72 -28.95 2.54
CA GLN G 850 5.28 -27.84 3.32
C GLN G 850 6.62 -27.39 2.76
N LYS G 851 7.46 -28.34 2.33
CA LYS G 851 8.74 -28.00 1.73
C LYS G 851 8.55 -27.03 0.56
N PHE G 852 7.63 -27.34 -0.35
CA PHE G 852 7.28 -26.42 -1.41
C PHE G 852 6.60 -25.18 -0.85
N LYS G 853 6.56 -24.13 -1.66
CA LYS G 853 6.01 -22.80 -1.34
C LYS G 853 6.86 -22.05 -0.32
N GLY G 854 8.12 -22.42 -0.15
CA GLY G 854 9.05 -21.61 0.61
C GLY G 854 9.33 -22.03 2.04
N LEU G 855 8.51 -22.91 2.61
CA LEU G 855 8.65 -23.26 4.01
C LEU G 855 9.59 -24.45 4.16
N THR G 856 10.78 -24.20 4.70
CA THR G 856 11.83 -25.21 4.77
C THR G 856 12.18 -25.48 6.23
N VAL G 857 12.71 -26.67 6.48
CA VAL G 857 13.16 -27.10 7.79
C VAL G 857 14.64 -27.45 7.70
N LEU G 858 15.41 -27.06 8.71
CA LEU G 858 16.84 -27.36 8.76
C LEU G 858 17.12 -28.44 9.79
N PRO G 859 17.91 -29.45 9.44
CA PRO G 859 18.18 -30.51 10.40
C PRO G 859 18.96 -29.99 11.59
N PRO G 860 18.74 -30.57 12.77
CA PRO G 860 19.51 -30.13 13.95
C PRO G 860 20.98 -30.42 13.79
N LEU G 861 21.82 -29.53 14.34
CA LEU G 861 23.26 -29.73 14.29
C LEU G 861 23.66 -31.02 15.00
N LEU G 862 23.08 -31.27 16.18
CA LEU G 862 23.30 -32.52 16.90
C LEU G 862 22.18 -33.50 16.56
N THR G 863 22.52 -34.56 15.83
CA THR G 863 21.52 -35.56 15.48
C THR G 863 21.18 -36.41 16.70
N ASP G 864 20.17 -37.26 16.54
CA ASP G 864 19.66 -38.05 17.67
C ASP G 864 20.74 -38.96 18.25
N GLU G 865 21.61 -39.51 17.40
CA GLU G 865 22.55 -40.52 17.86
C GLU G 865 23.58 -39.95 18.85
N MET G 866 24.19 -38.80 18.52
CA MET G 866 25.17 -38.21 19.42
C MET G 866 24.50 -37.62 20.66
N ILE G 867 23.23 -37.22 20.54
CA ILE G 867 22.46 -36.84 21.72
C ILE G 867 22.31 -38.04 22.66
N ALA G 868 22.05 -39.21 22.09
CA ALA G 868 21.98 -40.43 22.89
C ALA G 868 23.33 -40.75 23.51
N GLN G 869 24.42 -40.46 22.79
CA GLN G 869 25.76 -40.69 23.34
C GLN G 869 26.00 -39.82 24.57
N TYR G 870 25.53 -38.58 24.54
CA TYR G 870 25.67 -37.70 25.70
C TYR G 870 24.92 -38.26 26.90
N THR G 871 23.71 -38.77 26.69
CA THR G 871 22.93 -39.32 27.79
C THR G 871 23.60 -40.57 28.38
N SER G 872 24.12 -41.45 27.53
CA SER G 872 24.82 -42.63 28.02
C SER G 872 26.07 -42.25 28.79
N ALA G 873 26.81 -41.25 28.30
CA ALA G 873 27.97 -40.76 29.03
C ALA G 873 27.57 -40.18 30.38
N LEU G 874 26.48 -39.42 30.41
CA LEU G 874 25.97 -38.90 31.68
C LEU G 874 25.52 -40.04 32.59
N LEU G 875 24.83 -41.03 32.04
CA LEU G 875 24.35 -42.15 32.85
C LEU G 875 25.51 -42.91 33.48
N ALA G 876 26.57 -43.14 32.70
CA ALA G 876 27.73 -43.85 33.23
C ALA G 876 28.40 -43.06 34.35
N GLY G 877 28.46 -41.74 34.22
CA GLY G 877 29.11 -40.93 35.24
C GLY G 877 28.44 -41.02 36.59
N THR G 878 27.10 -40.90 36.62
CA THR G 878 26.38 -40.98 37.88
C THR G 878 26.49 -42.36 38.51
N ILE G 879 26.38 -43.40 37.69
CA ILE G 879 26.45 -44.77 38.21
C ILE G 879 27.84 -45.06 38.78
N THR G 880 28.89 -44.73 38.03
CA THR G 880 30.24 -45.07 38.46
C THR G 880 30.77 -44.13 39.53
N SER G 881 30.43 -42.84 39.44
CA SER G 881 31.06 -41.83 40.27
C SER G 881 30.10 -40.99 41.10
N GLY G 882 28.86 -40.82 40.68
CA GLY G 882 27.94 -40.00 41.46
C GLY G 882 28.26 -38.52 41.32
N TRP G 883 28.56 -37.87 42.45
CA TRP G 883 28.82 -36.43 42.45
C TRP G 883 30.08 -36.08 41.67
N THR G 884 31.11 -36.93 41.78
CA THR G 884 32.48 -36.49 41.50
C THR G 884 32.68 -36.01 40.07
N PHE G 885 32.10 -36.73 39.10
CA PHE G 885 32.33 -36.35 37.70
C PHE G 885 31.77 -34.97 37.40
N GLY G 886 30.67 -34.59 38.05
CA GLY G 886 30.13 -33.26 37.85
C GLY G 886 31.02 -32.17 38.39
N ALA G 887 31.57 -32.38 39.59
CA ALA G 887 32.39 -31.36 40.23
C ALA G 887 33.77 -31.25 39.57
N GLY G 888 34.34 -32.39 39.17
CA GLY G 888 35.66 -32.41 38.60
C GLY G 888 36.03 -33.78 38.04
N PRO G 889 37.25 -34.23 38.30
CA PRO G 889 37.66 -35.56 37.83
C PRO G 889 36.78 -36.65 38.42
N ALA G 890 36.36 -37.58 37.57
CA ALA G 890 35.48 -38.65 38.02
C ALA G 890 36.22 -39.61 38.93
N LEU G 891 35.63 -39.88 40.10
CA LEU G 891 36.17 -40.83 41.06
C LEU G 891 35.19 -41.98 41.23
N GLN G 892 35.64 -43.19 40.93
CA GLN G 892 34.75 -44.34 41.01
C GLN G 892 34.38 -44.65 42.46
N ILE G 893 33.13 -45.03 42.67
CA ILE G 893 32.61 -45.38 43.98
C ILE G 893 31.82 -46.67 43.83
N PRO G 894 31.84 -47.59 44.81
CA PRO G 894 30.91 -48.71 44.78
C PRO G 894 29.47 -48.21 44.83
N PHE G 895 28.64 -48.76 43.95
CA PHE G 895 27.28 -48.23 43.81
C PHE G 895 26.46 -48.37 45.09
N PRO G 896 26.47 -49.49 45.82
CA PRO G 896 25.78 -49.50 47.12
C PRO G 896 26.28 -48.42 48.06
N MET G 897 27.58 -48.11 48.02
CA MET G 897 28.11 -47.02 48.84
C MET G 897 27.54 -45.67 48.40
N GLN G 898 27.43 -45.45 47.09
CA GLN G 898 26.92 -44.17 46.61
C GLN G 898 25.51 -43.92 47.10
N MET G 899 24.63 -44.92 46.99
CA MET G 899 23.28 -44.78 47.52
C MET G 899 23.29 -44.58 49.03
N ALA G 900 24.23 -45.25 49.72
CA ALA G 900 24.37 -45.02 51.15
C ALA G 900 24.72 -43.57 51.45
N TYR G 901 25.59 -42.97 50.63
CA TYR G 901 25.86 -41.54 50.75
C TYR G 901 24.61 -40.73 50.42
N ARG G 902 23.84 -41.16 49.41
CA ARG G 902 22.58 -40.48 49.10
C ARG G 902 21.61 -40.57 50.27
N PHE G 903 21.57 -41.73 50.94
CA PHE G 903 20.68 -41.88 52.10
C PHE G 903 21.07 -40.94 53.22
N ASN G 904 22.37 -40.70 53.41
CA ASN G 904 22.80 -39.76 54.44
C ASN G 904 22.33 -38.35 54.14
N GLY G 905 22.37 -37.95 52.87
CA GLY G 905 21.89 -36.62 52.50
C GLY G 905 20.42 -36.45 52.78
N ILE G 906 19.63 -37.51 52.58
CA ILE G 906 18.21 -37.45 52.89
C ILE G 906 17.99 -37.22 54.38
N GLY G 907 18.77 -37.89 55.21
CA GLY G 907 18.61 -37.83 56.65
C GLY G 907 18.57 -39.21 57.27
N VAL G 908 18.56 -40.22 56.41
CA VAL G 908 18.53 -41.60 56.87
C VAL G 908 19.96 -42.09 57.12
N THR G 909 20.15 -42.77 58.24
CA THR G 909 21.45 -43.30 58.61
C THR G 909 21.88 -44.38 57.61
N GLN G 910 23.19 -44.41 57.31
CA GLN G 910 23.72 -45.30 56.29
C GLN G 910 23.38 -46.76 56.55
N ASN G 911 23.32 -47.17 57.82
CA ASN G 911 23.12 -48.58 58.13
C ASN G 911 21.78 -49.10 57.62
N VAL G 912 20.78 -48.21 57.49
CA VAL G 912 19.45 -48.64 57.04
C VAL G 912 19.53 -49.23 55.63
N LEU G 913 20.28 -48.57 54.74
CA LEU G 913 20.39 -49.07 53.37
C LEU G 913 21.12 -50.41 53.33
N TYR G 914 22.25 -50.52 54.03
CA TYR G 914 23.03 -51.75 53.99
C TYR G 914 22.25 -52.92 54.58
N GLU G 915 21.49 -52.66 55.66
CA GLU G 915 20.66 -53.72 56.23
C GLU G 915 19.59 -54.19 55.26
N ASN G 916 18.98 -53.25 54.53
CA ASN G 916 17.90 -53.55 53.61
C ASN G 916 18.33 -53.41 52.14
N GLN G 917 19.57 -53.81 51.83
CA GLN G 917 20.07 -53.64 50.47
C GLN G 917 19.25 -54.44 49.46
N LYS G 918 18.93 -55.70 49.79
CA LYS G 918 18.19 -56.54 48.86
C LYS G 918 16.79 -56.00 48.62
N LEU G 919 16.12 -55.53 49.68
CA LEU G 919 14.76 -55.02 49.55
C LEU G 919 14.74 -53.75 48.69
N ILE G 920 15.72 -52.87 48.87
CA ILE G 920 15.77 -51.64 48.07
C ILE G 920 15.97 -51.97 46.60
N ALA G 921 16.87 -52.91 46.30
CA ALA G 921 17.15 -53.25 44.91
C ALA G 921 15.91 -53.81 44.22
N ASN G 922 15.15 -54.69 44.91
CA ASN G 922 13.94 -55.24 44.31
C ASN G 922 12.91 -54.15 44.03
N GLN G 923 12.74 -53.20 44.96
CA GLN G 923 11.83 -52.09 44.70
C GLN G 923 12.30 -51.24 43.52
N PHE G 924 13.60 -50.94 43.46
CA PHE G 924 14.10 -50.11 42.37
C PHE G 924 13.95 -50.79 41.02
N ASN G 925 14.30 -52.08 40.94
CA ASN G 925 14.15 -52.81 39.68
C ASN G 925 12.69 -52.92 39.27
N SER G 926 11.81 -53.20 40.23
CA SER G 926 10.37 -53.25 39.93
C SER G 926 9.85 -51.89 39.50
N ALA G 927 10.32 -50.82 40.16
CA ALA G 927 9.86 -49.48 39.81
C ALA G 927 10.21 -49.11 38.39
N ILE G 928 11.42 -49.46 37.94
CA ILE G 928 11.82 -49.18 36.57
C ILE G 928 10.92 -49.93 35.59
N GLY G 929 10.51 -51.15 35.94
CA GLY G 929 9.64 -51.91 35.07
C GLY G 929 8.30 -51.23 34.82
N LYS G 930 7.70 -50.66 35.86
CA LYS G 930 6.42 -49.98 35.68
C LYS G 930 6.55 -48.72 34.84
N ILE G 931 7.75 -48.13 34.79
CA ILE G 931 7.94 -46.90 34.02
C ILE G 931 7.67 -47.13 32.55
N GLN G 932 8.16 -48.25 32.00
CA GLN G 932 7.91 -48.56 30.59
C GLN G 932 6.43 -48.72 30.30
N ASP G 933 5.71 -49.41 31.19
CA ASP G 933 4.27 -49.60 31.00
C ASP G 933 3.51 -48.31 31.26
N SER G 934 3.94 -47.53 32.25
CA SER G 934 3.27 -46.26 32.53
C SER G 934 3.37 -45.30 31.36
N LEU G 935 4.53 -45.21 30.72
CA LEU G 935 4.66 -44.43 29.51
C LEU G 935 3.88 -45.06 28.36
N SER G 936 3.81 -46.39 28.34
CA SER G 936 3.05 -47.07 27.29
C SER G 936 1.55 -46.85 27.43
N SER G 937 1.10 -46.33 28.58
CA SER G 937 -0.33 -46.06 28.76
C SER G 937 -0.82 -44.99 27.79
N THR G 938 -2.06 -45.14 27.35
CA THR G 938 -2.62 -44.22 26.36
C THR G 938 -2.63 -42.75 26.80
N PRO G 939 -2.92 -42.39 28.05
CA PRO G 939 -2.82 -40.97 28.43
C PRO G 939 -1.42 -40.43 28.17
N SER G 940 -1.34 -39.46 27.26
CA SER G 940 -0.07 -39.00 26.72
C SER G 940 0.65 -38.11 27.71
N ALA G 941 1.55 -38.71 28.50
CA ALA G 941 2.54 -37.94 29.24
C ALA G 941 3.57 -37.30 28.33
N LEU G 942 3.66 -37.76 27.08
CA LEU G 942 4.49 -37.15 26.05
C LEU G 942 3.75 -36.09 25.25
N GLY G 943 2.52 -35.76 25.65
CA GLY G 943 1.73 -34.80 24.89
C GLY G 943 2.40 -33.44 24.78
N LYS G 944 3.06 -33.00 25.85
CA LYS G 944 3.77 -31.73 25.81
C LYS G 944 4.86 -31.74 24.75
N LEU G 945 5.61 -32.85 24.65
CA LEU G 945 6.52 -33.00 23.53
C LEU G 945 5.77 -33.06 22.21
N GLN G 946 4.62 -33.73 22.20
CA GLN G 946 3.77 -33.74 21.00
C GLN G 946 3.29 -32.35 20.65
N ASP G 947 2.97 -31.54 21.67
CA ASP G 947 2.44 -30.20 21.42
C ASP G 947 3.45 -29.34 20.66
N VAL G 948 4.72 -29.43 21.02
CA VAL G 948 5.75 -28.65 20.32
C VAL G 948 5.78 -29.02 18.84
N VAL G 949 5.70 -30.31 18.53
CA VAL G 949 5.61 -30.74 17.14
C VAL G 949 4.31 -30.26 16.52
N ASN G 950 3.20 -30.40 17.24
CA ASN G 950 1.90 -29.95 16.71
C ASN G 950 1.87 -28.44 16.49
N HIS G 951 2.41 -27.67 17.44
CA HIS G 951 2.35 -26.21 17.32
C HIS G 951 3.07 -25.72 16.07
N ASN G 952 4.26 -26.28 15.80
CA ASN G 952 4.97 -25.91 14.57
C ASN G 952 4.21 -26.36 13.34
N ALA G 953 3.58 -27.54 13.40
CA ALA G 953 2.88 -28.08 12.23
C ALA G 953 1.67 -27.24 11.86
N GLN G 954 0.80 -26.94 12.83
CA GLN G 954 -0.40 -26.18 12.52
C GLN G 954 -0.08 -24.76 12.09
N ALA G 955 0.89 -24.12 12.75
CA ALA G 955 1.31 -22.79 12.33
C ALA G 955 1.91 -22.82 10.93
N LEU G 956 2.71 -23.84 10.63
CA LEU G 956 3.25 -24.00 9.29
C LEU G 956 2.14 -24.26 8.29
N ASN G 957 1.15 -25.08 8.67
CA ASN G 957 0.01 -25.34 7.79
C ASN G 957 -0.80 -24.08 7.55
N THR G 958 -0.95 -23.25 8.58
CA THR G 958 -1.70 -22.00 8.42
C THR G 958 -1.05 -21.10 7.37
N LEU G 959 0.28 -21.04 7.36
CA LEU G 959 1.00 -20.21 6.40
C LEU G 959 0.70 -20.65 4.96
N VAL G 960 0.67 -21.96 4.71
CA VAL G 960 0.34 -22.45 3.37
C VAL G 960 -1.09 -22.11 3.01
N LYS G 961 -2.02 -22.26 3.95
CA LYS G 961 -3.41 -21.93 3.69
C LYS G 961 -3.58 -20.44 3.39
N GLN G 962 -2.65 -19.61 3.88
CA GLN G 962 -2.70 -18.19 3.58
C GLN G 962 -2.45 -17.91 2.10
N LEU G 963 -1.75 -18.82 1.40
CA LEU G 963 -1.53 -18.64 -0.03
C LEU G 963 -2.85 -18.63 -0.79
N SER G 964 -3.76 -19.54 -0.44
CA SER G 964 -5.04 -19.60 -1.13
C SER G 964 -5.95 -18.46 -0.72
N SER G 965 -5.69 -17.86 0.44
CA SER G 965 -6.49 -16.74 0.91
C SER G 965 -6.37 -15.56 -0.04
N LYS G 966 -7.52 -14.98 -0.37
CA LYS G 966 -7.54 -13.89 -1.35
C LYS G 966 -6.91 -12.63 -0.78
N PHE G 967 -7.00 -12.43 0.53
CA PHE G 967 -6.59 -11.19 1.19
C PHE G 967 -7.30 -9.99 0.56
N GLY G 968 -8.55 -10.19 0.15
CA GLY G 968 -9.32 -9.16 -0.50
C GLY G 968 -9.06 -8.97 -1.97
N ALA G 969 -8.17 -9.76 -2.58
CA ALA G 969 -7.90 -9.64 -4.00
C ALA G 969 -8.97 -10.35 -4.81
N ILE G 970 -9.01 -10.03 -6.10
CA ILE G 970 -10.00 -10.63 -7.00
C ILE G 970 -9.76 -12.12 -7.15
N SER G 971 -8.50 -12.52 -7.34
CA SER G 971 -8.14 -13.92 -7.49
C SER G 971 -6.88 -14.21 -6.70
N SER G 972 -6.80 -15.42 -6.14
CA SER G 972 -5.62 -15.81 -5.37
C SER G 972 -4.41 -16.03 -6.28
N VAL G 973 -4.63 -16.49 -7.51
CA VAL G 973 -3.53 -16.75 -8.42
C VAL G 973 -2.94 -15.41 -8.89
N LEU G 974 -1.63 -15.24 -8.69
CA LEU G 974 -0.99 -14.00 -9.11
C LEU G 974 -0.89 -13.91 -10.62
N ASN G 975 -0.62 -15.02 -11.30
CA ASN G 975 -0.49 -15.00 -12.75
C ASN G 975 -1.82 -14.70 -13.42
N ASP G 976 -2.92 -15.21 -12.86
CA ASP G 976 -4.24 -14.93 -13.42
C ASP G 976 -4.58 -13.44 -13.35
N ILE G 977 -4.16 -12.79 -12.27
CA ILE G 977 -4.34 -11.34 -12.17
C ILE G 977 -3.57 -10.63 -13.27
N PHE G 978 -2.32 -11.08 -13.51
CA PHE G 978 -1.49 -10.43 -14.53
C PHE G 978 -2.11 -10.57 -15.92
N SER G 979 -2.62 -11.75 -16.25
CA SER G 979 -3.09 -12.01 -17.61
C SER G 979 -4.43 -11.34 -17.89
N ARG G 980 -5.34 -11.35 -16.93
CA ARG G 980 -6.72 -10.95 -17.18
C ARG G 980 -7.01 -9.49 -16.86
N LEU G 981 -6.02 -8.71 -16.42
CA LEU G 981 -6.28 -7.35 -15.99
C LEU G 981 -5.15 -6.42 -16.43
N ASP G 982 -5.52 -5.17 -16.67
CA ASP G 982 -4.59 -4.17 -17.16
C ASP G 982 -3.57 -3.84 -16.07
N PRO G 983 -2.29 -3.70 -16.43
CA PRO G 983 -1.19 -3.78 -15.43
C PRO G 983 -1.33 -2.78 -14.29
N PRO G 984 -1.74 -1.53 -14.53
CA PRO G 984 -1.95 -0.63 -13.38
C PRO G 984 -2.93 -1.16 -12.35
N GLU G 985 -4.15 -1.54 -12.76
CA GLU G 985 -5.06 -2.17 -11.82
C GLU G 985 -4.52 -3.53 -11.36
N ALA G 986 -3.80 -4.23 -12.24
CA ALA G 986 -3.14 -5.47 -11.83
C ALA G 986 -2.13 -5.20 -10.72
N GLU G 987 -1.38 -4.10 -10.83
CA GLU G 987 -0.46 -3.71 -9.76
C GLU G 987 -1.22 -3.41 -8.48
N VAL G 988 -2.38 -2.76 -8.59
CA VAL G 988 -3.22 -2.51 -7.43
C VAL G 988 -3.72 -3.82 -6.84
N GLN G 989 -4.19 -4.74 -7.70
CA GLN G 989 -4.73 -6.00 -7.22
C GLN G 989 -3.67 -6.84 -6.54
N ILE G 990 -2.48 -6.96 -7.13
CA ILE G 990 -1.42 -7.74 -6.48
C ILE G 990 -0.94 -7.05 -5.22
N ASP G 991 -0.98 -5.71 -5.18
CA ASP G 991 -0.56 -4.99 -3.98
C ASP G 991 -1.35 -5.44 -2.76
N ARG G 992 -2.65 -5.70 -2.93
CA ARG G 992 -3.43 -6.30 -1.85
C ARG G 992 -2.89 -7.69 -1.51
N LEU G 993 -2.58 -8.49 -2.52
CA LEU G 993 -2.06 -9.82 -2.28
C LEU G 993 -0.68 -9.77 -1.62
N ILE G 994 0.19 -8.86 -2.08
CA ILE G 994 1.53 -8.76 -1.49
C ILE G 994 1.44 -8.38 -0.02
N THR G 995 0.61 -7.39 0.31
CA THR G 995 0.48 -6.97 1.70
C THR G 995 -0.07 -8.10 2.57
N GLY G 996 -1.06 -8.84 2.06
CA GLY G 996 -1.60 -9.95 2.82
C GLY G 996 -0.57 -11.02 3.11
N ARG G 997 0.21 -11.41 2.10
CA ARG G 997 1.25 -12.41 2.31
C ARG G 997 2.34 -11.88 3.24
N LEU G 998 2.72 -10.61 3.09
CA LEU G 998 3.71 -10.03 3.98
C LEU G 998 3.23 -10.00 5.42
N GLN G 999 1.97 -9.62 5.64
CA GLN G 999 1.43 -9.57 6.99
C GLN G 999 1.36 -10.97 7.61
N SER G 1000 0.95 -11.97 6.81
CA SER G 1000 0.92 -13.34 7.31
C SER G 1000 2.31 -13.84 7.66
N LEU G 1001 3.31 -13.53 6.82
CA LEU G 1001 4.68 -13.92 7.12
C LEU G 1001 5.18 -13.23 8.40
N GLN G 1002 4.88 -11.94 8.55
CA GLN G 1002 5.26 -11.22 9.76
C GLN G 1002 4.58 -11.81 10.99
N THR G 1003 3.31 -12.18 10.86
CA THR G 1003 2.61 -12.80 11.98
C THR G 1003 3.26 -14.12 12.39
N TYR G 1004 3.67 -14.92 11.41
CA TYR G 1004 4.28 -16.21 11.72
C TYR G 1004 5.59 -16.05 12.49
N VAL G 1005 6.42 -15.08 12.08
CA VAL G 1005 7.70 -14.85 12.77
C VAL G 1005 7.46 -14.43 14.21
N THR G 1006 6.49 -13.54 14.44
CA THR G 1006 6.17 -13.13 15.80
C THR G 1006 5.68 -14.31 16.64
N GLN G 1007 4.84 -15.16 16.04
CA GLN G 1007 4.39 -16.36 16.75
C GLN G 1007 5.55 -17.27 17.11
N GLN G 1008 6.49 -17.46 16.18
CA GLN G 1008 7.65 -18.28 16.46
C GLN G 1008 8.53 -17.66 17.54
N LEU G 1009 8.69 -16.33 17.50
CA LEU G 1009 9.52 -15.65 18.50
C LEU G 1009 8.98 -15.84 19.90
N ILE G 1010 7.66 -15.70 20.08
CA ILE G 1010 7.06 -15.90 21.40
C ILE G 1010 7.23 -17.35 21.84
N ARG G 1011 6.99 -18.29 20.93
CA ARG G 1011 7.17 -19.70 21.25
C ARG G 1011 8.64 -20.02 21.53
N ALA G 1012 9.55 -19.24 20.94
CA ALA G 1012 10.98 -19.46 21.18
C ALA G 1012 11.33 -19.17 22.64
N ALA G 1013 10.77 -18.10 23.20
CA ALA G 1013 11.05 -17.77 24.61
C ALA G 1013 10.53 -18.86 25.53
N GLU G 1014 9.34 -19.39 25.25
CA GLU G 1014 8.78 -20.45 26.09
C GLU G 1014 9.66 -21.70 26.07
N ILE G 1015 10.14 -22.08 24.89
CA ILE G 1015 11.03 -23.23 24.78
C ILE G 1015 12.36 -22.93 25.49
N ARG G 1016 12.89 -21.72 25.30
CA ARG G 1016 14.14 -21.35 25.96
C ARG G 1016 14.01 -21.38 27.47
N ALA G 1017 12.89 -20.88 27.99
CA ALA G 1017 12.65 -20.95 29.43
C ALA G 1017 12.57 -22.40 29.90
N SER G 1018 11.89 -23.25 29.13
CA SER G 1018 11.85 -24.67 29.44
C SER G 1018 13.24 -25.30 29.37
N ALA G 1019 14.03 -24.91 28.37
CA ALA G 1019 15.37 -25.46 28.22
C ALA G 1019 16.26 -25.08 29.40
N ASN G 1020 16.18 -23.83 29.85
CA ASN G 1020 16.98 -23.41 30.99
C ASN G 1020 16.60 -24.17 32.26
N LEU G 1021 15.30 -24.39 32.48
CA LEU G 1021 14.88 -25.20 33.61
C LEU G 1021 15.39 -26.62 33.48
N ALA G 1022 15.33 -27.19 32.26
CA ALA G 1022 15.88 -28.52 32.04
C ALA G 1022 17.38 -28.55 32.29
N ALA G 1023 18.09 -27.51 31.84
CA ALA G 1023 19.52 -27.44 32.11
C ALA G 1023 19.80 -27.36 33.61
N THR G 1024 19.02 -26.56 34.33
CA THR G 1024 19.14 -26.54 35.78
C THR G 1024 18.77 -27.89 36.39
N LYS G 1025 17.70 -28.52 35.88
CA LYS G 1025 17.36 -29.86 36.31
C LYS G 1025 18.45 -30.86 35.91
N MET G 1026 19.11 -30.62 34.77
CA MET G 1026 20.19 -31.49 34.32
C MET G 1026 21.31 -31.56 35.36
N SER G 1027 21.68 -30.42 35.92
CA SER G 1027 22.80 -30.39 36.86
C SER G 1027 22.34 -30.66 38.29
N GLU G 1028 21.29 -29.96 38.73
CA GLU G 1028 20.90 -29.99 40.14
C GLU G 1028 20.40 -31.38 40.55
N CYS G 1029 19.66 -32.06 39.68
CA CYS G 1029 19.01 -33.32 40.04
C CYS G 1029 19.83 -34.55 39.67
N VAL G 1030 20.38 -34.59 38.46
CA VAL G 1030 21.11 -35.78 38.01
C VAL G 1030 22.54 -35.77 38.57
N LEU G 1031 23.24 -34.64 38.41
CA LEU G 1031 24.65 -34.60 38.80
C LEU G 1031 24.83 -34.57 40.31
N GLY G 1032 23.81 -34.10 41.04
CA GLY G 1032 23.90 -34.01 42.49
C GLY G 1032 22.55 -34.23 43.14
N GLN G 1033 22.57 -34.27 44.47
CA GLN G 1033 21.34 -34.43 45.23
C GLN G 1033 20.78 -33.07 45.61
N SER G 1034 19.55 -32.82 45.20
CA SER G 1034 18.90 -31.52 45.39
C SER G 1034 18.06 -31.54 46.67
N LYS G 1035 18.42 -30.68 47.62
CA LYS G 1035 17.60 -30.48 48.80
C LYS G 1035 16.40 -29.59 48.54
N ARG G 1036 16.36 -28.92 47.39
CA ARG G 1036 15.17 -28.17 47.00
C ARG G 1036 14.03 -29.14 46.73
N VAL G 1037 13.04 -29.15 47.62
CA VAL G 1037 11.99 -30.16 47.59
C VAL G 1037 11.15 -30.00 46.33
N ASP G 1038 10.69 -31.13 45.78
CA ASP G 1038 9.80 -31.21 44.63
C ASP G 1038 10.41 -30.70 43.34
N PHE G 1039 11.68 -30.29 43.35
CA PHE G 1039 12.35 -29.93 42.10
C PHE G 1039 12.52 -31.15 41.21
N CYS G 1040 12.85 -32.30 41.79
CA CYS G 1040 12.98 -33.55 41.05
C CYS G 1040 12.12 -34.62 41.73
N GLY G 1041 10.95 -34.87 41.17
CA GLY G 1041 10.04 -35.85 41.73
C GLY G 1041 9.31 -35.35 42.96
N LYS G 1042 8.62 -36.27 43.61
CA LYS G 1042 7.87 -35.99 44.83
C LYS G 1042 8.54 -36.69 46.00
N GLY G 1043 8.70 -35.98 47.11
CA GLY G 1043 9.40 -36.51 48.26
C GLY G 1043 10.89 -36.26 48.19
N TYR G 1044 11.60 -36.85 49.14
CA TYR G 1044 13.05 -36.69 49.20
C TYR G 1044 13.71 -37.31 47.97
N HIS G 1045 14.46 -36.48 47.25
CA HIS G 1045 15.05 -36.88 45.97
C HIS G 1045 16.36 -37.61 46.22
N LEU G 1046 16.41 -38.90 45.84
CA LEU G 1046 17.65 -39.66 45.97
C LEU G 1046 18.58 -39.39 44.79
N MET G 1047 18.13 -39.68 43.58
CA MET G 1047 18.94 -39.46 42.39
C MET G 1047 18.00 -39.33 41.19
N SER G 1048 18.57 -38.92 40.06
CA SER G 1048 17.83 -38.75 38.83
C SER G 1048 18.60 -39.36 37.67
N PHE G 1049 17.87 -39.79 36.65
CA PHE G 1049 18.45 -40.37 35.45
C PHE G 1049 17.87 -39.73 34.21
N PRO G 1050 18.71 -39.23 33.31
CA PRO G 1050 18.19 -38.62 32.08
C PRO G 1050 18.10 -39.59 30.92
N GLN G 1051 17.07 -39.45 30.10
CA GLN G 1051 16.91 -40.23 28.88
C GLN G 1051 16.48 -39.32 27.74
N SER G 1052 17.16 -39.45 26.60
CA SER G 1052 16.90 -38.58 25.47
C SER G 1052 15.53 -38.86 24.86
N ALA G 1053 14.90 -37.81 24.34
CA ALA G 1053 13.62 -37.93 23.66
C ALA G 1053 13.64 -37.02 22.45
N PRO G 1054 12.83 -37.32 21.43
CA PRO G 1054 12.75 -36.42 20.28
C PRO G 1054 12.26 -35.04 20.68
N HIS G 1055 13.13 -34.04 20.47
CA HIS G 1055 12.83 -32.64 20.76
C HIS G 1055 12.54 -32.41 22.24
N GLY G 1056 13.18 -33.19 23.11
CA GLY G 1056 12.96 -33.04 24.53
C GLY G 1056 13.87 -33.94 25.32
N VAL G 1057 13.72 -33.88 26.64
CA VAL G 1057 14.48 -34.72 27.56
C VAL G 1057 13.52 -35.28 28.59
N VAL G 1058 13.66 -36.57 28.89
CA VAL G 1058 12.83 -37.27 29.87
C VAL G 1058 13.69 -37.57 31.09
N PHE G 1059 13.28 -37.07 32.24
CA PHE G 1059 13.99 -37.25 33.49
C PHE G 1059 13.31 -38.33 34.32
N LEU G 1060 14.11 -39.28 34.80
CA LEU G 1060 13.63 -40.33 35.70
C LEU G 1060 14.15 -40.05 37.10
N HIS G 1061 13.24 -39.68 38.00
CA HIS G 1061 13.60 -39.24 39.34
C HIS G 1061 13.37 -40.36 40.33
N VAL G 1062 14.42 -40.73 41.06
CA VAL G 1062 14.35 -41.75 42.10
C VAL G 1062 14.22 -41.04 43.44
N THR G 1063 13.12 -41.30 44.14
CA THR G 1063 12.78 -40.56 45.34
C THR G 1063 12.50 -41.51 46.50
N TYR G 1064 12.78 -41.02 47.70
CA TYR G 1064 12.53 -41.75 48.94
C TYR G 1064 11.19 -41.27 49.50
N VAL G 1065 10.26 -42.19 49.69
CA VAL G 1065 8.93 -41.87 50.19
C VAL G 1065 8.67 -42.74 51.42
N PRO G 1066 8.38 -42.15 52.57
CA PRO G 1066 8.13 -42.96 53.77
C PRO G 1066 6.80 -43.70 53.68
N ALA G 1067 6.67 -44.74 54.50
CA ALA G 1067 5.47 -45.56 54.51
C ALA G 1067 5.36 -46.26 55.87
N GLN G 1068 4.17 -46.80 56.13
CA GLN G 1068 3.89 -47.56 57.35
C GLN G 1068 4.21 -46.75 58.60
N GLU G 1069 3.61 -45.56 58.69
CA GLU G 1069 3.82 -44.71 59.86
C GLU G 1069 3.11 -45.30 61.08
N LYS G 1070 3.68 -45.02 62.26
CA LYS G 1070 3.12 -45.47 63.52
C LYS G 1070 3.26 -44.37 64.55
N ASN G 1071 2.17 -44.10 65.27
CA ASN G 1071 2.14 -42.99 66.23
C ASN G 1071 2.97 -43.31 67.46
N PHE G 1072 3.37 -42.24 68.17
CA PHE G 1072 4.18 -42.35 69.37
C PHE G 1072 3.91 -41.16 70.27
N THR G 1073 4.31 -41.28 71.53
CA THR G 1073 4.29 -40.18 72.47
C THR G 1073 5.72 -39.64 72.65
N THR G 1074 5.86 -38.32 72.56
CA THR G 1074 7.17 -37.69 72.57
C THR G 1074 7.20 -36.55 73.58
N ALA G 1075 8.41 -36.21 74.02
CA ALA G 1075 8.64 -35.13 74.95
C ALA G 1075 9.79 -34.27 74.45
N PRO G 1076 9.73 -32.95 74.66
CA PRO G 1076 10.83 -32.09 74.20
C PRO G 1076 12.18 -32.42 74.82
N ALA G 1077 12.20 -32.87 76.08
CA ALA G 1077 13.47 -33.10 76.77
C ALA G 1077 13.27 -34.12 77.88
N ILE G 1078 14.40 -34.64 78.37
CA ILE G 1078 14.41 -35.67 79.41
C ILE G 1078 15.18 -35.13 80.61
N CYS G 1079 14.61 -35.31 81.80
CA CYS G 1079 15.25 -34.93 83.05
C CYS G 1079 15.73 -36.19 83.76
N HIS G 1080 17.03 -36.27 84.02
CA HIS G 1080 17.60 -37.43 84.69
C HIS G 1080 18.30 -37.08 86.00
N ASP G 1081 19.21 -36.09 85.99
CA ASP G 1081 19.89 -35.62 87.18
C ASP G 1081 19.62 -34.15 87.47
N GLY G 1082 18.41 -33.68 87.18
CA GLY G 1082 18.10 -32.27 87.33
C GLY G 1082 18.62 -31.40 86.21
N LYS G 1083 19.19 -31.99 85.17
CA LYS G 1083 19.70 -31.27 84.01
C LYS G 1083 18.94 -31.71 82.77
N ALA G 1084 18.44 -30.75 82.01
CA ALA G 1084 17.64 -31.06 80.82
C ALA G 1084 18.53 -31.63 79.72
N HIS G 1085 18.05 -32.70 79.10
CA HIS G 1085 18.75 -33.36 78.00
C HIS G 1085 17.91 -33.23 76.73
N PHE G 1086 18.53 -32.69 75.68
CA PHE G 1086 17.91 -32.58 74.38
C PHE G 1086 18.63 -33.50 73.39
N PRO G 1087 17.91 -34.13 72.47
CA PRO G 1087 18.56 -35.08 71.56
C PRO G 1087 19.45 -34.36 70.55
N ARG G 1088 20.68 -34.82 70.42
CA ARG G 1088 21.58 -34.27 69.41
C ARG G 1088 21.03 -34.51 68.01
N GLU G 1089 20.43 -35.67 67.79
CA GLU G 1089 19.75 -35.98 66.54
C GLU G 1089 18.57 -36.90 66.86
N GLY G 1090 17.53 -36.77 66.05
CA GLY G 1090 16.29 -37.45 66.33
C GLY G 1090 15.52 -36.80 67.47
N VAL G 1091 14.49 -37.50 67.94
CA VAL G 1091 13.67 -37.05 69.05
C VAL G 1091 13.45 -38.19 70.03
N PHE G 1092 12.97 -37.85 71.22
CA PHE G 1092 12.68 -38.83 72.25
C PHE G 1092 11.28 -39.39 72.03
N VAL G 1093 11.16 -40.70 71.89
CA VAL G 1093 9.87 -41.34 71.66
C VAL G 1093 9.68 -42.45 72.68
N SER G 1094 8.42 -42.78 72.95
CA SER G 1094 8.06 -43.84 73.88
C SER G 1094 6.90 -44.63 73.30
N ASN G 1095 6.93 -45.95 73.52
CA ASN G 1095 5.82 -46.82 73.15
C ASN G 1095 4.92 -47.15 74.33
N GLY G 1096 4.84 -46.25 75.31
CA GLY G 1096 4.02 -46.45 76.48
C GLY G 1096 4.75 -46.99 77.70
N THR G 1097 5.93 -47.59 77.50
CA THR G 1097 6.69 -48.19 78.59
C THR G 1097 8.04 -47.54 78.82
N HIS G 1098 8.87 -47.44 77.78
CA HIS G 1098 10.22 -46.91 77.90
C HIS G 1098 10.47 -45.87 76.82
N TRP G 1099 11.40 -44.97 77.08
CA TRP G 1099 11.71 -43.86 76.19
C TRP G 1099 12.96 -44.18 75.37
N PHE G 1100 12.87 -43.96 74.06
CA PHE G 1100 13.98 -44.20 73.15
C PHE G 1100 14.16 -42.99 72.23
N VAL G 1101 15.35 -42.87 71.69
CA VAL G 1101 15.69 -41.83 70.71
C VAL G 1101 15.89 -42.51 69.35
N THR G 1102 15.22 -41.98 68.33
CA THR G 1102 15.28 -42.57 67.00
C THR G 1102 15.37 -41.44 65.97
N GLN G 1103 15.93 -41.76 64.81
CA GLN G 1103 16.09 -40.78 63.75
C GLN G 1103 14.73 -40.36 63.19
N ARG G 1104 14.72 -39.20 62.52
CA ARG G 1104 13.48 -38.56 62.15
C ARG G 1104 12.68 -39.41 61.15
N ASN G 1105 13.33 -39.86 60.08
CA ASN G 1105 12.61 -40.43 58.94
C ASN G 1105 12.45 -41.94 59.02
N PHE G 1106 12.99 -42.59 60.05
CA PHE G 1106 12.86 -44.04 60.20
C PHE G 1106 12.85 -44.38 61.68
N TYR G 1107 12.04 -45.38 62.03
CA TYR G 1107 11.89 -45.79 63.42
C TYR G 1107 12.99 -46.79 63.76
N GLU G 1108 14.06 -46.30 64.38
CA GLU G 1108 15.16 -47.14 64.88
C GLU G 1108 15.39 -46.75 66.32
N PRO G 1109 14.60 -47.28 67.25
CA PRO G 1109 14.72 -46.88 68.66
C PRO G 1109 16.09 -47.20 69.22
N GLN G 1110 16.61 -46.27 70.02
CA GLN G 1110 17.90 -46.41 70.67
C GLN G 1110 17.76 -46.04 72.14
N ILE G 1111 18.50 -46.74 73.00
CA ILE G 1111 18.47 -46.45 74.43
C ILE G 1111 19.01 -45.05 74.67
N ILE G 1112 18.47 -44.37 75.68
CA ILE G 1112 18.91 -43.02 75.99
C ILE G 1112 20.30 -43.07 76.61
N THR G 1113 21.28 -42.50 75.91
CA THR G 1113 22.66 -42.49 76.37
C THR G 1113 23.18 -41.06 76.37
N THR G 1114 24.27 -40.86 77.12
CA THR G 1114 24.91 -39.54 77.15
C THR G 1114 25.49 -39.17 75.79
N ASP G 1115 26.01 -40.16 75.05
CA ASP G 1115 26.49 -39.87 73.70
C ASP G 1115 25.34 -39.62 72.74
N ASN G 1116 24.14 -40.07 73.09
CA ASN G 1116 22.98 -39.82 72.24
C ASN G 1116 22.47 -38.40 72.39
N THR G 1117 22.48 -37.87 73.62
CA THR G 1117 21.82 -36.60 73.92
C THR G 1117 22.80 -35.62 74.54
N PHE G 1118 22.68 -34.36 74.15
CA PHE G 1118 23.49 -33.31 74.78
C PHE G 1118 22.70 -32.64 75.89
N VAL G 1119 23.43 -32.10 76.86
CA VAL G 1119 22.83 -31.51 78.06
C VAL G 1119 23.02 -30.01 78.02
N SER G 1120 22.03 -29.27 78.54
CA SER G 1120 22.08 -27.81 78.59
C SER G 1120 21.01 -27.31 79.55
N GLY G 1121 21.41 -26.52 80.54
CA GLY G 1121 20.48 -25.87 81.43
C GLY G 1121 19.83 -26.81 82.42
N ASN G 1122 19.02 -26.22 83.31
CA ASN G 1122 18.26 -26.97 84.29
C ASN G 1122 16.98 -27.55 83.68
N CYS G 1123 16.19 -28.20 84.52
CA CYS G 1123 15.05 -28.97 84.01
C CYS G 1123 13.76 -28.15 84.00
N ASP G 1124 13.67 -27.11 84.84
CA ASP G 1124 12.39 -26.44 85.06
C ASP G 1124 11.99 -25.58 83.86
N VAL G 1125 12.97 -25.00 83.16
CA VAL G 1125 12.66 -24.00 82.15
C VAL G 1125 11.88 -24.59 80.98
N VAL G 1126 12.28 -25.77 80.50
CA VAL G 1126 11.66 -26.35 79.32
C VAL G 1126 10.28 -26.89 79.67
N ILE G 1127 9.36 -26.82 78.71
CA ILE G 1127 7.99 -27.27 78.91
C ILE G 1127 7.86 -28.70 78.40
N GLY G 1128 6.99 -29.48 79.06
CA GLY G 1128 6.74 -30.84 78.66
C GLY G 1128 7.86 -31.82 78.92
N ILE G 1129 8.80 -31.49 79.82
CA ILE G 1129 9.92 -32.38 80.09
C ILE G 1129 9.44 -33.61 80.85
N VAL G 1130 10.08 -34.75 80.58
CA VAL G 1130 9.65 -36.04 81.10
C VAL G 1130 10.83 -36.72 81.77
N ASN G 1131 10.61 -37.27 82.96
CA ASN G 1131 11.66 -37.96 83.68
C ASN G 1131 12.01 -39.30 83.03
N ASN G 1132 13.29 -39.61 83.00
CA ASN G 1132 13.78 -40.91 82.54
C ASN G 1132 15.23 -41.04 82.99
N THR G 1133 15.77 -42.24 82.81
CA THR G 1133 17.16 -42.52 83.16
C THR G 1133 18.03 -42.47 81.91
N VAL G 1134 18.99 -41.55 81.90
CA VAL G 1134 19.93 -41.41 80.80
C VAL G 1134 21.12 -42.30 81.11
N TYR G 1135 21.20 -43.44 80.43
CA TYR G 1135 22.27 -44.40 80.71
C TYR G 1135 23.63 -43.83 80.31
N ASP G 1136 24.61 -44.01 81.19
CA ASP G 1136 25.98 -43.57 80.95
C ASP G 1136 26.83 -44.80 80.69
N PRO G 1137 27.37 -44.97 79.47
CA PRO G 1137 28.20 -46.17 79.21
C PRO G 1137 29.44 -46.26 80.08
N LEU G 1138 29.96 -45.12 80.53
CA LEU G 1138 31.23 -45.11 81.25
C LEU G 1138 31.14 -45.82 82.59
N GLN G 1139 30.08 -45.57 83.36
CA GLN G 1139 30.02 -46.08 84.73
C GLN G 1139 30.02 -47.59 84.81
N PRO G 1140 29.16 -48.35 84.09
CA PRO G 1140 29.30 -49.82 84.12
C PRO G 1140 30.63 -50.30 83.57
N GLU G 1141 31.21 -49.58 82.61
CA GLU G 1141 32.53 -49.95 82.12
C GLU G 1141 33.58 -49.85 83.23
N LEU G 1142 33.44 -48.87 84.11
CA LEU G 1142 34.34 -48.73 85.25
C LEU G 1142 33.84 -49.63 86.38
N ASP G 1143 34.25 -50.90 86.31
CA ASP G 1143 33.95 -51.84 87.38
C ASP G 1143 34.85 -51.59 88.58
N SER G 1144 36.05 -51.04 88.34
CA SER G 1144 36.98 -50.72 89.41
C SER G 1144 37.91 -49.60 88.99
N GLU H 1 -44.90 45.06 -25.96
CA GLU H 1 -43.68 45.26 -25.17
C GLU H 1 -42.98 46.56 -25.51
N ILE H 2 -41.65 46.56 -25.42
CA ILE H 2 -40.86 47.76 -25.73
C ILE H 2 -41.12 48.20 -27.15
N VAL H 3 -41.56 49.44 -27.31
CA VAL H 3 -41.88 50.02 -28.61
C VAL H 3 -40.72 50.91 -29.03
N LEU H 4 -40.11 50.59 -30.17
CA LEU H 4 -39.01 51.36 -30.72
C LEU H 4 -39.53 52.41 -31.69
N THR H 5 -39.26 53.67 -31.38
CA THR H 5 -39.61 54.79 -32.24
C THR H 5 -38.33 55.30 -32.90
N GLN H 6 -38.30 55.31 -34.22
CA GLN H 6 -37.12 55.73 -34.97
C GLN H 6 -37.32 57.16 -35.44
N SER H 7 -36.55 58.08 -34.88
CA SER H 7 -36.74 59.49 -35.17
C SER H 7 -35.44 60.12 -35.63
N PRO H 8 -35.47 60.96 -36.69
CA PRO H 8 -36.63 61.23 -37.56
C PRO H 8 -36.89 60.08 -38.52
N GLY H 9 -38.09 60.00 -39.10
CA GLY H 9 -38.36 58.94 -40.06
C GLY H 9 -37.48 59.01 -41.29
N THR H 10 -37.25 60.22 -41.79
CA THR H 10 -36.38 60.45 -42.95
C THR H 10 -35.46 61.62 -42.64
N LEU H 11 -34.18 61.45 -42.96
CA LEU H 11 -33.18 62.50 -42.78
C LEU H 11 -32.50 62.77 -44.11
N SER H 12 -32.41 64.04 -44.48
CA SER H 12 -31.82 64.45 -45.75
C SER H 12 -30.53 65.21 -45.47
N LEU H 13 -29.42 64.73 -46.03
CA LEU H 13 -28.14 65.38 -45.87
C LEU H 13 -27.23 64.98 -47.02
N SER H 14 -26.30 65.88 -47.34
CA SER H 14 -25.35 65.63 -48.41
C SER H 14 -24.32 64.58 -47.96
N PRO H 15 -23.70 63.88 -48.93
CA PRO H 15 -22.70 62.87 -48.56
C PRO H 15 -21.54 63.48 -47.80
N GLY H 16 -21.04 62.69 -46.84
CA GLY H 16 -19.93 63.10 -46.00
C GLY H 16 -20.33 63.76 -44.70
N GLY H 17 -21.60 64.09 -44.52
CA GLY H 17 -22.03 64.75 -43.29
C GLY H 17 -22.07 63.78 -42.12
N ARG H 18 -21.98 64.33 -40.91
CA ARG H 18 -22.04 63.56 -39.67
C ARG H 18 -23.48 63.57 -39.17
N ALA H 19 -24.10 62.39 -39.12
CA ALA H 19 -25.50 62.28 -38.77
C ALA H 19 -25.68 61.30 -37.62
N THR H 20 -26.71 61.54 -36.79
CA THR H 20 -27.05 60.67 -35.69
C THR H 20 -28.53 60.32 -35.76
N LEU H 21 -28.84 59.02 -35.75
CA LEU H 21 -30.20 58.52 -35.83
C LEU H 21 -30.60 57.98 -34.47
N SER H 22 -31.68 58.51 -33.92
CA SER H 22 -32.08 58.20 -32.54
C SER H 22 -33.22 57.20 -32.51
N CYS H 23 -33.11 56.23 -31.60
CA CYS H 23 -34.15 55.22 -31.38
C CYS H 23 -34.78 55.47 -30.02
N ARG H 24 -36.10 55.68 -30.01
CA ARG H 24 -36.85 55.91 -28.78
C ARG H 24 -37.52 54.61 -28.36
N ALA H 25 -37.24 54.17 -27.13
CA ALA H 25 -37.80 52.95 -26.59
C ALA H 25 -38.71 53.28 -25.41
N SER H 26 -39.82 52.54 -25.31
CA SER H 26 -40.76 52.77 -24.22
C SER H 26 -40.18 52.32 -22.88
N GLN H 27 -39.29 51.34 -22.90
CA GLN H 27 -38.64 50.84 -21.71
C GLN H 27 -37.13 50.78 -21.93
N SER H 28 -36.39 50.98 -20.84
CA SER H 28 -34.93 50.93 -20.87
C SER H 28 -34.46 49.50 -20.71
N VAL H 29 -33.95 48.93 -21.80
CA VAL H 29 -33.53 47.53 -21.83
C VAL H 29 -32.08 47.47 -22.31
N SER H 30 -31.32 48.52 -21.99
CA SER H 30 -29.96 48.66 -22.51
C SER H 30 -29.07 47.47 -22.15
N SER H 31 -29.35 46.83 -21.01
CA SER H 31 -28.55 45.66 -20.62
C SER H 31 -28.62 44.56 -21.69
N SER H 32 -29.82 44.19 -22.11
CA SER H 32 -30.00 43.36 -23.29
C SER H 32 -29.90 44.28 -24.49
N TYR H 33 -28.68 44.43 -25.00
CA TYR H 33 -28.34 45.55 -25.89
C TYR H 33 -29.21 45.56 -27.14
N LEU H 34 -29.31 46.75 -27.74
CA LEU H 34 -30.02 46.94 -28.99
C LEU H 34 -29.09 46.69 -30.18
N ALA H 35 -29.66 46.20 -31.27
CA ALA H 35 -28.93 45.95 -32.50
C ALA H 35 -29.44 46.87 -33.60
N TRP H 36 -28.51 47.55 -34.27
CA TRP H 36 -28.83 48.48 -35.36
C TRP H 36 -28.70 47.77 -36.70
N TYR H 37 -29.74 47.91 -37.53
CA TYR H 37 -29.78 47.28 -38.84
C TYR H 37 -29.84 48.32 -39.93
N GLN H 38 -29.25 48.00 -41.08
CA GLN H 38 -29.35 48.82 -42.28
C GLN H 38 -29.83 47.94 -43.42
N GLN H 39 -30.86 48.39 -44.12
CA GLN H 39 -31.43 47.66 -45.25
C GLN H 39 -31.03 48.36 -46.54
N LYS H 40 -30.20 47.68 -47.34
CA LYS H 40 -29.89 48.19 -48.66
C LYS H 40 -31.13 48.06 -49.56
N PRO H 41 -31.44 49.09 -50.33
CA PRO H 41 -32.71 49.11 -51.08
C PRO H 41 -32.85 47.90 -51.99
N GLY H 42 -33.83 47.07 -51.67
CA GLY H 42 -34.05 45.83 -52.39
C GLY H 42 -33.23 44.65 -51.91
N GLN H 43 -32.43 44.83 -50.87
CA GLN H 43 -31.61 43.76 -50.32
C GLN H 43 -32.06 43.44 -48.90
N ALA H 44 -31.66 42.26 -48.43
CA ALA H 44 -31.96 41.86 -47.06
C ALA H 44 -31.22 42.78 -46.08
N PRO H 45 -31.91 43.28 -45.05
CA PRO H 45 -31.24 44.15 -44.07
C PRO H 45 -30.08 43.44 -43.39
N ARG H 46 -29.00 44.18 -43.17
CA ARG H 46 -27.82 43.68 -42.49
C ARG H 46 -27.58 44.49 -41.23
N LEU H 47 -27.35 43.79 -40.11
CA LEU H 47 -27.12 44.45 -38.83
C LEU H 47 -25.85 45.28 -38.88
N LEU H 48 -25.93 46.50 -38.34
CA LEU H 48 -24.81 47.42 -38.30
C LEU H 48 -24.03 47.35 -36.99
N ILE H 49 -24.69 47.60 -35.86
CA ILE H 49 -24.05 47.66 -34.56
C ILE H 49 -24.72 46.64 -33.64
N TYR H 50 -23.96 45.63 -33.23
CA TYR H 50 -24.45 44.65 -32.27
C TYR H 50 -23.79 44.93 -30.93
N GLY H 51 -24.46 44.51 -29.85
CA GLY H 51 -24.02 44.88 -28.52
C GLY H 51 -24.21 46.34 -28.18
N ALA H 52 -24.90 47.10 -29.03
CA ALA H 52 -25.25 48.51 -28.89
C ALA H 52 -24.06 49.45 -29.04
N SER H 53 -22.83 48.93 -29.05
CA SER H 53 -21.67 49.79 -29.25
C SER H 53 -20.70 49.16 -30.25
N SER H 54 -20.76 47.84 -30.40
CA SER H 54 -19.79 47.11 -31.20
C SER H 54 -20.23 47.02 -32.65
N ARG H 55 -19.34 47.41 -33.56
CA ARG H 55 -19.61 47.27 -34.98
C ARG H 55 -19.62 45.81 -35.39
N ALA H 56 -20.56 45.44 -36.26
CA ALA H 56 -20.51 44.12 -36.87
C ALA H 56 -19.28 44.01 -37.77
N THR H 57 -18.92 42.78 -38.10
CA THR H 57 -17.74 42.57 -38.93
C THR H 57 -17.92 43.22 -40.30
N GLY H 58 -16.87 43.87 -40.77
CA GLY H 58 -16.93 44.59 -42.03
C GLY H 58 -17.63 45.92 -42.00
N ILE H 59 -18.16 46.33 -40.86
CA ILE H 59 -18.86 47.61 -40.71
C ILE H 59 -17.82 48.69 -40.50
N PRO H 60 -17.79 49.75 -41.32
CA PRO H 60 -16.78 50.79 -41.15
C PRO H 60 -16.92 51.49 -39.81
N ASP H 61 -15.79 52.01 -39.31
CA ASP H 61 -15.78 52.73 -38.05
C ASP H 61 -16.55 54.05 -38.12
N ARG H 62 -16.92 54.50 -39.31
CA ARG H 62 -17.74 55.70 -39.44
C ARG H 62 -19.07 55.52 -38.70
N PHE H 63 -19.70 54.35 -38.85
CA PHE H 63 -20.86 54.03 -38.05
C PHE H 63 -20.45 53.89 -36.59
N SER H 64 -21.22 54.51 -35.69
CA SER H 64 -20.90 54.51 -34.27
C SER H 64 -22.15 54.20 -33.47
N GLY H 65 -22.06 53.21 -32.58
CA GLY H 65 -23.14 52.91 -31.68
C GLY H 65 -23.09 53.82 -30.47
N SER H 66 -24.26 54.29 -30.03
CA SER H 66 -24.35 55.22 -28.91
C SER H 66 -25.74 55.13 -28.31
N GLY H 67 -25.95 55.90 -27.25
CA GLY H 67 -27.21 55.92 -26.54
C GLY H 67 -27.30 54.81 -25.50
N SER H 68 -28.22 54.99 -24.56
CA SER H 68 -28.39 54.03 -23.48
C SER H 68 -29.79 54.18 -22.90
N GLY H 69 -30.27 53.11 -22.30
CA GLY H 69 -31.59 53.12 -21.70
C GLY H 69 -32.68 53.22 -22.75
N THR H 70 -33.62 54.15 -22.54
CA THR H 70 -34.72 54.32 -23.47
C THR H 70 -34.25 54.98 -24.77
N ASP H 71 -33.12 55.68 -24.72
CA ASP H 71 -32.61 56.43 -25.86
C ASP H 71 -31.37 55.75 -26.41
N PHE H 72 -31.42 55.37 -27.69
CA PHE H 72 -30.27 54.81 -28.38
C PHE H 72 -30.07 55.54 -29.70
N THR H 73 -28.84 55.98 -29.94
CA THR H 73 -28.51 56.77 -31.11
C THR H 73 -27.42 56.10 -31.92
N LEU H 74 -27.59 56.09 -33.24
CA LEU H 74 -26.61 55.55 -34.17
C LEU H 74 -25.93 56.73 -34.86
N THR H 75 -24.61 56.82 -34.74
CA THR H 75 -23.85 57.94 -35.27
C THR H 75 -23.07 57.49 -36.50
N ILE H 76 -23.20 58.23 -37.59
CA ILE H 76 -22.45 57.97 -38.82
C ILE H 76 -21.67 59.25 -39.14
N SER H 77 -20.33 59.17 -39.03
CA SER H 77 -19.52 60.37 -39.15
C SER H 77 -19.44 60.87 -40.58
N ARG H 78 -19.27 59.96 -41.54
CA ARG H 78 -19.22 60.32 -42.95
C ARG H 78 -20.27 59.55 -43.71
N LEU H 79 -21.05 60.26 -44.52
CA LEU H 79 -22.10 59.65 -45.33
C LEU H 79 -21.64 59.49 -46.76
N GLU H 80 -21.90 58.31 -47.33
CA GLU H 80 -21.50 57.97 -48.69
C GLU H 80 -22.72 57.57 -49.49
N PRO H 81 -22.65 57.66 -50.83
CA PRO H 81 -23.76 57.15 -51.65
C PRO H 81 -24.07 55.70 -51.40
N GLU H 82 -23.07 54.89 -51.06
CA GLU H 82 -23.34 53.52 -50.65
C GLU H 82 -23.97 53.47 -49.25
N ASP H 83 -23.72 54.49 -48.44
CA ASP H 83 -24.16 54.45 -47.05
C ASP H 83 -25.67 54.71 -46.92
N PHE H 84 -26.21 55.66 -47.68
CA PHE H 84 -27.57 56.10 -47.42
C PHE H 84 -28.57 55.00 -47.74
N ALA H 85 -29.47 54.74 -46.78
CA ALA H 85 -30.48 53.70 -46.87
C ALA H 85 -31.45 53.83 -45.71
N VAL H 86 -32.38 52.89 -45.57
CA VAL H 86 -33.25 52.84 -44.41
C VAL H 86 -32.55 52.04 -43.32
N TYR H 87 -32.57 52.56 -42.09
CA TYR H 87 -31.82 51.99 -40.97
C TYR H 87 -32.80 51.59 -39.89
N TYR H 88 -32.58 50.43 -39.27
CA TYR H 88 -33.45 49.90 -38.23
C TYR H 88 -32.68 49.72 -36.94
N CYS H 89 -33.30 50.08 -35.83
CA CYS H 89 -32.82 49.75 -34.49
C CYS H 89 -33.68 48.62 -33.95
N GLN H 90 -33.06 47.70 -33.22
CA GLN H 90 -33.75 46.51 -32.73
C GLN H 90 -33.10 46.03 -31.45
N GLN H 91 -33.91 45.86 -30.40
CA GLN H 91 -33.41 45.35 -29.13
C GLN H 91 -33.21 43.85 -29.30
N TYR H 92 -31.98 43.45 -29.65
CA TYR H 92 -31.74 42.05 -29.96
C TYR H 92 -31.92 41.16 -28.72
N GLY H 93 -31.63 41.70 -27.54
CA GLY H 93 -31.72 40.90 -26.33
C GLY H 93 -33.12 40.86 -25.76
N SER H 94 -34.02 41.68 -26.28
CA SER H 94 -35.38 41.74 -25.75
C SER H 94 -36.15 40.46 -26.05
N SER H 95 -36.94 40.02 -25.07
CA SER H 95 -37.78 38.84 -25.27
C SER H 95 -38.84 39.13 -26.33
N PRO H 96 -39.21 38.14 -27.16
CA PRO H 96 -39.88 38.40 -28.42
C PRO H 96 -39.52 39.77 -29.00
N PRO H 97 -38.30 39.92 -29.50
CA PRO H 97 -37.82 41.24 -29.93
C PRO H 97 -38.66 41.82 -31.07
N THR H 98 -38.82 43.14 -31.05
CA THR H 98 -39.57 43.88 -32.06
C THR H 98 -38.64 44.81 -32.82
N PHE H 99 -38.81 44.86 -34.14
CA PHE H 99 -37.95 45.69 -34.98
C PHE H 99 -38.44 47.14 -35.01
N GLY H 100 -37.51 48.06 -35.21
CA GLY H 100 -37.87 49.45 -35.38
C GLY H 100 -38.52 49.71 -36.73
N GLN H 101 -39.20 50.86 -36.82
CA GLN H 101 -39.92 51.19 -38.04
C GLN H 101 -38.97 51.46 -39.20
N GLY H 102 -37.86 52.12 -38.94
CA GLY H 102 -36.90 52.41 -39.99
C GLY H 102 -36.60 53.89 -40.10
N THR H 103 -35.35 54.19 -40.47
CA THR H 103 -34.89 55.56 -40.67
C THR H 103 -34.21 55.66 -42.02
N LYS H 104 -34.81 56.41 -42.94
CA LYS H 104 -34.31 56.53 -44.31
C LYS H 104 -33.35 57.70 -44.38
N VAL H 105 -32.14 57.44 -44.90
CA VAL H 105 -31.13 58.47 -45.10
C VAL H 105 -31.26 58.99 -46.52
N GLU H 106 -31.43 60.30 -46.67
CA GLU H 106 -31.81 60.92 -47.93
C GLU H 106 -30.76 61.94 -48.34
N ILE H 107 -30.66 62.19 -49.64
CA ILE H 107 -29.66 63.09 -50.21
C ILE H 107 -30.35 64.34 -50.71
N LYS H 108 -29.76 65.49 -50.40
CA LYS H 108 -30.34 66.78 -50.78
C LYS H 108 -30.59 66.86 -52.28
N ARG H 109 -31.75 67.38 -52.64
CA ARG H 109 -32.14 67.53 -54.03
C ARG H 109 -32.05 68.99 -54.47
N GLU I 1 -19.13 29.37 -47.58
CA GLU I 1 -19.48 29.98 -46.31
C GLU I 1 -21.00 29.91 -46.13
N VAL I 2 -21.48 30.37 -44.97
CA VAL I 2 -22.88 30.16 -44.60
C VAL I 2 -23.81 30.78 -45.64
N GLN I 3 -24.59 29.93 -46.31
CA GLN I 3 -25.60 30.37 -47.26
C GLN I 3 -26.98 29.99 -46.73
N LEU I 4 -27.90 30.95 -46.73
CA LEU I 4 -29.30 30.70 -46.42
C LEU I 4 -30.10 30.88 -47.70
N VAL I 5 -30.31 29.79 -48.43
CA VAL I 5 -30.93 29.81 -49.74
C VAL I 5 -32.44 29.69 -49.56
N GLN I 6 -33.12 30.83 -49.56
CA GLN I 6 -34.58 30.82 -49.45
C GLN I 6 -35.21 30.38 -50.77
N SER I 7 -36.38 29.75 -50.68
CA SER I 7 -37.07 29.29 -51.87
C SER I 7 -37.66 30.48 -52.64
N GLY I 8 -38.07 30.19 -53.88
CA GLY I 8 -38.56 31.25 -54.74
C GLY I 8 -39.95 31.72 -54.35
N ALA I 9 -40.33 32.88 -54.87
CA ALA I 9 -41.63 33.45 -54.59
C ALA I 9 -42.75 32.63 -55.22
N GLU I 10 -43.92 32.66 -54.59
CA GLU I 10 -45.07 31.89 -55.04
C GLU I 10 -46.32 32.75 -55.01
N VAL I 11 -47.27 32.41 -55.89
CA VAL I 11 -48.58 33.05 -55.97
C VAL I 11 -49.64 31.99 -55.77
N LYS I 12 -50.56 32.22 -54.83
CA LYS I 12 -51.60 31.25 -54.53
C LYS I 12 -52.80 31.95 -53.92
N LYS I 13 -53.96 31.31 -54.03
CA LYS I 13 -55.17 31.84 -53.45
C LYS I 13 -55.13 31.70 -51.92
N PRO I 14 -55.89 32.54 -51.20
CA PRO I 14 -56.03 32.32 -49.76
C PRO I 14 -56.68 30.98 -49.46
N GLY I 15 -56.22 30.36 -48.37
CA GLY I 15 -56.75 29.08 -47.96
C GLY I 15 -55.87 27.88 -48.22
N GLU I 16 -54.63 28.08 -48.66
CA GLU I 16 -53.73 27.00 -49.02
C GLU I 16 -52.57 26.93 -48.03
N SER I 17 -52.31 25.74 -47.49
CA SER I 17 -51.12 25.53 -46.68
C SER I 17 -49.88 25.55 -47.57
N LEU I 18 -48.89 26.33 -47.17
CA LEU I 18 -47.71 26.59 -47.99
C LEU I 18 -46.45 26.19 -47.25
N LYS I 19 -45.58 25.44 -47.92
CA LYS I 19 -44.29 25.03 -47.38
C LYS I 19 -43.20 25.88 -48.04
N ILE I 20 -42.70 26.87 -47.32
CA ILE I 20 -41.57 27.68 -47.78
C ILE I 20 -40.34 27.23 -47.02
N SER I 21 -39.28 26.89 -47.76
CA SER I 21 -38.08 26.29 -47.20
C SER I 21 -36.87 27.13 -47.56
N CYS I 22 -36.01 27.39 -46.57
CA CYS I 22 -34.77 28.11 -46.77
C CYS I 22 -33.60 27.16 -46.58
N LYS I 23 -32.89 26.86 -47.66
CA LYS I 23 -31.76 25.95 -47.58
C LYS I 23 -30.62 26.58 -46.78
N GLY I 24 -30.13 25.84 -45.79
CA GLY I 24 -29.01 26.28 -44.97
C GLY I 24 -27.74 25.56 -45.38
N SER I 25 -26.74 26.34 -45.74
CA SER I 25 -25.47 25.81 -46.23
C SER I 25 -24.33 26.50 -45.51
N GLY I 26 -23.14 25.90 -45.61
CA GLY I 26 -21.93 26.51 -45.10
C GLY I 26 -21.82 26.63 -43.59
N PHE I 27 -22.73 25.99 -42.84
CA PHE I 27 -22.68 26.07 -41.40
C PHE I 27 -23.27 24.79 -40.81
N SER I 28 -22.89 24.52 -39.57
CA SER I 28 -23.47 23.39 -38.84
C SER I 28 -24.89 23.74 -38.42
N PHE I 29 -25.86 23.05 -39.00
CA PHE I 29 -27.26 23.33 -38.70
C PHE I 29 -27.56 23.09 -37.23
N THR I 30 -26.82 22.16 -36.61
CA THR I 30 -26.94 21.95 -35.17
C THR I 30 -26.43 23.14 -34.37
N SER I 31 -25.35 23.77 -34.84
CA SER I 31 -24.61 24.71 -34.00
C SER I 31 -25.34 26.05 -33.86
N TYR I 32 -26.05 26.49 -34.89
CA TYR I 32 -26.60 27.83 -34.94
C TYR I 32 -28.12 27.81 -34.86
N TRP I 33 -28.66 28.59 -33.92
CA TRP I 33 -30.11 28.76 -33.82
C TRP I 33 -30.63 29.50 -35.04
N ILE I 34 -31.74 29.00 -35.60
CA ILE I 34 -32.30 29.52 -36.84
C ILE I 34 -33.68 30.09 -36.56
N GLY I 35 -33.98 31.20 -37.23
CA GLY I 35 -35.29 31.83 -37.11
C GLY I 35 -35.79 32.29 -38.47
N TRP I 36 -37.04 32.72 -38.48
CA TRP I 36 -37.68 33.27 -39.67
C TRP I 36 -38.21 34.66 -39.37
N VAL I 37 -37.99 35.58 -40.31
CA VAL I 37 -38.44 36.96 -40.19
C VAL I 37 -39.26 37.32 -41.41
N ARG I 38 -40.31 38.12 -41.18
CA ARG I 38 -41.24 38.52 -42.22
C ARG I 38 -41.21 40.04 -42.36
N GLN I 39 -41.41 40.53 -43.58
CA GLN I 39 -41.43 41.96 -43.86
C GLN I 39 -42.73 42.29 -44.59
N MET I 40 -43.66 42.94 -43.89
CA MET I 40 -44.85 43.44 -44.53
C MET I 40 -44.47 44.64 -45.40
N PRO I 41 -44.74 44.58 -46.71
CA PRO I 41 -44.25 45.62 -47.62
C PRO I 41 -44.68 47.02 -47.19
N GLY I 42 -43.76 47.97 -47.32
CA GLY I 42 -43.99 49.31 -46.84
C GLY I 42 -43.96 49.43 -45.33
N LYS I 43 -43.28 48.51 -44.65
CA LYS I 43 -43.21 48.51 -43.19
C LYS I 43 -41.96 47.77 -42.75
N GLY I 44 -41.56 48.01 -41.50
CA GLY I 44 -40.36 47.39 -40.98
C GLY I 44 -40.53 45.90 -40.76
N LEU I 45 -39.42 45.26 -40.38
CA LEU I 45 -39.42 43.82 -40.15
C LEU I 45 -40.27 43.46 -38.94
N GLU I 46 -40.84 42.26 -38.96
CA GLU I 46 -41.52 41.68 -37.80
C GLU I 46 -40.93 40.32 -37.51
N TRP I 47 -40.50 40.13 -36.25
CA TRP I 47 -39.90 38.87 -35.82
C TRP I 47 -41.00 37.84 -35.61
N MET I 48 -40.97 36.76 -36.40
CA MET I 48 -42.02 35.75 -36.28
C MET I 48 -41.66 34.69 -35.24
N GLY I 49 -40.39 34.36 -35.12
CA GLY I 49 -39.97 33.36 -34.17
C GLY I 49 -38.66 32.72 -34.57
N ILE I 50 -38.19 31.83 -33.70
CA ILE I 50 -36.93 31.13 -33.90
C ILE I 50 -37.13 29.67 -33.57
N ILE I 51 -36.32 28.81 -34.20
CA ILE I 51 -36.37 27.37 -33.98
C ILE I 51 -34.96 26.87 -33.65
N TYR I 52 -34.86 26.08 -32.58
CA TYR I 52 -33.60 25.47 -32.18
C TYR I 52 -33.38 24.20 -33.00
N PRO I 53 -32.50 24.21 -34.00
CA PRO I 53 -32.26 22.99 -34.77
C PRO I 53 -31.46 21.97 -33.97
N GLY I 54 -31.71 20.69 -34.25
CA GLY I 54 -31.19 19.59 -33.47
C GLY I 54 -32.07 19.22 -32.30
N ASP I 55 -32.77 20.18 -31.71
CA ASP I 55 -33.80 19.92 -30.72
C ASP I 55 -35.20 20.23 -31.23
N SER I 56 -35.34 20.99 -32.32
CA SER I 56 -36.63 21.40 -32.87
C SER I 56 -37.42 22.23 -31.86
N ASP I 57 -36.72 22.78 -30.88
CA ASP I 57 -37.33 23.67 -29.90
C ASP I 57 -37.70 24.98 -30.57
N THR I 58 -38.97 25.35 -30.49
CA THR I 58 -39.51 26.47 -31.24
C THR I 58 -39.98 27.56 -30.28
N ARG I 59 -39.61 28.80 -30.57
CA ARG I 59 -40.09 29.97 -29.86
C ARG I 59 -40.88 30.84 -30.84
N TYR I 60 -42.20 30.88 -30.67
CA TYR I 60 -43.08 31.59 -31.58
C TYR I 60 -43.42 32.96 -31.00
N SER I 61 -43.43 33.97 -31.87
CA SER I 61 -43.89 35.29 -31.45
C SER I 61 -45.36 35.23 -31.08
N PRO I 62 -45.79 35.91 -30.01
CA PRO I 62 -47.20 35.82 -29.61
C PRO I 62 -48.19 36.23 -30.69
N SER I 63 -47.84 37.22 -31.50
CA SER I 63 -48.71 37.59 -32.63
C SER I 63 -48.80 36.46 -33.64
N PHE I 64 -47.69 35.78 -33.92
CA PHE I 64 -47.64 34.71 -34.89
C PHE I 64 -47.67 33.32 -34.26
N GLN I 65 -47.93 33.23 -32.96
CA GLN I 65 -47.98 31.94 -32.26
C GLN I 65 -49.18 31.14 -32.76
N GLY I 66 -48.91 30.07 -33.51
CA GLY I 66 -49.95 29.26 -34.09
C GLY I 66 -50.50 29.74 -35.40
N GLN I 67 -50.17 30.97 -35.81
CA GLN I 67 -50.60 31.45 -37.13
C GLN I 67 -49.96 30.61 -38.23
N VAL I 68 -48.68 30.30 -38.10
CA VAL I 68 -47.95 29.42 -39.01
C VAL I 68 -47.12 28.47 -38.16
N THR I 69 -46.61 27.42 -38.80
CA THR I 69 -45.78 26.42 -38.13
C THR I 69 -44.38 26.45 -38.72
N ILE I 70 -43.38 26.48 -37.85
CA ILE I 70 -41.97 26.48 -38.25
C ILE I 70 -41.41 25.09 -38.05
N SER I 71 -40.87 24.51 -39.12
CA SER I 71 -40.31 23.17 -39.09
C SER I 71 -38.92 23.19 -39.72
N ALA I 72 -38.12 22.18 -39.38
CA ALA I 72 -36.76 22.11 -39.89
C ALA I 72 -36.35 20.65 -40.00
N ASP I 73 -35.34 20.39 -40.84
CA ASP I 73 -34.82 19.05 -41.10
C ASP I 73 -33.34 19.04 -40.81
N LYS I 74 -32.88 18.01 -40.08
CA LYS I 74 -31.46 17.90 -39.78
C LYS I 74 -30.66 17.39 -40.96
N SER I 75 -31.23 16.44 -41.71
CA SER I 75 -30.48 15.79 -42.78
C SER I 75 -30.10 16.76 -43.89
N ILE I 76 -31.03 17.62 -44.31
CA ILE I 76 -30.76 18.56 -45.38
C ILE I 76 -30.55 19.98 -44.87
N SER I 77 -30.57 20.19 -43.55
CA SER I 77 -30.21 21.47 -42.94
C SER I 77 -31.05 22.62 -43.48
N THR I 78 -32.34 22.36 -43.68
CA THR I 78 -33.26 23.35 -44.24
C THR I 78 -34.47 23.47 -43.33
N ALA I 79 -34.84 24.70 -43.00
CA ALA I 79 -35.99 24.97 -42.16
C ALA I 79 -37.20 25.27 -43.05
N TYR I 80 -38.23 24.43 -42.95
CA TYR I 80 -39.47 24.62 -43.70
C TYR I 80 -40.46 25.37 -42.83
N LEU I 81 -40.82 26.58 -43.25
CA LEU I 81 -41.89 27.34 -42.63
C LEU I 81 -43.20 26.94 -43.30
N GLN I 82 -44.11 26.35 -42.52
CA GLN I 82 -45.38 25.85 -43.04
C GLN I 82 -46.50 26.81 -42.65
N TRP I 83 -47.15 27.39 -43.66
CA TRP I 83 -48.43 28.05 -43.42
C TRP I 83 -49.49 27.02 -43.09
N SER I 84 -50.26 27.28 -42.02
CA SER I 84 -51.43 26.46 -41.76
C SER I 84 -52.43 26.58 -42.89
N SER I 85 -52.65 27.80 -43.38
CA SER I 85 -53.46 28.08 -44.56
C SER I 85 -53.19 29.53 -44.95
N LEU I 86 -53.31 29.80 -46.25
CA LEU I 86 -52.93 31.10 -46.77
C LEU I 86 -54.05 32.11 -46.58
N LYS I 87 -53.65 33.35 -46.25
CA LYS I 87 -54.55 34.49 -46.20
C LYS I 87 -53.98 35.57 -47.10
N ALA I 88 -54.87 36.37 -47.69
CA ALA I 88 -54.43 37.49 -48.52
C ALA I 88 -53.57 38.47 -47.72
N SER I 89 -53.81 38.57 -46.40
CA SER I 89 -52.98 39.42 -45.56
C SER I 89 -51.57 38.87 -45.41
N ASP I 90 -51.39 37.56 -45.60
CA ASP I 90 -50.07 36.95 -45.46
C ASP I 90 -49.11 37.38 -46.57
N THR I 91 -49.62 38.05 -47.61
CA THR I 91 -48.75 38.57 -48.66
C THR I 91 -47.74 39.54 -48.07
N ALA I 92 -46.47 39.12 -48.04
CA ALA I 92 -45.41 39.93 -47.46
C ALA I 92 -44.07 39.38 -47.91
N MET I 93 -43.03 40.16 -47.69
CA MET I 93 -41.65 39.76 -47.97
C MET I 93 -41.15 38.97 -46.77
N TYR I 94 -40.53 37.82 -47.04
CA TYR I 94 -40.10 36.91 -45.99
C TYR I 94 -38.61 36.60 -46.15
N TYR I 95 -37.83 36.83 -45.10
CA TYR I 95 -36.41 36.49 -45.07
C TYR I 95 -36.17 35.36 -44.09
N CYS I 96 -35.18 34.51 -44.40
CA CYS I 96 -34.71 33.50 -43.47
C CYS I 96 -33.36 33.95 -42.91
N ALA I 97 -33.26 34.05 -41.59
CA ALA I 97 -32.07 34.55 -40.95
C ALA I 97 -31.80 33.79 -39.67
N ARG I 98 -30.53 33.44 -39.46
CA ARG I 98 -30.14 32.80 -38.21
C ARG I 98 -30.37 33.74 -37.05
N GLY I 99 -30.95 33.21 -35.97
CA GLY I 99 -31.16 33.98 -34.76
C GLY I 99 -31.53 33.06 -33.62
N GLY I 100 -31.27 33.54 -32.40
CA GLY I 100 -31.47 32.74 -31.21
C GLY I 100 -32.01 33.58 -30.07
N TYR I 101 -31.58 33.24 -28.86
CA TYR I 101 -32.02 33.98 -27.68
C TYR I 101 -31.59 35.45 -27.78
N GLU I 102 -30.38 35.69 -28.27
CA GLU I 102 -29.92 37.06 -28.49
C GLU I 102 -30.41 37.64 -29.82
N ASP I 103 -31.02 36.82 -30.68
CA ASP I 103 -31.73 37.30 -31.88
C ASP I 103 -30.85 38.17 -32.77
N VAL I 104 -29.57 37.80 -32.91
CA VAL I 104 -28.70 38.50 -33.83
C VAL I 104 -29.01 38.06 -35.25
N PHE I 105 -28.47 38.79 -36.23
CA PHE I 105 -28.94 38.62 -37.60
C PHE I 105 -28.20 37.51 -38.33
N ASP I 106 -26.90 37.34 -38.06
CA ASP I 106 -26.03 36.37 -38.73
C ASP I 106 -26.23 36.52 -40.24
N ILE I 107 -26.43 35.45 -40.99
CA ILE I 107 -26.69 35.53 -42.42
C ILE I 107 -28.18 35.76 -42.64
N TRP I 108 -28.51 36.52 -43.68
CA TRP I 108 -29.89 36.77 -44.07
C TRP I 108 -30.14 36.18 -45.46
N GLY I 109 -31.26 35.48 -45.61
CA GLY I 109 -31.57 34.86 -46.88
C GLY I 109 -31.91 35.86 -47.97
N GLN I 110 -31.97 35.34 -49.20
CA GLN I 110 -32.28 36.20 -50.34
C GLN I 110 -33.68 36.81 -50.20
N GLY I 111 -34.59 36.09 -49.57
CA GLY I 111 -35.93 36.57 -49.35
C GLY I 111 -36.92 35.95 -50.33
N THR I 112 -38.17 35.84 -49.88
CA THR I 112 -39.26 35.30 -50.70
C THR I 112 -40.48 36.22 -50.55
N MET I 113 -40.84 36.89 -51.64
CA MET I 113 -41.99 37.79 -51.64
C MET I 113 -43.22 36.90 -51.82
N VAL I 114 -43.78 36.46 -50.70
CA VAL I 114 -44.97 35.63 -50.75
C VAL I 114 -46.18 36.48 -51.12
N THR I 115 -46.89 36.04 -52.16
CA THR I 115 -48.05 36.75 -52.65
C THR I 115 -49.27 35.85 -52.55
N VAL I 116 -50.33 36.34 -51.92
CA VAL I 116 -51.58 35.61 -51.77
C VAL I 116 -52.68 36.44 -52.41
N SER I 117 -53.26 35.93 -53.49
CA SER I 117 -54.33 36.63 -54.18
C SER I 117 -55.12 35.61 -55.00
N SER I 118 -56.32 36.01 -55.41
CA SER I 118 -57.19 35.14 -56.19
C SER I 118 -56.59 34.82 -57.55
#